data_5VC7
#
_entry.id   5VC7
#
_cell.length_a   1
_cell.length_b   1
_cell.length_c   1
_cell.angle_alpha   90
_cell.angle_beta   90
_cell.angle_gamma   90
#
_symmetry.space_group_name_H-M   'P 1'
#
loop_
_entity.id
_entity.type
_entity.pdbx_description
1 polymer 'VCP-like ATPase'
2 non-polymer "ADENOSINE-5'-TRIPHOSPHATE"
#
_entity_poly.entity_id   1
_entity_poly.type   'polypeptide(L)'
_entity_poly.pdbx_seq_one_letter_code
;MEVSRISYEDIGGLSEQLGKIREMIELPLKHPELFERLGITPPKGVILYGPPGTGKTLIARAVANESGANFLSINGPEIM
SKYYGQSEQKLREIFSKAEETAPSIIFIDEIDSIAPKREEVQGEVERRVVAQLLTLMDGMKERGHVIVIGATNRIDAIDP
ALRRPGRFDREIEIGVPDRNGRKEILMIHTRNMPLGMSEEEKNKFLEEMADYTYGFVGADLAALVRESAMNALRRYLPEI
DLDKPIPTEILEKMVVTEDDFKNALKSIEPSSLREVMVEVPNVHWDDIGGLEDVKREIKETVELPLLKPDVFKRLGIRPS
KGFLLYGPPGVGKTLLAKAVATESNANFISIKGPEVLSKWVGESEKAIREIFKKAKQVAPAIVFLDEIDSIAPRRGTTSD
SGVTERIVNQLLTSLDGIEVMNGVVVIGATNRPDIMDPALLRAGRFDKLIYIPPPDKEARLSILKVHTKNMPLAPDVDLN
DIAQRTEGYVGADLENLCREAGMNAYRENPDATSVSQKNFLDALKTIRPSVDEEVIKFYRTLSETMSKSVSERRKQLQDQ
GLYL
;
_entity_poly.pdbx_strand_id   A,C,D,E,F,G
#
# COMPACT_ATOMS: atom_id res chain seq x y z
N GLU A 2 -43.13 15.20 35.42
CA GLU A 2 -43.73 15.27 34.09
C GLU A 2 -44.74 14.16 33.88
N VAL A 3 -46.02 14.52 33.85
CA VAL A 3 -47.07 13.53 33.67
C VAL A 3 -46.91 12.81 32.34
N SER A 4 -46.42 13.51 31.31
CA SER A 4 -46.22 12.93 30.00
C SER A 4 -44.86 12.23 29.96
N ARG A 5 -44.87 10.92 29.72
CA ARG A 5 -43.67 10.11 29.69
C ARG A 5 -43.68 9.25 28.44
N ILE A 6 -42.52 8.66 28.14
CA ILE A 6 -42.35 7.92 26.90
C ILE A 6 -43.41 6.82 26.81
N SER A 7 -44.15 6.80 25.71
CA SER A 7 -45.19 5.81 25.47
C SER A 7 -45.18 5.44 23.99
N TYR A 8 -45.93 4.37 23.67
CA TYR A 8 -45.95 3.88 22.29
C TYR A 8 -46.22 5.02 21.31
N GLU A 9 -47.26 5.81 21.56
CA GLU A 9 -47.67 6.83 20.60
C GLU A 9 -46.52 7.71 20.18
N ASP A 10 -45.50 7.85 21.04
CA ASP A 10 -44.29 8.56 20.64
C ASP A 10 -43.70 7.94 19.38
N ILE A 11 -43.41 6.65 19.42
CA ILE A 11 -42.87 5.95 18.26
C ILE A 11 -43.90 5.95 17.14
N GLY A 12 -43.42 5.93 15.90
CA GLY A 12 -44.29 5.84 14.75
C GLY A 12 -43.56 5.22 13.59
N GLY A 13 -44.32 4.60 12.69
CA GLY A 13 -43.76 3.92 11.54
C GLY A 13 -43.03 2.64 11.86
N LEU A 14 -42.81 2.33 13.14
CA LEU A 14 -42.16 1.11 13.57
C LEU A 14 -43.14 -0.01 13.88
N SER A 15 -44.38 0.16 13.46
CA SER A 15 -45.43 -0.76 13.85
C SER A 15 -45.12 -2.23 13.67
N GLU A 16 -44.55 -2.67 12.56
CA GLU A 16 -44.25 -4.09 12.45
C GLU A 16 -43.13 -4.47 13.42
N GLN A 17 -42.04 -3.72 13.36
CA GLN A 17 -40.88 -3.98 14.21
C GLN A 17 -41.18 -3.74 15.67
N LEU A 18 -41.85 -2.62 15.92
CA LEU A 18 -42.17 -2.28 17.28
C LEU A 18 -43.09 -3.35 17.79
N GLY A 19 -44.02 -3.76 16.96
CA GLY A 19 -44.98 -4.75 17.40
C GLY A 19 -44.27 -6.02 17.78
N LYS A 20 -43.34 -6.46 16.94
CA LYS A 20 -42.66 -7.70 17.25
C LYS A 20 -41.86 -7.59 18.54
N ILE A 21 -41.14 -6.49 18.72
CA ILE A 21 -40.35 -6.36 19.94
C ILE A 21 -41.23 -6.36 21.17
N ARG A 22 -42.32 -5.61 21.07
CA ARG A 22 -43.21 -5.50 22.20
C ARG A 22 -43.77 -6.84 22.52
N GLU A 23 -44.14 -7.56 21.48
CA GLU A 23 -44.72 -8.85 21.69
C GLU A 23 -43.73 -9.75 22.39
N MET A 24 -42.47 -9.75 21.93
CA MET A 24 -41.52 -10.63 22.58
C MET A 24 -41.40 -10.30 24.05
N ILE A 25 -41.23 -9.03 24.36
CA ILE A 25 -41.07 -8.69 25.78
C ILE A 25 -42.30 -8.97 26.64
N GLU A 26 -43.43 -8.47 26.16
CA GLU A 26 -44.68 -8.58 26.88
C GLU A 26 -45.19 -10.00 27.01
N LEU A 27 -45.16 -10.76 25.92
CA LEU A 27 -45.65 -12.11 26.01
C LEU A 27 -44.78 -12.81 27.02
N PRO A 28 -43.43 -12.58 26.86
CA PRO A 28 -42.59 -13.24 27.88
C PRO A 28 -42.81 -12.58 29.23
N LEU A 29 -42.85 -11.26 29.22
CA LEU A 29 -43.01 -10.47 30.44
C LEU A 29 -44.30 -10.53 31.27
N LYS A 30 -45.46 -10.50 30.63
CA LYS A 30 -46.70 -10.54 31.39
C LYS A 30 -46.77 -11.86 32.11
N HIS A 31 -46.33 -12.89 31.40
CA HIS A 31 -46.33 -14.26 31.85
C HIS A 31 -45.43 -15.11 30.96
N PRO A 32 -44.64 -16.01 31.55
CA PRO A 32 -43.85 -16.95 30.73
C PRO A 32 -44.69 -18.04 30.07
N GLU A 33 -45.91 -18.26 30.54
CA GLU A 33 -46.67 -19.45 30.15
C GLU A 33 -46.72 -19.62 28.64
N LEU A 34 -46.80 -18.53 27.88
CA LEU A 34 -46.87 -18.65 26.43
C LEU A 34 -45.62 -19.33 25.86
N PHE A 35 -44.45 -18.75 26.12
CA PHE A 35 -43.22 -19.37 25.65
C PHE A 35 -42.82 -20.56 26.52
N GLU A 36 -43.09 -20.49 27.82
CA GLU A 36 -42.78 -21.61 28.70
C GLU A 36 -43.34 -22.92 28.17
N ARG A 37 -44.51 -22.87 27.54
CA ARG A 37 -45.15 -24.10 27.08
C ARG A 37 -44.60 -24.56 25.74
N LEU A 38 -44.35 -23.63 24.82
CA LEU A 38 -43.86 -23.97 23.48
C LEU A 38 -42.64 -23.12 23.15
N GLY A 39 -41.62 -23.76 22.58
CA GLY A 39 -40.39 -23.06 22.25
C GLY A 39 -39.57 -22.72 23.47
N ILE A 40 -38.34 -22.25 23.26
CA ILE A 40 -37.47 -21.91 24.38
C ILE A 40 -37.93 -20.60 25.01
N THR A 41 -37.48 -20.36 26.24
CA THR A 41 -37.74 -19.08 26.87
C THR A 41 -37.20 -17.96 25.97
N PRO A 42 -37.74 -16.76 26.09
CA PRO A 42 -37.31 -15.67 25.22
C PRO A 42 -35.82 -15.42 25.37
N PRO A 43 -35.12 -15.17 24.27
CA PRO A 43 -33.69 -14.89 24.37
C PRO A 43 -33.43 -13.66 25.23
N LYS A 44 -32.52 -13.79 26.19
CA LYS A 44 -32.25 -12.70 27.11
C LYS A 44 -31.68 -11.49 26.37
N GLY A 45 -30.61 -11.71 25.61
CA GLY A 45 -30.00 -10.61 24.87
C GLY A 45 -30.70 -10.36 23.54
N VAL A 46 -30.79 -9.09 23.17
CA VAL A 46 -31.30 -8.68 21.87
C VAL A 46 -30.57 -7.40 21.47
N ILE A 47 -30.24 -7.30 20.18
CA ILE A 47 -29.56 -6.13 19.64
C ILE A 47 -30.49 -5.45 18.66
N LEU A 48 -30.63 -4.14 18.79
CA LEU A 48 -31.46 -3.34 17.90
C LEU A 48 -30.53 -2.52 17.01
N TYR A 49 -30.42 -3.01 15.78
CA TYR A 49 -29.53 -2.48 14.76
C TYR A 49 -30.33 -1.58 13.89
N GLY A 50 -29.91 -0.34 13.81
CA GLY A 50 -30.58 0.65 13.01
C GLY A 50 -29.63 1.76 12.65
N PRO A 51 -30.03 2.59 11.61
CA PRO A 51 -29.09 3.67 11.31
C PRO A 51 -29.13 4.64 12.49
N PRO A 52 -28.03 5.44 12.65
CA PRO A 52 -28.10 6.32 13.84
C PRO A 52 -29.24 7.31 13.78
N GLY A 53 -29.71 7.75 14.94
CA GLY A 53 -30.80 8.70 15.00
C GLY A 53 -32.09 8.20 14.39
N THR A 54 -32.38 6.93 14.61
CA THR A 54 -33.59 6.30 14.12
C THR A 54 -34.62 6.07 15.21
N GLY A 55 -34.29 6.38 16.46
CA GLY A 55 -35.21 6.19 17.57
C GLY A 55 -34.96 4.97 18.43
N LYS A 56 -33.88 4.24 18.19
CA LYS A 56 -33.67 3.01 18.94
C LYS A 56 -33.62 3.32 20.41
N THR A 57 -32.98 4.42 20.76
CA THR A 57 -32.87 4.77 22.15
C THR A 57 -34.27 4.91 22.70
N LEU A 58 -35.13 5.58 21.95
CA LEU A 58 -36.48 5.77 22.41
C LEU A 58 -37.24 4.47 22.58
N ILE A 59 -37.00 3.49 21.74
CA ILE A 59 -37.78 2.27 21.83
C ILE A 59 -37.80 1.58 23.20
N ALA A 60 -36.65 1.52 23.87
CA ALA A 60 -36.58 0.84 25.15
C ALA A 60 -37.49 1.39 26.23
N ARG A 61 -37.61 2.71 26.33
CA ARG A 61 -38.46 3.29 27.37
C ARG A 61 -39.91 2.88 27.21
N ALA A 62 -40.37 2.90 25.96
CA ALA A 62 -41.73 2.53 25.67
C ALA A 62 -41.91 1.07 26.02
N VAL A 63 -40.92 0.26 25.66
CA VAL A 63 -41.04 -1.15 25.96
C VAL A 63 -41.18 -1.33 27.45
N ALA A 64 -40.41 -0.57 28.22
CA ALA A 64 -40.44 -0.66 29.66
C ALA A 64 -41.80 -0.29 30.28
N ASN A 65 -42.44 0.74 29.75
CA ASN A 65 -43.76 1.15 30.16
C ASN A 65 -44.85 0.16 29.72
N GLU A 66 -44.56 -0.63 28.69
CA GLU A 66 -45.55 -1.58 28.13
C GLU A 66 -46.06 -2.65 29.09
N SER A 67 -45.19 -3.31 29.85
CA SER A 67 -45.67 -4.28 30.82
C SER A 67 -45.56 -3.78 32.26
N GLY A 68 -45.03 -2.57 32.47
CA GLY A 68 -44.81 -2.07 33.80
C GLY A 68 -43.58 -2.61 34.50
N ALA A 69 -42.79 -3.44 33.83
CA ALA A 69 -41.58 -3.97 34.45
C ALA A 69 -40.67 -2.82 34.85
N ASN A 70 -39.92 -3.04 35.93
CA ASN A 70 -39.04 -2.00 36.45
C ASN A 70 -38.06 -1.54 35.39
N PHE A 71 -38.02 -0.24 35.14
CA PHE A 71 -37.15 0.33 34.13
C PHE A 71 -35.75 0.51 34.68
N LEU A 72 -34.75 0.23 33.83
CA LEU A 72 -33.32 0.40 34.09
C LEU A 72 -32.80 0.76 32.70
N SER A 73 -31.82 1.65 32.57
CA SER A 73 -31.26 1.99 31.24
C SER A 73 -29.75 2.06 31.48
N ILE A 74 -28.90 1.30 30.78
CA ILE A 74 -27.45 1.42 31.00
C ILE A 74 -26.79 1.82 29.64
N ASN A 75 -25.98 2.87 29.65
CA ASN A 75 -25.36 3.37 28.41
C ASN A 75 -23.84 3.17 28.28
N GLY A 76 -23.42 2.80 27.08
CA GLY A 76 -22.02 2.52 26.79
C GLY A 76 -21.14 3.71 27.08
N PRO A 77 -21.71 4.96 26.84
CA PRO A 77 -20.83 6.08 27.11
C PRO A 77 -20.43 6.12 28.58
N GLU A 78 -21.38 5.90 29.47
CA GLU A 78 -21.07 5.93 30.90
C GLU A 78 -20.85 4.56 31.52
N ILE A 79 -20.92 3.51 30.72
CA ILE A 79 -20.75 2.17 31.28
C ILE A 79 -19.37 2.11 31.89
N MET A 80 -18.39 2.61 31.15
CA MET A 80 -17.03 2.62 31.63
C MET A 80 -16.68 4.01 32.14
N SER A 81 -17.66 4.90 32.10
CA SER A 81 -17.39 6.27 32.55
C SER A 81 -16.48 6.29 33.77
N LYS A 82 -16.95 5.72 34.88
CA LYS A 82 -16.22 5.85 36.14
C LYS A 82 -14.82 5.23 36.03
N TYR A 83 -13.94 5.68 36.91
CA TYR A 83 -12.52 5.35 36.81
C TYR A 83 -12.32 3.83 36.78
N TYR A 84 -11.29 3.42 36.05
CA TYR A 84 -11.04 2.01 35.83
C TYR A 84 -10.81 1.27 37.15
N GLY A 85 -11.21 0.01 37.17
CA GLY A 85 -11.17 -0.84 38.34
C GLY A 85 -12.43 -0.80 39.17
N GLN A 86 -13.17 0.30 39.11
CA GLN A 86 -14.55 0.34 39.59
C GLN A 86 -15.55 0.22 38.44
N SER A 87 -15.12 0.17 37.19
CA SER A 87 -16.08 -0.01 36.11
C SER A 87 -16.80 -1.38 36.10
N GLU A 88 -16.01 -2.43 36.30
CA GLU A 88 -16.51 -3.81 36.28
C GLU A 88 -17.52 -4.06 37.38
N GLN A 89 -17.24 -3.49 38.55
CA GLN A 89 -18.10 -3.66 39.68
C GLN A 89 -19.45 -3.06 39.32
N LYS A 90 -19.41 -1.91 38.67
CA LYS A 90 -20.65 -1.24 38.29
C LYS A 90 -21.43 -2.10 37.30
N LEU A 91 -20.74 -2.69 36.33
CA LEU A 91 -21.46 -3.52 35.36
C LEU A 91 -22.14 -4.64 36.10
N ARG A 92 -21.47 -5.30 37.02
CA ARG A 92 -22.09 -6.45 37.72
C ARG A 92 -23.34 -6.11 38.55
N GLU A 93 -23.27 -4.92 39.12
CA GLU A 93 -24.25 -4.40 40.03
C GLU A 93 -25.64 -4.35 39.40
N ILE A 94 -25.72 -3.97 38.14
CA ILE A 94 -27.02 -3.87 37.47
C ILE A 94 -27.70 -5.23 37.36
N PHE A 95 -26.90 -6.24 37.05
CA PHE A 95 -27.41 -7.59 36.91
C PHE A 95 -27.93 -7.99 38.28
N SER A 96 -27.17 -7.65 39.30
CA SER A 96 -27.58 -7.99 40.66
C SER A 96 -28.92 -7.34 40.99
N LYS A 97 -29.05 -6.09 40.55
CA LYS A 97 -30.22 -5.24 40.74
C LYS A 97 -31.49 -5.77 40.09
N ALA A 98 -31.36 -6.46 38.96
CA ALA A 98 -32.57 -6.94 38.28
C ALA A 98 -33.55 -7.88 39.01
N GLU A 99 -33.03 -8.82 39.79
CA GLU A 99 -33.80 -9.84 40.49
C GLU A 99 -34.70 -9.21 41.55
N GLU A 100 -34.20 -8.21 42.28
CA GLU A 100 -34.97 -7.60 43.36
C GLU A 100 -36.34 -7.15 42.85
N THR A 101 -36.36 -6.41 41.75
CA THR A 101 -37.60 -5.90 41.15
C THR A 101 -38.15 -6.83 40.08
N ALA A 102 -37.53 -7.98 39.85
CA ALA A 102 -38.00 -8.91 38.84
C ALA A 102 -39.48 -9.23 39.02
N PRO A 103 -40.23 -9.31 37.91
CA PRO A 103 -39.68 -9.11 36.55
C PRO A 103 -39.22 -7.67 36.31
N SER A 104 -38.02 -7.53 35.75
CA SER A 104 -37.45 -6.23 35.46
C SER A 104 -36.86 -6.25 34.05
N ILE A 105 -36.51 -5.06 33.56
CA ILE A 105 -35.95 -4.90 32.22
C ILE A 105 -34.52 -4.39 32.36
N ILE A 106 -33.56 -5.20 31.93
CA ILE A 106 -32.18 -4.74 31.83
C ILE A 106 -32.06 -3.93 30.53
N PHE A 107 -31.68 -2.67 30.66
CA PHE A 107 -31.80 -1.70 29.57
C PHE A 107 -30.50 -0.92 29.43
N ILE A 108 -29.87 -1.05 28.27
CA ILE A 108 -28.69 -0.27 27.92
C ILE A 108 -28.73 -0.03 26.42
N ASP A 109 -28.26 1.15 26.00
CA ASP A 109 -28.36 1.54 24.61
C ASP A 109 -27.05 2.16 24.13
N GLU A 110 -26.94 2.27 22.81
CA GLU A 110 -25.78 2.87 22.16
C GLU A 110 -24.49 2.28 22.69
N ILE A 111 -24.40 0.96 22.62
CA ILE A 111 -23.28 0.24 23.21
C ILE A 111 -22.30 -0.10 22.10
N ASP A 112 -21.24 0.69 21.99
CA ASP A 112 -19.99 0.25 21.41
C ASP A 112 -18.92 -0.02 22.45
N SER A 113 -19.19 0.29 23.73
CA SER A 113 -18.14 0.32 24.73
C SER A 113 -17.77 -1.07 25.22
N ILE A 114 -18.77 -1.88 25.58
CA ILE A 114 -18.49 -3.22 26.09
C ILE A 114 -17.78 -4.04 25.02
N ALA A 115 -18.12 -3.82 23.75
CA ALA A 115 -17.47 -4.47 22.62
C ALA A 115 -17.00 -3.38 21.66
N PRO A 116 -15.98 -2.62 22.03
CA PRO A 116 -15.50 -1.56 21.14
C PRO A 116 -15.12 -2.08 19.77
N LYS A 117 -14.42 -3.21 19.70
CA LYS A 117 -14.08 -3.83 18.43
C LYS A 117 -13.91 -5.32 18.66
N ARG A 118 -14.24 -6.13 17.67
CA ARG A 118 -14.15 -7.57 17.90
C ARG A 118 -12.74 -8.09 18.17
N GLU A 119 -11.81 -7.77 17.27
CA GLU A 119 -10.42 -8.23 17.40
C GLU A 119 -9.37 -7.11 17.35
N GLU A 120 -9.82 -5.90 17.02
CA GLU A 120 -8.94 -4.72 16.91
C GLU A 120 -8.45 -4.10 18.22
N VAL A 121 -9.31 -4.04 19.24
CA VAL A 121 -8.92 -3.42 20.50
C VAL A 121 -8.48 -4.40 21.59
N GLN A 122 -7.26 -4.19 22.09
CA GLN A 122 -6.68 -5.03 23.13
C GLN A 122 -6.71 -4.38 24.52
N GLY A 123 -7.37 -3.24 24.67
CA GLY A 123 -7.38 -2.59 25.96
C GLY A 123 -8.02 -3.45 27.03
N GLU A 124 -7.36 -3.53 28.18
CA GLU A 124 -7.86 -4.33 29.30
C GLU A 124 -9.18 -3.78 29.81
N VAL A 125 -9.30 -2.47 29.99
CA VAL A 125 -10.56 -2.00 30.52
C VAL A 125 -11.60 -2.45 29.52
N GLU A 126 -11.28 -2.32 28.24
CA GLU A 126 -12.19 -2.76 27.20
C GLU A 126 -12.38 -4.27 27.35
N ARG A 127 -11.29 -5.00 27.49
CA ARG A 127 -11.40 -6.45 27.61
C ARG A 127 -12.13 -6.98 28.85
N ARG A 128 -11.88 -6.37 30.00
CA ARG A 128 -12.51 -6.85 31.24
C ARG A 128 -14.02 -6.77 31.16
N VAL A 129 -14.51 -5.65 30.66
CA VAL A 129 -15.94 -5.48 30.55
C VAL A 129 -16.47 -6.50 29.57
N VAL A 130 -15.72 -6.75 28.51
CA VAL A 130 -16.18 -7.68 27.51
C VAL A 130 -16.40 -9.02 28.17
N ALA A 131 -15.42 -9.43 28.95
CA ALA A 131 -15.51 -10.72 29.61
C ALA A 131 -16.68 -10.78 30.58
N GLN A 132 -16.85 -9.74 31.37
CA GLN A 132 -17.92 -9.77 32.35
C GLN A 132 -19.25 -9.86 31.65
N LEU A 133 -19.36 -9.14 30.54
CA LEU A 133 -20.58 -9.14 29.78
C LEU A 133 -20.89 -10.51 29.25
N LEU A 134 -19.88 -11.18 28.71
CA LEU A 134 -20.13 -12.50 28.19
C LEU A 134 -20.61 -13.36 29.33
N THR A 135 -19.93 -13.27 30.46
CA THR A 135 -20.35 -14.07 31.60
C THR A 135 -21.70 -13.66 32.19
N LEU A 136 -21.94 -12.36 32.39
CA LEU A 136 -23.23 -11.99 32.94
C LEU A 136 -24.25 -12.65 32.05
N MET A 137 -24.01 -12.55 30.76
CA MET A 137 -24.90 -13.24 29.84
C MET A 137 -24.93 -14.66 30.37
N ASP A 138 -23.75 -15.11 30.80
CA ASP A 138 -23.60 -16.42 31.38
C ASP A 138 -24.28 -16.42 32.74
N GLY A 139 -24.10 -15.35 33.51
CA GLY A 139 -24.73 -15.36 34.82
C GLY A 139 -26.24 -15.27 34.76
N MET A 140 -26.78 -14.86 33.62
CA MET A 140 -28.24 -14.79 33.46
C MET A 140 -28.82 -16.21 33.53
N LYS A 141 -29.99 -16.35 34.13
CA LYS A 141 -30.58 -17.68 34.24
C LYS A 141 -32.01 -17.72 33.70
N GLU A 142 -32.45 -18.90 33.29
CA GLU A 142 -33.75 -19.04 32.63
C GLU A 142 -34.96 -18.55 33.41
N ARG A 143 -34.98 -18.76 34.71
CA ARG A 143 -36.10 -18.32 35.51
C ARG A 143 -36.29 -16.80 35.44
N GLY A 144 -35.19 -16.07 35.42
CA GLY A 144 -35.26 -14.62 35.43
C GLY A 144 -36.03 -13.88 34.36
N HIS A 145 -36.86 -12.96 34.81
CA HIS A 145 -37.62 -12.12 33.92
C HIS A 145 -36.68 -10.93 33.77
N VAL A 146 -35.60 -11.09 32.99
CA VAL A 146 -34.62 -10.02 32.76
C VAL A 146 -34.48 -9.95 31.24
N ILE A 147 -34.58 -8.78 30.61
CA ILE A 147 -34.41 -8.71 29.14
C ILE A 147 -33.27 -7.73 28.89
N VAL A 148 -32.29 -8.11 28.08
CA VAL A 148 -31.12 -7.27 27.77
C VAL A 148 -31.27 -6.70 26.36
N ILE A 149 -30.99 -5.42 26.16
CA ILE A 149 -31.16 -4.77 24.85
C ILE A 149 -29.98 -3.87 24.41
N GLY A 150 -29.95 -3.41 23.17
CA GLY A 150 -28.84 -2.58 22.78
C GLY A 150 -28.98 -2.10 21.35
N ALA A 151 -28.29 -1.00 21.06
CA ALA A 151 -28.26 -0.43 19.72
C ALA A 151 -26.84 -0.01 19.39
N THR A 152 -26.56 0.02 18.09
CA THR A 152 -25.26 0.37 17.61
C THR A 152 -25.35 0.86 16.18
N ASN A 153 -24.43 1.74 15.83
CA ASN A 153 -24.37 2.25 14.48
C ASN A 153 -24.00 1.18 13.46
N ARG A 154 -23.02 0.36 13.81
CA ARG A 154 -22.51 -0.67 12.92
C ARG A 154 -23.04 -2.02 13.30
N ILE A 155 -23.53 -2.76 12.32
CA ILE A 155 -24.09 -4.06 12.70
C ILE A 155 -22.98 -4.99 13.17
N ASP A 156 -21.96 -5.20 12.34
CA ASP A 156 -20.87 -6.09 12.70
C ASP A 156 -19.87 -5.46 13.65
N ALA A 157 -20.01 -4.15 13.94
CA ALA A 157 -19.08 -3.50 14.86
C ALA A 157 -19.04 -4.21 16.22
N ILE A 158 -20.15 -4.85 16.61
CA ILE A 158 -20.17 -5.57 17.88
C ILE A 158 -19.33 -6.84 17.76
N ASP A 159 -18.90 -7.39 18.88
CA ASP A 159 -18.11 -8.62 18.82
C ASP A 159 -18.82 -9.76 18.10
N PRO A 160 -18.00 -10.49 17.25
CA PRO A 160 -18.66 -11.60 16.56
C PRO A 160 -19.14 -12.68 17.52
N ALA A 161 -18.37 -12.93 18.56
CA ALA A 161 -18.69 -13.99 19.51
C ALA A 161 -20.06 -13.83 20.16
N LEU A 162 -20.44 -12.60 20.46
CA LEU A 162 -21.72 -12.38 21.10
C LEU A 162 -22.81 -12.88 20.17
N ARG A 163 -22.48 -12.95 18.90
CA ARG A 163 -23.42 -13.41 17.89
C ARG A 163 -23.92 -14.86 18.03
N ARG A 164 -23.09 -15.79 18.48
CA ARG A 164 -23.56 -17.18 18.58
C ARG A 164 -24.78 -17.19 19.50
N PRO A 165 -25.71 -18.18 19.22
CA PRO A 165 -26.93 -18.13 20.04
C PRO A 165 -26.70 -18.43 21.50
N GLY A 166 -27.71 -18.12 22.29
CA GLY A 166 -27.66 -18.25 23.74
C GLY A 166 -27.24 -16.94 24.35
N ARG A 167 -26.92 -16.01 23.47
CA ARG A 167 -26.53 -14.64 23.78
C ARG A 167 -26.86 -13.82 22.55
N PHE A 168 -27.69 -12.79 22.66
CA PHE A 168 -28.02 -11.98 21.49
C PHE A 168 -28.58 -12.86 20.36
N ASP A 169 -29.36 -13.88 20.70
CA ASP A 169 -29.86 -14.76 19.65
C ASP A 169 -30.76 -14.05 18.67
N ARG A 170 -31.69 -13.23 19.15
CA ARG A 170 -32.57 -12.54 18.23
C ARG A 170 -32.29 -11.06 18.08
N GLU A 171 -32.11 -10.61 16.84
CA GLU A 171 -31.84 -9.21 16.58
C GLU A 171 -32.83 -8.64 15.58
N ILE A 172 -33.36 -7.47 15.86
CA ILE A 172 -34.27 -6.81 14.94
C ILE A 172 -33.70 -5.43 14.69
N GLU A 173 -33.55 -5.04 13.43
CA GLU A 173 -32.99 -3.72 13.15
C GLU A 173 -34.03 -2.83 12.51
N ILE A 174 -34.21 -1.63 13.06
CA ILE A 174 -35.20 -0.69 12.55
C ILE A 174 -34.48 0.31 11.65
N GLY A 175 -34.95 0.44 10.41
CA GLY A 175 -34.36 1.34 9.45
C GLY A 175 -35.09 2.66 9.38
N VAL A 176 -34.81 3.40 8.30
CA VAL A 176 -35.43 4.70 8.06
C VAL A 176 -36.95 4.51 8.06
N PRO A 177 -37.71 5.50 8.51
CA PRO A 177 -39.17 5.37 8.49
C PRO A 177 -39.72 5.48 7.08
N ASP A 178 -40.88 4.88 6.87
CA ASP A 178 -41.54 4.92 5.58
C ASP A 178 -42.14 6.31 5.33
N ARG A 179 -42.38 6.61 4.05
CA ARG A 179 -42.99 7.89 3.69
C ARG A 179 -44.22 8.17 4.54
N ASN A 180 -45.14 7.21 4.62
CA ASN A 180 -46.27 7.35 5.53
C ASN A 180 -45.81 7.34 6.98
N GLY A 181 -44.76 6.57 7.28
CA GLY A 181 -44.22 6.56 8.63
C GLY A 181 -43.65 7.91 9.03
N ARG A 182 -42.98 8.58 8.09
CA ARG A 182 -42.45 9.90 8.38
C ARG A 182 -43.52 10.81 8.97
N LYS A 183 -44.75 10.68 8.50
CA LYS A 183 -45.84 11.51 9.01
C LYS A 183 -46.01 11.33 10.50
N GLU A 184 -46.07 10.07 10.97
CA GLU A 184 -46.23 9.80 12.39
C GLU A 184 -45.23 10.59 13.22
N ILE A 185 -43.95 10.52 12.83
CA ILE A 185 -42.92 11.26 13.56
C ILE A 185 -43.22 12.75 13.54
N LEU A 186 -43.34 13.31 12.33
CA LEU A 186 -43.61 14.74 12.21
C LEU A 186 -44.98 15.09 12.77
N MET A 187 -45.91 14.14 12.77
CA MET A 187 -47.25 14.42 13.26
C MET A 187 -47.28 14.56 14.78
N ILE A 188 -46.65 13.63 15.49
CA ILE A 188 -46.72 13.65 16.95
C ILE A 188 -46.13 14.93 17.50
N HIS A 189 -44.93 15.29 17.05
CA HIS A 189 -44.30 16.52 17.54
C HIS A 189 -45.17 17.74 17.28
N THR A 190 -46.10 17.67 16.33
CA THR A 190 -47.00 18.79 16.10
C THR A 190 -47.87 19.10 17.30
N ARG A 191 -48.02 18.14 18.23
CA ARG A 191 -48.89 18.39 19.36
C ARG A 191 -48.42 19.59 20.15
N ASN A 192 -47.15 19.63 20.49
CA ASN A 192 -46.62 20.79 21.18
C ASN A 192 -46.63 21.91 20.18
N MET A 193 -46.30 21.54 18.95
CA MET A 193 -46.23 22.48 17.86
C MET A 193 -47.63 23.07 17.76
N PRO A 194 -47.70 24.45 17.60
CA PRO A 194 -49.05 24.98 17.53
C PRO A 194 -49.39 25.58 16.17
N LEU A 195 -50.53 25.20 15.61
CA LEU A 195 -50.94 25.73 14.31
C LEU A 195 -52.19 26.62 14.31
N GLY A 196 -52.88 26.73 15.45
CA GLY A 196 -54.02 27.60 15.53
C GLY A 196 -55.35 26.91 15.30
N MET A 197 -55.36 25.75 14.66
CA MET A 197 -56.60 25.04 14.37
C MET A 197 -56.27 23.56 14.16
N SER A 198 -57.30 22.73 14.26
CA SER A 198 -57.12 21.30 13.97
C SER A 198 -56.39 21.11 12.65
N GLU A 199 -56.80 21.86 11.63
CA GLU A 199 -56.05 21.97 10.38
C GLU A 199 -55.74 20.60 9.79
N GLU A 200 -56.79 19.81 9.59
CA GLU A 200 -56.64 18.54 8.89
C GLU A 200 -55.92 18.73 7.56
N GLU A 201 -56.10 19.90 6.92
CA GLU A 201 -55.32 20.23 5.74
C GLU A 201 -53.84 20.26 6.07
N LYS A 202 -53.47 21.00 7.13
CA LYS A 202 -52.08 20.99 7.58
C LYS A 202 -51.62 19.56 7.83
N ASN A 203 -52.44 18.78 8.54
CA ASN A 203 -52.17 17.35 8.66
C ASN A 203 -51.93 16.74 7.29
N LYS A 204 -52.84 17.01 6.35
CA LYS A 204 -52.58 16.66 4.96
C LYS A 204 -51.35 17.38 4.44
N PHE A 205 -51.16 18.64 4.87
CA PHE A 205 -49.92 19.34 4.56
C PHE A 205 -48.72 18.60 5.13
N LEU A 206 -48.78 18.26 6.43
CA LEU A 206 -47.74 17.42 7.01
C LEU A 206 -47.56 16.13 6.23
N GLU A 207 -48.67 15.58 5.72
CA GLU A 207 -48.59 14.39 4.87
C GLU A 207 -47.59 14.61 3.74
N GLU A 208 -47.76 15.69 2.99
CA GLU A 208 -46.84 15.99 1.89
C GLU A 208 -45.50 16.49 2.39
N MET A 209 -45.44 17.07 3.60
CA MET A 209 -44.19 17.61 4.11
C MET A 209 -43.07 16.58 4.00
N ALA A 210 -43.35 15.33 4.38
CA ALA A 210 -42.36 14.29 4.21
C ALA A 210 -42.19 13.90 2.75
N ASP A 211 -43.29 13.92 1.98
CA ASP A 211 -43.23 13.50 0.59
C ASP A 211 -42.30 14.35 -0.25
N TYR A 212 -41.93 15.55 0.23
CA TYR A 212 -40.98 16.37 -0.51
C TYR A 212 -39.65 15.64 -0.71
N THR A 213 -39.35 14.65 0.10
CA THR A 213 -38.17 13.83 -0.06
C THR A 213 -38.52 12.38 0.28
N TYR A 214 -37.74 11.46 -0.29
CA TYR A 214 -37.96 10.04 -0.04
C TYR A 214 -38.05 9.75 1.47
N GLY A 215 -37.24 10.44 2.25
CA GLY A 215 -37.26 10.26 3.69
C GLY A 215 -35.94 10.68 4.30
N PHE A 216 -35.92 10.67 5.63
CA PHE A 216 -34.71 11.00 6.38
C PHE A 216 -34.74 10.21 7.68
N VAL A 217 -33.80 10.50 8.56
CA VAL A 217 -33.74 9.86 9.87
C VAL A 217 -34.76 10.50 10.79
N GLY A 218 -35.29 9.70 11.72
CA GLY A 218 -36.28 10.22 12.65
C GLY A 218 -35.74 11.38 13.49
N ALA A 219 -34.55 11.19 14.07
CA ALA A 219 -33.98 12.22 14.93
C ALA A 219 -33.92 13.56 14.21
N ASP A 220 -33.29 13.59 13.03
CA ASP A 220 -33.21 14.84 12.27
C ASP A 220 -34.60 15.39 12.01
N LEU A 221 -35.54 14.52 11.63
CA LEU A 221 -36.91 14.97 11.42
C LEU A 221 -37.45 15.68 12.65
N ALA A 222 -37.36 15.03 13.82
CA ALA A 222 -37.73 15.69 15.05
C ALA A 222 -36.96 16.99 15.23
N ALA A 223 -35.76 17.08 14.65
CA ALA A 223 -35.03 18.34 14.66
C ALA A 223 -35.57 19.32 13.63
N LEU A 224 -36.07 18.80 12.51
CA LEU A 224 -36.63 19.68 11.47
C LEU A 224 -37.69 20.61 12.07
N VAL A 225 -38.63 20.05 12.82
CA VAL A 225 -39.66 20.87 13.46
C VAL A 225 -39.01 21.97 14.29
N ARG A 226 -37.87 21.68 14.90
CA ARG A 226 -37.17 22.70 15.66
C ARG A 226 -36.74 23.87 14.78
N GLU A 227 -36.31 23.56 13.54
CA GLU A 227 -35.90 24.60 12.61
C GLU A 227 -37.01 25.63 12.43
N SER A 228 -38.24 25.14 12.18
CA SER A 228 -39.37 26.05 11.99
C SER A 228 -39.52 26.98 13.19
N ALA A 229 -39.61 26.41 14.39
CA ALA A 229 -39.70 27.22 15.59
C ALA A 229 -38.65 28.32 15.60
N MET A 230 -37.37 27.91 15.64
CA MET A 230 -36.29 28.88 15.62
C MET A 230 -36.43 29.84 14.44
N ASN A 231 -36.54 29.30 13.23
CA ASN A 231 -36.63 30.15 12.04
C ASN A 231 -37.86 31.03 12.08
N ALA A 232 -39.04 30.41 12.25
CA ALA A 232 -40.27 31.19 12.28
C ALA A 232 -40.28 32.20 13.43
N LEU A 233 -39.61 31.88 14.54
CA LEU A 233 -39.57 32.80 15.67
C LEU A 233 -38.86 34.10 15.32
N ARG A 234 -38.04 34.11 14.26
CA ARG A 234 -37.28 35.30 13.93
C ARG A 234 -38.18 36.43 13.48
N ARG A 235 -39.20 36.13 12.68
CA ARG A 235 -40.08 37.18 12.19
C ARG A 235 -40.80 37.91 13.33
N TYR A 236 -41.27 37.17 14.33
CA TYR A 236 -41.97 37.78 15.46
C TYR A 236 -41.04 38.13 16.63
N LEU A 237 -39.78 37.74 16.53
CA LEU A 237 -38.78 37.98 17.58
C LEU A 237 -38.44 39.43 17.90
N PRO A 238 -38.30 40.30 16.82
CA PRO A 238 -37.93 41.68 17.19
C PRO A 238 -38.94 42.45 18.04
N GLU A 239 -40.22 42.32 17.74
CA GLU A 239 -41.28 43.02 18.47
C GLU A 239 -41.18 42.83 19.97
N ILE A 240 -40.52 41.77 20.44
CA ILE A 240 -40.41 41.50 21.87
C ILE A 240 -39.13 42.07 22.47
N ASP A 241 -38.26 42.68 21.65
CA ASP A 241 -37.00 43.19 22.15
C ASP A 241 -37.17 44.28 23.20
N LEU A 242 -38.37 44.82 23.37
CA LEU A 242 -38.57 45.95 24.27
C LEU A 242 -38.04 45.64 25.67
N ASP A 243 -38.51 44.53 26.26
CA ASP A 243 -38.09 44.16 27.61
C ASP A 243 -37.91 42.65 27.68
N LYS A 244 -37.27 42.20 28.76
CA LYS A 244 -37.07 40.77 28.95
C LYS A 244 -38.40 40.04 29.16
N PRO A 245 -39.28 40.47 30.07
CA PRO A 245 -40.54 39.74 30.26
C PRO A 245 -41.39 39.74 29.01
N ILE A 246 -41.98 38.58 28.74
CA ILE A 246 -42.79 38.43 27.52
C ILE A 246 -44.14 39.10 27.75
N PRO A 247 -44.58 39.99 26.86
CA PRO A 247 -45.87 40.66 27.08
C PRO A 247 -47.02 39.68 26.98
N THR A 248 -47.93 39.75 27.95
CA THR A 248 -49.15 38.96 27.91
C THR A 248 -50.18 39.52 26.94
N GLU A 249 -50.01 40.78 26.50
CA GLU A 249 -50.91 41.35 25.51
C GLU A 249 -50.98 40.45 24.27
N ILE A 250 -49.83 40.15 23.70
CA ILE A 250 -49.71 39.18 22.61
C ILE A 250 -49.02 37.95 23.17
N LEU A 251 -49.79 36.87 23.33
CA LEU A 251 -49.29 35.63 23.91
C LEU A 251 -49.73 34.47 23.05
N GLU A 252 -48.76 33.80 22.44
CA GLU A 252 -49.00 32.63 21.60
C GLU A 252 -50.00 32.92 20.49
N LYS A 253 -50.14 34.19 20.10
CA LYS A 253 -50.85 34.52 18.87
C LYS A 253 -49.94 34.50 17.66
N MET A 254 -48.65 34.26 17.87
CA MET A 254 -47.72 33.99 16.78
C MET A 254 -47.60 32.48 16.62
N VAL A 255 -48.07 31.96 15.50
CA VAL A 255 -48.12 30.53 15.25
C VAL A 255 -47.25 30.21 14.05
N VAL A 256 -46.47 29.13 14.15
CA VAL A 256 -45.66 28.70 13.04
C VAL A 256 -46.55 28.37 11.86
N THR A 257 -46.28 29.00 10.72
CA THR A 257 -47.06 28.79 9.51
C THR A 257 -46.48 27.62 8.73
N GLU A 258 -47.38 26.84 8.11
CA GLU A 258 -46.93 25.71 7.31
C GLU A 258 -45.85 26.12 6.32
N ASP A 259 -45.93 27.36 5.80
CA ASP A 259 -44.87 27.86 4.94
C ASP A 259 -43.54 27.94 5.68
N ASP A 260 -43.58 28.16 7.00
CA ASP A 260 -42.34 28.20 7.77
C ASP A 260 -41.53 26.94 7.58
N PHE A 261 -42.16 25.77 7.76
CA PHE A 261 -41.49 24.51 7.48
C PHE A 261 -40.92 24.52 6.07
N LYS A 262 -41.75 24.86 5.08
CA LYS A 262 -41.27 24.94 3.70
C LYS A 262 -40.01 25.80 3.62
N ASN A 263 -39.96 26.87 4.42
CA ASN A 263 -38.73 27.62 4.57
C ASN A 263 -37.76 26.94 5.54
N ALA A 264 -38.26 26.06 6.40
CA ALA A 264 -37.41 25.38 7.37
C ALA A 264 -36.67 24.21 6.74
N LEU A 265 -37.26 23.55 5.74
CA LEU A 265 -36.63 22.39 5.13
C LEU A 265 -35.20 22.69 4.68
N LYS A 266 -34.93 23.93 4.28
CA LYS A 266 -33.60 24.31 3.87
C LYS A 266 -32.70 24.55 5.09
N SER A 267 -31.40 24.38 4.88
CA SER A 267 -30.41 24.71 5.90
C SER A 267 -30.35 23.65 7.01
N ILE A 268 -31.30 22.71 7.01
CA ILE A 268 -31.32 21.68 8.04
C ILE A 268 -30.40 20.50 7.72
N GLU A 269 -29.75 20.53 6.56
CA GLU A 269 -28.79 19.51 6.12
C GLU A 269 -29.27 18.09 6.44
N PRO A 270 -30.42 17.69 5.91
CA PRO A 270 -30.86 16.30 6.10
C PRO A 270 -30.01 15.31 5.33
N SER A 271 -30.46 14.05 5.26
CA SER A 271 -29.75 13.00 4.53
C SER A 271 -28.43 12.64 5.21
N SER A 272 -28.45 12.60 6.55
CA SER A 272 -27.30 12.14 7.30
C SER A 272 -27.09 10.64 7.20
N LEU A 273 -28.01 9.92 6.57
CA LEU A 273 -27.88 8.47 6.45
C LEU A 273 -27.33 8.00 5.10
N ARG A 274 -26.25 7.21 5.16
CA ARG A 274 -25.59 6.66 3.97
C ARG A 274 -26.00 5.22 3.67
N GLU A 275 -26.93 4.69 4.46
CA GLU A 275 -27.39 3.31 4.30
C GLU A 275 -28.27 3.14 3.06
N VAL A 276 -28.43 1.89 2.62
CA VAL A 276 -29.25 1.62 1.44
C VAL A 276 -30.63 2.16 1.74
N MET A 277 -31.25 2.77 0.75
CA MET A 277 -32.55 3.40 0.95
C MET A 277 -33.57 2.77 0.01
N VAL A 278 -34.84 2.98 0.32
CA VAL A 278 -35.96 2.47 -0.47
C VAL A 278 -36.82 3.64 -0.89
N GLU A 279 -37.17 3.70 -2.18
CA GLU A 279 -37.94 4.80 -2.73
C GLU A 279 -38.95 4.27 -3.72
N VAL A 280 -40.16 4.84 -3.68
CA VAL A 280 -41.22 4.44 -4.60
C VAL A 280 -41.59 5.64 -5.48
N PRO A 281 -41.27 5.62 -6.77
CA PRO A 281 -41.64 6.73 -7.65
C PRO A 281 -43.12 6.70 -8.01
N ASN A 282 -43.63 7.89 -8.33
CA ASN A 282 -45.04 8.08 -8.63
C ASN A 282 -45.35 8.05 -10.12
N VAL A 283 -44.36 7.78 -10.97
CA VAL A 283 -44.59 7.85 -12.41
C VAL A 283 -45.68 6.87 -12.82
N HIS A 284 -46.43 7.24 -13.86
CA HIS A 284 -47.51 6.42 -14.40
C HIS A 284 -47.34 6.27 -15.90
N TRP A 285 -47.86 5.17 -16.44
CA TRP A 285 -47.74 4.92 -17.87
C TRP A 285 -48.26 6.07 -18.69
N ASP A 286 -49.28 6.77 -18.20
CA ASP A 286 -49.76 7.96 -18.90
C ASP A 286 -48.62 8.90 -19.23
N ASP A 287 -47.61 8.96 -18.36
CA ASP A 287 -46.39 9.71 -18.63
C ASP A 287 -45.50 9.04 -19.66
N ILE A 288 -45.85 7.85 -20.13
CA ILE A 288 -45.04 7.09 -21.08
C ILE A 288 -45.73 7.15 -22.44
N GLY A 289 -45.14 7.88 -23.38
CA GLY A 289 -45.70 7.94 -24.72
C GLY A 289 -45.25 6.77 -25.57
N GLY A 290 -46.16 6.29 -26.43
CA GLY A 290 -45.81 5.20 -27.31
C GLY A 290 -45.38 3.97 -26.55
N LEU A 291 -44.76 3.04 -27.30
CA LEU A 291 -44.21 1.81 -26.75
C LEU A 291 -45.29 0.92 -26.16
N GLU A 292 -46.47 0.90 -26.78
CA GLU A 292 -47.57 0.10 -26.26
C GLU A 292 -47.16 -1.37 -26.12
N ASP A 293 -46.33 -1.86 -27.04
CA ASP A 293 -45.94 -3.26 -27.00
C ASP A 293 -45.07 -3.56 -25.79
N VAL A 294 -44.00 -2.79 -25.59
CA VAL A 294 -43.05 -3.09 -24.52
C VAL A 294 -43.74 -3.01 -23.16
N LYS A 295 -44.42 -1.90 -22.88
CA LYS A 295 -45.11 -1.75 -21.60
C LYS A 295 -46.05 -2.91 -21.35
N ARG A 296 -46.90 -3.22 -22.32
CA ARG A 296 -47.84 -4.33 -22.16
C ARG A 296 -47.09 -5.63 -21.88
N GLU A 297 -45.98 -5.86 -22.59
CA GLU A 297 -45.21 -7.09 -22.36
C GLU A 297 -44.34 -6.97 -21.12
N ILE A 298 -43.67 -5.83 -20.92
CA ILE A 298 -42.81 -5.68 -19.75
C ILE A 298 -43.64 -5.81 -18.48
N LYS A 299 -44.85 -5.25 -18.48
CA LYS A 299 -45.72 -5.36 -17.30
C LYS A 299 -46.03 -6.81 -17.01
N GLU A 300 -46.55 -7.54 -18.00
CA GLU A 300 -46.86 -8.95 -17.80
C GLU A 300 -45.64 -9.75 -17.42
N THR A 301 -44.44 -9.27 -17.78
CA THR A 301 -43.23 -9.98 -17.41
C THR A 301 -42.89 -9.77 -15.94
N VAL A 302 -42.92 -8.52 -15.48
CA VAL A 302 -42.63 -8.24 -14.08
C VAL A 302 -43.82 -8.54 -13.19
N GLU A 303 -45.00 -8.09 -13.60
CA GLU A 303 -46.18 -8.18 -12.73
C GLU A 303 -46.59 -9.64 -12.51
N LEU A 304 -46.59 -10.44 -13.57
CA LEU A 304 -47.05 -11.82 -13.51
C LEU A 304 -46.36 -12.58 -12.37
N PRO A 305 -45.02 -12.66 -12.38
CA PRO A 305 -44.35 -13.49 -11.37
C PRO A 305 -44.66 -13.07 -9.94
N LEU A 306 -44.63 -11.76 -9.66
CA LEU A 306 -44.88 -11.30 -8.29
C LEU A 306 -46.37 -11.34 -7.93
N LEU A 307 -47.22 -10.84 -8.82
CA LEU A 307 -48.64 -10.73 -8.51
C LEU A 307 -49.36 -12.06 -8.64
N LYS A 308 -48.99 -12.87 -9.64
CA LYS A 308 -49.68 -14.13 -9.92
C LYS A 308 -48.67 -15.27 -9.99
N PRO A 309 -47.95 -15.54 -8.90
CA PRO A 309 -47.00 -16.66 -8.92
C PRO A 309 -47.67 -18.00 -9.15
N ASP A 310 -48.81 -18.23 -8.51
CA ASP A 310 -49.47 -19.54 -8.61
C ASP A 310 -49.79 -19.88 -10.06
N VAL A 311 -50.50 -19.01 -10.77
CA VAL A 311 -50.87 -19.28 -12.15
C VAL A 311 -49.64 -19.45 -13.02
N PHE A 312 -48.49 -18.92 -12.58
CA PHE A 312 -47.25 -19.11 -13.32
C PHE A 312 -46.66 -20.49 -13.09
N LYS A 313 -46.98 -21.11 -11.95
CA LYS A 313 -46.44 -22.44 -11.65
C LYS A 313 -47.16 -23.54 -12.41
N ARG A 314 -48.43 -23.33 -12.76
CA ARG A 314 -49.19 -24.37 -13.45
C ARG A 314 -48.52 -24.76 -14.77
N LEU A 315 -47.82 -23.82 -15.41
CA LEU A 315 -47.07 -24.18 -16.61
C LEU A 315 -45.86 -25.05 -16.26
N GLY A 316 -45.02 -24.58 -15.34
CA GLY A 316 -43.87 -25.33 -14.91
C GLY A 316 -42.53 -24.80 -15.38
N ILE A 317 -42.51 -23.88 -16.35
CA ILE A 317 -41.25 -23.31 -16.79
C ILE A 317 -40.63 -22.50 -15.65
N ARG A 318 -39.31 -22.40 -15.68
CA ARG A 318 -38.60 -21.68 -14.63
C ARG A 318 -39.06 -20.23 -14.59
N PRO A 319 -39.20 -19.64 -13.40
CA PRO A 319 -39.48 -18.20 -13.32
C PRO A 319 -38.26 -17.38 -13.72
N SER A 320 -38.51 -16.10 -13.98
CA SER A 320 -37.48 -15.21 -14.51
C SER A 320 -36.75 -14.52 -13.36
N LYS A 321 -35.42 -14.51 -13.43
CA LYS A 321 -34.63 -13.77 -12.46
C LYS A 321 -34.60 -12.28 -12.79
N GLY A 322 -34.96 -11.92 -14.01
CA GLY A 322 -34.98 -10.53 -14.40
C GLY A 322 -34.69 -10.39 -15.88
N PHE A 323 -34.47 -9.14 -16.29
CA PHE A 323 -34.20 -8.84 -17.68
C PHE A 323 -33.46 -7.50 -17.75
N LEU A 324 -32.83 -7.27 -18.90
CA LEU A 324 -32.01 -6.09 -19.13
C LEU A 324 -32.62 -5.23 -20.22
N LEU A 325 -32.40 -3.92 -20.12
CA LEU A 325 -32.89 -2.96 -21.09
C LEU A 325 -31.72 -2.28 -21.79
N TYR A 326 -31.82 -2.17 -23.11
CA TYR A 326 -30.76 -1.56 -23.91
C TYR A 326 -31.38 -0.81 -25.08
N GLY A 327 -30.81 0.34 -25.40
CA GLY A 327 -31.32 1.19 -26.46
C GLY A 327 -30.61 2.53 -26.51
N PRO A 328 -30.98 3.36 -27.48
CA PRO A 328 -30.36 4.67 -27.62
C PRO A 328 -30.54 5.49 -26.36
N PRO A 329 -29.52 6.26 -25.97
CA PRO A 329 -29.67 7.11 -24.79
C PRO A 329 -30.86 8.04 -24.93
N GLY A 330 -31.69 8.08 -23.90
CA GLY A 330 -32.86 8.94 -23.90
C GLY A 330 -34.15 8.27 -24.31
N VAL A 331 -34.16 6.95 -24.52
CA VAL A 331 -35.39 6.25 -24.85
C VAL A 331 -36.33 6.13 -23.65
N GLY A 332 -35.87 6.52 -22.46
CA GLY A 332 -36.70 6.48 -21.28
C GLY A 332 -36.49 5.28 -20.37
N LYS A 333 -35.37 4.57 -20.50
CA LYS A 333 -35.12 3.43 -19.63
C LYS A 333 -35.33 3.81 -18.17
N THR A 334 -34.64 4.85 -17.71
CA THR A 334 -34.83 5.33 -16.35
C THR A 334 -36.28 5.64 -16.06
N LEU A 335 -37.03 6.07 -17.07
CA LEU A 335 -38.44 6.38 -16.87
C LEU A 335 -39.30 5.13 -16.87
N LEU A 336 -39.03 4.19 -17.78
CA LEU A 336 -39.82 2.97 -17.86
C LEU A 336 -39.77 2.19 -16.56
N ALA A 337 -38.56 1.84 -16.13
CA ALA A 337 -38.40 1.01 -14.93
C ALA A 337 -39.21 1.58 -13.77
N LYS A 338 -39.03 2.88 -13.48
CA LYS A 338 -39.80 3.50 -12.42
C LYS A 338 -41.30 3.29 -12.62
N ALA A 339 -41.75 3.30 -13.87
CA ALA A 339 -43.17 3.12 -14.13
C ALA A 339 -43.66 1.76 -13.66
N VAL A 340 -43.03 0.70 -14.15
CA VAL A 340 -43.43 -0.64 -13.76
C VAL A 340 -43.26 -0.82 -12.26
N ALA A 341 -42.13 -0.37 -11.74
CA ALA A 341 -41.87 -0.48 -10.32
C ALA A 341 -42.88 0.36 -9.54
N THR A 342 -43.15 1.57 -10.03
CA THR A 342 -44.10 2.47 -9.41
C THR A 342 -45.52 1.92 -9.44
N GLU A 343 -45.90 1.34 -10.57
CA GLU A 343 -47.25 0.79 -10.71
C GLU A 343 -47.45 -0.35 -9.73
N SER A 344 -46.43 -1.21 -9.61
CA SER A 344 -46.50 -2.33 -8.70
C SER A 344 -46.39 -1.86 -7.26
N ASN A 345 -47.20 -2.45 -6.37
CA ASN A 345 -47.17 -2.09 -4.96
C ASN A 345 -45.81 -2.44 -4.36
N ALA A 346 -45.28 -3.58 -4.77
CA ALA A 346 -44.00 -4.07 -4.29
C ALA A 346 -43.01 -2.92 -4.14
N ASN A 347 -42.19 -3.00 -3.10
CA ASN A 347 -41.22 -1.95 -2.84
C ASN A 347 -40.23 -1.84 -3.99
N PHE A 348 -39.68 -0.65 -4.17
CA PHE A 348 -38.73 -0.37 -5.24
C PHE A 348 -37.36 -0.03 -4.65
N ILE A 349 -36.33 -0.32 -5.42
CA ILE A 349 -34.95 -0.01 -5.07
C ILE A 349 -34.29 0.64 -6.27
N SER A 350 -33.49 1.68 -6.03
CA SER A 350 -32.83 2.37 -7.12
C SER A 350 -31.31 2.25 -7.05
N ILE A 351 -30.70 1.83 -8.15
CA ILE A 351 -29.26 1.68 -8.23
C ILE A 351 -28.68 2.50 -9.38
N LYS A 352 -27.65 3.27 -9.10
CA LYS A 352 -27.01 4.10 -10.11
C LYS A 352 -25.56 3.68 -10.30
N GLY A 353 -25.14 3.54 -11.54
CA GLY A 353 -23.78 3.12 -11.82
C GLY A 353 -22.77 4.12 -11.28
N PRO A 354 -23.10 5.47 -11.47
CA PRO A 354 -22.10 6.40 -10.91
C PRO A 354 -22.03 6.24 -9.40
N GLU A 355 -23.21 6.19 -8.79
CA GLU A 355 -23.38 6.10 -7.34
C GLU A 355 -22.82 4.85 -6.69
N VAL A 356 -22.90 3.72 -7.37
CA VAL A 356 -22.34 2.49 -6.81
C VAL A 356 -20.84 2.58 -6.59
N LEU A 357 -20.10 3.14 -7.54
CA LEU A 357 -18.69 3.33 -7.30
C LEU A 357 -18.64 4.43 -6.21
N SER A 358 -19.47 5.43 -6.49
CA SER A 358 -19.68 6.67 -5.73
C SER A 358 -20.29 6.70 -4.34
N LYS A 359 -21.28 5.85 -4.11
CA LYS A 359 -22.02 5.87 -2.86
C LYS A 359 -21.20 5.66 -1.58
N TRP A 360 -20.26 4.74 -1.59
CA TRP A 360 -19.42 4.54 -0.40
C TRP A 360 -17.95 4.72 -0.75
N VAL A 361 -17.08 4.27 0.13
CA VAL A 361 -15.64 4.40 -0.08
C VAL A 361 -15.38 3.69 -1.37
N GLY A 362 -16.09 2.59 -1.55
CA GLY A 362 -15.97 1.84 -2.78
C GLY A 362 -14.78 0.92 -2.70
N GLU A 363 -14.06 0.97 -1.58
CA GLU A 363 -12.93 0.08 -1.38
C GLU A 363 -13.55 -1.31 -1.41
N SER A 364 -14.73 -1.41 -0.81
CA SER A 364 -15.50 -2.62 -0.79
C SER A 364 -16.70 -2.30 -1.66
N GLU A 365 -16.96 -3.17 -2.63
CA GLU A 365 -18.12 -3.01 -3.51
C GLU A 365 -19.28 -3.78 -2.90
N LYS A 366 -19.11 -4.21 -1.67
CA LYS A 366 -20.09 -5.00 -1.00
C LYS A 366 -21.39 -4.24 -0.98
N ALA A 367 -21.38 -2.94 -0.74
CA ALA A 367 -22.71 -2.34 -0.77
C ALA A 367 -23.66 -3.16 -1.64
N ILE A 368 -23.21 -3.56 -2.83
CA ILE A 368 -24.09 -4.28 -3.75
C ILE A 368 -24.57 -5.56 -3.10
N ARG A 369 -23.66 -6.33 -2.52
CA ARG A 369 -24.07 -7.54 -1.79
C ARG A 369 -25.07 -7.19 -0.69
N GLU A 370 -24.94 -6.00 -0.11
CA GLU A 370 -25.92 -5.56 0.88
C GLU A 370 -27.24 -5.20 0.23
N ILE A 371 -27.22 -4.78 -1.03
CA ILE A 371 -28.44 -4.35 -1.71
C ILE A 371 -29.48 -5.46 -1.66
N PHE A 372 -29.14 -6.64 -2.18
CA PHE A 372 -30.09 -7.74 -2.20
C PHE A 372 -30.55 -8.09 -0.80
N LYS A 373 -29.62 -8.14 0.15
CA LYS A 373 -30.00 -8.40 1.54
C LYS A 373 -31.09 -7.43 1.99
N LYS A 374 -30.87 -6.13 1.79
CA LYS A 374 -31.93 -5.16 2.04
C LYS A 374 -33.11 -5.40 1.09
N ALA A 375 -32.84 -5.86 -0.13
CA ALA A 375 -33.91 -6.12 -1.07
C ALA A 375 -34.68 -7.39 -0.71
N LYS A 376 -33.94 -8.48 -0.46
CA LYS A 376 -34.58 -9.74 -0.12
C LYS A 376 -35.52 -9.57 1.08
N GLN A 377 -35.02 -8.94 2.14
CA GLN A 377 -35.84 -8.74 3.32
C GLN A 377 -37.09 -7.91 3.00
N VAL A 378 -36.94 -6.92 2.11
CA VAL A 378 -38.05 -6.02 1.79
C VAL A 378 -38.95 -6.58 0.70
N ALA A 379 -38.65 -7.77 0.18
CA ALA A 379 -39.45 -8.37 -0.88
C ALA A 379 -40.90 -8.53 -0.44
N PRO A 380 -41.82 -8.64 -1.42
CA PRO A 380 -41.51 -8.59 -2.85
C PRO A 380 -41.08 -7.20 -3.32
N ALA A 381 -40.02 -7.13 -4.11
CA ALA A 381 -39.53 -5.87 -4.64
C ALA A 381 -38.69 -6.14 -5.88
N ILE A 382 -38.52 -5.11 -6.70
CA ILE A 382 -37.76 -5.19 -7.93
C ILE A 382 -36.55 -4.27 -7.81
N VAL A 383 -35.36 -4.85 -7.85
CA VAL A 383 -34.13 -4.07 -7.81
C VAL A 383 -33.83 -3.54 -9.20
N PHE A 384 -33.31 -2.32 -9.26
CA PHE A 384 -33.01 -1.66 -10.52
C PHE A 384 -31.54 -1.23 -10.53
N LEU A 385 -30.86 -1.50 -11.62
CA LEU A 385 -29.47 -1.09 -11.81
C LEU A 385 -29.37 -0.31 -13.11
N ASP A 386 -28.92 0.93 -13.02
CA ASP A 386 -28.80 1.80 -14.18
C ASP A 386 -27.32 1.99 -14.51
N GLU A 387 -27.02 2.09 -15.80
CA GLU A 387 -25.64 2.10 -16.29
C GLU A 387 -24.88 0.91 -15.73
N ILE A 388 -25.46 -0.28 -15.90
CA ILE A 388 -24.81 -1.50 -15.41
C ILE A 388 -23.42 -1.65 -16.02
N ASP A 389 -23.18 -1.06 -17.19
CA ASP A 389 -21.86 -1.14 -17.80
C ASP A 389 -20.79 -0.56 -16.88
N SER A 390 -20.99 0.67 -16.42
CA SER A 390 -20.00 1.29 -15.54
C SER A 390 -19.70 0.42 -14.34
N ILE A 391 -20.78 -0.15 -13.81
CA ILE A 391 -20.81 -1.04 -12.67
C ILE A 391 -20.15 -2.34 -13.03
N ALA A 392 -20.45 -2.82 -14.23
CA ALA A 392 -19.91 -4.08 -14.69
C ALA A 392 -19.33 -3.91 -16.08
N PRO A 393 -18.17 -3.16 -16.14
CA PRO A 393 -17.62 -3.03 -17.48
C PRO A 393 -17.03 -4.36 -17.83
N ARG A 394 -16.66 -4.57 -19.08
CA ARG A 394 -16.03 -5.83 -19.45
C ARG A 394 -14.77 -5.88 -18.60
N ARG A 395 -14.38 -7.08 -18.18
CA ARG A 395 -13.22 -7.26 -17.31
C ARG A 395 -11.86 -6.80 -17.86
N GLY A 396 -11.60 -7.07 -19.13
CA GLY A 396 -10.34 -6.67 -19.72
C GLY A 396 -10.06 -5.19 -19.81
N THR A 397 -11.08 -4.40 -20.13
CA THR A 397 -10.92 -2.96 -20.30
C THR A 397 -10.46 -2.13 -19.10
N THR A 398 -10.96 -2.43 -17.91
CA THR A 398 -10.56 -1.63 -16.76
C THR A 398 -9.61 -2.33 -15.81
N SER A 399 -8.45 -1.72 -15.61
CA SER A 399 -7.45 -2.28 -14.71
C SER A 399 -7.69 -1.79 -13.28
N ASP A 400 -8.78 -2.22 -12.68
CA ASP A 400 -9.09 -1.80 -11.31
C ASP A 400 -9.72 -2.90 -10.47
N SER A 401 -9.45 -2.85 -9.17
CA SER A 401 -9.99 -3.83 -8.24
C SER A 401 -11.47 -3.57 -8.03
N GLY A 402 -11.83 -2.30 -7.97
CA GLY A 402 -13.21 -1.90 -7.75
C GLY A 402 -14.17 -2.37 -8.82
N VAL A 403 -13.73 -2.32 -10.07
CA VAL A 403 -14.60 -2.73 -11.17
C VAL A 403 -14.88 -4.23 -11.28
N THR A 404 -13.87 -5.05 -11.10
CA THR A 404 -14.03 -6.50 -11.25
C THR A 404 -14.22 -7.28 -9.96
N GLU A 405 -13.41 -6.92 -8.98
CA GLU A 405 -13.35 -7.57 -7.69
C GLU A 405 -14.52 -7.21 -6.80
N ARG A 406 -14.80 -5.92 -6.70
CA ARG A 406 -15.92 -5.47 -5.89
C ARG A 406 -17.29 -5.79 -6.46
N ILE A 407 -17.43 -5.65 -7.78
CA ILE A 407 -18.75 -5.85 -8.37
C ILE A 407 -19.08 -6.89 -9.45
N VAL A 408 -18.34 -6.94 -10.55
CA VAL A 408 -18.71 -7.88 -11.61
C VAL A 408 -18.68 -9.30 -11.09
N ASN A 409 -17.63 -9.64 -10.38
CA ASN A 409 -17.55 -10.97 -9.82
C ASN A 409 -18.64 -11.09 -8.78
N GLN A 410 -18.80 -10.03 -8.00
CA GLN A 410 -19.80 -10.02 -6.97
C GLN A 410 -21.18 -10.17 -7.57
N LEU A 411 -21.40 -9.54 -8.72
CA LEU A 411 -22.71 -9.58 -9.35
C LEU A 411 -23.24 -10.95 -9.74
N LEU A 412 -22.39 -11.79 -10.31
CA LEU A 412 -22.88 -13.09 -10.72
C LEU A 412 -23.37 -13.87 -9.51
N THR A 413 -22.64 -13.78 -8.42
CA THR A 413 -23.04 -14.50 -7.23
C THR A 413 -24.38 -14.01 -6.69
N SER A 414 -24.59 -12.70 -6.71
CA SER A 414 -25.85 -12.17 -6.20
C SER A 414 -27.07 -12.63 -6.97
N LEU A 415 -26.96 -12.72 -8.29
CA LEU A 415 -28.12 -13.12 -9.09
C LEU A 415 -28.62 -14.51 -8.75
N ASP A 416 -27.70 -15.44 -8.54
CA ASP A 416 -28.08 -16.79 -8.21
C ASP A 416 -28.85 -16.81 -6.91
N GLY A 417 -28.42 -15.97 -5.97
CA GLY A 417 -29.05 -15.94 -4.68
C GLY A 417 -30.52 -15.56 -4.79
N ILE A 418 -30.85 -14.63 -5.67
CA ILE A 418 -32.24 -14.24 -5.79
C ILE A 418 -33.03 -15.45 -6.27
N GLU A 419 -34.26 -15.58 -5.78
CA GLU A 419 -35.12 -16.69 -6.14
C GLU A 419 -36.49 -16.28 -6.66
N VAL A 420 -37.09 -17.14 -7.47
CA VAL A 420 -38.39 -16.84 -8.05
C VAL A 420 -39.43 -16.65 -6.97
N MET A 421 -39.41 -17.50 -5.95
CA MET A 421 -40.37 -17.34 -4.87
C MET A 421 -40.06 -15.99 -4.26
N ASN A 422 -38.78 -15.72 -4.12
CA ASN A 422 -38.33 -14.45 -3.58
C ASN A 422 -38.97 -13.42 -4.47
N GLY A 423 -39.44 -12.31 -3.90
CA GLY A 423 -40.11 -11.34 -4.75
C GLY A 423 -39.16 -10.38 -5.43
N VAL A 424 -37.86 -10.66 -5.36
CA VAL A 424 -36.85 -9.79 -5.94
C VAL A 424 -36.80 -10.00 -7.44
N VAL A 425 -36.56 -8.91 -8.18
CA VAL A 425 -36.43 -8.94 -9.63
C VAL A 425 -35.40 -7.90 -10.03
N VAL A 426 -34.59 -8.23 -11.04
CA VAL A 426 -33.51 -7.36 -11.49
C VAL A 426 -33.86 -6.82 -12.86
N ILE A 427 -33.97 -5.50 -12.98
CA ILE A 427 -34.23 -4.84 -14.25
C ILE A 427 -33.05 -3.92 -14.53
N GLY A 428 -32.24 -4.28 -15.52
CA GLY A 428 -31.10 -3.48 -15.91
C GLY A 428 -31.39 -2.59 -17.10
N ALA A 429 -30.62 -1.50 -17.19
CA ALA A 429 -30.63 -0.63 -18.35
C ALA A 429 -29.24 -0.04 -18.53
N THR A 430 -28.79 0.03 -19.78
CA THR A 430 -27.49 0.61 -20.07
C THR A 430 -27.44 1.02 -21.53
N ASN A 431 -26.52 1.94 -21.84
CA ASN A 431 -26.39 2.43 -23.21
C ASN A 431 -25.91 1.33 -24.15
N ARG A 432 -24.79 0.72 -23.84
CA ARG A 432 -24.18 -0.30 -24.71
C ARG A 432 -24.18 -1.65 -24.02
N PRO A 433 -24.99 -2.62 -24.46
CA PRO A 433 -24.92 -3.95 -23.87
C PRO A 433 -23.55 -4.58 -23.96
N ASP A 434 -22.87 -4.44 -25.09
CA ASP A 434 -21.59 -5.08 -25.28
C ASP A 434 -20.56 -4.62 -24.24
N ILE A 435 -20.65 -3.36 -23.82
CA ILE A 435 -19.65 -2.83 -22.88
C ILE A 435 -19.62 -3.65 -21.61
N MET A 436 -20.78 -4.08 -21.12
CA MET A 436 -20.82 -4.88 -19.92
C MET A 436 -20.25 -6.27 -20.19
N ASP A 437 -19.80 -6.91 -19.13
CA ASP A 437 -19.24 -8.25 -19.24
C ASP A 437 -20.24 -9.19 -19.90
N PRO A 438 -19.88 -9.86 -20.99
CA PRO A 438 -20.82 -10.82 -21.61
C PRO A 438 -21.26 -11.89 -20.64
N ALA A 439 -20.50 -12.06 -19.55
CA ALA A 439 -20.86 -13.05 -18.55
C ALA A 439 -22.26 -12.84 -18.00
N LEU A 440 -22.78 -11.62 -18.06
CA LEU A 440 -24.12 -11.37 -17.54
C LEU A 440 -25.21 -11.88 -18.47
N LEU A 441 -24.91 -12.10 -19.74
CA LEU A 441 -25.91 -12.60 -20.67
C LEU A 441 -26.01 -14.13 -20.66
N ARG A 442 -25.23 -14.80 -19.82
CA ARG A 442 -25.34 -16.25 -19.70
C ARG A 442 -26.76 -16.64 -19.30
N ALA A 443 -27.19 -17.80 -19.80
CA ALA A 443 -28.55 -18.26 -19.53
C ALA A 443 -28.83 -18.32 -18.04
N GLY A 444 -30.01 -17.87 -17.65
CA GLY A 444 -30.45 -17.88 -16.27
C GLY A 444 -30.09 -16.64 -15.48
N ARG A 445 -29.06 -15.90 -15.89
CA ARG A 445 -28.72 -14.65 -15.22
C ARG A 445 -29.66 -13.53 -15.63
N PHE A 446 -29.83 -13.34 -16.94
CA PHE A 446 -30.84 -12.44 -17.50
C PHE A 446 -31.54 -13.19 -18.63
N ASP A 447 -32.84 -13.47 -18.44
CA ASP A 447 -33.55 -14.31 -19.39
C ASP A 447 -33.58 -13.70 -20.78
N LYS A 448 -34.09 -12.47 -20.88
CA LYS A 448 -34.25 -11.82 -22.17
C LYS A 448 -33.63 -10.43 -22.12
N LEU A 449 -33.39 -9.87 -23.29
CA LEU A 449 -32.92 -8.51 -23.45
C LEU A 449 -33.95 -7.76 -24.28
N ILE A 450 -34.64 -6.81 -23.64
CA ILE A 450 -35.71 -6.07 -24.28
C ILE A 450 -35.13 -4.77 -24.83
N TYR A 451 -35.10 -4.65 -26.14
CA TYR A 451 -34.63 -3.42 -26.78
C TYR A 451 -35.75 -2.40 -26.82
N ILE A 452 -35.40 -1.14 -26.60
CA ILE A 452 -36.34 -0.03 -26.64
C ILE A 452 -36.07 0.76 -27.92
N PRO A 453 -36.95 0.69 -28.92
CA PRO A 453 -36.70 1.44 -30.14
C PRO A 453 -36.91 2.92 -29.91
N PRO A 454 -36.22 3.78 -30.65
CA PRO A 454 -36.41 5.22 -30.50
C PRO A 454 -37.85 5.60 -30.74
N PRO A 455 -38.29 6.73 -30.21
CA PRO A 455 -39.70 7.11 -30.38
C PRO A 455 -40.05 7.29 -31.85
N ASP A 456 -41.15 6.67 -32.25
CA ASP A 456 -41.59 6.75 -33.64
C ASP A 456 -42.36 8.05 -33.87
N LYS A 457 -42.23 8.58 -35.10
CA LYS A 457 -42.99 9.77 -35.48
C LYS A 457 -44.46 9.60 -35.14
N GLU A 458 -45.05 8.47 -35.51
CA GLU A 458 -46.42 8.19 -35.12
C GLU A 458 -46.55 8.17 -33.60
N ALA A 459 -45.57 7.59 -32.91
CA ALA A 459 -45.56 7.65 -31.46
C ALA A 459 -45.22 9.04 -30.96
N ARG A 460 -44.46 9.81 -31.72
CA ARG A 460 -44.15 11.18 -31.33
C ARG A 460 -45.42 11.95 -31.00
N LEU A 461 -46.49 11.72 -31.79
CA LEU A 461 -47.75 12.40 -31.53
C LEU A 461 -48.20 12.22 -30.08
N SER A 462 -48.01 11.02 -29.54
CA SER A 462 -48.35 10.78 -28.14
C SER A 462 -47.26 11.30 -27.20
N ILE A 463 -45.99 11.07 -27.55
CA ILE A 463 -44.89 11.46 -26.67
C ILE A 463 -44.96 12.95 -26.33
N LEU A 464 -45.41 13.76 -27.28
CA LEU A 464 -45.35 15.21 -27.10
C LEU A 464 -46.43 15.71 -26.15
N LYS A 465 -47.67 15.25 -26.33
CA LYS A 465 -48.77 15.74 -25.51
C LYS A 465 -48.53 15.41 -24.04
N VAL A 466 -48.16 14.15 -23.76
CA VAL A 466 -47.98 13.73 -22.37
C VAL A 466 -47.00 14.65 -21.64
N HIS A 467 -45.95 15.10 -22.33
CA HIS A 467 -44.95 15.92 -21.65
C HIS A 467 -45.40 17.36 -21.51
N THR A 468 -46.09 17.90 -22.52
CA THR A 468 -46.52 19.28 -22.49
C THR A 468 -47.86 19.49 -21.79
N LYS A 469 -48.47 18.42 -21.28
CA LYS A 469 -49.77 18.56 -20.62
C LYS A 469 -49.74 19.66 -19.57
N ASN A 470 -48.65 19.74 -18.80
CA ASN A 470 -48.51 20.83 -17.83
C ASN A 470 -48.23 22.16 -18.53
N MET A 471 -47.69 22.12 -19.74
CA MET A 471 -47.35 23.34 -20.45
C MET A 471 -48.59 23.98 -21.06
N PRO A 472 -48.81 25.28 -20.86
CA PRO A 472 -49.89 25.96 -21.58
C PRO A 472 -49.55 26.05 -23.06
N LEU A 473 -50.55 25.77 -23.90
CA LEU A 473 -50.34 25.68 -25.33
C LEU A 473 -51.27 26.66 -26.04
N ALA A 474 -50.92 26.96 -27.30
CA ALA A 474 -51.69 27.90 -28.10
C ALA A 474 -52.80 27.19 -28.86
N PRO A 475 -53.87 27.90 -29.19
CA PRO A 475 -54.95 27.24 -29.96
C PRO A 475 -54.53 26.88 -31.37
N ASP A 476 -53.71 27.70 -32.02
CA ASP A 476 -53.30 27.43 -33.39
C ASP A 476 -52.22 26.35 -33.43
N VAL A 477 -51.28 26.38 -32.48
CA VAL A 477 -50.16 25.45 -32.51
C VAL A 477 -50.66 24.02 -32.49
N ASP A 478 -50.10 23.19 -33.36
CA ASP A 478 -50.43 21.78 -33.44
C ASP A 478 -49.19 20.95 -33.13
N LEU A 479 -49.38 19.85 -32.40
CA LEU A 479 -48.25 19.01 -32.00
C LEU A 479 -47.81 18.08 -33.12
N ASN A 480 -48.76 17.48 -33.83
CA ASN A 480 -48.43 16.49 -34.85
C ASN A 480 -47.53 17.06 -35.94
N ASP A 481 -47.50 18.38 -36.11
CA ASP A 481 -46.68 18.96 -37.16
C ASP A 481 -45.22 18.58 -37.00
N ILE A 482 -44.65 18.81 -35.82
CA ILE A 482 -43.24 18.48 -35.59
C ILE A 482 -43.01 16.99 -35.75
N ALA A 483 -44.00 16.17 -35.40
CA ALA A 483 -43.85 14.73 -35.53
C ALA A 483 -43.61 14.34 -36.98
N GLN A 484 -44.49 14.77 -37.89
CA GLN A 484 -44.36 14.45 -39.30
C GLN A 484 -43.10 15.05 -39.92
N ARG A 485 -42.42 15.96 -39.23
CA ARG A 485 -41.26 16.62 -39.80
C ARG A 485 -40.00 15.76 -39.73
N THR A 486 -39.77 15.10 -38.59
CA THR A 486 -38.48 14.47 -38.33
C THR A 486 -38.67 13.12 -37.66
N GLU A 487 -37.99 12.11 -38.18
CA GLU A 487 -38.04 10.75 -37.65
C GLU A 487 -36.88 10.43 -36.72
N GLY A 488 -35.96 11.36 -36.48
CA GLY A 488 -34.71 11.04 -35.82
C GLY A 488 -34.58 11.40 -34.37
N TYR A 489 -35.53 12.14 -33.81
CA TYR A 489 -35.42 12.62 -32.44
C TYR A 489 -35.89 11.57 -31.44
N VAL A 490 -35.17 11.48 -30.32
CA VAL A 490 -35.50 10.55 -29.25
C VAL A 490 -36.53 11.22 -28.35
N GLY A 491 -36.80 10.62 -27.20
CA GLY A 491 -37.61 11.27 -26.19
C GLY A 491 -36.80 12.26 -25.38
N ALA A 492 -35.54 11.93 -25.10
CA ALA A 492 -34.70 12.78 -24.26
C ALA A 492 -34.41 14.11 -24.94
N ASP A 493 -34.11 14.08 -26.24
CA ASP A 493 -33.85 15.32 -26.96
C ASP A 493 -35.12 16.16 -27.06
N LEU A 494 -36.22 15.55 -27.49
CA LEU A 494 -37.49 16.27 -27.52
C LEU A 494 -37.83 16.80 -26.14
N GLU A 495 -37.40 16.11 -25.09
CA GLU A 495 -37.50 16.65 -23.75
C GLU A 495 -37.01 18.09 -23.71
N ASN A 496 -35.71 18.28 -23.99
CA ASN A 496 -35.16 19.63 -24.08
C ASN A 496 -35.83 20.43 -25.19
N LEU A 497 -36.28 19.76 -26.26
CA LEU A 497 -36.92 20.47 -27.36
C LEU A 497 -38.10 21.30 -26.87
N CYS A 498 -39.08 20.62 -26.24
CA CYS A 498 -40.15 21.36 -25.59
C CYS A 498 -39.58 22.35 -24.59
N ARG A 499 -38.49 21.98 -23.94
CA ARG A 499 -37.82 22.88 -23.01
C ARG A 499 -37.40 24.17 -23.71
N GLU A 500 -36.57 24.04 -24.74
CA GLU A 500 -36.07 25.23 -25.43
C GLU A 500 -37.21 26.07 -25.99
N ALA A 501 -38.32 25.43 -26.37
CA ALA A 501 -39.46 26.18 -26.87
C ALA A 501 -39.88 27.25 -25.89
N GLY A 502 -39.95 26.91 -24.60
CA GLY A 502 -40.28 27.90 -23.60
C GLY A 502 -39.35 29.10 -23.65
N MET A 503 -38.05 28.85 -23.76
CA MET A 503 -37.09 29.94 -23.90
C MET A 503 -37.39 30.79 -25.11
N ASN A 504 -37.64 30.15 -26.25
CA ASN A 504 -38.00 30.89 -27.46
C ASN A 504 -39.23 31.75 -27.20
N ALA A 505 -40.32 31.13 -26.76
CA ALA A 505 -41.52 31.90 -26.43
C ALA A 505 -41.22 32.98 -25.39
N TYR A 506 -40.39 32.65 -24.41
CA TYR A 506 -40.01 33.64 -23.40
C TYR A 506 -39.13 34.74 -23.99
N ARG A 507 -38.26 34.38 -24.94
CA ARG A 507 -37.33 35.35 -25.49
C ARG A 507 -38.07 36.51 -26.15
N GLU A 508 -39.09 36.19 -26.95
CA GLU A 508 -39.87 37.24 -27.60
C GLU A 508 -40.60 38.10 -26.57
N ASN A 509 -41.40 37.47 -25.73
CA ASN A 509 -42.25 38.18 -24.78
C ASN A 509 -41.68 38.04 -23.37
N PRO A 510 -41.44 39.15 -22.66
CA PRO A 510 -40.91 39.03 -21.30
C PRO A 510 -41.78 38.20 -20.38
N ASP A 511 -43.09 38.41 -20.39
CA ASP A 511 -44.00 37.61 -19.58
C ASP A 511 -44.46 36.39 -20.36
N ALA A 512 -44.61 35.27 -19.66
CA ALA A 512 -44.88 34.00 -20.32
C ALA A 512 -46.25 34.01 -20.99
N THR A 513 -46.30 33.45 -22.19
CA THR A 513 -47.52 33.34 -22.96
C THR A 513 -47.54 31.98 -23.66
N SER A 514 -48.70 31.62 -24.20
CA SER A 514 -48.83 30.35 -24.91
C SER A 514 -47.76 30.23 -25.99
N VAL A 515 -47.18 29.04 -26.09
CA VAL A 515 -46.13 28.81 -27.07
C VAL A 515 -46.70 28.87 -28.49
N SER A 516 -45.82 29.10 -29.45
CA SER A 516 -46.20 29.20 -30.85
C SER A 516 -45.45 28.15 -31.66
N GLN A 517 -46.05 27.76 -32.79
CA GLN A 517 -45.40 26.79 -33.68
C GLN A 517 -44.01 27.26 -34.07
N LYS A 518 -43.86 28.55 -34.40
CA LYS A 518 -42.54 29.07 -34.72
C LYS A 518 -41.56 28.85 -33.58
N ASN A 519 -42.02 28.97 -32.34
CA ASN A 519 -41.16 28.72 -31.19
C ASN A 519 -40.55 27.32 -31.23
N PHE A 520 -41.22 26.36 -31.86
CA PHE A 520 -40.64 25.04 -32.01
C PHE A 520 -39.66 24.97 -33.18
N LEU A 521 -40.00 25.60 -34.30
CA LEU A 521 -39.15 25.51 -35.49
C LEU A 521 -37.75 26.03 -35.20
N ASP A 522 -37.64 27.28 -34.75
CA ASP A 522 -36.34 27.83 -34.41
C ASP A 522 -35.60 26.91 -33.44
N ALA A 523 -36.31 26.38 -32.44
CA ALA A 523 -35.69 25.39 -31.56
C ALA A 523 -35.56 24.05 -32.24
N LEU A 524 -36.50 23.70 -33.13
CA LEU A 524 -36.40 22.44 -33.85
C LEU A 524 -35.03 22.27 -34.50
N LYS A 525 -34.54 23.33 -35.14
CA LYS A 525 -33.19 23.31 -35.68
C LYS A 525 -32.14 23.65 -34.63
N THR A 526 -32.57 24.04 -33.42
CA THR A 526 -31.61 24.35 -32.36
C THR A 526 -30.92 23.10 -31.82
N ILE A 527 -31.62 21.96 -31.82
CA ILE A 527 -31.06 20.70 -31.36
C ILE A 527 -31.42 19.62 -32.37
N ARG A 528 -30.42 19.02 -32.98
CA ARG A 528 -30.68 17.98 -33.96
C ARG A 528 -30.86 16.63 -33.28
N PRO A 529 -31.42 15.65 -33.99
CA PRO A 529 -31.69 14.35 -33.37
C PRO A 529 -30.41 13.72 -32.82
N SER A 530 -30.49 13.21 -31.59
CA SER A 530 -29.40 12.47 -31.02
C SER A 530 -29.27 11.07 -31.58
N VAL A 531 -30.22 10.64 -32.41
CA VAL A 531 -30.22 9.30 -32.99
C VAL A 531 -30.46 9.43 -34.49
N ASP A 532 -29.47 9.02 -35.28
CA ASP A 532 -29.59 8.99 -36.73
C ASP A 532 -29.78 7.56 -37.20
N GLU A 533 -29.93 7.39 -38.51
CA GLU A 533 -30.01 6.06 -39.09
C GLU A 533 -28.70 5.28 -38.95
N GLU A 534 -27.63 5.95 -38.55
CA GLU A 534 -26.36 5.26 -38.35
C GLU A 534 -26.35 4.46 -37.05
N VAL A 535 -26.86 5.06 -35.97
CA VAL A 535 -26.84 4.38 -34.68
C VAL A 535 -27.89 3.27 -34.64
N ILE A 536 -29.05 3.49 -35.27
CA ILE A 536 -30.10 2.48 -35.27
C ILE A 536 -29.54 1.15 -35.76
N LYS A 537 -28.72 1.19 -36.81
CA LYS A 537 -28.05 -0.04 -37.26
C LYS A 537 -27.13 -0.59 -36.18
N PHE A 538 -26.46 0.29 -35.44
CA PHE A 538 -25.58 -0.15 -34.37
C PHE A 538 -26.32 -1.09 -33.41
N TYR A 539 -27.47 -0.64 -32.90
CA TYR A 539 -28.25 -1.49 -32.01
C TYR A 539 -28.88 -2.65 -32.78
N ARG A 540 -29.35 -2.40 -34.00
CA ARG A 540 -29.91 -3.47 -34.80
C ARG A 540 -28.93 -4.63 -34.91
N THR A 541 -27.65 -4.33 -35.12
CA THR A 541 -26.63 -5.37 -35.12
C THR A 541 -26.27 -5.76 -33.69
N LEU A 542 -26.12 -4.79 -32.80
CA LEU A 542 -25.82 -5.07 -31.40
C LEU A 542 -26.92 -5.87 -30.72
N SER A 543 -28.10 -5.98 -31.34
CA SER A 543 -29.17 -6.78 -30.78
C SER A 543 -28.83 -8.27 -30.73
N GLU A 544 -27.71 -8.68 -31.32
CA GLU A 544 -27.29 -10.06 -31.34
C GLU A 544 -25.92 -10.19 -30.71
N THR A 545 -25.77 -11.12 -29.78
CA THR A 545 -24.50 -11.33 -29.10
C THR A 545 -24.63 -12.47 -28.09
N GLU B 2 -33.06 -30.51 36.37
CA GLU B 2 -33.49 -30.95 35.04
C GLU B 2 -33.03 -32.38 34.78
N VAL B 3 -33.99 -33.31 34.78
CA VAL B 3 -33.66 -34.71 34.55
C VAL B 3 -33.04 -34.90 33.18
N SER B 4 -33.44 -34.11 32.19
CA SER B 4 -32.89 -34.20 30.85
C SER B 4 -31.63 -33.36 30.77
N ARG B 5 -30.51 -34.02 30.46
CA ARG B 5 -29.21 -33.39 30.38
C ARG B 5 -28.52 -33.80 29.09
N ILE B 6 -27.44 -33.09 28.75
CA ILE B 6 -26.78 -33.30 27.48
C ILE B 6 -26.36 -34.75 27.33
N SER B 7 -26.77 -35.38 26.24
CA SER B 7 -26.46 -36.77 25.95
C SER B 7 -26.20 -36.92 24.46
N TYR B 8 -25.66 -38.08 24.08
CA TYR B 8 -25.31 -38.32 22.68
C TYR B 8 -26.46 -37.96 21.76
N GLU B 9 -27.66 -38.47 22.05
CA GLU B 9 -28.80 -38.30 21.16
C GLU B 9 -29.01 -36.84 20.77
N ASP B 10 -28.58 -35.92 21.64
CA ASP B 10 -28.61 -34.51 21.26
C ASP B 10 -27.83 -34.27 19.97
N ILE B 11 -26.57 -34.67 19.94
CA ILE B 11 -25.75 -34.53 18.75
C ILE B 11 -26.32 -35.40 17.64
N GLY B 12 -26.12 -34.96 16.39
CA GLY B 12 -26.53 -35.73 15.24
C GLY B 12 -25.68 -35.38 14.05
N GLY B 13 -25.57 -36.34 13.12
CA GLY B 13 -24.77 -36.16 11.94
C GLY B 13 -23.28 -36.17 12.18
N LEU B 14 -22.84 -36.18 13.44
CA LEU B 14 -21.44 -36.23 13.81
C LEU B 14 -20.94 -37.65 14.06
N SER B 15 -21.73 -38.63 13.66
CA SER B 15 -21.44 -40.00 14.00
C SER B 15 -20.02 -40.47 13.75
N GLU B 16 -19.41 -40.17 12.61
CA GLU B 16 -18.04 -40.63 12.42
C GLU B 16 -17.10 -39.86 13.37
N GLN B 17 -17.21 -38.54 13.35
CA GLN B 17 -16.36 -37.69 14.18
C GLN B 17 -16.66 -37.86 15.65
N LEU B 18 -17.93 -37.88 15.96
CA LEU B 18 -18.33 -38.02 17.33
C LEU B 18 -17.85 -39.36 17.80
N GLY B 19 -18.00 -40.36 16.95
CA GLY B 19 -17.60 -41.68 17.34
C GLY B 19 -16.13 -41.71 17.65
N LYS B 20 -15.32 -41.12 16.79
CA LYS B 20 -13.90 -41.15 17.03
C LYS B 20 -13.53 -40.44 18.31
N ILE B 21 -14.11 -39.27 18.55
CA ILE B 21 -13.77 -38.54 19.77
C ILE B 21 -14.15 -39.33 21.00
N ARG B 22 -15.34 -39.91 20.95
CA ARG B 22 -15.84 -40.64 22.08
C ARG B 22 -14.95 -41.80 22.34
N GLU B 23 -14.56 -42.46 21.26
CA GLU B 23 -13.72 -43.61 21.41
C GLU B 23 -12.41 -43.21 22.04
N MET B 24 -11.81 -42.12 21.59
CA MET B 24 -10.53 -41.76 22.19
C MET B 24 -10.69 -41.52 23.67
N ILE B 25 -11.70 -40.74 24.05
CA ILE B 25 -11.85 -40.46 25.48
C ILE B 25 -12.16 -41.69 26.33
N GLU B 26 -13.20 -42.40 25.89
CA GLU B 26 -13.70 -43.56 26.61
C GLU B 26 -12.72 -44.71 26.67
N LEU B 27 -12.09 -45.03 25.54
CA LEU B 27 -11.16 -46.15 25.55
C LEU B 27 -10.08 -45.76 26.53
N PRO B 28 -9.60 -44.47 26.37
CA PRO B 28 -8.57 -44.11 27.34
C PRO B 28 -9.19 -44.00 28.74
N LEU B 29 -10.35 -43.37 28.80
CA LEU B 29 -11.05 -43.13 30.05
C LEU B 29 -11.60 -44.30 30.88
N LYS B 30 -12.24 -45.27 30.25
CA LYS B 30 -12.79 -46.39 31.02
C LYS B 30 -11.65 -47.12 31.67
N HIS B 31 -10.59 -47.24 30.90
CA HIS B 31 -9.37 -47.93 31.28
C HIS B 31 -8.23 -47.56 30.35
N PRO B 32 -7.03 -47.34 30.88
CA PRO B 32 -5.87 -47.11 30.01
C PRO B 32 -5.37 -48.37 29.30
N GLU B 33 -5.77 -49.55 29.76
CA GLU B 33 -5.14 -50.78 29.31
C GLU B 33 -5.09 -50.90 27.80
N LEU B 34 -6.11 -50.39 27.10
CA LEU B 34 -6.11 -50.48 25.64
C LEU B 34 -4.93 -49.72 25.03
N PHE B 35 -4.82 -48.43 25.32
CA PHE B 35 -3.70 -47.65 24.81
C PHE B 35 -2.43 -47.93 25.61
N GLU B 36 -2.56 -48.16 26.92
CA GLU B 36 -1.39 -48.47 27.74
C GLU B 36 -0.57 -49.60 27.14
N ARG B 37 -1.22 -50.58 26.52
CA ARG B 37 -0.51 -51.74 26.00
C ARG B 37 0.11 -51.45 24.63
N LEU B 38 -0.62 -50.75 23.75
CA LEU B 38 -0.15 -50.47 22.41
C LEU B 38 -0.27 -48.98 22.12
N GLY B 39 0.75 -48.41 21.51
CA GLY B 39 0.75 -46.99 21.20
C GLY B 39 0.93 -46.14 22.44
N ILE B 40 1.13 -44.84 22.25
CA ILE B 40 1.33 -43.93 23.38
C ILE B 40 -0.01 -43.68 24.08
N THR B 41 0.06 -43.21 25.31
CA THR B 41 -1.15 -42.80 26.01
C THR B 41 -1.88 -41.76 25.17
N PRO B 42 -3.18 -41.63 25.36
CA PRO B 42 -3.96 -40.69 24.55
C PRO B 42 -3.41 -39.29 24.70
N PRO B 43 -3.33 -38.52 23.62
CA PRO B 43 -2.85 -37.14 23.72
C PRO B 43 -3.75 -36.32 24.64
N LYS B 44 -3.13 -35.63 25.59
CA LYS B 44 -3.90 -34.86 26.56
C LYS B 44 -4.68 -33.75 25.88
N GLY B 45 -4.00 -32.91 25.11
CA GLY B 45 -4.68 -31.82 24.42
C GLY B 45 -5.30 -32.27 23.11
N VAL B 46 -6.47 -31.70 22.81
CA VAL B 46 -7.14 -31.91 21.54
C VAL B 46 -7.91 -30.64 21.20
N ILE B 47 -7.88 -30.28 19.92
CA ILE B 47 -8.58 -29.09 19.43
C ILE B 47 -9.68 -29.53 18.49
N LEU B 48 -10.88 -29.00 18.70
CA LEU B 48 -12.02 -29.29 17.84
C LEU B 48 -12.30 -28.06 17.00
N TYR B 49 -11.88 -28.18 15.74
CA TYR B 49 -11.94 -27.12 14.75
C TYR B 49 -13.17 -27.35 13.93
N GLY B 50 -14.03 -26.35 13.91
CA GLY B 50 -15.27 -26.43 13.17
C GLY B 50 -15.77 -25.04 12.86
N PRO B 51 -16.73 -24.95 11.88
CA PRO B 51 -17.21 -23.59 11.62
C PRO B 51 -18.00 -23.17 12.85
N PRO B 52 -18.15 -21.81 13.05
CA PRO B 52 -18.88 -21.47 14.29
C PRO B 52 -20.31 -21.95 14.28
N GLY B 53 -20.87 -22.16 15.46
CA GLY B 53 -22.24 -22.63 15.58
C GLY B 53 -22.48 -23.98 14.95
N THR B 54 -21.51 -24.87 15.10
CA THR B 54 -21.60 -26.23 14.59
C THR B 54 -21.86 -27.26 15.67
N GLY B 55 -21.91 -26.85 16.93
CA GLY B 55 -22.16 -27.77 18.03
C GLY B 55 -20.94 -28.18 18.83
N LYS B 56 -19.77 -27.60 18.54
CA LYS B 56 -18.58 -28.05 19.23
C LYS B 56 -18.73 -27.88 20.71
N THR B 57 -19.36 -26.79 21.12
CA THR B 57 -19.54 -26.55 22.52
C THR B 57 -20.33 -27.70 23.09
N LEU B 58 -21.37 -28.09 22.37
CA LEU B 58 -22.20 -29.18 22.85
C LEU B 58 -21.44 -30.48 22.96
N ILE B 59 -20.52 -30.75 22.07
CA ILE B 59 -19.84 -32.04 22.10
C ILE B 59 -19.20 -32.43 23.43
N ALA B 60 -18.55 -31.48 24.09
CA ALA B 60 -17.86 -31.79 25.33
C ALA B 60 -18.75 -32.33 26.44
N ARG B 61 -19.94 -31.78 26.61
CA ARG B 61 -20.80 -32.23 27.68
C ARG B 61 -21.19 -33.70 27.51
N ALA B 62 -21.50 -34.05 26.26
CA ALA B 62 -21.87 -35.42 25.96
C ALA B 62 -20.69 -36.31 26.24
N VAL B 63 -19.50 -35.85 25.83
CA VAL B 63 -18.33 -36.67 26.06
C VAL B 63 -18.17 -36.91 27.54
N ALA B 64 -18.41 -35.88 28.33
CA ALA B 64 -18.28 -35.99 29.78
C ALA B 64 -19.25 -36.99 30.42
N ASN B 65 -20.48 -37.00 29.94
CA ASN B 65 -21.49 -37.96 30.39
C ASN B 65 -21.19 -39.39 29.90
N GLU B 66 -20.42 -39.52 28.81
CA GLU B 66 -20.11 -40.83 28.22
C GLU B 66 -19.41 -41.84 29.13
N SER B 67 -18.37 -41.43 29.85
CA SER B 67 -17.72 -42.35 30.77
C SER B 67 -18.02 -42.03 32.23
N GLY B 68 -18.79 -40.97 32.50
CA GLY B 68 -19.05 -40.57 33.86
C GLY B 68 -17.94 -39.79 34.53
N ALA B 69 -16.86 -39.51 33.81
CA ALA B 69 -15.77 -38.73 34.39
C ALA B 69 -16.27 -37.37 34.85
N ASN B 70 -15.66 -36.86 35.91
CA ASN B 70 -16.11 -35.59 36.48
C ASN B 70 -16.05 -34.49 35.44
N PHE B 71 -17.18 -33.80 35.26
CA PHE B 71 -17.27 -32.74 34.27
C PHE B 71 -16.71 -31.44 34.83
N LEU B 72 -16.00 -30.71 33.96
CA LEU B 72 -15.42 -29.39 34.22
C LEU B 72 -15.53 -28.73 32.85
N SER B 73 -15.82 -27.44 32.76
CA SER B 73 -15.89 -26.76 31.45
C SER B 73 -15.18 -25.41 31.68
N ILE B 74 -14.14 -25.04 30.94
CA ILE B 74 -13.50 -23.73 31.16
C ILE B 74 -13.59 -22.93 29.82
N ASN B 75 -14.08 -21.70 29.88
CA ASN B 75 -14.26 -20.89 28.67
C ASN B 75 -13.34 -19.68 28.51
N GLY B 76 -12.87 -19.46 27.30
CA GLY B 76 -11.94 -18.39 26.99
C GLY B 76 -12.52 -17.04 27.34
N PRO B 77 -13.88 -16.91 27.15
CA PRO B 77 -14.40 -15.58 27.48
C PRO B 77 -14.17 -15.24 28.96
N GLU B 78 -14.41 -16.20 29.84
CA GLU B 78 -14.22 -15.95 31.26
C GLU B 78 -12.89 -16.46 31.81
N ILE B 79 -12.05 -17.04 30.96
CA ILE B 79 -10.78 -17.55 31.44
C ILE B 79 -10.01 -16.41 32.05
N MET B 80 -10.00 -15.30 31.33
CA MET B 80 -9.30 -14.13 31.81
C MET B 80 -10.30 -13.14 32.37
N SER B 81 -11.57 -13.54 32.40
CA SER B 81 -12.59 -12.63 32.92
C SER B 81 -12.08 -11.86 34.13
N LYS B 82 -11.77 -12.57 35.21
CA LYS B 82 -11.46 -11.91 36.47
C LYS B 82 -10.24 -11.00 36.32
N TYR B 83 -10.14 -10.03 37.22
CA TYR B 83 -9.15 -8.97 37.09
C TYR B 83 -7.75 -9.55 36.99
N TYR B 84 -6.90 -8.85 36.23
CA TYR B 84 -5.56 -9.34 35.94
C TYR B 84 -4.75 -9.54 37.21
N GLY B 85 -3.85 -10.52 37.17
CA GLY B 85 -3.05 -10.93 38.29
C GLY B 85 -3.68 -12.02 39.13
N GLN B 86 -5.01 -12.11 39.13
CA GLN B 86 -5.71 -13.29 39.62
C GLN B 86 -6.15 -14.20 38.48
N SER B 87 -5.94 -13.83 37.22
CA SER B 87 -6.33 -14.71 36.14
C SER B 87 -5.52 -16.02 36.06
N GLU B 88 -4.20 -15.88 36.19
CA GLU B 88 -3.26 -16.99 36.11
C GLU B 88 -3.49 -18.02 37.20
N GLN B 89 -3.78 -17.52 38.39
CA GLN B 89 -4.02 -18.38 39.52
C GLN B 89 -5.23 -19.23 39.20
N LYS B 90 -6.24 -18.61 38.61
CA LYS B 90 -7.45 -19.34 38.27
C LYS B 90 -7.14 -20.42 37.24
N LEU B 91 -6.34 -20.09 36.24
CA LEU B 91 -6.04 -21.11 35.23
C LEU B 91 -5.37 -22.29 35.91
N ARG B 92 -4.42 -22.05 36.80
CA ARG B 92 -3.70 -23.18 37.44
C ARG B 92 -4.59 -24.11 38.29
N GLU B 93 -5.55 -23.46 38.92
CA GLU B 93 -6.45 -24.07 39.86
C GLU B 93 -7.22 -25.23 39.24
N ILE B 94 -7.64 -25.09 38.01
CA ILE B 94 -8.41 -26.15 37.34
C ILE B 94 -7.58 -27.42 37.16
N PHE B 95 -6.32 -27.23 36.79
CA PHE B 95 -5.41 -28.34 36.60
C PHE B 95 -5.26 -29.02 37.94
N SER B 96 -5.14 -28.21 38.97
CA SER B 96 -4.99 -28.77 40.32
C SER B 96 -6.21 -29.61 40.68
N LYS B 97 -7.36 -29.08 40.32
CA LYS B 97 -8.67 -29.67 40.55
C LYS B 97 -8.89 -31.03 39.88
N ALA B 98 -8.28 -31.23 38.72
CA ALA B 98 -8.51 -32.51 38.02
C ALA B 98 -8.14 -33.84 38.70
N GLU B 99 -7.04 -33.87 39.43
CA GLU B 99 -6.51 -35.07 40.08
C GLU B 99 -7.45 -35.56 41.18
N GLU B 100 -8.03 -34.64 41.96
CA GLU B 100 -8.90 -35.03 43.06
C GLU B 100 -9.99 -35.97 42.59
N THR B 101 -10.70 -35.59 41.53
CA THR B 101 -11.78 -36.40 40.97
C THR B 101 -11.32 -37.32 39.85
N ALA B 102 -10.01 -37.36 39.56
CA ALA B 102 -9.49 -38.20 38.50
C ALA B 102 -9.95 -39.65 38.67
N PRO B 103 -10.31 -40.30 37.56
CA PRO B 103 -10.27 -39.71 36.22
C PRO B 103 -11.29 -38.59 36.05
N SER B 104 -10.84 -37.46 35.49
CA SER B 104 -11.70 -36.31 35.26
C SER B 104 -11.44 -35.77 33.86
N ILE B 105 -12.31 -34.87 33.42
CA ILE B 105 -12.25 -34.28 32.09
C ILE B 105 -11.97 -32.79 32.25
N ILE B 106 -10.81 -32.35 31.77
CA ILE B 106 -10.53 -30.93 31.68
C ILE B 106 -11.21 -30.38 30.44
N PHE B 107 -12.12 -29.43 30.63
CA PHE B 107 -13.06 -29.02 29.60
C PHE B 107 -13.08 -27.51 29.48
N ILE B 108 -12.70 -27.00 28.32
CA ILE B 108 -12.81 -25.59 28.00
C ILE B 108 -13.11 -25.46 26.52
N ASP B 109 -13.91 -24.46 26.16
CA ASP B 109 -14.37 -24.31 24.79
C ASP B 109 -14.26 -22.87 24.33
N GLU B 110 -14.38 -22.68 23.02
CA GLU B 110 -14.35 -21.37 22.40
C GLU B 110 -13.16 -20.56 22.90
N ILE B 111 -11.97 -21.13 22.75
CA ILE B 111 -10.76 -20.55 23.30
C ILE B 111 -10.03 -19.84 22.17
N ASP B 112 -10.19 -18.52 22.10
CA ASP B 112 -9.21 -17.64 21.49
C ASP B 112 -8.39 -16.88 22.51
N SER B 113 -8.74 -16.99 23.80
CA SER B 113 -8.18 -16.08 24.80
C SER B 113 -6.78 -16.47 25.21
N ILE B 114 -6.56 -17.75 25.53
CA ILE B 114 -5.24 -18.19 25.97
C ILE B 114 -4.22 -17.96 24.86
N ALA B 115 -4.64 -18.12 23.61
CA ALA B 115 -3.82 -17.85 22.44
C ALA B 115 -4.57 -16.89 21.54
N PRO B 116 -4.69 -15.63 21.94
CA PRO B 116 -5.41 -14.66 21.10
C PRO B 116 -4.84 -14.57 19.70
N LYS B 117 -3.52 -14.53 19.58
CA LYS B 117 -2.87 -14.52 18.28
C LYS B 117 -1.49 -15.12 18.43
N ARG B 118 -0.99 -15.78 17.39
CA ARG B 118 0.29 -16.43 17.55
C ARG B 118 1.47 -15.49 17.78
N GLU B 119 1.62 -14.49 16.90
CA GLU B 119 2.71 -13.52 17.00
C GLU B 119 2.27 -12.05 17.00
N GLU B 120 0.99 -11.82 16.74
CA GLU B 120 0.41 -10.48 16.68
C GLU B 120 0.17 -9.77 18.02
N VAL B 121 -0.25 -10.51 19.04
CA VAL B 121 -0.54 -9.90 20.34
C VAL B 121 0.59 -10.02 21.37
N GLN B 122 1.02 -8.87 21.88
CA GLN B 122 2.09 -8.81 22.87
C GLN B 122 1.59 -8.53 24.29
N GLY B 123 0.28 -8.54 24.50
CA GLY B 123 -0.23 -8.25 25.83
C GLY B 123 0.25 -9.26 26.85
N GLU B 124 0.70 -8.75 27.99
CA GLU B 124 1.19 -9.61 29.07
C GLU B 124 0.08 -10.49 29.61
N VAL B 125 -1.10 -9.94 29.86
CA VAL B 125 -2.11 -10.81 30.42
C VAL B 125 -2.28 -11.92 29.41
N GLU B 126 -2.30 -11.55 28.14
CA GLU B 126 -2.43 -12.53 27.08
C GLU B 126 -1.22 -13.46 27.15
N ARG B 127 -0.02 -12.89 27.25
CA ARG B 127 1.18 -13.70 27.29
C ARG B 127 1.32 -14.62 28.49
N ARG B 128 0.98 -14.13 29.69
CA ARG B 128 1.14 -14.95 30.90
C ARG B 128 0.31 -16.21 30.83
N VAL B 129 -0.94 -16.06 30.40
CA VAL B 129 -1.79 -17.21 30.30
C VAL B 129 -1.23 -18.16 29.27
N VAL B 130 -0.69 -17.61 28.19
CA VAL B 130 -0.16 -18.46 27.15
C VAL B 130 0.92 -19.33 27.74
N ALA B 131 1.80 -18.70 28.49
CA ALA B 131 2.89 -19.44 29.08
C ALA B 131 2.42 -20.50 30.06
N GLN B 132 1.46 -20.14 30.90
CA GLN B 132 1.00 -21.11 31.88
C GLN B 132 0.38 -22.29 31.17
N LEU B 133 -0.34 -22.00 30.11
CA LEU B 133 -1.00 -23.05 29.36
C LEU B 133 0.01 -23.98 28.76
N LEU B 134 1.06 -23.43 28.18
CA LEU B 134 2.06 -24.30 27.59
C LEU B 134 2.61 -25.17 28.69
N THR B 135 2.93 -24.56 29.82
CA THR B 135 3.46 -25.35 30.92
C THR B 135 2.47 -26.33 31.53
N LEU B 136 1.23 -25.89 31.80
CA LEU B 136 0.29 -26.84 32.38
C LEU B 136 0.30 -28.02 31.47
N MET B 137 0.29 -27.74 30.18
CA MET B 137 0.39 -28.84 29.22
C MET B 137 1.62 -29.58 29.68
N ASP B 138 2.61 -28.79 30.08
CA ASP B 138 3.85 -29.33 30.59
C ASP B 138 3.58 -29.96 31.95
N GLY B 139 2.79 -29.28 32.78
CA GLY B 139 2.53 -29.86 34.09
C GLY B 139 1.71 -31.12 34.04
N MET B 140 1.02 -31.36 32.93
CA MET B 140 0.23 -32.58 32.78
C MET B 140 1.16 -33.79 32.77
N LYS B 141 0.73 -34.89 33.38
CA LYS B 141 1.59 -36.07 33.42
C LYS B 141 0.88 -37.31 32.88
N GLU B 142 1.65 -38.28 32.41
CA GLU B 142 1.10 -39.46 31.76
C GLU B 142 0.10 -40.28 32.56
N ARG B 143 0.34 -40.42 33.85
CA ARG B 143 -0.57 -41.20 34.67
C ARG B 143 -1.97 -40.60 34.69
N GLY B 144 -2.06 -39.28 34.70
CA GLY B 144 -3.34 -38.62 34.79
C GLY B 144 -4.42 -38.89 33.76
N HIS B 145 -5.61 -39.16 34.26
CA HIS B 145 -6.76 -39.38 33.42
C HIS B 145 -7.33 -37.95 33.32
N VAL B 146 -6.68 -37.09 32.54
CA VAL B 146 -7.13 -35.70 32.36
C VAL B 146 -7.19 -35.51 30.83
N ILE B 147 -8.28 -35.01 30.27
CA ILE B 147 -8.32 -34.79 28.80
C ILE B 147 -8.62 -33.29 28.60
N VAL B 148 -7.84 -32.62 27.77
CA VAL B 148 -7.99 -31.18 27.50
C VAL B 148 -8.62 -30.99 26.12
N ILE B 149 -9.61 -30.11 25.98
CA ILE B 149 -10.30 -29.90 24.72
C ILE B 149 -10.51 -28.42 24.32
N GLY B 150 -10.96 -28.15 23.10
CA GLY B 150 -11.14 -26.75 22.75
C GLY B 150 -11.69 -26.61 21.35
N ALA B 151 -12.30 -25.46 21.11
CA ALA B 151 -12.86 -25.11 19.81
C ALA B 151 -12.53 -23.66 19.49
N THR B 152 -12.46 -23.39 18.19
CA THR B 152 -12.14 -22.07 17.72
C THR B 152 -12.67 -21.87 16.32
N ASN B 153 -12.99 -20.63 16.01
CA ASN B 153 -13.46 -20.28 14.69
C ASN B 153 -12.41 -20.48 13.62
N ARG B 154 -11.19 -20.04 13.92
CA ARG B 154 -10.08 -20.10 12.98
C ARG B 154 -9.17 -21.25 13.28
N ILE B 155 -8.81 -22.02 12.27
CA ILE B 155 -7.96 -23.16 12.59
C ILE B 155 -6.58 -22.68 13.00
N ASP B 156 -5.92 -21.87 12.16
CA ASP B 156 -4.59 -21.39 12.46
C ASP B 156 -4.60 -20.22 13.45
N ALA B 157 -5.77 -19.70 13.80
CA ALA B 157 -5.83 -18.60 14.75
C ALA B 157 -5.13 -18.94 16.06
N ILE B 158 -5.11 -20.22 16.43
CA ILE B 158 -4.44 -20.64 17.66
C ILE B 158 -2.93 -20.53 17.47
N ASP B 159 -2.18 -20.47 18.56
CA ASP B 159 -0.72 -20.40 18.43
C ASP B 159 -0.14 -21.56 17.65
N PRO B 160 0.87 -21.21 16.77
CA PRO B 160 1.47 -22.32 16.02
C PRO B 160 2.20 -23.30 16.92
N ALA B 161 2.85 -22.79 17.95
CA ALA B 161 3.65 -23.61 18.84
C ALA B 161 2.86 -24.73 19.51
N LEU B 162 1.62 -24.45 19.88
CA LEU B 162 0.82 -25.46 20.53
C LEU B 162 0.66 -26.63 19.58
N ARG B 163 0.82 -26.36 18.31
CA ARG B 163 0.70 -27.38 17.28
C ARG B 163 1.71 -28.54 17.34
N ARG B 164 2.95 -28.30 17.74
CA ARG B 164 3.92 -29.40 17.77
C ARG B 164 3.36 -30.48 18.69
N PRO B 165 3.74 -31.77 18.36
CA PRO B 165 3.14 -32.83 19.19
C PRO B 165 3.57 -32.80 20.63
N GLY B 166 2.83 -33.54 21.45
CA GLY B 166 3.05 -33.60 22.88
C GLY B 166 2.15 -32.60 23.56
N ARG B 167 1.47 -31.82 22.73
CA ARG B 167 0.50 -30.82 23.11
C ARG B 167 -0.44 -30.65 21.92
N PHE B 168 -1.74 -30.86 22.10
CA PHE B 168 -2.66 -30.71 20.97
C PHE B 168 -2.24 -31.62 19.80
N ASP B 169 -1.73 -32.81 20.09
CA ASP B 169 -1.27 -33.67 19.00
C ASP B 169 -2.39 -34.07 18.05
N ARG B 170 -3.53 -34.47 18.59
CA ARG B 170 -4.62 -34.88 17.69
C ARG B 170 -5.76 -33.88 17.63
N GLU B 171 -6.12 -33.48 16.41
CA GLU B 171 -7.21 -32.53 16.23
C GLU B 171 -8.24 -33.08 15.26
N ILE B 172 -9.51 -32.96 15.60
CA ILE B 172 -10.57 -33.40 14.73
C ILE B 172 -11.49 -32.21 14.54
N GLU B 173 -11.82 -31.85 13.30
CA GLU B 173 -12.69 -30.70 13.10
C GLU B 173 -14.02 -31.15 12.51
N ILE B 174 -15.10 -30.70 13.12
CA ILE B 174 -16.44 -31.09 12.66
C ILE B 174 -16.99 -29.94 11.82
N GLY B 175 -17.39 -30.25 10.58
CA GLY B 175 -17.92 -29.27 9.67
C GLY B 175 -19.44 -29.25 9.67
N VAL B 176 -19.98 -28.61 8.63
CA VAL B 176 -21.42 -28.49 8.46
C VAL B 176 -22.02 -29.90 8.46
N PRO B 177 -23.23 -30.07 8.96
CA PRO B 177 -23.85 -31.40 8.94
C PRO B 177 -24.30 -31.79 7.54
N ASP B 178 -24.37 -33.09 7.31
CA ASP B 178 -24.80 -33.60 6.02
C ASP B 178 -26.31 -33.43 5.85
N ARG B 179 -26.75 -33.47 4.59
CA ARG B 179 -28.18 -33.34 4.30
C ARG B 179 -29.00 -34.28 5.17
N ASN B 180 -28.63 -35.56 5.20
CA ASN B 180 -29.27 -36.48 6.12
C ASN B 180 -28.96 -36.13 7.57
N GLY B 181 -27.75 -35.61 7.82
CA GLY B 181 -27.41 -35.18 9.17
C GLY B 181 -28.26 -34.02 9.64
N ARG B 182 -28.56 -33.08 8.73
CA ARG B 182 -29.42 -31.97 9.09
C ARG B 182 -30.72 -32.45 9.73
N LYS B 183 -31.24 -33.58 9.25
CA LYS B 183 -32.48 -34.12 9.81
C LYS B 183 -32.33 -34.38 11.30
N GLU B 184 -31.26 -35.07 11.69
CA GLU B 184 -31.04 -35.38 13.10
C GLU B 184 -31.18 -34.13 13.96
N ILE B 185 -30.50 -33.06 13.57
CA ILE B 185 -30.58 -31.81 14.33
C ILE B 185 -32.03 -31.32 14.39
N LEU B 186 -32.63 -31.11 13.21
CA LEU B 186 -34.00 -30.64 13.17
C LEU B 186 -34.96 -31.65 13.75
N MET B 187 -34.62 -32.94 13.70
CA MET B 187 -35.51 -33.97 14.21
C MET B 187 -35.57 -33.95 15.74
N ILE B 188 -34.42 -33.90 16.40
CA ILE B 188 -34.39 -33.98 17.86
C ILE B 188 -35.18 -32.84 18.47
N HIS B 189 -34.91 -31.60 18.03
CA HIS B 189 -35.63 -30.47 18.58
C HIS B 189 -37.13 -30.60 18.40
N THR B 190 -37.59 -31.41 17.45
CA THR B 190 -39.02 -31.63 17.27
C THR B 190 -39.66 -32.26 18.50
N ARG B 191 -38.87 -32.88 19.37
CA ARG B 191 -39.47 -33.53 20.52
C ARG B 191 -40.23 -32.55 21.37
N ASN B 192 -39.61 -31.43 21.70
CA ASN B 192 -40.32 -30.42 22.45
C ASN B 192 -41.34 -29.84 21.51
N MET B 193 -40.91 -29.70 20.26
CA MET B 193 -41.74 -29.17 19.22
C MET B 193 -42.96 -30.07 19.16
N PRO B 194 -44.18 -29.44 19.08
CA PRO B 194 -45.33 -30.35 19.04
C PRO B 194 -46.08 -30.29 17.71
N LEU B 195 -46.35 -31.47 17.14
CA LEU B 195 -47.08 -31.52 15.87
C LEU B 195 -48.47 -32.16 15.93
N GLY B 196 -48.85 -32.73 17.07
CA GLY B 196 -50.18 -33.29 17.21
C GLY B 196 -50.26 -34.78 16.94
N MET B 197 -49.29 -35.35 16.24
CA MET B 197 -49.30 -36.76 15.92
C MET B 197 -47.87 -37.22 15.63
N SER B 198 -47.66 -38.53 15.69
CA SER B 198 -46.35 -39.08 15.33
C SER B 198 -45.89 -38.52 13.99
N GLU B 199 -46.79 -38.48 13.01
CA GLU B 199 -46.56 -37.75 11.78
C GLU B 199 -45.25 -38.15 11.11
N GLU B 200 -45.11 -39.46 10.87
CA GLU B 200 -43.97 -39.94 10.11
C GLU B 200 -43.84 -39.19 8.79
N GLU B 201 -44.97 -38.76 8.21
CA GLU B 201 -44.92 -37.88 7.04
C GLU B 201 -44.20 -36.58 7.37
N LYS B 202 -44.59 -35.92 8.45
CA LYS B 202 -43.86 -34.74 8.91
C LYS B 202 -42.39 -35.06 9.08
N ASN B 203 -42.09 -36.18 9.76
CA ASN B 203 -40.71 -36.66 9.80
C ASN B 203 -40.13 -36.73 8.40
N LYS B 204 -40.87 -37.36 7.48
CA LYS B 204 -40.50 -37.28 6.07
C LYS B 204 -40.53 -35.84 5.58
N PHE B 205 -41.50 -35.06 6.07
CA PHE B 205 -41.50 -33.62 5.80
C PHE B 205 -40.23 -32.97 6.32
N LEU B 206 -39.90 -33.22 7.60
CA LEU B 206 -38.64 -32.75 8.13
C LEU B 206 -37.48 -33.24 7.28
N GLU B 207 -37.56 -34.46 6.76
CA GLU B 207 -36.55 -34.95 5.85
C GLU B 207 -36.29 -33.96 4.72
N GLU B 208 -37.34 -33.55 4.03
CA GLU B 208 -37.19 -32.58 2.94
C GLU B 208 -36.93 -31.17 3.46
N MET B 209 -37.34 -30.87 4.70
CA MET B 209 -37.16 -29.52 5.23
C MET B 209 -35.72 -29.07 5.06
N ALA B 210 -34.76 -29.94 5.38
CA ALA B 210 -33.36 -29.60 5.15
C ALA B 210 -33.02 -29.62 3.67
N ASP B 211 -33.62 -30.54 2.90
CA ASP B 211 -33.28 -30.67 1.49
C ASP B 211 -33.61 -29.41 0.70
N TYR B 212 -34.43 -28.51 1.24
CA TYR B 212 -34.69 -27.26 0.54
C TYR B 212 -33.41 -26.47 0.29
N THR B 213 -32.36 -26.73 1.05
CA THR B 213 -31.07 -26.12 0.84
C THR B 213 -29.98 -27.15 1.10
N TYR B 214 -28.81 -26.93 0.49
CA TYR B 214 -27.69 -27.83 0.67
C TYR B 214 -27.41 -28.08 2.15
N GLY B 215 -27.58 -27.06 2.97
CA GLY B 215 -27.36 -27.20 4.40
C GLY B 215 -27.03 -25.86 5.01
N PHE B 216 -26.95 -25.87 6.34
CA PHE B 216 -26.59 -24.69 7.11
C PHE B 216 -25.85 -25.13 8.37
N VAL B 217 -25.60 -24.18 9.26
CA VAL B 217 -24.95 -24.48 10.52
C VAL B 217 -25.97 -25.07 11.48
N GLY B 218 -25.51 -25.95 12.37
CA GLY B 218 -26.41 -26.56 13.34
C GLY B 218 -27.10 -25.54 14.23
N ALA B 219 -26.32 -24.62 14.79
CA ALA B 219 -26.87 -23.62 15.70
C ALA B 219 -28.03 -22.88 15.05
N ASP B 220 -27.80 -22.29 13.88
CA ASP B 220 -28.88 -21.59 13.19
C ASP B 220 -30.07 -22.52 12.95
N LEU B 221 -29.80 -23.75 12.54
CA LEU B 221 -30.89 -24.72 12.35
C LEU B 221 -31.70 -24.85 13.63
N ALA B 222 -31.04 -25.12 14.76
CA ALA B 222 -31.75 -25.14 16.03
C ALA B 222 -32.47 -23.82 16.27
N ALA B 223 -31.98 -22.72 15.69
CA ALA B 223 -32.69 -21.46 15.76
C ALA B 223 -33.86 -21.42 14.79
N LEU B 224 -33.73 -22.09 13.64
CA LEU B 224 -34.82 -22.11 12.65
C LEU B 224 -36.11 -22.57 13.30
N VAL B 225 -36.07 -23.69 14.03
CA VAL B 225 -37.26 -24.17 14.71
C VAL B 225 -37.85 -23.09 15.60
N ARG B 226 -37.00 -22.25 16.19
CA ARG B 226 -37.50 -21.15 17.00
C ARG B 226 -38.32 -20.18 16.17
N GLU B 227 -37.90 -19.94 14.92
CA GLU B 227 -38.65 -19.03 14.05
C GLU B 227 -40.09 -19.49 13.92
N SER B 228 -40.31 -20.78 13.65
CA SER B 228 -41.66 -21.30 13.51
C SER B 228 -42.49 -21.00 14.76
N ALA B 229 -41.98 -21.38 15.93
CA ALA B 229 -42.68 -21.08 17.18
C ALA B 229 -43.09 -19.63 17.24
N MET B 230 -42.11 -18.72 17.25
CA MET B 230 -42.40 -17.30 17.27
C MET B 230 -43.35 -16.92 16.15
N ASN B 231 -43.00 -17.25 14.91
CA ASN B 231 -43.83 -16.87 13.76
C ASN B 231 -45.21 -17.51 13.86
N ALA B 232 -45.25 -18.84 14.00
CA ALA B 232 -46.55 -19.52 14.08
C ALA B 232 -47.37 -19.05 15.27
N LEU B 233 -46.69 -18.65 16.36
CA LEU B 233 -47.42 -18.18 17.54
C LEU B 233 -48.20 -16.90 17.26
N ARG B 234 -47.85 -16.18 16.20
CA ARG B 234 -48.52 -14.90 15.93
C ARG B 234 -49.97 -15.11 15.54
N ARG B 235 -50.25 -16.12 14.73
CA ARG B 235 -51.63 -16.35 14.30
C ARG B 235 -52.56 -16.63 15.48
N TYR B 236 -52.12 -17.43 16.44
CA TYR B 236 -52.94 -17.75 17.61
C TYR B 236 -52.73 -16.80 18.79
N LEU B 237 -51.75 -15.90 18.66
CA LEU B 237 -51.42 -14.95 19.72
C LEU B 237 -52.49 -13.93 20.11
N PRO B 238 -53.22 -13.36 19.08
CA PRO B 238 -54.21 -12.34 19.52
C PRO B 238 -55.34 -12.86 20.41
N GLU B 239 -55.87 -14.02 20.11
CA GLU B 239 -56.98 -14.60 20.88
C GLU B 239 -56.69 -14.65 22.37
N ILE B 240 -55.43 -14.62 22.77
CA ILE B 240 -55.07 -14.68 24.19
C ILE B 240 -54.89 -13.31 24.82
N ASP B 241 -55.02 -12.24 24.03
CA ASP B 241 -54.80 -10.89 24.54
C ASP B 241 -55.78 -10.52 25.65
N LEU B 242 -56.85 -11.29 25.85
CA LEU B 242 -57.87 -10.92 26.81
C LEU B 242 -57.28 -10.65 28.19
N ASP B 243 -56.53 -11.62 28.73
CA ASP B 243 -55.94 -11.48 30.05
C ASP B 243 -54.54 -12.08 30.04
N LYS B 244 -53.78 -11.77 31.09
CA LYS B 244 -52.43 -12.32 31.21
C LYS B 244 -52.45 -13.84 31.39
N PRO B 245 -53.23 -14.41 32.31
CA PRO B 245 -53.21 -15.86 32.48
C PRO B 245 -53.70 -16.57 31.23
N ILE B 246 -53.01 -17.66 30.90
CA ILE B 246 -53.34 -18.41 29.69
C ILE B 246 -54.58 -19.26 29.96
N PRO B 247 -55.62 -19.16 29.12
CA PRO B 247 -56.84 -19.94 29.37
C PRO B 247 -56.57 -21.43 29.23
N THR B 248 -57.03 -22.21 30.21
CA THR B 248 -56.96 -23.65 30.12
C THR B 248 -58.02 -24.24 29.19
N GLU B 249 -59.03 -23.46 28.82
CA GLU B 249 -60.02 -23.93 27.87
C GLU B 249 -59.35 -24.41 26.58
N ILE B 250 -58.53 -23.55 25.99
CA ILE B 250 -57.69 -23.91 24.85
C ILE B 250 -56.25 -23.95 25.34
N LEU B 251 -55.70 -25.15 25.46
CA LEU B 251 -54.35 -25.35 25.97
C LEU B 251 -53.61 -26.30 25.04
N GLU B 252 -52.57 -25.78 24.40
CA GLU B 252 -51.72 -26.56 23.50
C GLU B 252 -52.53 -27.26 22.41
N LYS B 253 -53.70 -26.72 22.08
CA LYS B 253 -54.41 -27.14 20.89
C LYS B 253 -53.99 -26.35 19.67
N MET B 254 -53.14 -25.35 19.86
CA MET B 254 -52.48 -24.66 18.76
C MET B 254 -51.12 -25.30 18.52
N VAL B 255 -50.97 -25.95 17.37
CA VAL B 255 -49.77 -26.71 17.05
C VAL B 255 -49.11 -26.08 15.83
N VAL B 256 -47.79 -25.96 15.87
CA VAL B 256 -47.06 -25.44 14.73
C VAL B 256 -47.27 -26.35 13.54
N THR B 257 -47.74 -25.77 12.44
CA THR B 257 -48.00 -26.53 11.22
C THR B 257 -46.74 -26.61 10.38
N GLU B 258 -46.54 -27.75 9.71
CA GLU B 258 -45.38 -27.91 8.86
C GLU B 258 -45.25 -26.75 7.88
N ASP B 259 -46.37 -26.19 7.43
CA ASP B 259 -46.32 -25.00 6.60
C ASP B 259 -45.69 -23.82 7.32
N ASP B 260 -45.83 -23.78 8.66
CA ASP B 260 -45.21 -22.71 9.42
C ASP B 260 -43.72 -22.63 9.17
N PHE B 261 -43.02 -23.76 9.29
CA PHE B 261 -41.61 -23.81 8.94
C PHE B 261 -41.39 -23.28 7.53
N LYS B 262 -42.15 -23.81 6.56
CA LYS B 262 -42.05 -23.32 5.19
C LYS B 262 -42.17 -21.80 5.15
N ASN B 263 -43.03 -21.23 6.00
CA ASN B 263 -43.05 -19.79 6.19
C ASN B 263 -41.94 -19.32 7.12
N ALA B 264 -41.39 -20.22 7.93
CA ALA B 264 -40.32 -19.84 8.86
C ALA B 264 -38.97 -19.77 8.17
N LEU B 265 -38.75 -20.59 7.14
CA LEU B 265 -37.45 -20.61 6.46
C LEU B 265 -37.02 -19.21 6.02
N LYS B 266 -37.97 -18.36 5.69
CA LYS B 266 -37.65 -17.00 5.29
C LYS B 266 -37.35 -16.14 6.50
N SER B 267 -36.57 -15.08 6.29
CA SER B 267 -36.31 -14.09 7.32
C SER B 267 -35.31 -14.59 8.37
N ILE B 268 -34.98 -15.88 8.33
CA ILE B 268 -34.04 -16.43 9.31
C ILE B 268 -32.58 -16.23 8.92
N GLU B 269 -32.33 -15.62 7.76
CA GLU B 269 -30.99 -15.29 7.27
C GLU B 269 -29.99 -16.42 7.51
N PRO B 270 -30.24 -17.61 6.97
CA PRO B 270 -29.25 -18.70 7.09
C PRO B 270 -28.00 -18.43 6.26
N SER B 271 -27.16 -19.44 6.13
CA SER B 271 -25.92 -19.34 5.34
C SER B 271 -24.92 -18.40 6.00
N SER B 272 -24.84 -18.46 7.33
CA SER B 272 -23.82 -17.71 8.06
C SER B 272 -22.42 -18.28 7.87
N LEU B 273 -22.30 -19.42 7.21
CA LEU B 273 -20.97 -20.03 7.01
C LEU B 273 -20.36 -19.76 5.64
N ARG B 274 -19.14 -19.23 5.66
CA ARG B 274 -18.40 -18.90 4.43
C ARG B 274 -17.36 -19.97 4.06
N GLU B 275 -17.32 -21.06 4.82
CA GLU B 275 -16.38 -22.15 4.60
C GLU B 275 -16.72 -22.96 3.35
N VAL B 276 -15.75 -23.72 2.84
CA VAL B 276 -15.98 -24.53 1.66
C VAL B 276 -17.13 -25.47 1.99
N MET B 277 -18.02 -25.68 1.04
CA MET B 277 -19.20 -26.49 1.28
C MET B 277 -19.21 -27.67 0.32
N VAL B 278 -20.01 -28.67 0.64
CA VAL B 278 -20.17 -29.87 -0.18
C VAL B 278 -21.64 -30.02 -0.53
N GLU B 279 -21.92 -30.26 -1.81
CA GLU B 279 -23.28 -30.36 -2.30
C GLU B 279 -23.39 -31.50 -3.30
N VAL B 280 -24.47 -32.26 -3.23
CA VAL B 280 -24.70 -33.35 -4.17
C VAL B 280 -25.97 -33.05 -4.98
N PRO B 281 -25.85 -32.76 -6.27
CA PRO B 281 -27.03 -32.51 -7.09
C PRO B 281 -27.77 -33.79 -7.44
N ASN B 282 -29.07 -33.63 -7.70
CA ASN B 282 -29.95 -34.75 -7.98
C ASN B 282 -30.15 -35.01 -9.48
N VAL B 283 -29.47 -34.26 -10.34
CA VAL B 283 -29.71 -34.39 -11.78
C VAL B 283 -29.43 -35.82 -12.23
N HIS B 284 -30.17 -36.25 -13.24
CA HIS B 284 -30.03 -37.59 -13.82
C HIS B 284 -29.88 -37.48 -15.33
N TRP B 285 -29.21 -38.48 -15.92
CA TRP B 285 -29.00 -38.46 -17.36
C TRP B 285 -30.31 -38.31 -18.12
N ASP B 286 -31.40 -38.87 -17.60
CA ASP B 286 -32.70 -38.68 -18.23
C ASP B 286 -32.96 -37.21 -18.51
N ASP B 287 -32.45 -36.32 -17.64
CA ASP B 287 -32.51 -34.88 -17.88
C ASP B 287 -31.54 -34.42 -18.95
N ILE B 288 -30.71 -35.31 -19.48
CA ILE B 288 -29.69 -34.96 -20.47
C ILE B 288 -30.15 -35.51 -21.82
N GLY B 289 -30.53 -34.62 -22.72
CA GLY B 289 -30.92 -35.04 -24.05
C GLY B 289 -29.73 -35.22 -24.97
N GLY B 290 -29.82 -36.21 -25.85
CA GLY B 290 -28.74 -36.44 -26.79
C GLY B 290 -27.41 -36.71 -26.10
N LEU B 291 -26.35 -36.61 -26.89
CA LEU B 291 -24.99 -36.76 -26.41
C LEU B 291 -24.71 -38.16 -25.87
N GLU B 292 -25.32 -39.18 -26.48
CA GLU B 292 -25.16 -40.54 -26.00
C GLU B 292 -23.68 -40.93 -25.94
N ASP B 293 -22.88 -40.43 -26.88
CA ASP B 293 -21.47 -40.80 -26.92
C ASP B 293 -20.72 -40.22 -25.73
N VAL B 294 -20.85 -38.92 -25.49
CA VAL B 294 -20.06 -38.28 -24.44
C VAL B 294 -20.41 -38.85 -23.08
N LYS B 295 -21.70 -38.89 -22.74
CA LYS B 295 -22.11 -39.44 -21.45
C LYS B 295 -21.57 -40.84 -21.26
N ARG B 296 -21.77 -41.72 -22.25
CA ARG B 296 -21.27 -43.08 -22.13
C ARG B 296 -19.76 -43.09 -21.93
N GLU B 297 -19.04 -42.24 -22.65
CA GLU B 297 -17.59 -42.18 -22.49
C GLU B 297 -17.19 -41.40 -21.25
N ILE B 298 -17.83 -40.25 -20.99
CA ILE B 298 -17.48 -39.46 -19.82
C ILE B 298 -17.71 -40.27 -18.55
N LYS B 299 -18.80 -41.04 -18.51
CA LYS B 299 -19.09 -41.87 -17.35
C LYS B 299 -17.98 -42.89 -17.12
N GLU B 300 -17.65 -43.66 -18.15
CA GLU B 300 -16.59 -44.65 -18.02
C GLU B 300 -15.26 -43.99 -17.68
N THR B 301 -15.09 -42.72 -18.03
CA THR B 301 -13.86 -42.02 -17.70
C THR B 301 -13.80 -41.66 -16.23
N VAL B 302 -14.88 -41.08 -15.70
CA VAL B 302 -14.90 -40.70 -14.28
C VAL B 302 -15.20 -41.91 -13.41
N GLU B 303 -16.20 -42.70 -13.79
CA GLU B 303 -16.66 -43.78 -12.92
C GLU B 303 -15.61 -44.87 -12.78
N LEU B 304 -14.96 -45.25 -13.87
CA LEU B 304 -13.99 -46.33 -13.88
C LEU B 304 -12.94 -46.15 -12.80
N PRO B 305 -12.20 -45.04 -12.81
CA PRO B 305 -11.10 -44.90 -11.85
C PRO B 305 -11.55 -44.98 -10.39
N LEU B 306 -12.65 -44.31 -10.05
CA LEU B 306 -13.10 -44.32 -8.66
C LEU B 306 -13.79 -45.63 -8.30
N LEU B 307 -14.70 -46.09 -9.15
CA LEU B 307 -15.50 -47.28 -8.82
C LEU B 307 -14.71 -48.57 -9.03
N LYS B 308 -13.88 -48.63 -10.06
CA LYS B 308 -13.15 -49.85 -10.41
C LYS B 308 -11.66 -49.55 -10.54
N PRO B 309 -11.01 -49.08 -9.47
CA PRO B 309 -9.57 -48.82 -9.55
C PRO B 309 -8.75 -50.06 -9.85
N ASP B 310 -9.10 -51.19 -9.22
CA ASP B 310 -8.31 -52.41 -9.39
C ASP B 310 -8.23 -52.82 -10.85
N VAL B 311 -9.38 -52.99 -11.51
CA VAL B 311 -9.39 -53.40 -12.90
C VAL B 311 -8.67 -52.40 -13.78
N PHE B 312 -8.54 -51.16 -13.32
CA PHE B 312 -7.79 -50.16 -14.07
C PHE B 312 -6.28 -50.35 -13.92
N LYS B 313 -5.85 -50.96 -12.81
CA LYS B 313 -4.42 -51.16 -12.59
C LYS B 313 -3.87 -52.33 -13.40
N ARG B 314 -4.71 -53.31 -13.73
CA ARG B 314 -4.21 -54.47 -14.47
C ARG B 314 -3.62 -54.06 -15.81
N LEU B 315 -4.09 -52.97 -16.40
CA LEU B 315 -3.47 -52.47 -17.62
C LEU B 315 -2.10 -51.87 -17.33
N GLY B 316 -2.04 -50.93 -16.39
CA GLY B 316 -0.79 -50.31 -16.00
C GLY B 316 -0.61 -48.88 -16.45
N ILE B 317 -1.44 -48.39 -17.37
CA ILE B 317 -1.32 -47.00 -17.79
C ILE B 317 -1.64 -46.08 -16.62
N ARG B 318 -1.08 -44.88 -16.64
CA ARG B 318 -1.29 -43.93 -15.57
C ARG B 318 -2.78 -43.61 -15.44
N PRO B 319 -3.30 -43.46 -14.22
CA PRO B 319 -4.67 -42.98 -14.06
C PRO B 319 -4.79 -41.51 -14.42
N SER B 320 -6.03 -41.08 -14.62
CA SER B 320 -6.32 -39.73 -15.10
C SER B 320 -6.49 -38.78 -13.92
N LYS B 321 -5.84 -37.62 -14.00
CA LYS B 321 -6.04 -36.59 -13.00
C LYS B 321 -7.32 -35.81 -13.24
N GLY B 322 -7.87 -35.92 -14.45
CA GLY B 322 -9.10 -35.22 -14.77
C GLY B 322 -9.15 -34.87 -16.24
N PHE B 323 -10.15 -34.05 -16.58
CA PHE B 323 -10.34 -33.62 -17.96
C PHE B 323 -11.11 -32.32 -17.96
N LEU B 324 -11.06 -31.64 -19.10
CA LEU B 324 -11.68 -30.33 -19.27
C LEU B 324 -12.78 -30.41 -20.31
N LEU B 325 -13.80 -29.56 -20.15
CA LEU B 325 -14.93 -29.48 -21.06
C LEU B 325 -14.96 -28.12 -21.73
N TYR B 326 -15.17 -28.11 -23.04
CA TYR B 326 -15.20 -26.88 -23.81
C TYR B 326 -16.21 -27.01 -24.94
N GLY B 327 -16.93 -25.94 -25.21
CA GLY B 327 -17.97 -25.93 -26.21
C GLY B 327 -18.77 -24.65 -26.20
N PRO B 328 -19.73 -24.54 -27.12
CA PRO B 328 -20.54 -23.32 -27.19
C PRO B 328 -21.29 -23.10 -25.90
N PRO B 329 -21.44 -21.85 -25.47
CA PRO B 329 -22.19 -21.57 -24.24
C PRO B 329 -23.59 -22.14 -24.34
N GLY B 330 -24.00 -22.86 -23.29
CA GLY B 330 -25.32 -23.44 -23.25
C GLY B 330 -25.41 -24.89 -23.68
N VAL B 331 -24.28 -25.55 -23.96
CA VAL B 331 -24.31 -26.96 -24.32
C VAL B 331 -24.61 -27.85 -23.13
N GLY B 332 -24.67 -27.29 -21.93
CA GLY B 332 -24.98 -28.05 -20.74
C GLY B 332 -23.81 -28.49 -19.90
N LYS B 333 -22.63 -27.88 -20.07
CA LYS B 333 -21.49 -28.25 -19.25
C LYS B 333 -21.86 -28.28 -17.78
N THR B 334 -22.38 -27.16 -17.28
CA THR B 334 -22.83 -27.12 -15.89
C THR B 334 -23.81 -28.23 -15.57
N LEU B 335 -24.60 -28.64 -16.56
CA LEU B 335 -25.57 -29.70 -16.33
C LEU B 335 -24.92 -31.08 -16.40
N LEU B 336 -24.01 -31.29 -17.35
CA LEU B 336 -23.36 -32.59 -17.49
C LEU B 336 -22.59 -32.96 -16.24
N ALA B 337 -21.66 -32.10 -15.83
CA ALA B 337 -20.82 -32.40 -14.67
C ALA B 337 -21.66 -32.84 -13.48
N LYS B 338 -22.68 -32.04 -13.13
CA LYS B 338 -23.54 -32.42 -12.03
C LYS B 338 -24.12 -33.81 -12.23
N ALA B 339 -24.43 -34.18 -13.48
CA ALA B 339 -24.99 -35.49 -13.75
C ALA B 339 -24.04 -36.61 -13.35
N VAL B 340 -22.83 -36.58 -13.89
CA VAL B 340 -21.86 -37.61 -13.57
C VAL B 340 -21.53 -37.58 -12.08
N ALA B 341 -21.35 -36.38 -11.54
CA ALA B 341 -21.05 -36.25 -10.13
C ALA B 341 -22.24 -36.72 -9.30
N THR B 342 -23.44 -36.33 -9.74
CA THR B 342 -24.67 -36.72 -9.06
C THR B 342 -24.91 -38.23 -9.11
N GLU B 343 -24.66 -38.83 -10.27
CA GLU B 343 -24.86 -40.26 -10.44
C GLU B 343 -23.92 -41.03 -9.51
N SER B 344 -22.68 -40.58 -9.44
CA SER B 344 -21.68 -41.21 -8.59
C SER B 344 -21.98 -40.92 -7.13
N ASN B 345 -21.82 -41.93 -6.27
CA ASN B 345 -22.05 -41.75 -4.85
C ASN B 345 -21.05 -40.77 -4.27
N ALA B 346 -19.81 -40.87 -4.74
CA ALA B 346 -18.72 -40.02 -4.30
C ALA B 346 -19.22 -38.60 -4.08
N ASN B 347 -18.69 -37.95 -3.05
CA ASN B 347 -19.10 -36.58 -2.74
C ASN B 347 -18.75 -35.65 -3.89
N PHE B 348 -19.51 -34.56 -4.01
CA PHE B 348 -19.33 -33.59 -5.07
C PHE B 348 -18.91 -32.26 -4.47
N ILE B 349 -18.17 -31.49 -5.26
CA ILE B 349 -17.74 -30.14 -4.90
C ILE B 349 -18.02 -29.22 -6.07
N SER B 350 -18.51 -28.02 -5.78
CA SER B 350 -18.83 -27.07 -6.84
C SER B 350 -17.96 -25.81 -6.77
N ILE B 351 -17.34 -25.48 -7.90
CA ILE B 351 -16.50 -24.30 -7.99
C ILE B 351 -16.98 -23.38 -9.10
N LYS B 352 -17.10 -22.10 -8.78
CA LYS B 352 -17.55 -21.10 -9.76
C LYS B 352 -16.47 -20.06 -9.97
N GLY B 353 -16.19 -19.73 -11.23
CA GLY B 353 -15.17 -18.76 -11.53
C GLY B 353 -15.51 -17.40 -10.95
N PRO B 354 -16.83 -17.00 -11.06
CA PRO B 354 -17.11 -15.68 -10.46
C PRO B 354 -16.88 -15.73 -8.95
N GLU B 355 -17.39 -16.80 -8.35
CA GLU B 355 -17.33 -17.02 -6.90
C GLU B 355 -15.93 -17.17 -6.32
N VAL B 356 -15.03 -17.79 -7.06
CA VAL B 356 -13.67 -17.94 -6.56
C VAL B 356 -12.97 -16.60 -6.35
N LEU B 357 -13.14 -15.66 -7.27
CA LEU B 357 -12.59 -14.34 -7.03
C LEU B 357 -13.46 -13.78 -5.89
N SER B 358 -14.75 -13.98 -6.10
CA SER B 358 -15.89 -13.57 -5.29
C SER B 358 -16.15 -14.12 -3.89
N LYS B 359 -15.90 -15.40 -3.70
CA LYS B 359 -16.24 -16.06 -2.44
C LYS B 359 -15.59 -15.48 -1.19
N TRP B 360 -14.32 -15.13 -1.24
CA TRP B 360 -13.67 -14.54 -0.08
C TRP B 360 -13.11 -13.17 -0.42
N VAL B 361 -12.24 -12.65 0.44
CA VAL B 361 -11.64 -11.33 0.22
C VAL B 361 -10.96 -11.44 -1.11
N GLY B 362 -10.37 -12.59 -1.34
CA GLY B 362 -9.73 -12.84 -2.61
C GLY B 362 -8.33 -12.28 -2.58
N GLU B 363 -7.96 -11.65 -1.46
CA GLU B 363 -6.61 -11.13 -1.31
C GLU B 363 -5.73 -12.35 -1.41
N SER B 364 -6.20 -13.43 -0.81
CA SER B 364 -5.54 -14.71 -0.85
C SER B 364 -6.46 -15.57 -1.70
N GLU B 365 -5.89 -16.21 -2.71
CA GLU B 365 -6.64 -17.10 -3.57
C GLU B 365 -6.52 -18.52 -3.01
N LYS B 366 -6.01 -18.61 -1.79
CA LYS B 366 -5.78 -19.87 -1.16
C LYS B 366 -7.10 -20.61 -1.11
N ALA B 367 -8.20 -19.96 -0.79
CA ALA B 367 -9.38 -20.81 -0.78
C ALA B 367 -9.20 -22.03 -1.69
N ILE B 368 -8.69 -21.80 -2.90
CA ILE B 368 -8.55 -22.90 -3.86
C ILE B 368 -7.65 -23.99 -3.27
N ARG B 369 -6.50 -23.59 -2.73
CA ARG B 369 -5.63 -24.56 -2.07
C ARG B 369 -6.38 -25.28 -0.95
N GLU B 370 -7.32 -24.58 -0.31
CA GLU B 370 -8.13 -25.23 0.71
C GLU B 370 -9.14 -26.18 0.09
N ILE B 371 -9.54 -25.93 -1.15
CA ILE B 371 -10.56 -26.75 -1.80
C ILE B 371 -10.13 -28.21 -1.81
N PHE B 372 -8.96 -28.49 -2.39
CA PHE B 372 -8.49 -29.87 -2.46
C PHE B 372 -8.36 -30.47 -1.07
N LYS B 373 -7.80 -29.72 -0.13
CA LYS B 373 -7.70 -30.20 1.24
C LYS B 373 -9.06 -30.67 1.75
N LYS B 374 -10.07 -29.82 1.61
CA LYS B 374 -11.43 -30.27 1.92
C LYS B 374 -11.87 -31.38 0.97
N ALA B 375 -11.39 -31.34 -0.28
CA ALA B 375 -11.75 -32.39 -1.23
C ALA B 375 -11.02 -33.69 -0.93
N LYS B 376 -9.70 -33.61 -0.74
CA LYS B 376 -8.91 -34.81 -0.46
C LYS B 376 -9.47 -35.55 0.74
N GLN B 377 -9.72 -34.83 1.84
CA GLN B 377 -10.25 -35.46 3.03
C GLN B 377 -11.60 -36.12 2.76
N VAL B 378 -12.43 -35.48 1.92
CA VAL B 378 -13.77 -35.99 1.66
C VAL B 378 -13.79 -37.02 0.54
N ALA B 379 -12.64 -37.34 -0.04
CA ALA B 379 -12.58 -38.31 -1.13
C ALA B 379 -13.13 -39.66 -0.69
N PRO B 380 -13.55 -40.49 -1.67
CA PRO B 380 -13.51 -40.15 -3.10
C PRO B 380 -14.52 -39.09 -3.49
N ALA B 381 -14.07 -38.12 -4.28
CA ALA B 381 -14.95 -37.05 -4.75
C ALA B 381 -14.36 -36.44 -6.00
N ILE B 382 -15.20 -35.75 -6.77
CA ILE B 382 -14.80 -35.10 -8.01
C ILE B 382 -14.99 -33.61 -7.85
N VAL B 383 -13.89 -32.86 -7.93
CA VAL B 383 -13.95 -31.41 -7.85
C VAL B 383 -14.32 -30.85 -9.21
N PHE B 384 -15.12 -29.79 -9.21
CA PHE B 384 -15.60 -29.17 -10.44
C PHE B 384 -15.24 -27.69 -10.43
N LEU B 385 -14.70 -27.21 -11.54
CA LEU B 385 -14.38 -25.80 -11.71
C LEU B 385 -15.06 -25.29 -12.97
N ASP B 386 -15.91 -24.28 -12.81
CA ASP B 386 -16.65 -23.70 -13.93
C ASP B 386 -16.09 -22.33 -14.26
N GLU B 387 -16.10 -21.99 -15.54
CA GLU B 387 -15.43 -20.78 -16.03
C GLU B 387 -13.99 -20.74 -15.56
N ILE B 388 -13.26 -21.83 -15.78
CA ILE B 388 -11.87 -21.87 -15.35
C ILE B 388 -11.07 -20.74 -15.97
N ASP B 389 -11.52 -20.21 -17.11
CA ASP B 389 -10.81 -19.10 -17.73
C ASP B 389 -10.73 -17.90 -16.79
N SER B 390 -11.87 -17.46 -16.27
CA SER B 390 -11.87 -16.32 -15.36
C SER B 390 -10.91 -16.53 -14.20
N ILE B 391 -10.93 -17.76 -13.70
CA ILE B 391 -10.12 -18.25 -12.61
C ILE B 391 -8.69 -18.32 -13.04
N ALA B 392 -8.48 -18.80 -14.26
CA ALA B 392 -7.15 -18.94 -14.79
C ALA B 392 -7.06 -18.34 -16.17
N PRO B 393 -7.14 -16.96 -16.19
CA PRO B 393 -7.04 -16.38 -17.53
C PRO B 393 -5.61 -16.53 -17.96
N ARG B 394 -5.30 -16.29 -19.22
CA ARG B 394 -3.92 -16.36 -19.65
C ARG B 394 -3.19 -15.31 -18.82
N ARG B 395 -1.94 -15.59 -18.46
CA ARG B 395 -1.16 -14.69 -17.60
C ARG B 395 -0.92 -13.27 -18.13
N GLY B 396 -0.61 -13.15 -19.41
CA GLY B 396 -0.34 -11.86 -19.99
C GLY B 396 -1.50 -10.87 -20.00
N THR B 397 -2.70 -11.35 -20.28
CA THR B 397 -3.88 -10.49 -20.37
C THR B 397 -4.30 -9.70 -19.14
N THR B 398 -4.24 -10.31 -17.96
CA THR B 398 -4.67 -9.58 -16.77
C THR B 398 -3.55 -9.14 -15.86
N SER B 399 -3.48 -7.83 -15.63
CA SER B 399 -2.46 -7.26 -14.77
C SER B 399 -2.93 -7.25 -13.32
N ASP B 400 -3.08 -8.43 -12.74
CA ASP B 400 -3.53 -8.51 -11.35
C ASP B 400 -2.86 -9.64 -10.56
N SER B 401 -2.70 -9.41 -9.26
CA SER B 401 -2.09 -10.38 -8.38
C SER B 401 -3.04 -11.54 -8.15
N GLY B 402 -4.32 -11.22 -8.03
CA GLY B 402 -5.34 -12.22 -7.77
C GLY B 402 -5.47 -13.26 -8.87
N VAL B 403 -5.35 -12.83 -10.12
CA VAL B 403 -5.48 -13.75 -11.23
C VAL B 403 -4.34 -14.75 -11.41
N THR B 404 -3.10 -14.29 -11.28
CA THR B 404 -1.95 -15.14 -11.50
C THR B 404 -1.30 -15.73 -10.26
N GLU B 405 -1.16 -14.87 -9.26
CA GLU B 405 -0.50 -15.16 -8.01
C GLU B 405 -1.37 -16.02 -7.11
N ARG B 406 -2.61 -15.61 -6.93
CA ARG B 406 -3.53 -16.38 -6.09
C ARG B 406 -3.97 -17.71 -6.67
N ILE B 407 -4.21 -17.74 -7.98
CA ILE B 407 -4.73 -18.97 -8.58
C ILE B 407 -4.05 -19.75 -9.70
N VAL B 408 -3.69 -19.12 -10.81
CA VAL B 408 -3.11 -19.88 -11.91
C VAL B 408 -1.84 -20.58 -11.48
N ASN B 409 -0.99 -19.86 -10.78
CA ASN B 409 0.22 -20.47 -10.30
C ASN B 409 -0.17 -21.49 -9.26
N GLN B 410 -1.13 -21.11 -8.43
CA GLN B 410 -1.59 -22.00 -7.39
C GLN B 410 -2.18 -23.26 -7.99
N LEU B 411 -2.89 -23.10 -9.10
CA LEU B 411 -3.54 -24.24 -9.73
C LEU B 411 -2.64 -25.37 -10.19
N LEU B 412 -1.52 -25.05 -10.80
CA LEU B 412 -0.65 -26.12 -11.28
C LEU B 412 -0.17 -26.95 -10.11
N THR B 413 0.17 -26.31 -9.02
CA THR B 413 0.64 -27.04 -7.86
C THR B 413 -0.43 -27.96 -7.30
N SER B 414 -1.66 -27.49 -7.25
CA SER B 414 -2.73 -28.32 -6.71
C SER B 414 -2.97 -29.60 -7.49
N LEU B 415 -2.91 -29.52 -8.82
CA LEU B 415 -3.17 -30.70 -9.63
C LEU B 415 -2.21 -31.84 -9.36
N ASP B 416 -0.94 -31.51 -9.20
CA ASP B 416 0.05 -32.53 -8.94
C ASP B 416 -0.25 -33.22 -7.64
N GLY B 417 -0.71 -32.46 -6.66
CA GLY B 417 -1.00 -33.02 -5.37
C GLY B 417 -2.06 -34.10 -5.45
N ILE B 418 -3.08 -33.90 -6.27
CA ILE B 418 -4.11 -34.91 -6.37
C ILE B 418 -3.50 -36.18 -6.91
N GLU B 419 -3.98 -37.32 -6.42
CA GLU B 419 -3.46 -38.62 -6.84
C GLU B 419 -4.53 -39.58 -7.32
N VAL B 420 -4.13 -40.51 -8.17
CA VAL B 420 -5.06 -41.48 -8.73
C VAL B 420 -5.70 -42.31 -7.64
N MET B 421 -4.90 -42.73 -6.67
CA MET B 421 -5.46 -43.52 -5.58
C MET B 421 -6.45 -42.59 -4.90
N ASN B 422 -6.03 -41.34 -4.75
CA ASN B 422 -6.88 -40.34 -4.14
C ASN B 422 -8.14 -40.35 -4.98
N GLY B 423 -9.30 -40.22 -4.36
CA GLY B 423 -10.52 -40.28 -5.14
C GLY B 423 -10.90 -38.97 -5.78
N VAL B 424 -10.01 -37.99 -5.73
CA VAL B 424 -10.28 -36.67 -6.27
C VAL B 424 -10.15 -36.68 -7.78
N VAL B 425 -11.01 -35.93 -8.46
CA VAL B 425 -10.98 -35.80 -9.91
C VAL B 425 -11.38 -34.37 -10.26
N VAL B 426 -10.74 -33.81 -11.29
CA VAL B 426 -10.96 -32.44 -11.70
C VAL B 426 -11.68 -32.44 -13.04
N ILE B 427 -12.88 -31.87 -13.09
CA ILE B 427 -13.65 -31.73 -14.32
C ILE B 427 -13.86 -30.24 -14.55
N GLY B 428 -13.18 -29.70 -15.57
CA GLY B 428 -13.32 -28.31 -15.93
C GLY B 428 -14.30 -28.09 -17.06
N ALA B 429 -14.86 -26.88 -17.10
CA ALA B 429 -15.66 -26.43 -18.22
C ALA B 429 -15.50 -24.92 -18.37
N THR B 430 -15.38 -24.46 -19.62
CA THR B 430 -15.25 -23.04 -19.88
C THR B 430 -15.65 -22.76 -21.32
N ASN B 431 -15.99 -21.51 -21.59
CA ASN B 431 -16.42 -21.12 -22.93
C ASN B 431 -15.27 -21.23 -23.93
N ARG B 432 -14.16 -20.57 -23.66
CA ARG B 432 -13.03 -20.54 -24.58
C ARG B 432 -11.82 -21.22 -23.96
N PRO B 433 -11.42 -22.40 -24.45
CA PRO B 433 -10.20 -23.02 -23.92
C PRO B 433 -8.98 -22.15 -24.05
N ASP B 434 -8.81 -21.46 -25.18
CA ASP B 434 -7.62 -20.67 -25.40
C ASP B 434 -7.46 -19.57 -24.35
N ILE B 435 -8.57 -19.03 -23.86
CA ILE B 435 -8.48 -17.92 -22.91
C ILE B 435 -7.69 -18.34 -21.68
N MET B 436 -7.89 -19.57 -21.21
CA MET B 436 -7.16 -20.03 -20.05
C MET B 436 -5.69 -20.22 -20.39
N ASP B 437 -4.85 -20.17 -19.37
CA ASP B 437 -3.41 -20.36 -19.56
C ASP B 437 -3.14 -21.69 -20.26
N PRO B 438 -2.43 -21.68 -21.38
CA PRO B 438 -2.11 -22.95 -22.05
C PRO B 438 -1.35 -23.90 -21.13
N ALA B 439 -0.76 -23.35 -20.06
CA ALA B 439 -0.04 -24.18 -19.10
C ALA B 439 -0.91 -25.30 -18.54
N LEU B 440 -2.22 -25.14 -18.53
CA LEU B 440 -3.09 -26.18 -17.99
C LEU B 440 -3.24 -27.36 -18.94
N LEU B 441 -2.95 -27.18 -20.23
CA LEU B 441 -3.06 -28.28 -21.17
C LEU B 441 -1.80 -29.12 -21.24
N ARG B 442 -0.78 -28.81 -20.44
CA ARG B 442 0.42 -29.63 -20.40
C ARG B 442 0.06 -31.07 -20.01
N ALA B 443 0.83 -32.00 -20.57
CA ALA B 443 0.55 -33.41 -20.32
C ALA B 443 0.54 -33.72 -18.83
N GLY B 444 -0.44 -34.53 -18.41
CA GLY B 444 -0.58 -34.95 -17.03
C GLY B 444 -1.44 -34.04 -16.18
N ARG B 445 -1.57 -32.76 -16.57
CA ARG B 445 -2.44 -31.86 -15.83
C ARG B 445 -3.90 -32.10 -16.18
N PHE B 446 -4.22 -32.12 -17.47
CA PHE B 446 -5.52 -32.54 -17.98
C PHE B 446 -5.28 -33.50 -19.14
N ASP B 447 -5.68 -34.75 -18.96
CA ASP B 447 -5.35 -35.78 -19.95
C ASP B 447 -5.96 -35.45 -21.30
N LYS B 448 -7.28 -35.28 -21.34
CA LYS B 448 -8.00 -35.07 -22.59
C LYS B 448 -8.89 -33.85 -22.47
N LEU B 449 -9.30 -33.33 -23.62
CA LEU B 449 -10.25 -32.23 -23.70
C LEU B 449 -11.46 -32.73 -24.49
N ILE B 450 -12.59 -32.87 -23.80
CA ILE B 450 -13.80 -33.42 -24.39
C ILE B 450 -14.65 -32.25 -24.87
N TYR B 451 -14.80 -32.12 -26.18
CA TYR B 451 -15.66 -31.09 -26.76
C TYR B 451 -17.10 -31.55 -26.75
N ILE B 452 -18.00 -30.62 -26.45
CA ILE B 452 -19.44 -30.89 -26.43
C ILE B 452 -20.05 -30.23 -27.67
N PRO B 453 -20.47 -30.99 -28.67
CA PRO B 453 -21.06 -30.38 -29.85
C PRO B 453 -22.44 -29.83 -29.54
N PRO B 454 -22.86 -28.77 -30.24
CA PRO B 454 -24.20 -28.22 -30.01
C PRO B 454 -25.25 -29.28 -30.23
N PRO B 455 -26.43 -29.11 -29.64
CA PRO B 455 -27.48 -30.13 -29.78
C PRO B 455 -27.88 -30.32 -31.24
N ASP B 456 -27.91 -31.57 -31.67
CA ASP B 456 -28.27 -31.88 -33.04
C ASP B 456 -29.78 -31.88 -33.21
N LYS B 457 -30.23 -31.48 -34.40
CA LYS B 457 -31.65 -31.53 -34.72
C LYS B 457 -32.25 -32.90 -34.38
N GLU B 458 -31.57 -33.97 -34.81
CA GLU B 458 -32.00 -35.30 -34.42
C GLU B 458 -31.97 -35.46 -32.92
N ALA B 459 -30.95 -34.92 -32.26
CA ALA B 459 -30.92 -34.92 -30.81
C ALA B 459 -31.93 -33.94 -30.23
N ARG B 460 -32.25 -32.87 -30.96
CA ARG B 460 -33.27 -31.93 -30.49
C ARG B 460 -34.55 -32.65 -30.12
N LEU B 461 -34.93 -33.66 -30.91
CA LEU B 461 -36.14 -34.42 -30.62
C LEU B 461 -36.13 -34.94 -29.19
N SER B 462 -34.97 -35.38 -28.70
CA SER B 462 -34.88 -35.83 -27.31
C SER B 462 -34.72 -34.65 -26.36
N ILE B 463 -33.92 -33.65 -26.72
CA ILE B 463 -33.66 -32.53 -25.82
C ILE B 463 -34.96 -31.85 -25.42
N LEU B 464 -35.94 -31.81 -26.31
CA LEU B 464 -37.15 -31.04 -26.06
C LEU B 464 -38.07 -31.75 -25.08
N LYS B 465 -38.30 -33.04 -25.28
CA LYS B 465 -39.24 -33.78 -24.43
C LYS B 465 -38.76 -33.77 -22.97
N VAL B 466 -37.48 -34.08 -22.76
CA VAL B 466 -36.96 -34.16 -21.40
C VAL B 466 -37.23 -32.87 -20.62
N HIS B 467 -37.12 -31.72 -21.29
CA HIS B 467 -37.29 -30.46 -20.58
C HIS B 467 -38.76 -30.13 -20.36
N THR B 468 -39.62 -30.44 -21.34
CA THR B 468 -41.03 -30.12 -21.23
C THR B 468 -41.85 -31.19 -20.52
N LYS B 469 -41.20 -32.27 -20.06
CA LYS B 469 -41.94 -33.34 -19.39
C LYS B 469 -42.83 -32.78 -18.28
N ASN B 470 -42.32 -31.81 -17.51
CA ASN B 470 -43.15 -31.17 -16.50
C ASN B 470 -44.18 -30.25 -17.12
N MET B 471 -43.95 -29.78 -18.34
CA MET B 471 -44.86 -28.84 -18.99
C MET B 471 -46.06 -29.59 -19.55
N PRO B 472 -47.28 -29.14 -19.28
CA PRO B 472 -48.44 -29.72 -19.97
C PRO B 472 -48.43 -29.34 -21.44
N LEU B 473 -48.71 -30.32 -22.29
CA LEU B 473 -48.61 -30.17 -23.72
C LEU B 473 -49.96 -30.45 -24.39
N ALA B 474 -50.11 -29.97 -25.62
CA ALA B 474 -51.34 -30.15 -26.36
C ALA B 474 -51.31 -31.45 -27.15
N PRO B 475 -52.48 -32.02 -27.45
CA PRO B 475 -52.49 -33.26 -28.24
C PRO B 475 -52.03 -33.05 -29.67
N ASP B 476 -52.36 -31.91 -30.28
CA ASP B 476 -51.98 -31.67 -31.66
C ASP B 476 -50.52 -31.26 -31.77
N VAL B 477 -50.03 -30.46 -30.82
CA VAL B 477 -48.67 -29.96 -30.91
C VAL B 477 -47.67 -31.11 -30.95
N ASP B 478 -46.72 -31.02 -31.87
CA ASP B 478 -45.67 -32.01 -32.02
C ASP B 478 -44.31 -31.35 -31.76
N LEU B 479 -43.43 -32.10 -31.09
CA LEU B 479 -42.12 -31.54 -30.74
C LEU B 479 -41.15 -31.60 -31.91
N ASN B 480 -41.14 -32.72 -32.65
CA ASN B 480 -40.16 -32.89 -33.72
C ASN B 480 -40.25 -31.81 -34.78
N ASP B 481 -41.39 -31.11 -34.88
CA ASP B 481 -41.54 -30.09 -35.90
C ASP B 481 -40.45 -29.03 -35.77
N ILE B 482 -40.32 -28.44 -34.58
CA ILE B 482 -39.32 -27.40 -34.38
C ILE B 482 -37.92 -27.93 -34.61
N ALA B 483 -37.69 -29.21 -34.30
CA ALA B 483 -36.38 -29.80 -34.51
C ALA B 483 -35.98 -29.76 -35.98
N GLN B 484 -36.85 -30.28 -36.86
CA GLN B 484 -36.57 -30.29 -38.28
C GLN B 484 -36.49 -28.89 -38.88
N ARG B 485 -36.91 -27.86 -38.14
CA ARG B 485 -36.92 -26.51 -38.68
C ARG B 485 -35.55 -25.86 -38.66
N THR B 486 -34.80 -26.01 -37.57
CA THR B 486 -33.60 -25.21 -37.34
C THR B 486 -32.50 -26.07 -36.74
N GLU B 487 -31.30 -25.98 -37.32
CA GLU B 487 -30.14 -26.71 -36.85
C GLU B 487 -29.22 -25.89 -35.96
N GLY B 488 -29.57 -24.64 -35.67
CA GLY B 488 -28.63 -23.73 -35.04
C GLY B 488 -28.81 -23.46 -33.56
N TYR B 489 -29.90 -23.93 -32.96
CA TYR B 489 -30.19 -23.62 -31.58
C TYR B 489 -29.47 -24.57 -30.63
N VAL B 490 -28.97 -24.02 -29.52
CA VAL B 490 -28.29 -24.80 -28.49
C VAL B 490 -29.34 -25.37 -27.56
N GLY B 491 -28.90 -25.93 -26.44
CA GLY B 491 -29.82 -26.32 -25.39
C GLY B 491 -30.24 -25.15 -24.53
N ALA B 492 -29.29 -24.23 -24.29
CA ALA B 492 -29.59 -23.11 -23.40
C ALA B 492 -30.61 -22.17 -24.01
N ASP B 493 -30.49 -21.89 -25.31
CA ASP B 493 -31.47 -21.03 -25.96
C ASP B 493 -32.83 -21.72 -26.01
N LEU B 494 -32.87 -22.97 -26.48
CA LEU B 494 -34.14 -23.70 -26.46
C LEU B 494 -34.71 -23.76 -25.05
N GLU B 495 -33.85 -23.75 -24.04
CA GLU B 495 -34.31 -23.60 -22.67
C GLU B 495 -35.30 -22.45 -22.56
N ASN B 496 -34.83 -21.23 -22.84
CA ASN B 496 -35.72 -20.08 -22.86
C ASN B 496 -36.79 -20.22 -23.93
N LEU B 497 -36.49 -20.93 -25.02
CA LEU B 497 -37.48 -21.10 -26.08
C LEU B 497 -38.76 -21.73 -25.54
N CYS B 498 -38.64 -22.92 -24.95
CA CYS B 498 -39.79 -23.50 -24.25
C CYS B 498 -40.31 -22.53 -23.21
N ARG B 499 -39.41 -21.78 -22.58
CA ARG B 499 -39.81 -20.78 -21.61
C ARG B 499 -40.74 -19.75 -22.24
N GLU B 500 -40.28 -19.07 -23.28
CA GLU B 500 -41.08 -18.03 -23.91
C GLU B 500 -42.40 -18.58 -24.42
N ALA B 501 -42.42 -19.85 -24.83
CA ALA B 501 -43.67 -20.46 -25.29
C ALA B 501 -44.76 -20.31 -24.24
N GLY B 502 -44.43 -20.58 -22.98
CA GLY B 502 -45.42 -20.37 -21.93
C GLY B 502 -45.98 -18.97 -21.92
N MET B 503 -45.11 -17.96 -22.05
CA MET B 503 -45.59 -16.59 -22.13
C MET B 503 -46.53 -16.40 -23.30
N ASN B 504 -46.15 -16.91 -24.47
CA ASN B 504 -47.04 -16.82 -25.63
C ASN B 504 -48.39 -17.47 -25.34
N ALA B 505 -48.38 -18.72 -24.91
CA ALA B 505 -49.62 -19.39 -24.53
C ALA B 505 -50.35 -18.61 -23.45
N TYR B 506 -49.61 -18.08 -22.48
CA TYR B 506 -50.22 -17.27 -21.43
C TYR B 506 -50.76 -15.96 -21.97
N ARG B 507 -50.06 -15.36 -22.93
CA ARG B 507 -50.46 -14.05 -23.44
C ARG B 507 -51.86 -14.11 -24.04
N GLU B 508 -52.13 -15.12 -24.85
CA GLU B 508 -53.47 -15.26 -25.45
C GLU B 508 -54.53 -15.49 -24.36
N ASN B 509 -54.35 -16.52 -23.55
CA ASN B 509 -55.33 -16.91 -22.56
C ASN B 509 -54.87 -16.52 -21.17
N PRO B 510 -55.67 -15.78 -20.40
CA PRO B 510 -55.23 -15.41 -19.05
C PRO B 510 -54.92 -16.59 -18.16
N ASP B 511 -55.75 -17.62 -18.16
CA ASP B 511 -55.48 -18.83 -17.39
C ASP B 511 -54.68 -19.82 -18.23
N ALA B 512 -53.76 -20.52 -17.58
CA ALA B 512 -52.83 -21.38 -18.31
C ALA B 512 -53.56 -22.55 -18.97
N THR B 513 -53.15 -22.84 -20.20
CA THR B 513 -53.70 -23.95 -20.97
C THR B 513 -52.57 -24.62 -21.74
N SER B 514 -52.87 -25.79 -22.29
CA SER B 514 -51.87 -26.53 -23.06
C SER B 514 -51.28 -25.64 -24.15
N VAL B 515 -49.97 -25.73 -24.32
CA VAL B 515 -49.29 -24.90 -25.32
C VAL B 515 -49.69 -25.35 -26.72
N SER B 516 -49.50 -24.44 -27.68
CA SER B 516 -49.83 -24.69 -29.07
C SER B 516 -48.60 -24.54 -29.94
N GLN B 517 -48.62 -25.24 -31.09
CA GLN B 517 -47.50 -25.14 -32.02
C GLN B 517 -47.21 -23.70 -32.40
N LYS B 518 -48.27 -22.92 -32.66
CA LYS B 518 -48.08 -21.51 -32.96
C LYS B 518 -47.35 -20.79 -31.84
N ASN B 519 -47.62 -21.17 -30.59
CA ASN B 519 -46.91 -20.57 -29.46
C ASN B 519 -45.41 -20.73 -29.57
N PHE B 520 -44.94 -21.78 -30.25
CA PHE B 520 -43.51 -21.94 -30.47
C PHE B 520 -43.02 -21.10 -31.65
N LEU B 521 -43.79 -21.05 -32.74
CA LEU B 521 -43.34 -20.34 -33.93
C LEU B 521 -43.08 -18.87 -33.62
N ASP B 522 -44.08 -18.17 -33.10
CA ASP B 522 -43.89 -16.77 -32.74
C ASP B 522 -42.67 -16.60 -31.83
N ALA B 523 -42.52 -17.50 -30.85
CA ALA B 523 -41.33 -17.49 -30.02
C ALA B 523 -40.12 -18.03 -30.78
N LEU B 524 -40.33 -18.99 -31.67
CA LEU B 524 -39.23 -19.53 -32.47
C LEU B 524 -38.43 -18.41 -33.12
N LYS B 525 -39.12 -17.44 -33.72
CA LYS B 525 -38.46 -16.27 -34.26
C LYS B 525 -38.18 -15.22 -33.20
N THR B 526 -38.67 -15.41 -31.97
CA THR B 526 -38.41 -14.46 -30.90
C THR B 526 -36.97 -14.51 -30.43
N ILE B 527 -36.33 -15.68 -30.48
CA ILE B 527 -34.93 -15.84 -30.09
C ILE B 527 -34.23 -16.67 -31.15
N ARG B 528 -33.24 -16.09 -31.81
CA ARG B 528 -32.51 -16.81 -32.84
C ARG B 528 -31.41 -17.66 -32.23
N PRO B 529 -30.88 -18.61 -32.98
CA PRO B 529 -29.86 -19.51 -32.43
C PRO B 529 -28.65 -18.73 -31.92
N SER B 530 -28.20 -19.09 -30.72
CA SER B 530 -26.97 -18.52 -30.19
C SER B 530 -25.72 -19.09 -30.82
N VAL B 531 -25.86 -20.11 -31.67
CA VAL B 531 -24.73 -20.77 -32.32
C VAL B 531 -25.04 -20.88 -33.80
N ASP B 532 -24.23 -20.22 -34.62
CA ASP B 532 -24.33 -20.31 -36.07
C ASP B 532 -23.22 -21.18 -36.62
N GLU B 533 -23.20 -21.36 -37.93
CA GLU B 533 -22.12 -22.09 -38.58
C GLU B 533 -20.79 -21.34 -38.49
N GLU B 534 -20.80 -20.08 -38.06
CA GLU B 534 -19.56 -19.33 -37.90
C GLU B 534 -18.82 -19.75 -36.64
N VAL B 535 -19.53 -19.92 -35.53
CA VAL B 535 -18.87 -20.29 -34.28
C VAL B 535 -18.44 -21.74 -34.29
N ILE B 536 -19.25 -22.61 -34.90
CA ILE B 536 -18.89 -24.03 -34.95
C ILE B 536 -17.48 -24.21 -35.51
N LYS B 537 -17.16 -23.44 -36.56
CA LYS B 537 -15.79 -23.48 -37.08
C LYS B 537 -14.80 -22.99 -36.03
N PHE B 538 -15.18 -21.97 -35.26
CA PHE B 538 -14.31 -21.47 -34.21
C PHE B 538 -13.84 -22.59 -33.30
N TYR B 539 -14.77 -23.37 -32.76
CA TYR B 539 -14.38 -24.49 -31.91
C TYR B 539 -13.74 -25.59 -32.73
N ARG B 540 -14.25 -25.85 -33.94
CA ARG B 540 -13.63 -26.86 -34.79
C ARG B 540 -12.14 -26.59 -34.97
N THR B 541 -11.78 -25.33 -35.17
CA THR B 541 -10.36 -24.96 -35.22
C THR B 541 -9.77 -24.87 -33.82
N LEU B 542 -10.51 -24.29 -32.88
CA LEU B 542 -10.04 -24.19 -31.50
C LEU B 542 -9.87 -25.56 -30.86
N SER B 543 -10.39 -26.61 -31.48
CA SER B 543 -10.21 -27.96 -30.95
C SER B 543 -8.76 -28.41 -30.98
N GLU B 544 -7.88 -27.64 -31.60
CA GLU B 544 -6.46 -27.97 -31.69
C GLU B 544 -5.63 -26.85 -31.08
N THR B 545 -4.72 -27.21 -30.20
CA THR B 545 -3.86 -26.24 -29.53
C THR B 545 -2.90 -26.94 -28.58
N GLU C 2 11.52 -44.68 34.88
CA GLU C 2 11.63 -45.24 33.54
C GLU C 2 13.09 -45.56 33.20
N VAL C 3 13.41 -46.86 33.15
CA VAL C 3 14.77 -47.27 32.85
C VAL C 3 15.19 -46.79 31.47
N SER C 4 14.25 -46.73 30.53
CA SER C 4 14.54 -46.27 29.18
C SER C 4 14.45 -44.75 29.14
N ARG C 5 15.57 -44.10 28.79
CA ARG C 5 15.67 -42.65 28.74
C ARG C 5 16.30 -42.24 27.42
N ILE C 6 16.21 -40.95 27.12
CA ILE C 6 16.66 -40.44 25.83
C ILE C 6 18.13 -40.81 25.61
N SER C 7 18.40 -41.45 24.49
CA SER C 7 19.75 -41.86 24.12
C SER C 7 19.94 -41.69 22.62
N TYR C 8 21.20 -41.79 22.18
CA TYR C 8 21.52 -41.59 20.77
C TYR C 8 20.58 -42.39 19.87
N GLU C 9 20.43 -43.69 20.15
CA GLU C 9 19.68 -44.56 19.27
C GLU C 9 18.29 -44.00 18.96
N ASP C 10 17.75 -43.19 19.87
CA ASP C 10 16.50 -42.49 19.57
C ASP C 10 16.63 -41.68 18.29
N ILE C 11 17.60 -40.78 18.23
CA ILE C 11 17.83 -39.98 17.05
C ILE C 11 18.24 -40.88 15.89
N GLY C 12 17.90 -40.46 14.67
CA GLY C 12 18.31 -41.19 13.49
C GLY C 12 18.38 -40.24 12.30
N GLY C 13 19.21 -40.61 11.33
CA GLY C 13 19.41 -39.79 10.15
C GLY C 13 20.18 -38.51 10.39
N LEU C 14 20.46 -38.17 11.64
CA LEU C 14 21.23 -36.98 12.00
C LEU C 14 22.71 -37.28 12.18
N SER C 15 23.14 -38.44 11.74
CA SER C 15 24.49 -38.88 12.00
C SER C 15 25.59 -37.89 11.71
N GLU C 16 25.59 -37.18 10.59
CA GLU C 16 26.66 -36.21 10.38
C GLU C 16 26.51 -35.05 11.36
N GLN C 17 25.32 -34.48 11.40
CA GLN C 17 25.05 -33.34 12.27
C GLN C 17 25.12 -33.71 13.73
N LEU C 18 24.51 -34.84 14.05
CA LEU C 18 24.49 -35.28 15.42
C LEU C 18 25.92 -35.53 15.80
N GLY C 19 26.67 -36.14 14.91
CA GLY C 19 28.04 -36.47 15.23
C GLY C 19 28.81 -35.23 15.53
N LYS C 20 28.66 -34.22 14.70
CA LYS C 20 29.40 -33.00 14.93
C LYS C 20 29.04 -32.34 16.25
N ILE C 21 27.75 -32.28 16.55
CA ILE C 21 27.36 -31.64 17.80
C ILE C 21 27.90 -32.39 18.99
N ARG C 22 27.79 -33.71 18.91
CA ARG C 22 28.23 -34.53 20.01
C ARG C 22 29.69 -34.35 20.20
N GLU C 23 30.41 -34.32 19.09
CA GLU C 23 31.84 -34.18 19.17
C GLU C 23 32.17 -32.86 19.82
N MET C 24 31.51 -31.77 19.43
CA MET C 24 31.86 -30.50 20.03
C MET C 24 31.64 -30.56 21.53
N ILE C 25 30.48 -31.04 21.95
CA ILE C 25 30.24 -31.06 23.40
C ILE C 25 31.19 -31.97 24.18
N GLU C 26 31.26 -33.21 23.71
CA GLU C 26 32.04 -34.23 24.36
C GLU C 26 33.54 -33.97 24.36
N LEU C 27 34.08 -33.56 23.22
CA LEU C 27 35.50 -33.31 23.17
C LEU C 27 35.76 -32.20 24.15
N PRO C 28 34.87 -31.15 24.06
CA PRO C 28 35.11 -30.10 25.05
C PRO C 28 34.78 -30.59 26.45
N LEU C 29 33.66 -31.30 26.54
CA LEU C 29 33.17 -31.81 27.82
C LEU C 29 33.94 -32.90 28.59
N LYS C 30 34.42 -33.92 27.91
CA LYS C 30 35.15 -34.98 28.62
C LYS C 30 36.38 -34.36 29.23
N HIS C 31 36.99 -33.48 28.45
CA HIS C 31 38.22 -32.78 28.78
C HIS C 31 38.42 -31.59 27.87
N PRO C 32 38.86 -30.46 28.40
CA PRO C 32 39.20 -29.31 27.54
C PRO C 32 40.49 -29.50 26.76
N GLU C 33 41.34 -30.45 27.17
CA GLU C 33 42.70 -30.52 26.65
C GLU C 33 42.76 -30.48 25.13
N LEU C 34 41.77 -31.10 24.46
CA LEU C 34 41.78 -31.11 23.00
C LEU C 34 41.70 -29.70 22.43
N PHE C 35 40.63 -28.97 22.79
CA PHE C 35 40.51 -27.59 22.31
C PHE C 35 41.42 -26.65 23.09
N GLU C 36 41.62 -26.91 24.38
CA GLU C 36 42.50 -26.08 25.18
C GLU C 36 43.87 -25.91 24.52
N ARG C 37 44.36 -26.96 23.86
CA ARG C 37 45.69 -26.90 23.27
C ARG C 37 45.68 -26.21 21.92
N LEU C 38 44.69 -26.46 21.08
CA LEU C 38 44.60 -25.88 19.75
C LEU C 38 43.24 -25.24 19.54
N GLY C 39 43.24 -24.05 18.95
CA GLY C 39 42.00 -23.33 18.72
C GLY C 39 41.41 -22.78 20.00
N ILE C 40 40.37 -21.95 19.88
CA ILE C 40 39.74 -21.36 21.05
C ILE C 40 38.89 -22.40 21.77
N THR C 41 38.57 -22.13 23.04
CA THR C 41 37.65 -22.98 23.75
C THR C 41 36.34 -23.08 22.97
N PRO C 42 35.58 -24.15 23.17
CA PRO C 42 34.34 -24.32 22.42
C PRO C 42 33.40 -23.15 22.64
N PRO C 43 32.74 -22.69 21.59
CA PRO C 43 31.80 -21.57 21.77
C PRO C 43 30.68 -21.96 22.73
N LYS C 44 30.44 -21.10 23.72
CA LYS C 44 29.43 -21.40 24.73
C LYS C 44 28.05 -21.51 24.11
N GLY C 45 27.63 -20.49 23.38
CA GLY C 45 26.32 -20.51 22.75
C GLY C 45 26.33 -21.25 21.42
N VAL C 46 25.24 -21.97 21.16
CA VAL C 46 25.02 -22.63 19.88
C VAL C 46 23.52 -22.64 19.61
N ILE C 47 23.15 -22.42 18.35
CA ILE C 47 21.76 -22.40 17.93
C ILE C 47 21.54 -23.56 16.97
N LEU C 48 20.50 -24.34 17.21
CA LEU C 48 20.13 -25.46 16.35
C LEU C 48 18.89 -25.07 15.57
N TYR C 49 19.14 -24.74 14.31
CA TYR C 49 18.16 -24.24 13.37
C TYR C 49 17.71 -25.39 12.55
N GLY C 50 16.41 -25.64 12.59
CA GLY C 50 15.81 -26.73 11.85
C GLY C 50 14.35 -26.46 11.61
N PRO C 51 13.75 -27.22 10.64
CA PRO C 51 12.32 -26.95 10.46
C PRO C 51 11.62 -27.46 11.71
N PRO C 52 10.38 -26.90 11.98
CA PRO C 52 9.77 -27.40 13.24
C PRO C 52 9.47 -28.88 13.20
N GLY C 53 9.44 -29.49 14.39
CA GLY C 53 9.16 -30.91 14.48
C GLY C 53 10.17 -31.79 13.78
N THR C 54 11.43 -31.40 13.89
CA THR C 54 12.54 -32.14 13.30
C THR C 54 13.35 -32.91 14.33
N GLY C 55 13.04 -32.77 15.61
CA GLY C 55 13.75 -33.46 16.66
C GLY C 55 14.75 -32.64 17.44
N LYS C 56 14.82 -31.34 17.17
CA LYS C 56 15.85 -30.54 17.83
C LYS C 56 15.70 -30.63 19.32
N THR C 57 14.45 -30.62 19.77
CA THR C 57 14.22 -30.69 21.20
C THR C 57 14.85 -31.97 21.70
N LEU C 58 14.63 -33.05 20.98
CA LEU C 58 15.18 -34.33 21.41
C LEU C 58 16.69 -34.32 21.44
N ILE C 59 17.35 -33.63 20.53
CA ILE C 59 18.80 -33.70 20.49
C ILE C 59 19.53 -33.36 21.80
N ALA C 60 19.06 -32.34 22.50
CA ALA C 60 19.73 -31.92 23.72
C ALA C 60 19.80 -32.98 24.81
N ARG C 61 18.74 -33.74 25.01
CA ARG C 61 18.74 -34.75 26.06
C ARG C 61 19.82 -35.82 25.82
N ALA C 62 19.91 -36.22 24.55
CA ALA C 62 20.88 -37.22 24.18
C ALA C 62 22.27 -36.65 24.41
N VAL C 63 22.43 -35.39 24.02
CA VAL C 63 23.74 -34.79 24.20
C VAL C 63 24.11 -34.81 25.66
N ALA C 64 23.13 -34.51 26.51
CA ALA C 64 23.36 -34.49 27.95
C ALA C 64 23.77 -35.84 28.54
N ASN C 65 23.14 -36.91 28.07
CA ASN C 65 23.48 -38.26 28.47
C ASN C 65 24.85 -38.72 27.90
N GLU C 66 25.30 -38.08 26.81
CA GLU C 66 26.55 -38.47 26.15
C GLU C 66 27.82 -38.38 27.00
N SER C 67 28.02 -37.29 27.73
CA SER C 67 29.18 -37.20 28.60
C SER C 67 28.83 -37.34 30.08
N GLY C 68 27.55 -37.49 30.41
CA GLY C 68 27.11 -37.54 31.79
C GLY C 68 27.04 -36.21 32.49
N ALA C 69 27.30 -35.10 31.78
CA ALA C 69 27.20 -33.79 32.40
C ALA C 69 25.80 -33.56 32.93
N ASN C 70 25.71 -32.80 34.02
CA ASN C 70 24.42 -32.56 34.65
C ASN C 70 23.45 -31.93 33.67
N PHE C 71 22.28 -32.56 33.53
CA PHE C 71 21.27 -32.08 32.60
C PHE C 71 20.45 -30.96 33.22
N LEU C 72 20.14 -29.97 32.39
CA LEU C 72 19.30 -28.82 32.72
C LEU C 72 18.61 -28.54 31.38
N SER C 73 17.34 -28.15 31.35
CA SER C 73 16.65 -27.83 30.09
C SER C 73 15.86 -26.56 30.38
N ILE C 74 16.02 -25.45 29.65
CA ILE C 74 15.22 -24.24 29.94
C ILE C 74 14.43 -23.89 28.65
N ASN C 75 13.12 -23.71 28.77
CA ASN C 75 12.27 -23.43 27.61
C ASN C 75 11.67 -22.01 27.51
N GLY C 76 11.66 -21.48 26.31
CA GLY C 76 11.19 -20.13 26.05
C GLY C 76 9.74 -19.96 26.47
N PRO C 77 8.94 -21.08 26.30
CA PRO C 77 7.55 -20.87 26.70
C PRO C 77 7.45 -20.53 28.19
N GLU C 78 8.20 -21.24 29.02
CA GLU C 78 8.15 -20.98 30.46
C GLU C 78 9.28 -20.10 30.97
N ILE C 79 10.15 -19.64 30.09
CA ILE C 79 11.26 -18.81 30.54
C ILE C 79 10.69 -17.58 31.20
N MET C 80 9.70 -17.00 30.54
CA MET C 80 9.06 -15.82 31.07
C MET C 80 7.73 -16.20 31.69
N SER C 81 7.44 -17.50 31.70
CA SER C 81 6.18 -17.93 32.27
C SER C 81 5.81 -17.15 33.53
N LYS C 82 6.64 -17.26 34.56
CA LYS C 82 6.28 -16.68 35.85
C LYS C 82 6.11 -15.17 35.75
N TYR C 83 5.36 -14.61 36.69
CA TYR C 83 4.93 -13.22 36.62
C TYR C 83 6.13 -12.29 36.48
N TYR C 84 5.91 -11.20 35.76
CA TYR C 84 6.99 -10.28 35.43
C TYR C 84 7.63 -9.71 36.69
N GLY C 85 8.92 -9.42 36.59
CA GLY C 85 9.74 -8.95 37.69
C GLY C 85 10.40 -10.06 38.47
N GLN C 86 9.82 -11.26 38.47
CA GLN C 86 10.51 -12.47 38.90
C GLN C 86 11.01 -13.28 37.71
N SER C 87 10.74 -12.88 36.48
CA SER C 87 11.26 -13.64 35.35
C SER C 87 12.80 -13.59 35.20
N GLU C 88 13.34 -12.39 35.33
CA GLU C 88 14.76 -12.12 35.19
C GLU C 88 15.58 -12.86 36.23
N GLN C 89 15.06 -12.89 37.45
CA GLN C 89 15.74 -13.55 38.53
C GLN C 89 15.86 -15.02 38.17
N LYS C 90 14.79 -15.57 37.62
CA LYS C 90 14.79 -16.97 37.24
C LYS C 90 15.84 -17.22 36.16
N LEU C 91 15.91 -16.35 35.17
CA LEU C 91 16.89 -16.56 34.11
C LEU C 91 18.27 -16.59 34.73
N ARG C 92 18.59 -15.67 35.62
CA ARG C 92 19.95 -15.62 36.20
C ARG C 92 20.35 -16.88 37.00
N GLU C 93 19.35 -17.40 37.67
CA GLU C 93 19.46 -18.51 38.58
C GLU C 93 20.05 -19.75 37.91
N ILE C 94 19.65 -20.01 36.68
CA ILE C 94 20.16 -21.18 35.96
C ILE C 94 21.66 -21.10 35.72
N PHE C 95 22.11 -19.90 35.35
CA PHE C 95 23.51 -19.68 35.10
C PHE C 95 24.24 -19.91 36.40
N SER C 96 23.66 -19.42 37.48
CA SER C 96 24.27 -19.59 38.79
C SER C 96 24.40 -21.08 39.12
N LYS C 97 23.36 -21.82 38.78
CA LYS C 97 23.23 -23.26 38.99
C LYS C 97 24.25 -24.10 38.25
N ALA C 98 24.68 -23.65 37.08
CA ALA C 98 25.63 -24.47 36.31
C ALA C 98 27.00 -24.84 36.92
N GLU C 99 27.62 -23.91 37.64
CA GLU C 99 28.94 -24.07 38.23
C GLU C 99 28.95 -25.15 39.30
N GLU C 100 27.90 -25.20 40.13
CA GLU C 100 27.85 -26.18 41.21
C GLU C 100 28.11 -27.59 40.71
N THR C 101 27.37 -27.99 39.67
CA THR C 101 27.50 -29.31 39.07
C THR C 101 28.47 -29.35 37.91
N ALA C 102 29.14 -28.24 37.61
CA ALA C 102 30.09 -28.18 36.50
C ALA C 102 31.12 -29.31 36.60
N PRO C 103 31.45 -29.92 35.46
CA PRO C 103 30.88 -29.56 34.15
C PRO C 103 29.40 -29.88 34.04
N SER C 104 28.63 -28.91 33.54
CA SER C 104 27.19 -29.06 33.38
C SER C 104 26.79 -28.55 32.00
N ILE C 105 25.55 -28.85 31.62
CA ILE C 105 25.01 -28.46 30.32
C ILE C 105 23.87 -27.48 30.55
N ILE C 106 24.04 -26.25 30.09
CA ILE C 106 22.96 -25.28 30.07
C ILE C 106 22.09 -25.58 28.87
N PHE C 107 20.82 -25.89 29.11
CA PHE C 107 19.94 -26.48 28.10
C PHE C 107 18.62 -25.74 28.07
N ILE C 108 18.31 -25.14 26.93
CA ILE C 108 17.02 -24.51 26.69
C ILE C 108 16.69 -24.68 25.22
N ASP C 109 15.41 -24.86 24.92
CA ASP C 109 14.99 -25.15 23.56
C ASP C 109 13.76 -24.33 23.18
N GLU C 110 13.49 -24.30 21.88
CA GLU C 110 12.33 -23.60 21.32
C GLU C 110 12.26 -22.18 21.86
N ILE C 111 13.35 -21.44 21.67
CA ILE C 111 13.46 -20.11 22.25
C ILE C 111 13.17 -19.10 21.15
N ASP C 112 11.95 -18.58 21.15
CA ASP C 112 11.65 -17.27 20.58
C ASP C 112 11.45 -16.21 21.64
N SER C 113 11.43 -16.59 22.92
CA SER C 113 10.97 -15.69 23.97
C SER C 113 12.03 -14.67 24.35
N ILE C 114 13.26 -15.13 24.60
CA ILE C 114 14.32 -14.21 25.01
C ILE C 114 14.58 -13.19 23.91
N ALA C 115 14.45 -13.61 22.65
CA ALA C 115 14.59 -12.73 21.50
C ALA C 115 13.33 -12.88 20.65
N PRO C 116 12.19 -12.36 21.12
CA PRO C 116 10.96 -12.49 20.34
C PRO C 116 11.10 -11.92 18.94
N LYS C 117 11.72 -10.75 18.81
CA LYS C 117 11.97 -10.15 17.51
C LYS C 117 13.19 -9.25 17.62
N ARG C 118 13.97 -9.14 16.55
CA ARG C 118 15.18 -8.36 16.67
C ARG C 118 14.96 -6.86 16.94
N GLU C 119 14.14 -6.22 16.12
CA GLU C 119 13.85 -4.79 16.26
C GLU C 119 12.35 -4.43 16.34
N GLU C 120 11.51 -5.43 16.09
CA GLU C 120 10.06 -5.27 16.11
C GLU C 120 9.39 -5.14 17.49
N VAL C 121 9.86 -5.90 18.47
CA VAL C 121 9.25 -5.86 19.80
C VAL C 121 9.96 -4.98 20.81
N GLN C 122 9.22 -4.03 21.38
CA GLN C 122 9.75 -3.11 22.37
C GLN C 122 9.32 -3.43 23.81
N GLY C 123 8.68 -4.57 24.02
CA GLY C 123 8.24 -4.90 25.36
C GLY C 123 9.41 -5.02 26.33
N GLU C 124 9.25 -4.39 27.50
CA GLU C 124 10.28 -4.42 28.52
C GLU C 124 10.51 -5.83 29.03
N VAL C 125 9.46 -6.59 29.31
CA VAL C 125 9.73 -7.91 29.82
C VAL C 125 10.55 -8.60 28.76
N GLU C 126 10.16 -8.39 27.51
CA GLU C 126 10.89 -8.97 26.40
C GLU C 126 12.31 -8.38 26.41
N ARG C 127 12.41 -7.07 26.54
CA ARG C 127 13.73 -6.45 26.53
C ARG C 127 14.65 -6.81 27.69
N ARG C 128 14.11 -6.88 28.90
CA ARG C 128 14.95 -7.18 30.07
C ARG C 128 15.62 -8.52 29.94
N VAL C 129 14.86 -9.51 29.52
CA VAL C 129 15.42 -10.83 29.37
C VAL C 129 16.46 -10.79 28.29
N VAL C 130 16.20 -10.03 27.24
CA VAL C 130 17.16 -9.98 26.15
C VAL C 130 18.48 -9.49 26.69
N ALA C 131 18.41 -8.43 27.47
CA ALA C 131 19.63 -7.87 28.02
C ALA C 131 20.36 -8.83 28.94
N GLN C 132 19.61 -9.50 29.80
CA GLN C 132 20.26 -10.40 30.73
C GLN C 132 20.93 -11.51 29.96
N LEU C 133 20.27 -11.97 28.92
CA LEU C 133 20.80 -13.05 28.12
C LEU C 133 22.10 -12.63 27.47
N LEU C 134 22.12 -11.43 26.92
CA LEU C 134 23.35 -10.99 26.28
C LEU C 134 24.43 -10.97 27.32
N THR C 135 24.11 -10.41 28.48
CA THR C 135 25.10 -10.37 29.54
C THR C 135 25.48 -11.74 30.11
N LEU C 136 24.50 -12.59 30.40
CA LEU C 136 24.87 -13.89 30.94
C LEU C 136 25.87 -14.45 29.96
N MET C 137 25.55 -14.30 28.69
CA MET C 137 26.50 -14.73 27.68
C MET C 137 27.79 -14.05 28.09
N ASP C 138 27.62 -12.82 28.52
CA ASP C 138 28.73 -12.02 29.00
C ASP C 138 29.19 -12.60 30.33
N GLY C 139 28.25 -12.96 31.20
CA GLY C 139 28.69 -13.50 32.48
C GLY C 139 29.36 -14.84 32.37
N MET C 140 29.17 -15.54 31.24
CA MET C 140 29.82 -16.83 31.03
C MET C 140 31.33 -16.63 30.96
N LYS C 141 32.11 -17.56 31.51
CA LYS C 141 33.55 -17.42 31.48
C LYS C 141 34.25 -18.64 30.89
N GLU C 142 35.44 -18.44 30.36
CA GLU C 142 36.16 -19.50 29.65
C GLU C 142 36.41 -20.78 30.42
N ARG C 143 36.71 -20.68 31.70
CA ARG C 143 36.97 -21.87 32.48
C ARG C 143 35.75 -22.79 32.53
N GLY C 144 34.56 -22.20 32.62
CA GLY C 144 33.34 -22.99 32.74
C GLY C 144 32.99 -24.02 31.71
N HIS C 145 32.66 -25.20 32.20
CA HIS C 145 32.23 -26.30 31.36
C HIS C 145 30.71 -26.07 31.34
N VAL C 146 30.25 -25.07 30.59
CA VAL C 146 28.82 -24.74 30.49
C VAL C 146 28.55 -24.67 28.97
N ILE C 147 27.54 -25.34 28.45
CA ILE C 147 27.26 -25.25 26.99
C ILE C 147 25.81 -24.75 26.87
N VAL C 148 25.58 -23.71 26.07
CA VAL C 148 24.25 -23.12 25.88
C VAL C 148 23.71 -23.55 24.51
N ILE C 149 22.44 -23.96 24.43
CA ILE C 149 21.85 -24.43 23.17
C ILE C 149 20.45 -23.86 22.86
N GLY C 150 19.93 -24.08 21.65
CA GLY C 150 18.61 -23.53 21.38
C GLY C 150 18.15 -23.90 19.99
N ALA C 151 16.83 -23.85 19.82
CA ALA C 151 16.20 -24.13 18.53
C ALA C 151 15.10 -23.11 18.29
N THR C 152 14.83 -22.88 17.01
CA THR C 152 13.83 -21.94 16.60
C THR C 152 13.32 -22.27 15.22
N ASN C 153 12.08 -21.91 14.98
CA ASN C 153 11.48 -22.13 13.68
C ASN C 153 12.13 -21.28 12.59
N ARG C 154 12.37 -20.02 12.91
CA ARG C 154 12.93 -19.08 11.96
C ARG C 154 14.40 -18.86 12.20
N ILE C 155 15.20 -18.92 11.15
CA ILE C 155 16.62 -18.76 11.40
C ILE C 155 16.93 -17.32 11.84
N ASP C 156 16.52 -16.35 11.03
CA ASP C 156 16.78 -14.95 11.35
C ASP C 156 15.81 -14.39 12.40
N ALA C 157 14.79 -15.16 12.78
CA ALA C 157 13.85 -14.68 13.79
C ALA C 157 14.56 -14.27 15.08
N ILE C 158 15.70 -14.91 15.38
CA ILE C 158 16.45 -14.56 16.58
C ILE C 158 17.11 -13.19 16.39
N ASP C 159 17.48 -12.54 17.48
CA ASP C 159 18.14 -11.24 17.35
C ASP C 159 19.41 -11.30 16.50
N PRO C 160 19.56 -10.23 15.63
CA PRO C 160 20.79 -10.26 14.83
C PRO C 160 22.05 -10.13 15.67
N ALA C 161 21.97 -9.33 16.73
CA ALA C 161 23.12 -9.08 17.57
C ALA C 161 23.73 -10.32 18.18
N LEU C 162 22.88 -11.27 18.57
CA LEU C 162 23.38 -12.49 19.17
C LEU C 162 24.28 -13.19 18.17
N ARG C 163 24.06 -12.89 16.90
CA ARG C 163 24.84 -13.47 15.83
C ARG C 163 26.35 -13.18 15.82
N ARG C 164 26.78 -11.99 16.23
CA ARG C 164 28.21 -11.71 16.20
C ARG C 164 28.92 -12.76 17.06
N PRO C 165 30.21 -13.07 16.67
CA PRO C 165 30.85 -14.13 17.44
C PRO C 165 31.11 -13.77 18.88
N GLY C 166 31.42 -14.81 19.66
CA GLY C 166 31.66 -14.68 21.09
C GLY C 166 30.36 -14.98 21.82
N ARG C 167 29.31 -15.16 21.03
CA ARG C 167 27.97 -15.50 21.47
C ARG C 167 27.31 -16.21 20.30
N PHE C 168 26.85 -17.44 20.47
CA PHE C 168 26.21 -18.13 19.35
C PHE C 168 27.15 -18.20 18.13
N ASP C 169 28.44 -18.36 18.36
CA ASP C 169 29.36 -18.36 17.22
C ASP C 169 29.10 -19.51 16.27
N ARG C 170 28.90 -20.72 16.78
CA ARG C 170 28.66 -21.84 15.87
C ARG C 170 27.23 -22.33 15.87
N GLU C 171 26.65 -22.41 14.68
CA GLU C 171 25.27 -22.87 14.55
C GLU C 171 25.18 -24.02 13.56
N ILE C 172 24.46 -25.07 13.91
CA ILE C 172 24.27 -26.19 13.02
C ILE C 172 22.76 -26.39 12.90
N GLU C 173 22.23 -26.46 11.68
CA GLU C 173 20.80 -26.63 11.54
C GLU C 173 20.49 -28.00 10.93
N ILE C 174 19.59 -28.73 11.57
CA ILE C 174 19.24 -30.06 11.10
C ILE C 174 17.93 -29.94 10.32
N GLY C 175 17.94 -30.43 9.07
CA GLY C 175 16.78 -30.38 8.22
C GLY C 175 16.00 -31.67 8.21
N VAL C 176 15.12 -31.80 7.22
CA VAL C 176 14.30 -32.99 7.06
C VAL C 176 15.20 -34.21 6.99
N PRO C 177 14.78 -35.36 7.49
CA PRO C 177 15.62 -36.56 7.40
C PRO C 177 15.66 -37.10 5.99
N ASP C 178 16.74 -37.82 5.69
CA ASP C 178 16.91 -38.42 4.38
C ASP C 178 15.99 -39.63 4.23
N ARG C 179 15.74 -40.00 2.97
CA ARG C 179 14.90 -41.17 2.69
C ARG C 179 15.34 -42.37 3.52
N ASN C 180 16.64 -42.68 3.47
CA ASN C 180 17.16 -43.72 4.35
C ASN C 180 17.08 -43.30 5.81
N GLY C 181 17.24 -42.01 6.09
CA GLY C 181 17.11 -41.53 7.45
C GLY C 181 15.70 -41.70 7.99
N ARG C 182 14.70 -41.47 7.13
CA ARG C 182 13.32 -41.66 7.55
C ARG C 182 13.12 -43.04 8.17
N LYS C 183 13.80 -44.05 7.64
CA LYS C 183 13.68 -45.39 8.17
C LYS C 183 14.06 -45.44 9.64
N GLU C 184 15.20 -44.86 10.00
CA GLU C 184 15.64 -44.86 11.39
C GLU C 184 14.53 -44.37 12.31
N ILE C 185 13.93 -43.24 11.97
CA ILE C 185 12.85 -42.70 12.80
C ILE C 185 11.71 -43.71 12.88
N LEU C 186 11.17 -44.09 11.73
CA LEU C 186 10.07 -45.05 11.71
C LEU C 186 10.49 -46.41 12.25
N MET C 187 11.78 -46.74 12.13
CA MET C 187 12.25 -48.04 12.59
C MET C 187 12.27 -48.13 14.12
N ILE C 188 12.84 -47.11 14.77
CA ILE C 188 12.99 -47.17 16.23
C ILE C 188 11.63 -47.29 16.90
N HIS C 189 10.68 -46.44 16.53
CA HIS C 189 9.36 -46.49 17.13
C HIS C 189 8.71 -47.85 16.95
N THR C 190 9.15 -48.63 15.97
CA THR C 190 8.61 -49.98 15.78
C THR C 190 8.89 -50.87 16.98
N ARG C 191 9.86 -50.52 17.82
CA ARG C 191 10.18 -51.40 18.93
C ARG C 191 8.99 -51.58 19.84
N ASN C 192 8.35 -50.49 20.22
CA ASN C 192 7.16 -50.61 21.03
C ASN C 192 6.10 -51.19 20.12
N MET C 193 6.13 -50.72 18.88
CA MET C 193 5.20 -51.14 17.87
C MET C 193 5.37 -52.65 17.77
N PRO C 194 4.21 -53.40 17.72
CA PRO C 194 4.42 -54.84 17.65
C PRO C 194 3.94 -55.43 16.32
N LEU C 195 4.79 -56.24 15.69
CA LEU C 195 4.41 -56.87 14.43
C LEU C 195 4.27 -58.40 14.46
N GLY C 196 4.62 -59.03 15.57
CA GLY C 196 4.45 -60.47 15.68
C GLY C 196 5.68 -61.28 15.34
N MET C 197 6.63 -60.71 14.61
CA MET C 197 7.83 -61.42 14.22
C MET C 197 8.92 -60.40 13.90
N SER C 198 10.17 -60.88 13.89
CA SER C 198 11.29 -60.02 13.49
C SER C 198 10.97 -59.30 12.18
N GLU C 199 10.43 -60.03 11.21
CA GLU C 199 9.85 -59.45 10.01
C GLU C 199 10.83 -58.50 9.32
N GLU C 200 12.02 -59.04 9.01
CA GLU C 200 12.96 -58.26 8.22
C GLU C 200 12.32 -57.75 6.94
N GLU C 201 11.35 -58.49 6.40
CA GLU C 201 10.57 -57.99 5.27
C GLU C 201 9.83 -56.72 5.67
N LYS C 202 9.11 -56.76 6.78
CA LYS C 202 8.47 -55.54 7.29
C LYS C 202 9.49 -54.43 7.44
N ASN C 203 10.64 -54.75 8.06
CA ASN C 203 11.75 -53.80 8.07
C ASN C 203 12.03 -53.30 6.66
N LYS C 204 12.17 -54.23 5.71
CA LYS C 204 12.22 -53.84 4.31
C LYS C 204 10.93 -53.13 3.90
N PHE C 205 9.80 -53.59 4.43
CA PHE C 205 8.55 -52.87 4.23
C PHE C 205 8.64 -51.45 4.79
N LEU C 206 9.08 -51.33 6.05
CA LEU C 206 9.33 -50.01 6.60
C LEU C 206 10.29 -49.22 5.71
N GLU C 207 11.28 -49.91 5.13
CA GLU C 207 12.18 -49.26 4.19
C GLU C 207 11.40 -48.50 3.12
N GLU C 208 10.48 -49.20 2.45
CA GLU C 208 9.67 -48.56 1.41
C GLU C 208 8.61 -47.64 2.00
N MET C 209 8.19 -47.87 3.25
CA MET C 209 7.15 -47.05 3.86
C MET C 209 7.47 -45.57 3.71
N ALA C 210 8.72 -45.19 3.97
CA ALA C 210 9.11 -43.80 3.76
C ALA C 210 9.23 -43.49 2.27
N ASP C 211 9.69 -44.45 1.47
CA ASP C 211 9.91 -44.20 0.05
C ASP C 211 8.62 -43.83 -0.68
N TYR C 212 7.45 -44.10 -0.09
CA TYR C 212 6.21 -43.68 -0.72
C TYR C 212 6.15 -42.17 -0.93
N THR C 213 6.94 -41.42 -0.19
CA THR C 213 7.05 -39.97 -0.38
C THR C 213 8.49 -39.56 -0.17
N TYR C 214 8.86 -38.43 -0.78
CA TYR C 214 10.21 -37.92 -0.65
C TYR C 214 10.64 -37.83 0.81
N GLY C 215 9.71 -37.47 1.69
CA GLY C 215 10.01 -37.38 3.10
C GLY C 215 9.04 -36.45 3.79
N PHE C 216 9.16 -36.42 5.11
CA PHE C 216 8.35 -35.52 5.94
C PHE C 216 9.16 -35.14 7.17
N VAL C 217 8.51 -34.47 8.11
CA VAL C 217 9.16 -34.09 9.35
C VAL C 217 9.20 -35.29 10.28
N GLY C 218 10.23 -35.33 11.12
CA GLY C 218 10.36 -36.44 12.05
C GLY C 218 9.17 -36.54 13.01
N ALA C 219 8.80 -35.42 13.61
CA ALA C 219 7.70 -35.42 14.58
C ALA C 219 6.44 -36.05 13.97
N ASP C 220 6.00 -35.53 12.83
CA ASP C 220 4.82 -36.09 12.18
C ASP C 220 5.02 -37.57 11.90
N LEU C 221 6.19 -37.96 11.42
CA LEU C 221 6.48 -39.37 11.20
C LEU C 221 6.24 -40.18 12.46
N ALA C 222 6.85 -39.76 13.57
CA ALA C 222 6.58 -40.41 14.85
C ALA C 222 5.09 -40.39 15.16
N ALA C 223 4.37 -39.40 14.63
CA ALA C 223 2.92 -39.39 14.77
C ALA C 223 2.25 -40.36 13.81
N LEU C 224 2.84 -40.54 12.63
CA LEU C 224 2.27 -41.48 11.65
C LEU C 224 2.05 -42.84 12.28
N VAL C 225 3.07 -43.38 12.94
CA VAL C 225 2.93 -44.68 13.61
C VAL C 225 1.73 -44.66 14.54
N ARG C 226 1.46 -43.51 15.18
CA ARG C 226 0.31 -43.41 16.05
C ARG C 226 -0.99 -43.63 15.27
N GLU C 227 -1.05 -43.10 14.04
CA GLU C 227 -2.24 -43.29 13.22
C GLU C 227 -2.58 -44.77 13.08
N SER C 228 -1.59 -45.58 12.74
CA SER C 228 -1.82 -47.02 12.58
C SER C 228 -2.44 -47.60 13.85
N ALA C 229 -1.79 -47.38 15.00
CA ALA C 229 -2.34 -47.86 16.26
C ALA C 229 -3.81 -47.49 16.40
N MET C 230 -4.09 -46.19 16.45
CA MET C 230 -5.47 -45.73 16.55
C MET C 230 -6.34 -46.34 15.45
N ASN C 231 -5.92 -46.18 14.20
CA ASN C 231 -6.71 -46.68 13.07
C ASN C 231 -6.85 -48.20 13.14
N ALA C 232 -5.73 -48.90 13.22
CA ALA C 232 -5.78 -50.37 13.26
C ALA C 232 -6.54 -50.86 14.48
N LEU C 233 -6.50 -50.11 15.59
CA LEU C 233 -7.21 -50.53 16.79
C LEU C 233 -8.72 -50.56 16.58
N ARG C 234 -9.23 -49.87 15.56
CA ARG C 234 -10.66 -49.80 15.36
C ARG C 234 -11.24 -51.15 14.96
N ARG C 235 -10.55 -51.88 14.09
CA ARG C 235 -11.05 -53.18 13.67
C ARG C 235 -11.23 -54.16 14.84
N TYR C 236 -10.26 -54.19 15.75
CA TYR C 236 -10.34 -55.09 16.91
C TYR C 236 -11.00 -54.45 18.14
N LEU C 237 -11.30 -53.16 18.05
CA LEU C 237 -11.90 -52.42 19.16
C LEU C 237 -13.30 -52.84 19.61
N PRO C 238 -14.21 -53.16 18.61
CA PRO C 238 -15.56 -53.52 19.11
C PRO C 238 -15.65 -54.77 19.98
N GLU C 239 -14.92 -55.82 19.62
CA GLU C 239 -14.94 -57.08 20.36
C GLU C 239 -14.68 -56.89 21.84
N ILE C 240 -14.05 -55.79 22.24
CA ILE C 240 -13.75 -55.55 23.66
C ILE C 240 -14.82 -54.71 24.35
N ASP C 241 -15.84 -54.27 23.62
CA ASP C 241 -16.87 -53.42 24.20
C ASP C 241 -17.64 -54.10 25.33
N LEU C 242 -17.49 -55.42 25.49
CA LEU C 242 -18.28 -56.15 26.48
C LEU C 242 -18.14 -55.53 27.87
N ASP C 243 -16.92 -55.37 28.35
CA ASP C 243 -16.68 -54.82 29.68
C ASP C 243 -15.46 -53.91 29.63
N LYS C 244 -15.29 -53.12 30.69
CA LYS C 244 -14.13 -52.23 30.77
C LYS C 244 -12.83 -53.02 30.87
N PRO C 245 -12.69 -53.99 31.76
CA PRO C 245 -11.41 -54.71 31.86
C PRO C 245 -11.10 -55.45 30.58
N ILE C 246 -9.83 -55.39 30.19
CA ILE C 246 -9.40 -56.03 28.94
C ILE C 246 -9.28 -57.54 29.17
N PRO C 247 -9.91 -58.37 28.34
CA PRO C 247 -9.84 -59.82 28.56
C PRO C 247 -8.43 -60.32 28.34
N THR C 248 -7.95 -61.14 29.27
CA THR C 248 -6.66 -61.80 29.12
C THR C 248 -6.72 -62.98 28.16
N GLU C 249 -7.93 -63.47 27.84
CA GLU C 249 -8.06 -64.54 26.86
C GLU C 249 -7.37 -64.17 25.55
N ILE C 250 -7.73 -63.01 25.00
CA ILE C 250 -7.06 -62.45 23.85
C ILE C 250 -6.27 -61.23 24.33
N LEU C 251 -4.96 -61.35 24.37
CA LEU C 251 -4.09 -60.30 24.87
C LEU C 251 -2.94 -60.11 23.89
N GLU C 252 -2.89 -58.94 23.27
CA GLU C 252 -1.84 -58.57 22.32
C GLU C 252 -1.70 -59.60 21.21
N LYS C 253 -2.76 -60.34 20.92
CA LYS C 253 -2.80 -61.13 19.70
C LYS C 253 -3.34 -60.34 18.52
N MET C 254 -3.76 -59.11 18.76
CA MET C 254 -4.08 -58.18 17.69
C MET C 254 -2.86 -57.32 17.41
N VAL C 255 -2.28 -57.48 16.23
CA VAL C 255 -1.04 -56.81 15.87
C VAL C 255 -1.31 -55.90 14.68
N VAL C 256 -0.75 -54.69 14.72
CA VAL C 256 -0.89 -53.78 13.61
C VAL C 256 -0.27 -54.40 12.37
N THR C 257 -1.05 -54.49 11.30
CA THR C 257 -0.58 -55.07 10.05
C THR C 257 0.08 -54.00 9.20
N GLU C 258 1.13 -54.38 8.47
CA GLU C 258 1.82 -53.44 7.60
C GLU C 258 0.83 -52.72 6.69
N ASP C 259 -0.24 -53.41 6.28
CA ASP C 259 -1.28 -52.75 5.50
C ASP C 259 -1.95 -51.62 6.29
N ASP C 260 -1.99 -51.76 7.63
CA ASP C 260 -2.59 -50.70 8.44
C ASP C 260 -1.91 -49.36 8.18
N PHE C 261 -0.58 -49.34 8.24
CA PHE C 261 0.16 -48.12 7.88
C PHE C 261 -0.26 -47.64 6.50
N LYS C 262 -0.23 -48.54 5.51
CA LYS C 262 -0.67 -48.18 4.17
C LYS C 262 -2.04 -47.53 4.21
N ASN C 263 -2.92 -48.00 5.09
CA ASN C 263 -4.17 -47.31 5.35
C ASN C 263 -3.97 -46.12 6.30
N ALA C 264 -2.89 -46.12 7.06
CA ALA C 264 -2.63 -45.02 8.00
C ALA C 264 -2.04 -43.80 7.31
N LEU C 265 -1.28 -44.00 6.24
CA LEU C 265 -0.65 -42.86 5.56
C LEU C 265 -1.65 -41.79 5.19
N LYS C 266 -2.89 -42.18 4.90
CA LYS C 266 -3.92 -41.21 4.58
C LYS C 266 -4.46 -40.54 5.83
N SER C 267 -4.98 -39.33 5.67
CA SER C 267 -5.66 -38.63 6.75
C SER C 267 -4.68 -38.05 7.77
N ILE C 268 -3.40 -38.41 7.65
CA ILE C 268 -2.40 -37.89 8.60
C ILE C 268 -1.89 -36.52 8.21
N GLU C 269 -2.33 -35.97 7.08
CA GLU C 269 -1.97 -34.63 6.61
C GLU C 269 -0.47 -34.34 6.79
N PRO C 270 0.40 -35.13 6.18
CA PRO C 270 1.83 -34.83 6.24
C PRO C 270 2.19 -33.60 5.43
N SER C 271 3.49 -33.36 5.23
CA SER C 271 3.98 -32.23 4.45
C SER C 271 3.70 -30.90 5.15
N SER C 272 3.86 -30.90 6.48
CA SER C 272 3.75 -29.65 7.23
C SER C 272 4.94 -28.73 7.01
N LEU C 273 5.95 -29.17 6.29
CA LEU C 273 7.13 -28.34 6.06
C LEU C 273 7.14 -27.63 4.69
N ARG C 274 7.30 -26.30 4.74
CA ARG C 274 7.33 -25.48 3.53
C ARG C 274 8.76 -25.10 3.10
N GLU C 275 9.75 -25.64 3.80
CA GLU C 275 11.15 -25.36 3.51
C GLU C 275 11.62 -26.04 2.23
N VAL C 276 12.74 -25.57 1.68
CA VAL C 276 13.28 -26.15 0.45
C VAL C 276 13.52 -27.62 0.75
N MET C 277 13.22 -28.47 -0.22
CA MET C 277 13.35 -29.90 -0.01
C MET C 277 14.31 -30.47 -1.03
N VAL C 278 14.79 -31.69 -0.76
CA VAL C 278 15.70 -32.39 -1.64
C VAL C 278 15.09 -33.74 -1.99
N GLU C 279 15.09 -34.08 -3.28
CA GLU C 279 14.47 -35.30 -3.77
C GLU C 279 15.35 -35.93 -4.83
N VAL C 280 15.47 -37.25 -4.80
CA VAL C 280 16.25 -37.98 -5.79
C VAL C 280 15.32 -38.90 -6.57
N PRO C 281 15.07 -38.63 -7.85
CA PRO C 281 14.22 -39.51 -8.65
C PRO C 281 14.93 -40.78 -9.06
N ASN C 282 14.14 -41.81 -9.31
CA ASN C 282 14.64 -43.14 -9.64
C ASN C 282 14.69 -43.40 -11.15
N VAL C 283 14.36 -42.42 -11.97
CA VAL C 283 14.28 -42.66 -13.41
C VAL C 283 15.64 -43.13 -13.94
N HIS C 284 15.59 -43.97 -14.97
CA HIS C 284 16.79 -44.49 -15.62
C HIS C 284 16.70 -44.29 -17.12
N TRP C 285 17.87 -44.19 -17.77
CA TRP C 285 17.88 -43.97 -19.21
C TRP C 285 17.07 -45.01 -19.95
N ASP C 286 17.02 -46.24 -19.45
CA ASP C 286 16.18 -47.25 -20.07
C ASP C 286 14.76 -46.73 -20.27
N ASP C 287 14.29 -45.88 -19.35
CA ASP C 287 13.01 -45.21 -19.52
C ASP C 287 13.05 -44.11 -20.57
N ILE C 288 14.21 -43.81 -21.15
CA ILE C 288 14.37 -42.74 -22.13
C ILE C 288 14.55 -43.39 -23.50
N GLY C 289 13.54 -43.24 -24.35
CA GLY C 289 13.64 -43.77 -25.70
C GLY C 289 14.36 -42.80 -26.63
N GLY C 290 15.13 -43.36 -27.56
CA GLY C 290 15.83 -42.53 -28.51
C GLY C 290 16.75 -41.52 -27.84
N LEU C 291 17.17 -40.54 -28.64
CA LEU C 291 18.00 -39.44 -28.17
C LEU C 291 19.37 -39.92 -27.70
N GLU C 292 19.92 -40.95 -28.37
CA GLU C 292 21.21 -41.48 -27.95
C GLU C 292 22.28 -40.41 -27.92
N ASP C 293 22.20 -39.44 -28.84
CA ASP C 293 23.22 -38.41 -28.90
C ASP C 293 23.16 -37.50 -27.69
N VAL C 294 21.98 -36.96 -27.38
CA VAL C 294 21.87 -35.98 -26.31
C VAL C 294 22.26 -36.60 -24.97
N LYS C 295 21.66 -37.74 -24.63
CA LYS C 295 21.99 -38.40 -23.37
C LYS C 295 23.49 -38.63 -23.26
N ARG C 296 24.10 -39.23 -24.29
CA ARG C 296 25.53 -39.48 -24.24
C ARG C 296 26.31 -38.18 -24.05
N GLU C 297 25.89 -37.11 -24.73
CA GLU C 297 26.57 -35.84 -24.57
C GLU C 297 26.15 -35.13 -23.29
N ILE C 298 24.86 -35.11 -22.98
CA ILE C 298 24.41 -34.44 -21.77
C ILE C 298 25.05 -35.08 -20.54
N LYS C 299 25.16 -36.41 -20.54
CA LYS C 299 25.79 -37.10 -19.42
C LYS C 299 27.24 -36.64 -19.25
N GLU C 300 28.03 -36.73 -20.32
CA GLU C 300 29.43 -36.30 -20.24
C GLU C 300 29.53 -34.84 -19.88
N THR C 301 28.50 -34.04 -20.16
CA THR C 301 28.54 -32.63 -19.80
C THR C 301 28.32 -32.43 -18.31
N VAL C 302 27.30 -33.08 -17.74
CA VAL C 302 27.03 -32.95 -16.32
C VAL C 302 27.97 -33.84 -15.51
N GLU C 303 28.13 -35.09 -15.92
CA GLU C 303 28.88 -36.05 -15.11
C GLU C 303 30.35 -35.67 -15.02
N LEU C 304 30.95 -35.29 -16.14
CA LEU C 304 32.38 -34.99 -16.21
C LEU C 304 32.80 -34.02 -15.13
N PRO C 305 32.19 -32.82 -15.08
CA PRO C 305 32.67 -31.81 -14.12
C PRO C 305 32.59 -32.27 -12.67
N LEU C 306 31.48 -32.90 -12.28
CA LEU C 306 31.33 -33.33 -10.90
C LEU C 306 32.13 -34.59 -10.60
N LEU C 307 32.03 -35.59 -11.47
CA LEU C 307 32.68 -36.87 -11.20
C LEU C 307 34.18 -36.83 -11.48
N LYS C 308 34.59 -36.13 -12.52
CA LYS C 308 36.00 -36.09 -12.93
C LYS C 308 36.48 -34.65 -13.05
N PRO C 309 36.44 -33.89 -11.96
CA PRO C 309 36.94 -32.51 -12.04
C PRO C 309 38.41 -32.41 -12.40
N ASP C 310 39.25 -33.29 -11.83
CA ASP C 310 40.68 -33.20 -12.07
C ASP C 310 41.02 -33.31 -13.55
N VAL C 311 40.54 -34.38 -14.21
CA VAL C 311 40.83 -34.58 -15.62
C VAL C 311 40.29 -33.43 -16.45
N PHE C 312 39.30 -32.70 -15.93
CA PHE C 312 38.79 -31.54 -16.63
C PHE C 312 39.71 -30.33 -16.50
N LYS C 313 40.51 -30.28 -15.42
CA LYS C 313 41.40 -29.16 -15.21
C LYS C 313 42.64 -29.23 -16.08
N ARG C 314 43.07 -30.45 -16.47
CA ARG C 314 44.28 -30.59 -17.27
C ARG C 314 44.16 -29.83 -18.59
N LEU C 315 42.94 -29.70 -19.12
CA LEU C 315 42.76 -28.87 -20.32
C LEU C 315 42.95 -27.40 -20.00
N GLY C 316 42.22 -26.89 -19.01
CA GLY C 316 42.33 -25.51 -18.60
C GLY C 316 41.16 -24.62 -18.97
N ILE C 317 40.27 -25.08 -19.86
CA ILE C 317 39.11 -24.27 -20.21
C ILE C 317 38.21 -24.12 -18.99
N ARG C 318 37.46 -23.03 -18.95
CA ARG C 318 36.58 -22.76 -17.82
C ARG C 318 35.57 -23.89 -17.68
N PRO C 319 35.23 -24.29 -16.45
CA PRO C 319 34.13 -25.25 -16.26
C PRO C 319 32.79 -24.61 -16.54
N SER C 320 31.78 -25.46 -16.71
CA SER C 320 30.45 -25.03 -17.12
C SER C 320 29.60 -24.72 -15.89
N LYS C 321 28.92 -23.58 -15.92
CA LYS C 321 27.98 -23.25 -14.86
C LYS C 321 26.65 -23.97 -15.06
N GLY C 322 26.41 -24.47 -16.26
CA GLY C 322 25.18 -25.18 -16.54
C GLY C 322 24.78 -25.02 -17.99
N PHE C 323 23.56 -25.46 -18.28
CA PHE C 323 23.04 -25.37 -19.64
C PHE C 323 21.51 -25.40 -19.57
N LEU C 324 20.89 -24.99 -20.67
CA LEU C 324 19.45 -24.86 -20.77
C LEU C 324 18.91 -25.84 -21.81
N LEU C 325 17.68 -26.28 -21.59
CA LEU C 325 17.00 -27.20 -22.50
C LEU C 325 15.77 -26.54 -23.10
N TYR C 326 15.60 -26.68 -24.41
CA TYR C 326 14.49 -26.08 -25.12
C TYR C 326 14.05 -27.00 -26.23
N GLY C 327 12.73 -27.08 -26.44
CA GLY C 327 12.16 -27.95 -27.44
C GLY C 327 10.66 -28.01 -27.36
N PRO C 328 10.04 -28.75 -28.27
CA PRO C 328 8.58 -28.86 -28.27
C PRO C 328 8.07 -29.41 -26.96
N PRO C 329 6.94 -28.92 -26.47
CA PRO C 329 6.38 -29.46 -25.23
C PRO C 329 6.16 -30.96 -25.34
N GLY C 330 6.62 -31.69 -24.34
CA GLY C 330 6.48 -33.13 -24.32
C GLY C 330 7.66 -33.92 -24.83
N VAL C 331 8.78 -33.27 -25.15
CA VAL C 331 9.96 -33.99 -25.58
C VAL C 331 10.64 -34.73 -24.43
N GLY C 332 10.19 -34.53 -23.21
CA GLY C 332 10.74 -35.20 -22.06
C GLY C 332 11.75 -34.42 -21.24
N LYS C 333 11.80 -33.10 -21.39
CA LYS C 333 12.74 -32.31 -20.60
C LYS C 333 12.64 -32.68 -19.12
N THR C 334 11.44 -32.58 -18.56
CA THR C 334 11.24 -32.98 -17.17
C THR C 334 11.72 -34.39 -16.91
N LEU C 335 11.64 -35.27 -17.91
CA LEU C 335 12.09 -36.64 -17.74
C LEU C 335 13.60 -36.77 -17.88
N LEU C 336 14.19 -36.05 -18.85
CA LEU C 336 15.62 -36.14 -19.05
C LEU C 336 16.39 -35.69 -17.83
N ALA C 337 16.14 -34.46 -17.38
CA ALA C 337 16.88 -33.91 -16.24
C ALA C 337 16.89 -34.88 -15.07
N LYS C 338 15.71 -35.37 -14.68
CA LYS C 338 15.66 -36.33 -13.59
C LYS C 338 16.56 -37.54 -13.87
N ALA C 339 16.67 -37.95 -15.13
CA ALA C 339 17.50 -39.09 -15.46
C ALA C 339 18.96 -38.84 -15.12
N VAL C 340 19.52 -37.76 -15.67
CA VAL C 340 20.91 -37.44 -15.41
C VAL C 340 21.12 -37.17 -13.92
N ALA C 341 20.20 -36.43 -13.32
CA ALA C 341 20.30 -36.14 -11.91
C ALA C 341 20.16 -37.42 -11.10
N THR C 342 19.20 -38.25 -11.51
CA THR C 342 18.95 -39.53 -10.84
C THR C 342 20.13 -40.49 -10.98
N GLU C 343 20.72 -40.54 -12.16
CA GLU C 343 21.84 -41.43 -12.40
C GLU C 343 23.02 -41.03 -11.52
N SER C 344 23.26 -39.72 -11.43
CA SER C 344 24.35 -39.21 -10.62
C SER C 344 24.01 -39.34 -9.14
N ASN C 345 25.01 -39.73 -8.34
CA ASN C 345 24.81 -39.88 -6.92
C ASN C 345 24.48 -38.53 -6.28
N ALA C 346 25.18 -37.50 -6.77
CA ALA C 346 25.01 -36.13 -6.29
C ALA C 346 23.53 -35.86 -5.99
N ASN C 347 23.29 -35.10 -4.93
CA ASN C 347 21.93 -34.78 -4.56
C ASN C 347 21.23 -33.98 -5.65
N PHE C 348 19.91 -34.10 -5.71
CA PHE C 348 19.10 -33.43 -6.72
C PHE C 348 18.19 -32.41 -6.06
N ILE C 349 17.86 -31.36 -6.81
CA ILE C 349 16.94 -30.33 -6.38
C ILE C 349 15.94 -30.08 -7.49
N SER C 350 14.66 -29.91 -7.14
CA SER C 350 13.64 -29.70 -8.15
C SER C 350 12.99 -28.32 -8.02
N ILE C 351 12.96 -27.58 -9.13
CA ILE C 351 12.36 -26.26 -9.17
C ILE C 351 11.26 -26.19 -10.23
N LYS C 352 10.10 -25.67 -9.84
CA LYS C 352 8.98 -25.54 -10.76
C LYS C 352 8.61 -24.07 -10.93
N GLY C 353 8.41 -23.64 -12.16
CA GLY C 353 8.07 -22.26 -12.42
C GLY C 353 6.75 -21.89 -11.76
N PRO C 354 5.74 -22.83 -11.85
CA PRO C 354 4.49 -22.43 -11.18
C PRO C 354 4.72 -22.29 -9.68
N GLU C 355 5.41 -23.27 -9.13
CA GLU C 355 5.70 -23.37 -7.70
C GLU C 355 6.56 -22.25 -7.13
N VAL C 356 7.51 -21.76 -7.91
CA VAL C 356 8.35 -20.66 -7.42
C VAL C 356 7.54 -19.40 -7.15
N LEU C 357 6.61 -19.05 -8.02
CA LEU C 357 5.75 -17.92 -7.71
C LEU C 357 4.88 -18.42 -6.53
N SER C 358 4.41 -19.63 -6.75
CA SER C 358 3.52 -20.43 -5.91
C SER C 358 3.92 -20.95 -4.54
N LYS C 359 5.17 -21.39 -4.42
CA LYS C 359 5.63 -22.04 -3.20
C LYS C 359 5.51 -21.21 -1.92
N TRP C 360 5.84 -19.93 -1.96
CA TRP C 360 5.71 -19.10 -0.77
C TRP C 360 4.79 -17.92 -1.05
N VAL C 361 4.82 -16.93 -0.16
CA VAL C 361 3.97 -15.75 -0.31
C VAL C 361 4.35 -15.18 -1.65
N GLY C 362 5.62 -15.25 -1.94
CA GLY C 362 6.10 -14.78 -3.23
C GLY C 362 6.32 -13.29 -3.17
N GLU C 363 6.02 -12.69 -2.03
CA GLU C 363 6.24 -11.25 -1.86
C GLU C 363 7.74 -11.10 -2.03
N SER C 364 8.46 -12.07 -1.48
CA SER C 364 9.89 -12.13 -1.59
C SER C 364 10.15 -13.34 -2.47
N GLU C 365 10.94 -13.14 -3.53
CA GLU C 365 11.29 -14.23 -4.43
C GLU C 365 12.59 -14.84 -3.94
N LYS C 366 12.98 -14.47 -2.73
CA LYS C 366 14.21 -14.93 -2.17
C LYS C 366 14.21 -16.43 -2.14
N ALA C 367 13.11 -17.07 -1.79
CA ALA C 367 13.25 -18.52 -1.82
C ALA C 367 14.34 -18.94 -2.80
N ILE C 368 14.35 -18.37 -3.99
CA ILE C 368 15.33 -18.77 -5.01
C ILE C 368 16.74 -18.55 -4.48
N ARG C 369 17.00 -17.37 -3.93
CA ARG C 369 18.31 -17.12 -3.32
C ARG C 369 18.60 -18.15 -2.23
N GLU C 370 17.56 -18.63 -1.55
CA GLU C 370 17.77 -19.68 -0.57
C GLU C 370 18.05 -21.02 -1.23
N ILE C 371 17.56 -21.21 -2.45
CA ILE C 371 17.74 -22.49 -3.14
C ILE C 371 19.22 -22.84 -3.23
N PHE C 372 20.02 -21.96 -3.83
CA PHE C 372 21.44 -22.24 -3.97
C PHE C 372 22.10 -22.45 -2.62
N LYS C 373 21.77 -21.61 -1.64
CA LYS C 373 22.30 -21.80 -0.30
C LYS C 373 22.06 -23.22 0.19
N LYS C 374 20.80 -23.69 0.10
CA LYS C 374 20.52 -25.09 0.39
C LYS C 374 21.22 -25.99 -0.61
N ALA C 375 21.38 -25.54 -1.86
CA ALA C 375 22.05 -26.36 -2.86
C ALA C 375 23.55 -26.37 -2.64
N LYS C 376 24.16 -25.20 -2.45
CA LYS C 376 25.60 -25.13 -2.23
C LYS C 376 26.02 -26.00 -1.07
N GLN C 377 25.32 -25.88 0.07
CA GLN C 377 25.66 -26.68 1.23
C GLN C 377 25.53 -28.18 0.93
N VAL C 378 24.53 -28.56 0.13
CA VAL C 378 24.29 -29.96 -0.16
C VAL C 378 25.11 -30.47 -1.33
N ALA C 379 25.94 -29.63 -1.93
CA ALA C 379 26.76 -30.03 -3.06
C ALA C 379 27.66 -31.20 -2.70
N PRO C 380 28.12 -31.96 -3.71
CA PRO C 380 27.79 -31.72 -5.12
C PRO C 380 26.35 -32.05 -5.46
N ALA C 381 25.69 -31.17 -6.20
CA ALA C 381 24.30 -31.38 -6.60
C ALA C 381 24.01 -30.53 -7.83
N ILE C 382 22.96 -30.90 -8.55
CA ILE C 382 22.54 -30.20 -9.76
C ILE C 382 21.16 -29.62 -9.51
N VAL C 383 21.06 -28.30 -9.56
CA VAL C 383 19.79 -27.62 -9.41
C VAL C 383 19.05 -27.63 -10.74
N PHE C 384 17.74 -27.79 -10.67
CA PHE C 384 16.90 -27.87 -11.87
C PHE C 384 15.80 -26.82 -11.78
N LEU C 385 15.60 -26.09 -12.87
CA LEU C 385 14.53 -25.09 -12.97
C LEU C 385 13.69 -25.41 -14.20
N ASP C 386 12.41 -25.64 -13.99
CA ASP C 386 11.48 -25.98 -15.07
C ASP C 386 10.56 -24.79 -15.32
N GLU C 387 10.20 -24.59 -16.59
CA GLU C 387 9.47 -23.41 -17.02
C GLU C 387 10.17 -22.14 -16.55
N ILE C 388 11.47 -22.06 -16.83
CA ILE C 388 12.24 -20.88 -16.42
C ILE C 388 11.62 -19.61 -16.98
N ASP C 389 10.88 -19.71 -18.09
CA ASP C 389 10.24 -18.53 -18.65
C ASP C 389 9.30 -17.88 -17.65
N SER C 390 8.38 -18.66 -17.10
CA SER C 390 7.42 -18.11 -16.13
C SER C 390 8.15 -17.40 -14.99
N ILE C 391 9.22 -18.05 -14.56
CA ILE C 391 10.10 -17.61 -13.50
C ILE C 391 10.86 -16.39 -13.94
N ALA C 392 11.32 -16.43 -15.18
CA ALA C 392 12.09 -15.33 -15.73
C ALA C 392 11.54 -14.93 -17.07
N PRO C 393 10.31 -14.31 -17.02
CA PRO C 393 9.79 -13.90 -18.32
C PRO C 393 10.63 -12.73 -18.77
N ARG C 394 10.51 -12.32 -20.01
CA ARG C 394 11.25 -11.14 -20.46
C ARG C 394 10.74 -10.01 -19.57
N ARG C 395 11.62 -9.08 -19.24
CA ARG C 395 11.28 -7.97 -18.34
C ARG C 395 10.15 -7.03 -18.80
N GLY C 396 10.13 -6.69 -20.07
CA GLY C 396 9.13 -5.79 -20.58
C GLY C 396 7.69 -6.29 -20.54
N THR C 397 7.49 -7.57 -20.83
CA THR C 397 6.16 -8.16 -20.87
C THR C 397 5.32 -8.16 -19.60
N THR C 398 5.93 -8.43 -18.45
CA THR C 398 5.14 -8.47 -17.23
C THR C 398 5.37 -7.29 -16.30
N SER C 399 4.29 -6.59 -16.01
CA SER C 399 4.34 -5.44 -15.12
C SER C 399 4.17 -5.87 -13.67
N ASP C 400 5.14 -6.61 -13.15
CA ASP C 400 5.05 -7.06 -11.76
C ASP C 400 6.39 -7.06 -11.03
N SER C 401 6.33 -6.84 -9.73
CA SER C 401 7.53 -6.82 -8.90
C SER C 401 8.07 -8.23 -8.73
N GLY C 402 7.15 -9.18 -8.58
CA GLY C 402 7.52 -10.57 -8.37
C GLY C 402 8.30 -11.17 -9.52
N VAL C 403 7.92 -10.82 -10.75
CA VAL C 403 8.61 -11.38 -11.90
C VAL C 403 10.03 -10.89 -12.15
N THR C 404 10.26 -9.59 -11.99
CA THR C 404 11.57 -9.01 -12.27
C THR C 404 12.46 -8.77 -11.06
N GLU C 405 11.83 -8.24 -10.02
CA GLU C 405 12.47 -7.85 -8.79
C GLU C 405 12.82 -9.05 -7.93
N ARG C 406 11.86 -9.93 -7.72
CA ARG C 406 12.10 -11.11 -6.92
C ARG C 406 13.01 -12.15 -7.57
N ILE C 407 12.85 -12.35 -8.88
CA ILE C 407 13.61 -13.40 -9.53
C ILE C 407 14.58 -13.18 -10.70
N VAL C 408 14.16 -12.53 -11.77
CA VAL C 408 15.06 -12.38 -12.92
C VAL C 408 16.32 -11.64 -12.52
N ASN C 409 16.15 -10.55 -11.80
CA ASN C 409 17.31 -9.83 -11.35
C ASN C 409 18.04 -10.70 -10.36
N GLN C 410 17.28 -11.36 -9.51
CA GLN C 410 17.87 -12.23 -8.52
C GLN C 410 18.63 -13.35 -9.18
N LEU C 411 18.09 -13.86 -10.28
CA LEU C 411 18.71 -14.98 -10.96
C LEU C 411 20.12 -14.76 -11.48
N LEU C 412 20.38 -13.61 -12.09
CA LEU C 412 21.71 -13.38 -12.62
C LEU C 412 22.73 -13.41 -11.50
N THR C 413 22.38 -12.82 -10.37
CA THR C 413 23.32 -12.81 -9.26
C THR C 413 23.61 -14.20 -8.74
N SER C 414 22.59 -15.04 -8.66
CA SER C 414 22.79 -16.39 -8.16
C SER C 414 23.73 -17.22 -9.01
N LEU C 415 23.64 -17.09 -10.33
CA LEU C 415 24.48 -17.90 -11.20
C LEU C 415 25.96 -17.64 -10.99
N ASP C 416 26.32 -16.38 -10.83
CA ASP C 416 27.72 -16.04 -10.63
C ASP C 416 28.23 -16.67 -9.36
N GLY C 417 27.38 -16.71 -8.34
CA GLY C 417 27.77 -17.28 -7.08
C GLY C 417 28.17 -18.73 -7.21
N ILE C 418 27.45 -19.49 -8.02
CA ILE C 418 27.80 -20.89 -8.16
C ILE C 418 29.20 -20.98 -8.77
N GLU C 419 29.95 -21.98 -8.34
CA GLU C 419 31.32 -22.16 -8.82
C GLU C 419 31.59 -23.57 -9.35
N VAL C 420 32.56 -23.67 -10.25
CA VAL C 420 32.90 -24.94 -10.86
C VAL C 420 33.34 -25.93 -9.81
N MET C 421 34.16 -25.48 -8.86
CA MET C 421 34.60 -26.38 -7.82
C MET C 421 33.34 -26.79 -7.08
N ASN C 422 32.47 -25.81 -6.87
CA ASN C 422 31.21 -26.05 -6.21
C ASN C 422 30.56 -27.12 -7.04
N GLY C 423 29.89 -28.08 -6.40
CA GLY C 423 29.30 -29.15 -7.18
C GLY C 423 27.94 -28.81 -7.75
N VAL C 424 27.55 -27.55 -7.66
CA VAL C 424 26.23 -27.11 -8.13
C VAL C 424 26.25 -26.97 -9.63
N VAL C 425 25.13 -27.32 -10.27
CA VAL C 425 24.97 -27.20 -11.71
C VAL C 425 23.51 -26.83 -11.98
N VAL C 426 23.31 -25.97 -12.98
CA VAL C 426 21.98 -25.46 -13.32
C VAL C 426 21.57 -26.05 -14.66
N ILE C 427 20.47 -26.80 -14.67
CA ILE C 427 19.91 -27.37 -15.89
C ILE C 427 18.50 -26.81 -16.04
N GLY C 428 18.33 -25.93 -17.04
CA GLY C 428 17.04 -25.35 -17.32
C GLY C 428 16.29 -26.06 -18.44
N ALA C 429 14.97 -25.93 -18.40
CA ALA C 429 14.12 -26.38 -19.50
C ALA C 429 12.91 -25.48 -19.57
N THR C 430 12.51 -25.13 -20.80
CA THR C 430 11.33 -24.29 -20.98
C THR C 430 10.83 -24.46 -22.41
N ASN C 431 9.55 -24.13 -22.60
CA ASN C 431 8.94 -24.28 -23.92
C ASN C 431 9.56 -23.32 -24.93
N ARG C 432 9.55 -22.03 -24.63
CA ARG C 432 10.06 -21.01 -25.55
C ARG C 432 11.29 -20.33 -24.97
N PRO C 433 12.48 -20.55 -25.53
CA PRO C 433 13.65 -19.83 -25.04
C PRO C 433 13.50 -18.32 -25.13
N ASP C 434 12.94 -17.81 -26.22
CA ASP C 434 12.84 -16.37 -26.41
C ASP C 434 12.03 -15.71 -25.30
N ILE C 435 11.02 -16.41 -24.78
CA ILE C 435 10.15 -15.80 -23.77
C ILE C 435 10.96 -15.36 -22.57
N MET C 436 11.95 -16.15 -22.16
CA MET C 436 12.77 -15.78 -21.03
C MET C 436 13.67 -14.60 -21.39
N ASP C 437 14.08 -13.86 -20.37
CA ASP C 437 14.96 -12.71 -20.57
C ASP C 437 16.20 -13.11 -21.35
N PRO C 438 16.51 -12.49 -22.47
CA PRO C 438 17.73 -12.82 -23.20
C PRO C 438 18.97 -12.67 -22.34
N ALA C 439 18.84 -11.90 -21.25
CA ALA C 439 19.96 -11.71 -20.34
C ALA C 439 20.53 -13.04 -19.83
N LEU C 440 19.73 -14.10 -19.80
CA LEU C 440 20.22 -15.38 -19.32
C LEU C 440 21.12 -16.08 -20.33
N LEU C 441 21.04 -15.72 -21.60
CA LEU C 441 21.90 -16.33 -22.60
C LEU C 441 23.26 -15.66 -22.72
N ARG C 442 23.53 -14.65 -21.91
CA ARG C 442 24.85 -14.02 -21.92
C ARG C 442 25.93 -15.04 -21.60
N ALA C 443 27.09 -14.85 -22.21
CA ALA C 443 28.19 -15.80 -22.04
C ALA C 443 28.52 -15.99 -20.57
N GLY C 444 28.75 -17.25 -20.19
CA GLY C 444 29.10 -17.61 -18.83
C GLY C 444 27.93 -17.91 -17.93
N ARG C 445 26.74 -17.39 -18.24
CA ARG C 445 25.56 -17.71 -17.45
C ARG C 445 25.01 -19.09 -17.81
N PHE C 446 24.82 -19.34 -19.10
CA PHE C 446 24.49 -20.67 -19.62
C PHE C 446 25.39 -20.91 -20.83
N ASP C 447 26.28 -21.89 -20.72
CA ASP C 447 27.29 -22.10 -21.76
C ASP C 447 26.64 -22.43 -23.09
N LYS C 448 25.83 -23.50 -23.12
CA LYS C 448 25.23 -23.97 -24.35
C LYS C 448 23.73 -24.14 -24.16
N LEU C 449 23.02 -24.20 -25.28
CA LEU C 449 21.60 -24.48 -25.30
C LEU C 449 21.38 -25.76 -26.10
N ILE C 450 20.97 -26.82 -25.42
CA ILE C 450 20.81 -28.13 -26.04
C ILE C 450 19.35 -28.27 -26.45
N TYR C 451 19.11 -28.31 -27.75
CA TYR C 451 17.76 -28.52 -28.27
C TYR C 451 17.43 -30.01 -28.28
N ILE C 452 16.19 -30.33 -27.93
CA ILE C 452 15.70 -31.70 -27.91
C ILE C 452 14.77 -31.86 -29.11
N PRO C 453 15.17 -32.61 -30.15
CA PRO C 453 14.29 -32.78 -31.30
C PRO C 453 13.14 -33.70 -30.95
N PRO C 454 11.98 -33.53 -31.59
CA PRO C 454 10.84 -34.40 -31.33
C PRO C 454 11.22 -35.85 -31.59
N PRO C 455 10.52 -36.80 -30.99
CA PRO C 455 10.87 -38.21 -31.18
C PRO C 455 10.75 -38.62 -32.64
N ASP C 456 11.80 -39.26 -33.14
CA ASP C 456 11.82 -39.70 -34.53
C ASP C 456 11.06 -41.00 -34.68
N LYS C 457 10.43 -41.16 -35.85
CA LYS C 457 9.75 -42.41 -36.17
C LYS C 457 10.65 -43.61 -35.90
N GLU C 458 11.89 -43.56 -36.39
CA GLU C 458 12.85 -44.61 -36.06
C GLU C 458 13.07 -44.70 -34.57
N ALA C 459 13.14 -43.55 -33.89
CA ALA C 459 13.22 -43.55 -32.44
C ALA C 459 11.90 -43.95 -31.81
N ARG C 460 10.78 -43.68 -32.48
CA ARG C 460 9.48 -44.10 -31.96
C ARG C 460 9.49 -45.58 -31.62
N LEU C 461 10.14 -46.40 -32.46
CA LEU C 461 10.20 -47.82 -32.20
C LEU C 461 10.71 -48.12 -30.80
N SER C 462 11.70 -47.34 -30.33
CA SER C 462 12.19 -47.51 -28.98
C SER C 462 11.30 -46.81 -27.96
N ILE C 463 10.83 -45.60 -28.28
CA ILE C 463 10.02 -44.84 -27.32
C ILE C 463 8.81 -45.63 -26.88
N LEU C 464 8.24 -46.44 -27.76
CA LEU C 464 6.98 -47.11 -27.47
C LEU C 464 7.18 -48.28 -26.52
N LYS C 465 8.17 -49.14 -26.79
CA LYS C 465 8.37 -50.32 -25.97
C LYS C 465 8.67 -49.94 -24.52
N VAL C 466 9.60 -48.99 -24.33
CA VAL C 466 9.99 -48.61 -22.97
C VAL C 466 8.78 -48.22 -22.13
N HIS C 467 7.81 -47.53 -22.74
CA HIS C 467 6.67 -47.07 -21.97
C HIS C 467 5.66 -48.18 -21.72
N THR C 468 5.45 -49.05 -22.71
CA THR C 468 4.46 -50.12 -22.58
C THR C 468 5.02 -51.37 -21.92
N LYS C 469 6.29 -51.37 -21.52
CA LYS C 469 6.88 -52.55 -20.90
C LYS C 469 5.99 -53.07 -19.76
N ASN C 470 5.47 -52.17 -18.95
CA ASN C 470 4.54 -52.57 -17.89
C ASN C 470 3.20 -53.00 -18.46
N MET C 471 2.85 -52.53 -19.66
CA MET C 471 1.56 -52.85 -20.25
C MET C 471 1.57 -54.25 -20.85
N PRO C 472 0.58 -55.08 -20.55
CA PRO C 472 0.46 -56.36 -21.26
C PRO C 472 0.08 -56.13 -22.71
N LEU C 473 0.75 -56.85 -23.61
CA LEU C 473 0.60 -56.64 -25.03
C LEU C 473 0.13 -57.94 -25.70
N ALA C 474 -0.41 -57.80 -26.91
CA ALA C 474 -0.91 -58.94 -27.65
C ALA C 474 0.18 -59.55 -28.51
N PRO C 475 0.08 -60.85 -28.83
CA PRO C 475 1.11 -61.46 -29.69
C PRO C 475 1.10 -60.92 -31.10
N ASP C 476 -0.08 -60.62 -31.65
CA ASP C 476 -0.17 -60.14 -33.03
C ASP C 476 0.21 -58.67 -33.12
N VAL C 477 -0.19 -57.86 -32.13
CA VAL C 477 0.04 -56.43 -32.19
C VAL C 477 1.53 -56.15 -32.31
N ASP C 478 1.89 -55.25 -33.22
CA ASP C 478 3.27 -54.84 -33.43
C ASP C 478 3.40 -53.35 -33.14
N LEU C 479 4.50 -52.96 -32.51
CA LEU C 479 4.70 -51.57 -32.14
C LEU C 479 5.17 -50.73 -33.32
N ASN C 480 6.12 -51.26 -34.11
CA ASN C 480 6.71 -50.48 -35.19
C ASN C 480 5.68 -49.99 -36.20
N ASP C 481 4.50 -50.63 -36.26
CA ASP C 481 3.50 -50.22 -37.23
C ASP C 481 3.11 -48.75 -37.04
N ILE C 482 2.74 -48.37 -35.83
CA ILE C 482 2.34 -46.99 -35.58
C ILE C 482 3.50 -46.03 -35.84
N ALA C 483 4.73 -46.49 -35.60
CA ALA C 483 5.89 -45.64 -35.84
C ALA C 483 5.99 -45.24 -37.31
N GLN C 484 5.96 -46.23 -38.21
CA GLN C 484 6.04 -45.97 -39.64
C GLN C 484 4.84 -45.17 -40.16
N ARG C 485 3.78 -45.05 -39.37
CA ARG C 485 2.57 -44.37 -39.84
C ARG C 485 2.71 -42.85 -39.80
N THR C 486 3.26 -42.31 -38.71
CA THR C 486 3.19 -40.88 -38.45
C THR C 486 4.51 -40.36 -37.90
N GLU C 487 5.00 -39.27 -38.47
CA GLU C 487 6.24 -38.63 -38.05
C GLU C 487 6.03 -37.45 -37.12
N GLY C 488 4.79 -37.13 -36.77
CA GLY C 488 4.51 -35.87 -36.09
C GLY C 488 4.25 -35.93 -34.61
N TYR C 489 4.14 -37.13 -34.02
CA TYR C 489 3.79 -37.26 -32.62
C TYR C 489 5.02 -37.13 -31.73
N VAL C 490 4.85 -36.45 -30.60
CA VAL C 490 5.91 -36.27 -29.61
C VAL C 490 5.92 -37.48 -28.70
N GLY C 491 6.68 -37.41 -27.62
CA GLY C 491 6.61 -38.43 -26.59
C GLY C 491 5.42 -38.22 -25.66
N ALA C 492 5.12 -36.95 -25.38
CA ALA C 492 4.04 -36.65 -24.43
C ALA C 492 2.69 -37.06 -24.99
N ASP C 493 2.45 -36.79 -26.27
CA ASP C 493 1.18 -37.19 -26.88
C ASP C 493 1.08 -38.71 -26.96
N LEU C 494 2.12 -39.36 -27.48
CA LEU C 494 2.12 -40.82 -27.50
C LEU C 494 1.96 -41.38 -26.09
N GLU C 495 2.43 -40.65 -25.08
CA GLU C 495 2.13 -41.01 -23.71
C GLU C 495 0.65 -41.29 -23.54
N ASN C 496 -0.18 -40.26 -23.75
CA ASN C 496 -1.62 -40.45 -23.70
C ASN C 496 -2.08 -41.44 -24.78
N LEU C 497 -1.38 -41.51 -25.90
CA LEU C 497 -1.78 -42.42 -26.97
C LEU C 497 -1.85 -43.85 -26.45
N CYS C 498 -0.74 -44.37 -25.93
CA CYS C 498 -0.78 -45.66 -25.25
C CYS C 498 -1.82 -45.65 -24.16
N ARG C 499 -1.98 -44.51 -23.50
CA ARG C 499 -3.01 -44.37 -22.47
C ARG C 499 -4.39 -44.66 -23.05
N GLU C 500 -4.80 -43.88 -24.05
CA GLU C 500 -6.12 -44.05 -24.62
C GLU C 500 -6.33 -45.46 -25.15
N ALA C 501 -5.28 -46.11 -25.64
CA ALA C 501 -5.39 -47.47 -26.11
C ALA C 501 -6.02 -48.37 -25.06
N GLY C 502 -5.58 -48.25 -23.81
CA GLY C 502 -6.18 -49.02 -22.75
C GLY C 502 -7.68 -48.81 -22.66
N MET C 503 -8.12 -47.55 -22.74
CA MET C 503 -9.55 -47.27 -22.75
C MET C 503 -10.24 -47.97 -23.90
N ASN C 504 -9.67 -47.87 -25.11
CA ASN C 504 -10.23 -48.57 -26.25
C ASN C 504 -10.35 -50.06 -25.98
N ALA C 505 -9.23 -50.69 -25.62
CA ALA C 505 -9.26 -52.11 -25.28
C ALA C 505 -10.25 -52.38 -24.15
N TYR C 506 -10.30 -51.49 -23.16
CA TYR C 506 -11.25 -51.64 -22.06
C TYR C 506 -12.68 -51.44 -22.53
N ARG C 507 -12.89 -50.51 -23.47
CA ARG C 507 -14.24 -50.19 -23.90
C ARG C 507 -14.94 -51.42 -24.49
N GLU C 508 -14.23 -52.15 -25.36
CA GLU C 508 -14.79 -53.35 -25.95
C GLU C 508 -15.08 -54.40 -24.89
N ASN C 509 -14.06 -54.78 -24.12
CA ASN C 509 -14.17 -55.86 -23.15
C ASN C 509 -14.20 -55.28 -21.75
N PRO C 510 -15.21 -55.62 -20.93
CA PRO C 510 -15.26 -55.08 -19.56
C PRO C 510 -14.03 -55.43 -18.74
N ASP C 511 -13.56 -56.67 -18.79
CA ASP C 511 -12.34 -57.06 -18.09
C ASP C 511 -11.13 -56.85 -18.98
N ALA C 512 -10.03 -56.41 -18.38
CA ALA C 512 -8.86 -56.02 -19.15
C ALA C 512 -8.25 -57.21 -19.87
N THR C 513 -7.85 -56.99 -21.11
CA THR C 513 -7.20 -58.01 -21.93
C THR C 513 -6.09 -57.34 -22.74
N SER C 514 -5.25 -58.18 -23.35
CA SER C 514 -4.16 -57.66 -24.17
C SER C 514 -4.68 -56.69 -25.22
N VAL C 515 -3.94 -55.59 -25.40
CA VAL C 515 -4.37 -54.57 -26.35
C VAL C 515 -4.25 -55.10 -27.78
N SER C 516 -4.98 -54.47 -28.68
CA SER C 516 -5.01 -54.85 -30.08
C SER C 516 -4.55 -53.68 -30.95
N GLN C 517 -4.01 -54.02 -32.13
CA GLN C 517 -3.58 -52.99 -33.06
C GLN C 517 -4.71 -52.01 -33.37
N LYS C 518 -5.92 -52.53 -33.58
CA LYS C 518 -7.06 -51.65 -33.81
C LYS C 518 -7.26 -50.68 -32.66
N ASN C 519 -7.01 -51.13 -31.42
CA ASN C 519 -7.12 -50.25 -30.27
C ASN C 519 -6.23 -49.03 -30.40
N PHE C 520 -5.12 -49.13 -31.13
CA PHE C 520 -4.29 -47.96 -31.36
C PHE C 520 -4.82 -47.09 -32.50
N LEU C 521 -5.29 -47.71 -33.58
CA LEU C 521 -5.74 -46.95 -34.74
C LEU C 521 -6.87 -45.99 -34.36
N ASP C 522 -7.95 -46.51 -33.79
CA ASP C 522 -9.05 -45.65 -33.36
C ASP C 522 -8.54 -44.55 -32.45
N ALA C 523 -7.64 -44.88 -31.52
CA ALA C 523 -7.01 -43.86 -30.70
C ALA C 523 -5.98 -43.07 -31.49
N LEU C 524 -5.29 -43.72 -32.44
CA LEU C 524 -4.31 -43.01 -33.26
C LEU C 524 -4.91 -41.75 -33.86
N LYS C 525 -6.12 -41.85 -34.40
CA LYS C 525 -6.83 -40.68 -34.88
C LYS C 525 -7.55 -39.93 -33.77
N THR C 526 -7.56 -40.48 -32.55
CA THR C 526 -8.21 -39.80 -31.43
C THR C 526 -7.42 -38.59 -30.97
N ILE C 527 -6.10 -38.61 -31.09
CA ILE C 527 -5.24 -37.49 -30.71
C ILE C 527 -4.22 -37.28 -31.82
N ARG C 528 -4.26 -36.11 -32.44
CA ARG C 528 -3.32 -35.82 -33.51
C ARG C 528 -2.01 -35.30 -32.95
N PRO C 529 -0.94 -35.31 -33.76
CA PRO C 529 0.37 -34.89 -33.26
C PRO C 529 0.32 -33.47 -32.72
N SER C 530 0.92 -33.28 -31.54
CA SER C 530 1.06 -31.95 -30.98
C SER C 530 2.16 -31.14 -31.66
N VAL C 531 2.92 -31.75 -32.55
CA VAL C 531 4.03 -31.09 -33.24
C VAL C 531 3.90 -31.37 -34.73
N ASP C 532 3.70 -30.32 -35.51
CA ASP C 532 3.64 -30.43 -36.97
C ASP C 532 4.94 -29.88 -37.56
N GLU C 533 5.04 -29.93 -38.89
CA GLU C 533 6.18 -29.34 -39.57
C GLU C 533 6.20 -27.82 -39.45
N GLU C 534 5.13 -27.22 -38.95
CA GLU C 534 5.12 -25.77 -38.76
C GLU C 534 5.90 -25.35 -37.53
N VAL C 535 5.75 -26.10 -36.43
CA VAL C 535 6.44 -25.73 -35.20
C VAL C 535 7.92 -26.08 -35.29
N ILE C 536 8.25 -27.21 -35.94
CA ILE C 536 9.64 -27.61 -36.07
C ILE C 536 10.47 -26.46 -36.64
N LYS C 537 9.93 -25.77 -37.65
CA LYS C 537 10.62 -24.60 -38.17
C LYS C 537 10.74 -23.52 -37.11
N PHE C 538 9.71 -23.37 -36.28
CA PHE C 538 9.75 -22.37 -35.21
C PHE C 538 11.01 -22.55 -34.37
N TYR C 539 11.24 -23.76 -33.86
CA TYR C 539 12.44 -24.00 -33.07
C TYR C 539 13.69 -23.97 -33.96
N ARG C 540 13.59 -24.51 -35.17
CA ARG C 540 14.73 -24.47 -36.08
C ARG C 540 15.24 -23.04 -36.25
N THR C 541 14.32 -22.09 -36.39
CA THR C 541 14.71 -20.69 -36.42
C THR C 541 15.00 -20.17 -35.02
N LEU C 542 14.15 -20.52 -34.05
CA LEU C 542 14.39 -20.10 -32.67
C LEU C 542 15.68 -20.65 -32.10
N SER C 543 16.30 -21.63 -32.77
CA SER C 543 17.59 -22.15 -32.32
C SER C 543 18.70 -21.11 -32.38
N GLU C 544 18.44 -19.95 -32.96
CA GLU C 544 19.43 -18.89 -33.08
C GLU C 544 18.91 -17.63 -32.41
N THR C 545 19.73 -17.04 -31.55
CA THR C 545 19.34 -15.83 -30.84
C THR C 545 20.48 -15.35 -29.93
N GLU D 2 46.04 -13.16 32.45
CA GLU D 2 46.52 -13.31 31.08
C GLU D 2 47.50 -12.21 30.72
N VAL D 3 48.78 -12.58 30.61
CA VAL D 3 49.82 -11.59 30.27
C VAL D 3 49.54 -10.97 28.92
N SER D 4 48.97 -11.72 27.99
CA SER D 4 48.64 -11.22 26.66
C SER D 4 47.29 -10.53 26.70
N ARG D 5 47.28 -9.24 26.38
CA ARG D 5 46.08 -8.43 26.40
C ARG D 5 45.98 -7.64 25.11
N ILE D 6 44.80 -7.06 24.87
CA ILE D 6 44.52 -6.39 23.61
C ILE D 6 45.55 -5.30 23.36
N SER D 7 46.20 -5.36 22.21
CA SER D 7 47.22 -4.39 21.81
C SER D 7 47.09 -4.10 20.33
N TYR D 8 47.79 -3.06 19.88
CA TYR D 8 47.70 -2.65 18.48
C TYR D 8 47.89 -3.84 17.54
N GLU D 9 48.94 -4.62 17.75
CA GLU D 9 49.28 -5.70 16.83
C GLU D 9 48.08 -6.61 16.56
N ASP D 10 47.16 -6.69 17.51
CA ASP D 10 45.92 -7.42 17.25
C ASP D 10 45.22 -6.87 16.02
N ILE D 11 44.92 -5.58 16.00
CA ILE D 11 44.29 -4.95 14.86
C ILE D 11 45.23 -5.02 13.66
N GLY D 12 44.64 -5.08 12.46
CA GLY D 12 45.41 -5.06 11.24
C GLY D 12 44.57 -4.50 10.10
N GLY D 13 45.26 -3.95 9.11
CA GLY D 13 44.60 -3.33 7.97
C GLY D 13 43.88 -2.04 8.28
N LEU D 14 43.79 -1.65 9.54
CA LEU D 14 43.16 -0.40 9.96
C LEU D 14 44.17 0.73 10.11
N SER D 15 45.37 0.54 9.61
CA SER D 15 46.44 1.48 9.84
C SER D 15 46.12 2.93 9.60
N GLU D 16 45.46 3.30 8.52
CA GLU D 16 45.14 4.72 8.35
C GLU D 16 44.11 5.15 9.39
N GLN D 17 43.01 4.40 9.47
CA GLN D 17 41.94 4.72 10.40
C GLN D 17 42.37 4.57 11.84
N LEU D 18 43.05 3.47 12.10
CA LEU D 18 43.49 3.20 13.44
C LEU D 18 44.44 4.30 13.81
N GLY D 19 45.31 4.67 12.88
CA GLY D 19 46.29 5.67 13.18
C GLY D 19 45.61 6.96 13.54
N LYS D 20 44.62 7.36 12.76
CA LYS D 20 43.96 8.61 13.05
C LYS D 20 43.27 8.59 14.40
N ILE D 21 42.58 7.50 14.71
CA ILE D 21 41.89 7.45 16.00
C ILE D 21 42.88 7.52 17.14
N ARG D 22 43.95 6.77 17.00
CA ARG D 22 44.93 6.71 18.05
C ARG D 22 45.52 8.07 18.25
N GLU D 23 45.80 8.72 17.13
CA GLU D 23 46.39 10.03 17.22
C GLU D 23 45.46 10.96 17.94
N MET D 24 44.17 10.95 17.60
CA MET D 24 43.27 11.87 18.27
C MET D 24 43.28 11.62 19.76
N ILE D 25 43.14 10.37 20.16
CA ILE D 25 43.10 10.11 21.60
C ILE D 25 44.39 10.45 22.34
N GLU D 26 45.48 9.91 21.80
CA GLU D 26 46.79 10.07 22.40
C GLU D 26 47.31 11.49 22.40
N LEU D 27 47.17 12.18 21.28
CA LEU D 27 47.67 13.55 21.23
C LEU D 27 46.89 14.30 22.28
N PRO D 28 45.52 14.06 22.24
CA PRO D 28 44.79 14.78 23.29
C PRO D 28 45.12 14.22 24.66
N LEU D 29 45.17 12.89 24.72
CA LEU D 29 45.42 12.17 25.97
C LEU D 29 46.78 12.29 26.68
N LYS D 30 47.89 12.21 25.94
CA LYS D 30 49.19 12.29 26.59
C LYS D 30 49.30 13.65 27.23
N HIS D 31 48.82 14.63 26.49
CA HIS D 31 48.83 16.03 26.86
C HIS D 31 47.86 16.83 26.00
N PRO D 32 47.13 17.76 26.60
CA PRO D 32 46.27 18.65 25.80
C PRO D 32 47.04 19.70 25.00
N GLU D 33 48.31 19.94 25.35
CA GLU D 33 49.02 21.11 24.82
C GLU D 33 48.95 21.20 23.31
N LEU D 34 48.96 20.06 22.61
CA LEU D 34 48.91 20.09 21.15
C LEU D 34 47.62 20.73 20.66
N PHE D 35 46.47 20.17 21.05
CA PHE D 35 45.20 20.76 20.65
C PHE D 35 44.88 22.00 21.48
N GLU D 36 45.26 22.01 22.75
CA GLU D 36 45.02 23.18 23.59
C GLU D 36 45.53 24.46 22.93
N ARG D 37 46.65 24.38 22.21
CA ARG D 37 47.24 25.57 21.62
C ARG D 37 46.57 25.95 20.31
N LEU D 38 46.25 24.96 19.47
CA LEU D 38 45.65 25.22 18.16
C LEU D 38 44.40 24.36 17.99
N GLY D 39 43.34 24.96 17.47
CA GLY D 39 42.09 24.26 17.28
C GLY D 39 41.37 23.99 18.59
N ILE D 40 40.13 23.51 18.52
CA ILE D 40 39.37 23.24 19.72
C ILE D 40 39.88 21.96 20.39
N THR D 41 39.54 21.80 21.67
CA THR D 41 39.85 20.56 22.35
C THR D 41 39.24 19.40 21.57
N PRO D 42 39.79 18.20 21.71
CA PRO D 42 39.29 17.06 20.96
C PRO D 42 37.82 16.82 21.25
N PRO D 43 37.02 16.51 20.23
CA PRO D 43 35.60 16.25 20.47
C PRO D 43 35.43 15.06 21.41
N LYS D 44 34.61 15.26 22.44
CA LYS D 44 34.42 14.22 23.44
C LYS D 44 33.78 12.97 22.83
N GLY D 45 32.65 13.14 22.15
CA GLY D 45 31.99 12.01 21.53
C GLY D 45 32.56 11.68 20.16
N VAL D 46 32.63 10.38 19.87
CA VAL D 46 33.03 9.89 18.56
C VAL D 46 32.28 8.60 18.30
N ILE D 47 31.84 8.42 17.05
CA ILE D 47 31.11 7.22 16.64
C ILE D 47 31.96 6.48 15.62
N LEU D 48 32.12 5.18 15.82
CA LEU D 48 32.87 4.32 14.92
C LEU D 48 31.87 3.46 14.15
N TYR D 49 31.65 3.88 12.91
CA TYR D 49 30.67 3.30 12.01
C TYR D 49 31.41 2.33 11.12
N GLY D 50 30.98 1.09 11.16
CA GLY D 50 31.59 0.05 10.36
C GLY D 50 30.60 -1.07 10.15
N PRO D 51 30.92 -1.96 9.14
CA PRO D 51 29.96 -3.06 8.98
C PRO D 51 30.11 -3.94 10.21
N PRO D 52 29.02 -4.75 10.52
CA PRO D 52 29.19 -5.55 11.75
C PRO D 52 30.33 -6.55 11.64
N GLY D 53 30.89 -6.92 12.79
CA GLY D 53 31.98 -7.86 12.81
C GLY D 53 33.23 -7.41 12.06
N THR D 54 33.52 -6.13 12.18
CA THR D 54 34.69 -5.53 11.55
C THR D 54 35.80 -5.22 12.53
N GLY D 55 35.59 -5.46 13.82
CA GLY D 55 36.59 -5.22 14.83
C GLY D 55 36.42 -3.95 15.64
N LYS D 56 35.33 -3.23 15.45
CA LYS D 56 35.17 -1.96 16.14
C LYS D 56 35.25 -2.16 17.62
N THR D 57 34.65 -3.25 18.09
CA THR D 57 34.65 -3.51 19.50
C THR D 57 36.10 -3.62 19.94
N LEU D 58 36.89 -4.34 19.16
CA LEU D 58 38.28 -4.51 19.52
C LEU D 58 39.04 -3.20 19.54
N ILE D 59 38.73 -2.28 18.67
CA ILE D 59 39.51 -1.04 18.62
C ILE D 59 39.64 -0.27 19.94
N ALA D 60 38.56 -0.18 20.70
CA ALA D 60 38.59 0.58 21.93
C ALA D 60 39.60 0.09 22.97
N ARG D 61 39.73 -1.22 23.13
CA ARG D 61 40.66 -1.74 24.13
C ARG D 61 42.10 -1.34 23.82
N ALA D 62 42.45 -1.44 22.54
CA ALA D 62 43.77 -1.09 22.11
C ALA D 62 43.98 0.39 22.36
N VAL D 63 42.96 1.17 22.04
CA VAL D 63 43.10 2.60 22.24
C VAL D 63 43.38 2.88 23.70
N ALA D 64 42.67 2.17 24.57
CA ALA D 64 42.83 2.33 26.00
C ALA D 64 44.23 2.00 26.53
N ASN D 65 44.82 0.94 26.00
CA ASN D 65 46.19 0.55 26.32
C ASN D 65 47.23 1.51 25.73
N GLU D 66 46.85 2.24 24.67
CA GLU D 66 47.79 3.14 23.99
C GLU D 66 48.38 4.28 24.84
N SER D 67 47.57 4.98 25.62
CA SER D 67 48.13 6.01 26.49
C SER D 67 48.13 5.60 27.96
N GLY D 68 47.64 4.41 28.29
CA GLY D 68 47.53 3.98 29.66
C GLY D 68 46.37 4.56 30.43
N ALA D 69 45.52 5.36 29.78
CA ALA D 69 44.37 5.92 30.47
C ALA D 69 43.49 4.80 31.02
N ASN D 70 42.84 5.09 32.14
CA ASN D 70 42.01 4.08 32.80
C ASN D 70 40.94 3.57 31.85
N PHE D 71 40.89 2.25 31.69
CA PHE D 71 39.92 1.63 30.79
C PHE D 71 38.57 1.48 31.47
N LEU D 72 37.52 1.72 30.69
CA LEU D 72 36.12 1.57 31.08
C LEU D 72 35.47 1.13 29.76
N SER D 73 34.49 0.23 29.77
CA SER D 73 33.82 -0.18 28.52
C SER D 73 32.34 -0.24 28.88
N ILE D 74 31.44 0.47 28.22
CA ILE D 74 29.99 0.39 28.57
C ILE D 74 29.23 -0.10 27.30
N ASN D 75 28.43 -1.15 27.44
CA ASN D 75 27.70 -1.72 26.29
C ASN D 75 26.18 -1.53 26.27
N GLY D 76 25.65 -1.23 25.10
CA GLY D 76 24.23 -0.96 24.92
C GLY D 76 23.39 -2.13 25.35
N PRO D 77 23.94 -3.38 25.12
CA PRO D 77 23.09 -4.50 25.54
C PRO D 77 22.81 -4.45 27.05
N GLU D 78 23.84 -4.17 27.84
CA GLU D 78 23.65 -4.12 29.28
C GLU D 78 23.48 -2.71 29.84
N ILE D 79 23.48 -1.70 28.98
CA ILE D 79 23.34 -0.34 29.46
C ILE D 79 22.03 -0.24 30.19
N MET D 80 20.99 -0.78 29.57
CA MET D 80 19.68 -0.76 30.16
C MET D 80 19.38 -2.12 30.77
N SER D 81 20.35 -3.01 30.71
CA SER D 81 20.13 -4.34 31.26
C SER D 81 19.33 -4.29 32.56
N LYS D 82 19.87 -3.65 33.59
CA LYS D 82 19.25 -3.71 34.91
C LYS D 82 17.86 -3.08 34.88
N TYR D 83 17.05 -3.49 35.86
CA TYR D 83 15.64 -3.16 35.86
C TYR D 83 15.43 -1.65 35.76
N TYR D 84 14.33 -1.28 35.10
CA TYR D 84 14.07 0.13 34.81
C TYR D 84 13.95 0.93 36.10
N GLY D 85 14.35 2.20 36.01
CA GLY D 85 14.39 3.11 37.12
C GLY D 85 15.73 3.12 37.85
N GLN D 86 16.47 2.01 37.79
CA GLN D 86 17.88 2.00 38.15
C GLN D 86 18.78 2.05 36.92
N SER D 87 18.24 2.04 35.71
CA SER D 87 19.11 2.14 34.54
C SER D 87 19.83 3.50 34.39
N GLU D 88 19.05 4.56 34.58
CA GLU D 88 19.54 5.94 34.44
C GLU D 88 20.63 6.26 35.44
N GLN D 89 20.45 5.76 36.65
CA GLN D 89 21.42 6.00 37.70
C GLN D 89 22.73 5.37 37.26
N LYS D 90 22.64 4.18 36.69
CA LYS D 90 23.84 3.50 36.24
C LYS D 90 24.54 4.28 35.14
N LEU D 91 23.76 4.82 34.20
CA LEU D 91 24.39 5.58 33.13
C LEU D 91 25.14 6.74 33.73
N ARG D 92 24.54 7.47 34.66
CA ARG D 92 25.22 8.65 35.24
C ARG D 92 26.53 8.35 35.97
N GLU D 93 26.51 7.21 36.62
CA GLU D 93 27.58 6.74 37.47
C GLU D 93 28.90 6.64 36.74
N ILE D 94 28.88 6.19 35.50
CA ILE D 94 30.11 6.06 34.72
C ILE D 94 30.79 7.40 34.47
N PHE D 95 29.95 8.40 34.17
CA PHE D 95 30.45 9.73 33.91
C PHE D 95 31.08 10.21 35.20
N SER D 96 30.41 9.93 36.30
CA SER D 96 30.93 10.35 37.60
C SER D 96 32.29 9.72 37.85
N LYS D 97 32.39 8.44 37.48
CA LYS D 97 33.58 7.61 37.62
C LYS D 97 34.79 8.09 36.83
N ALA D 98 34.56 8.71 35.68
CA ALA D 98 35.71 9.14 34.87
C ALA D 98 36.75 10.12 35.45
N GLU D 99 36.29 11.10 36.21
CA GLU D 99 37.12 12.16 36.79
C GLU D 99 38.10 11.60 37.80
N GLU D 100 37.66 10.65 38.63
CA GLU D 100 38.53 10.10 39.67
C GLU D 100 39.85 9.62 39.08
N THR D 101 39.78 8.81 38.03
CA THR D 101 40.96 8.27 37.36
C THR D 101 41.42 9.13 36.19
N ALA D 102 40.78 10.26 35.95
CA ALA D 102 41.15 11.13 34.84
C ALA D 102 42.65 11.46 34.88
N PRO D 103 43.30 11.46 33.70
CA PRO D 103 42.64 11.19 32.41
C PRO D 103 42.16 9.74 32.30
N SER D 104 40.91 9.57 31.86
CA SER D 104 40.32 8.25 31.69
C SER D 104 39.62 8.19 30.34
N ILE D 105 39.23 6.99 29.95
CA ILE D 105 38.57 6.73 28.68
C ILE D 105 37.15 6.24 28.96
N ILE D 106 36.16 7.02 28.57
CA ILE D 106 34.77 6.56 28.62
C ILE D 106 34.53 5.68 27.39
N PHE D 107 34.18 4.42 27.62
CA PHE D 107 34.20 3.39 26.59
C PHE D 107 32.90 2.62 26.60
N ILE D 108 32.17 2.67 25.50
CA ILE D 108 30.97 1.88 25.29
C ILE D 108 30.89 1.54 23.82
N ASP D 109 30.39 0.35 23.51
CA ASP D 109 30.36 -0.13 22.15
C ASP D 109 29.02 -0.77 21.81
N GLU D 110 28.80 -0.97 20.52
CA GLU D 110 27.59 -1.60 20.01
C GLU D 110 26.35 -0.97 20.61
N ILE D 111 26.25 0.34 20.47
CA ILE D 111 25.18 1.10 21.11
C ILE D 111 24.10 1.37 20.07
N ASP D 112 23.04 0.57 20.10
CA ASP D 112 21.74 0.99 19.60
C ASP D 112 20.76 1.32 20.71
N SER D 113 21.15 1.09 21.97
CA SER D 113 20.19 1.12 23.07
C SER D 113 19.85 2.54 23.50
N ILE D 114 20.89 3.37 23.72
CA ILE D 114 20.64 4.73 24.17
C ILE D 114 19.84 5.49 23.12
N ALA D 115 20.08 5.19 21.85
CA ALA D 115 19.33 5.78 20.74
C ALA D 115 18.79 4.63 19.89
N PRO D 116 17.79 3.90 20.39
CA PRO D 116 17.25 2.79 19.61
C PRO D 116 16.75 3.23 18.24
N LYS D 117 16.05 4.35 18.17
CA LYS D 117 15.60 4.89 16.90
C LYS D 117 15.44 6.40 17.05
N ARG D 118 15.68 7.15 15.99
CA ARG D 118 15.61 8.59 16.14
C ARG D 118 14.23 9.14 16.49
N GLU D 119 13.22 8.77 15.70
CA GLU D 119 11.84 9.23 15.92
C GLU D 119 10.80 8.11 16.03
N GLU D 120 11.21 6.88 15.74
CA GLU D 120 10.35 5.71 15.77
C GLU D 120 9.97 5.17 17.15
N VAL D 121 10.91 5.17 18.09
CA VAL D 121 10.64 4.64 19.42
C VAL D 121 10.28 5.67 20.48
N GLN D 122 9.12 5.49 21.10
CA GLN D 122 8.63 6.39 22.13
C GLN D 122 8.76 5.83 23.55
N GLY D 123 9.44 4.70 23.71
CA GLY D 123 9.57 4.12 25.03
C GLY D 123 10.29 5.04 25.99
N GLU D 124 9.73 5.20 27.19
CA GLU D 124 10.32 6.06 28.21
C GLU D 124 11.69 5.54 28.63
N VAL D 125 11.82 4.25 28.88
CA VAL D 125 13.12 3.81 29.33
C VAL D 125 14.08 4.19 28.22
N GLU D 126 13.64 3.98 26.99
CA GLU D 126 14.46 4.36 25.85
C GLU D 126 14.67 5.88 25.88
N ARG D 127 13.59 6.62 26.08
CA ARG D 127 13.71 8.07 26.10
C ARG D 127 14.54 8.66 27.24
N ARG D 128 14.39 8.13 28.44
CA ARG D 128 15.12 8.68 29.58
C ARG D 128 16.62 8.60 29.38
N VAL D 129 17.06 7.44 28.92
CA VAL D 129 18.47 7.28 28.69
C VAL D 129 18.92 8.22 27.61
N VAL D 130 18.07 8.41 26.60
CA VAL D 130 18.46 9.29 25.52
C VAL D 130 18.72 10.66 26.08
N ALA D 131 17.81 11.11 26.90
CA ALA D 131 17.96 12.44 27.48
C ALA D 131 19.20 12.57 28.34
N GLN D 132 19.44 11.56 29.17
CA GLN D 132 20.59 11.65 30.05
C GLN D 132 21.85 11.70 29.23
N LEU D 133 21.88 10.91 28.17
CA LEU D 133 23.03 10.86 27.31
C LEU D 133 23.29 12.20 26.67
N LEU D 134 22.23 12.83 26.19
CA LEU D 134 22.44 14.12 25.56
C LEU D 134 23.01 15.05 26.60
N THR D 135 22.42 15.03 27.79
CA THR D 135 22.94 15.89 28.84
C THR D 135 24.33 15.52 29.33
N LEU D 136 24.60 14.24 29.59
CA LEU D 136 25.93 13.89 30.06
C LEU D 136 26.87 14.49 29.05
N MET D 137 26.52 14.33 27.78
CA MET D 137 27.32 14.95 26.75
C MET D 137 27.40 16.39 27.19
N ASP D 138 26.26 16.87 27.69
CA ASP D 138 26.16 18.21 28.20
C ASP D 138 26.95 18.30 29.50
N GLY D 139 26.83 17.28 30.34
CA GLY D 139 27.58 17.36 31.59
C GLY D 139 29.07 17.28 31.41
N MET D 140 29.52 16.78 30.25
CA MET D 140 30.95 16.70 29.98
C MET D 140 31.54 18.12 29.91
N LYS D 141 32.76 18.30 30.40
CA LYS D 141 33.35 19.63 30.38
C LYS D 141 34.72 19.63 29.72
N GLU D 142 35.13 20.78 29.19
CA GLU D 142 36.37 20.88 28.43
C GLU D 142 37.64 20.44 29.13
N ARG D 143 37.76 20.73 30.40
CA ARG D 143 38.96 20.33 31.13
C ARG D 143 39.14 18.81 31.13
N GLY D 144 38.04 18.08 31.25
CA GLY D 144 38.12 16.63 31.34
C GLY D 144 38.80 15.84 30.26
N HIS D 145 39.67 14.93 30.69
CA HIS D 145 40.36 14.04 29.79
C HIS D 145 39.39 12.85 29.79
N VAL D 146 38.27 12.96 29.10
CA VAL D 146 37.27 11.88 29.02
C VAL D 146 36.99 11.72 27.52
N ILE D 147 37.05 10.53 26.96
CA ILE D 147 36.75 10.36 25.51
C ILE D 147 35.59 9.36 25.42
N VAL D 148 34.54 9.70 24.68
CA VAL D 148 33.35 8.85 24.52
C VAL D 148 33.38 8.19 23.14
N ILE D 149 33.10 6.90 23.04
CA ILE D 149 33.15 6.17 21.77
C ILE D 149 31.95 5.26 21.49
N GLY D 150 31.82 4.72 20.28
CA GLY D 150 30.67 3.86 20.04
C GLY D 150 30.70 3.31 18.63
N ALA D 151 29.99 2.19 18.47
CA ALA D 151 29.85 1.54 17.17
C ALA D 151 28.40 1.10 16.99
N THR D 152 28.02 1.00 15.72
CA THR D 152 26.68 0.62 15.37
C THR D 152 26.64 0.05 13.98
N ASN D 153 25.70 -0.84 13.76
CA ASN D 153 25.52 -1.44 12.45
C ASN D 153 25.07 -0.42 11.41
N ARG D 154 24.11 0.41 11.79
CA ARG D 154 23.53 1.38 10.89
C ARG D 154 24.09 2.76 11.13
N ILE D 155 24.49 3.44 10.07
CA ILE D 155 25.07 4.75 10.33
C ILE D 155 24.01 5.71 10.84
N ASP D 156 22.92 5.87 10.09
CA ASP D 156 21.86 6.79 10.48
C ASP D 156 20.95 6.21 11.55
N ALA D 157 21.12 4.93 11.91
CA ALA D 157 20.27 4.35 12.94
C ALA D 157 20.35 5.13 14.25
N ILE D 158 21.48 5.79 14.51
CA ILE D 158 21.61 6.59 15.72
C ILE D 158 20.75 7.84 15.60
N ASP D 159 20.42 8.46 16.72
CA ASP D 159 19.63 9.69 16.65
C ASP D 159 20.27 10.77 15.80
N PRO D 160 19.38 11.46 14.99
CA PRO D 160 19.98 12.54 14.18
C PRO D 160 20.54 13.67 15.02
N ALA D 161 19.86 13.97 16.11
CA ALA D 161 20.26 15.09 16.96
C ALA D 161 21.68 14.96 17.51
N LEU D 162 22.09 13.75 17.85
CA LEU D 162 23.42 13.56 18.39
C LEU D 162 24.42 14.01 17.34
N ARG D 163 23.99 14.00 16.10
CA ARG D 163 24.83 14.41 14.99
C ARG D 163 25.34 15.85 14.99
N ARG D 164 24.55 16.82 15.46
CA ARG D 164 25.02 18.21 15.43
C ARG D 164 26.31 18.27 16.24
N PRO D 165 27.21 19.23 15.82
CA PRO D 165 28.49 19.24 16.54
C PRO D 165 28.39 19.62 17.99
N GLY D 166 29.48 19.36 18.71
CA GLY D 166 29.55 19.58 20.15
C GLY D 166 29.18 18.30 20.87
N ARG D 167 28.77 17.32 20.08
CA ARG D 167 28.43 15.98 20.50
C ARG D 167 28.66 15.07 19.30
N PHE D 168 29.49 14.05 19.40
CA PHE D 168 29.71 13.18 18.26
C PHE D 168 30.19 13.99 17.03
N ASP D 169 30.98 15.03 17.25
CA ASP D 169 31.40 15.85 16.10
C ASP D 169 32.21 15.06 15.09
N ARG D 170 33.17 14.27 15.54
CA ARG D 170 33.99 13.53 14.59
C ARG D 170 33.69 12.04 14.56
N GLU D 171 33.41 11.52 13.36
CA GLU D 171 33.12 10.10 13.22
C GLU D 171 34.01 9.48 12.17
N ILE D 172 34.57 8.32 12.47
CA ILE D 172 35.41 7.61 11.52
C ILE D 172 34.82 6.21 11.40
N GLU D 173 34.55 5.75 10.18
CA GLU D 173 33.98 4.42 10.04
C GLU D 173 34.97 3.48 9.36
N ILE D 174 35.19 2.32 9.97
CA ILE D 174 36.14 1.35 9.43
C ILE D 174 35.36 0.31 8.66
N GLY D 175 35.72 0.10 7.39
CA GLY D 175 35.04 -0.86 6.55
C GLY D 175 35.78 -2.19 6.49
N VAL D 176 35.40 -2.98 5.48
CA VAL D 176 36.00 -4.29 5.27
C VAL D 176 37.51 -4.11 5.13
N PRO D 177 38.31 -5.07 5.57
CA PRO D 177 39.77 -4.94 5.42
C PRO D 177 40.19 -5.15 3.97
N ASP D 178 41.34 -4.57 3.64
CA ASP D 178 41.88 -4.69 2.29
C ASP D 178 42.46 -6.09 2.08
N ARG D 179 42.59 -6.47 0.80
CA ARG D 179 43.16 -7.76 0.47
C ARG D 179 44.47 -8.00 1.23
N ASN D 180 45.39 -7.04 1.17
CA ASN D 180 46.59 -7.13 1.99
C ASN D 180 46.25 -7.02 3.47
N GLY D 181 45.24 -6.23 3.81
CA GLY D 181 44.82 -6.14 5.20
C GLY D 181 44.28 -7.45 5.73
N ARG D 182 43.54 -8.19 4.89
CA ARG D 182 43.04 -9.49 5.30
C ARG D 182 44.15 -10.36 5.85
N LYS D 183 45.35 -10.26 5.27
CA LYS D 183 46.47 -11.06 5.73
C LYS D 183 46.76 -10.79 7.20
N GLU D 184 46.87 -9.51 7.57
CA GLU D 184 47.15 -9.16 8.96
C GLU D 184 46.22 -9.90 9.92
N ILE D 185 44.91 -9.85 9.64
CA ILE D 185 43.95 -10.53 10.49
C ILE D 185 44.25 -12.02 10.53
N LEU D 186 44.26 -12.66 9.36
CA LEU D 186 44.52 -14.09 9.30
C LEU D 186 45.94 -14.42 9.76
N MET D 187 46.87 -13.47 9.62
CA MET D 187 48.25 -13.72 10.01
C MET D 187 48.41 -13.77 11.53
N ILE D 188 47.84 -12.79 12.24
CA ILE D 188 48.03 -12.71 13.69
C ILE D 188 47.50 -13.97 14.36
N HIS D 189 46.27 -14.36 14.03
CA HIS D 189 45.68 -15.55 14.65
C HIS D 189 46.52 -16.79 14.40
N THR D 190 47.37 -16.77 13.37
CA THR D 190 48.25 -17.91 13.11
C THR D 190 49.22 -18.14 14.26
N ARG D 191 49.45 -17.14 15.11
CA ARG D 191 50.42 -17.33 16.18
C ARG D 191 50.02 -18.47 17.08
N ASN D 192 48.77 -18.49 17.53
CA ASN D 192 48.32 -19.60 18.33
C ASN D 192 48.25 -20.78 17.40
N MET D 193 47.80 -20.49 16.19
CA MET D 193 47.65 -21.49 15.16
C MET D 193 49.03 -22.09 14.98
N PRO D 194 49.09 -23.47 14.90
CA PRO D 194 50.44 -24.01 14.75
C PRO D 194 50.66 -24.69 13.40
N LEU D 195 51.74 -24.35 12.72
CA LEU D 195 52.04 -24.96 11.42
C LEU D 195 53.29 -25.85 11.38
N GLY D 196 54.08 -25.89 12.45
CA GLY D 196 55.23 -26.76 12.49
C GLY D 196 56.53 -26.09 12.10
N MET D 197 56.48 -24.96 11.39
CA MET D 197 57.67 -24.27 10.96
C MET D 197 57.33 -22.81 10.69
N SER D 198 58.37 -21.97 10.65
CA SER D 198 58.16 -20.57 10.30
C SER D 198 57.33 -20.46 9.03
N GLU D 199 57.64 -21.27 8.02
CA GLU D 199 56.79 -21.45 6.86
C GLU D 199 56.42 -20.11 6.21
N GLU D 200 57.46 -19.34 5.86
CA GLU D 200 57.23 -18.11 5.12
C GLU D 200 56.41 -18.39 3.87
N GLU D 201 56.54 -19.59 3.29
CA GLU D 201 55.67 -19.98 2.19
C GLU D 201 54.21 -20.00 2.66
N LYS D 202 53.93 -20.67 3.77
CA LYS D 202 52.59 -20.62 4.35
C LYS D 202 52.15 -19.18 4.55
N ASN D 203 53.03 -18.36 5.14
CA ASN D 203 52.76 -16.94 5.20
C ASN D 203 52.41 -16.40 3.82
N LYS D 204 53.24 -16.74 2.82
CA LYS D 204 52.85 -16.47 1.44
C LYS D 204 51.58 -17.22 1.07
N PHE D 205 51.43 -18.44 1.59
CA PHE D 205 50.17 -19.16 1.43
C PHE D 205 49.03 -18.39 2.06
N LEU D 206 49.20 -17.96 3.32
CA LEU D 206 48.20 -17.09 3.94
C LEU D 206 47.97 -15.85 3.09
N GLU D 207 49.03 -15.33 2.47
CA GLU D 207 48.86 -14.20 1.56
C GLU D 207 47.77 -14.48 0.53
N GLU D 208 47.88 -15.61 -0.17
CA GLU D 208 46.88 -15.96 -1.17
C GLU D 208 45.57 -16.43 -0.52
N MET D 209 45.63 -16.94 0.71
CA MET D 209 44.43 -17.44 1.37
C MET D 209 43.30 -16.42 1.30
N ALA D 210 43.61 -15.16 1.57
CA ALA D 210 42.59 -14.12 1.43
C ALA D 210 42.31 -13.83 -0.03
N ASP D 211 43.33 -13.89 -0.90
CA ASP D 211 43.15 -13.55 -2.30
C ASP D 211 42.15 -14.45 -3.00
N TYR D 212 41.84 -15.62 -2.42
CA TYR D 212 40.82 -16.47 -3.02
C TYR D 212 39.49 -15.76 -3.16
N THR D 213 39.26 -14.72 -2.38
CA THR D 213 38.06 -13.91 -2.49
C THR D 213 38.44 -12.44 -2.27
N TYR D 214 37.61 -11.55 -2.82
CA TYR D 214 37.85 -10.12 -2.68
C TYR D 214 38.06 -9.74 -1.21
N GLY D 215 37.32 -10.39 -0.31
CA GLY D 215 37.47 -10.12 1.10
C GLY D 215 36.21 -10.49 1.84
N PHE D 216 36.30 -10.41 3.17
CA PHE D 216 35.16 -10.69 4.04
C PHE D 216 35.30 -9.82 5.28
N VAL D 217 34.44 -10.06 6.26
CA VAL D 217 34.49 -9.34 7.52
C VAL D 217 35.59 -9.92 8.39
N GLY D 218 36.19 -9.07 9.22
CA GLY D 218 37.25 -9.54 10.10
C GLY D 218 36.79 -10.64 11.04
N ALA D 219 35.66 -10.41 11.71
CA ALA D 219 35.16 -11.38 12.68
C ALA D 219 35.04 -12.77 12.04
N ASP D 220 34.32 -12.87 10.94
CA ASP D 220 34.18 -14.16 10.26
C ASP D 220 35.55 -14.73 9.91
N LEU D 221 36.44 -13.89 9.40
CA LEU D 221 37.80 -14.35 9.10
C LEU D 221 38.44 -14.98 10.32
N ALA D 222 38.43 -14.27 11.45
CA ALA D 222 38.92 -14.86 12.69
C ALA D 222 38.16 -16.14 13.01
N ALA D 223 36.93 -16.26 12.54
CA ALA D 223 36.20 -17.51 12.69
C ALA D 223 36.66 -18.55 11.68
N LEU D 224 37.06 -18.11 10.49
CA LEU D 224 37.53 -19.04 9.46
C LEU D 224 38.63 -19.94 10.02
N VAL D 225 39.64 -19.34 10.65
CA VAL D 225 40.72 -20.13 11.25
C VAL D 225 40.15 -21.18 12.20
N ARG D 226 39.06 -20.85 12.89
CA ARG D 226 38.43 -21.82 13.76
C ARG D 226 37.93 -23.02 12.98
N GLU D 227 37.39 -22.79 11.78
CA GLU D 227 36.92 -23.89 10.96
C GLU D 227 38.01 -24.92 10.74
N SER D 228 39.20 -24.46 10.36
CA SER D 228 40.32 -25.38 10.12
C SER D 228 40.57 -26.24 11.36
N ALA D 229 40.75 -25.60 12.52
CA ALA D 229 40.96 -26.34 13.75
C ALA D 229 39.92 -27.43 13.92
N MET D 230 38.65 -27.02 14.04
CA MET D 230 37.57 -27.99 14.17
C MET D 230 37.60 -29.01 13.04
N ASN D 231 37.61 -28.54 11.80
CA ASN D 231 37.60 -29.47 10.65
C ASN D 231 38.84 -30.34 10.65
N ALA D 232 40.03 -29.73 10.68
CA ALA D 232 41.26 -30.50 10.65
C ALA D 232 41.37 -31.43 11.84
N LEU D 233 40.79 -31.05 12.99
CA LEU D 233 40.85 -31.90 14.17
C LEU D 233 40.12 -33.21 13.96
N ARG D 234 39.21 -33.29 12.98
CA ARG D 234 38.42 -34.49 12.79
C ARG D 234 39.29 -35.66 12.33
N ARG D 235 40.22 -35.41 11.42
CA ARG D 235 41.07 -36.49 10.94
C ARG D 235 41.89 -37.15 12.05
N TYR D 236 42.44 -36.35 12.96
CA TYR D 236 43.23 -36.89 14.06
C TYR D 236 42.41 -37.17 15.33
N LEU D 237 41.14 -36.78 15.31
CA LEU D 237 40.24 -36.96 16.46
C LEU D 237 39.93 -38.39 16.89
N PRO D 238 39.71 -39.32 15.88
CA PRO D 238 39.36 -40.67 16.36
C PRO D 238 40.45 -41.39 17.17
N GLU D 239 41.70 -41.27 16.75
CA GLU D 239 42.81 -41.93 17.43
C GLU D 239 42.85 -41.66 18.92
N ILE D 240 42.22 -40.57 19.37
CA ILE D 240 42.24 -40.22 20.79
C ILE D 240 41.02 -40.74 21.53
N ASP D 241 40.09 -41.40 20.83
CA ASP D 241 38.86 -41.87 21.46
C ASP D 241 39.12 -42.90 22.56
N LEU D 242 40.35 -43.44 22.65
CA LEU D 242 40.61 -44.50 23.61
C LEU D 242 40.22 -44.11 25.02
N ASP D 243 40.73 -42.98 25.51
CA ASP D 243 40.43 -42.52 26.86
C ASP D 243 40.25 -41.01 26.85
N LYS D 244 39.70 -40.49 27.95
CA LYS D 244 39.52 -39.05 28.08
C LYS D 244 40.85 -38.32 28.13
N PRO D 245 41.82 -38.69 28.97
CA PRO D 245 43.08 -37.96 29.02
C PRO D 245 43.81 -38.03 27.70
N ILE D 246 44.38 -36.90 27.31
CA ILE D 246 45.09 -36.81 26.03
C ILE D 246 46.46 -37.46 26.18
N PRO D 247 46.82 -38.42 25.31
CA PRO D 247 48.12 -39.08 25.45
C PRO D 247 49.26 -38.11 25.20
N THR D 248 50.24 -38.12 26.09
CA THR D 248 51.46 -37.33 25.89
C THR D 248 52.40 -37.96 24.88
N GLU D 249 52.20 -39.23 24.53
CA GLU D 249 53.01 -39.87 23.50
C GLU D 249 52.97 -39.05 22.21
N ILE D 250 51.77 -38.77 21.72
CA ILE D 250 51.57 -37.88 20.59
C ILE D 250 50.92 -36.61 21.13
N LEU D 251 51.70 -35.53 21.17
CA LEU D 251 51.23 -34.26 21.71
C LEU D 251 51.60 -33.15 20.74
N GLU D 252 50.59 -32.52 20.18
CA GLU D 252 50.76 -31.39 19.25
C GLU D 252 51.65 -31.76 18.08
N LYS D 253 51.75 -33.04 17.76
CA LYS D 253 52.36 -33.46 16.50
C LYS D 253 51.36 -33.49 15.36
N MET D 254 50.08 -33.25 15.67
CA MET D 254 49.07 -33.04 14.66
C MET D 254 48.93 -31.55 14.42
N VAL D 255 49.31 -31.09 13.23
CA VAL D 255 49.32 -29.68 12.89
C VAL D 255 48.35 -29.43 11.76
N VAL D 256 47.59 -28.35 11.86
CA VAL D 256 46.67 -27.98 10.79
C VAL D 256 47.46 -27.73 9.52
N THR D 257 47.10 -28.43 8.45
CA THR D 257 47.77 -28.29 7.17
C THR D 257 47.14 -27.15 6.37
N GLU D 258 47.97 -26.43 5.62
CA GLU D 258 47.45 -25.34 4.80
C GLU D 258 46.29 -25.81 3.93
N ASP D 259 46.32 -27.08 3.49
CA ASP D 259 45.20 -27.63 2.75
C ASP D 259 43.94 -27.66 3.60
N ASP D 260 44.09 -27.79 4.93
CA ASP D 260 42.92 -27.79 5.80
C ASP D 260 42.09 -26.54 5.61
N PHE D 261 42.74 -25.37 5.66
CA PHE D 261 42.05 -24.12 5.37
C PHE D 261 41.35 -24.21 4.01
N LYS D 262 42.10 -24.61 2.98
CA LYS D 262 41.50 -24.78 1.65
C LYS D 262 40.24 -25.64 1.73
N ASN D 263 40.26 -26.65 2.60
CA ASN D 263 39.04 -27.40 2.90
C ASN D 263 38.17 -26.66 3.91
N ALA D 264 38.74 -25.73 4.67
CA ALA D 264 37.97 -24.99 5.66
C ALA D 264 37.17 -23.85 5.03
N LEU D 265 37.68 -23.26 3.95
CA LEU D 265 36.98 -22.13 3.32
C LEU D 265 35.53 -22.46 3.01
N LYS D 266 35.23 -23.72 2.71
CA LYS D 266 33.86 -24.12 2.44
C LYS D 266 33.09 -24.27 3.73
N SER D 267 31.76 -24.13 3.63
CA SER D 267 30.87 -24.39 4.75
C SER D 267 30.90 -23.27 5.80
N ILE D 268 31.84 -22.33 5.66
CA ILE D 268 31.95 -21.23 6.62
C ILE D 268 31.01 -20.08 6.31
N GLU D 269 30.25 -20.17 5.21
CA GLU D 269 29.26 -19.18 4.80
C GLU D 269 29.77 -17.75 4.99
N PRO D 270 30.86 -17.38 4.34
CA PRO D 270 31.32 -15.98 4.41
C PRO D 270 30.39 -15.04 3.66
N SER D 271 30.84 -13.79 3.47
CA SER D 271 30.06 -12.79 2.74
C SER D 271 28.81 -12.38 3.52
N SER D 272 28.94 -12.26 4.84
CA SER D 272 27.86 -11.75 5.66
C SER D 272 27.63 -10.26 5.49
N LEU D 273 28.49 -9.58 4.74
CA LEU D 273 28.34 -8.13 4.54
C LEU D 273 27.67 -7.75 3.22
N ARG D 274 26.61 -6.96 3.33
CA ARG D 274 25.86 -6.48 2.16
C ARG D 274 26.22 -5.06 1.74
N GLU D 275 27.22 -4.47 2.42
CA GLU D 275 27.66 -3.12 2.13
C GLU D 275 28.44 -3.02 0.82
N VAL D 276 28.56 -1.80 0.28
CA VAL D 276 29.26 -1.61 -0.97
C VAL D 276 30.67 -2.13 -0.76
N MET D 277 31.21 -2.81 -1.76
CA MET D 277 32.52 -3.42 -1.63
C MET D 277 33.45 -2.85 -2.69
N VAL D 278 34.75 -3.04 -2.48
CA VAL D 278 35.78 -2.58 -3.40
C VAL D 278 36.62 -3.79 -3.82
N GLU D 279 36.85 -3.92 -5.12
CA GLU D 279 37.58 -5.06 -5.67
C GLU D 279 38.51 -4.59 -6.77
N VAL D 280 39.71 -5.15 -6.80
CA VAL D 280 40.69 -4.82 -7.84
C VAL D 280 40.98 -6.06 -8.66
N PRO D 281 40.55 -6.11 -9.92
CA PRO D 281 40.85 -7.28 -10.76
C PRO D 281 42.29 -7.29 -11.24
N ASN D 282 42.78 -8.48 -11.54
CA ASN D 282 44.16 -8.70 -11.94
C ASN D 282 44.35 -8.76 -13.46
N VAL D 283 43.28 -8.55 -14.23
CA VAL D 283 43.39 -8.69 -15.68
C VAL D 283 44.44 -7.74 -16.24
N HIS D 284 45.10 -8.18 -17.32
CA HIS D 284 46.13 -7.40 -17.99
C HIS D 284 45.82 -7.34 -19.48
N TRP D 285 46.29 -6.27 -20.13
CA TRP D 285 46.04 -6.10 -21.55
C TRP D 285 46.50 -7.31 -22.35
N ASP D 286 47.57 -7.97 -21.91
CA ASP D 286 47.99 -9.20 -22.58
C ASP D 286 46.82 -10.17 -22.75
N ASP D 287 45.89 -10.16 -21.79
CA ASP D 287 44.66 -10.93 -21.91
C ASP D 287 43.68 -10.33 -22.90
N ILE D 288 43.98 -9.16 -23.47
CA ILE D 288 43.09 -8.47 -24.39
C ILE D 288 43.67 -8.60 -25.79
N GLY D 289 43.00 -9.39 -26.63
CA GLY D 289 43.44 -9.53 -28.01
C GLY D 289 42.92 -8.40 -28.89
N GLY D 290 43.74 -7.99 -29.85
CA GLY D 290 43.32 -6.96 -30.76
C GLY D 290 42.95 -5.67 -30.05
N LEU D 291 42.28 -4.80 -30.79
CA LEU D 291 41.77 -3.54 -30.27
C LEU D 291 42.89 -2.60 -29.84
N GLU D 292 44.01 -2.63 -30.55
CA GLU D 292 45.15 -1.79 -30.18
C GLU D 292 44.75 -0.33 -30.09
N ASP D 293 43.85 0.12 -30.96
CA ASP D 293 43.45 1.52 -30.98
C ASP D 293 42.69 1.90 -29.71
N VAL D 294 41.65 1.13 -29.37
CA VAL D 294 40.80 1.49 -28.25
C VAL D 294 41.59 1.50 -26.95
N LYS D 295 42.30 0.40 -26.67
CA LYS D 295 43.09 0.33 -25.45
C LYS D 295 44.05 1.50 -25.35
N ARG D 296 44.82 1.75 -26.41
CA ARG D 296 45.75 2.87 -26.39
C ARG D 296 45.03 4.19 -26.13
N GLU D 297 43.86 4.38 -26.74
CA GLU D 297 43.12 5.61 -26.53
C GLU D 297 42.36 5.57 -25.21
N ILE D 298 41.71 4.45 -24.89
CA ILE D 298 40.96 4.38 -23.65
C ILE D 298 41.89 4.58 -22.46
N LYS D 299 43.09 4.01 -22.52
CA LYS D 299 44.05 4.19 -21.44
C LYS D 299 44.40 5.67 -21.26
N GLU D 300 44.82 6.32 -22.34
CA GLU D 300 45.15 7.74 -22.24
C GLU D 300 43.96 8.56 -21.81
N THR D 301 42.74 8.07 -22.04
CA THR D 301 41.56 8.80 -21.61
C THR D 301 41.35 8.68 -20.11
N VAL D 302 41.42 7.46 -19.57
CA VAL D 302 41.24 7.27 -18.14
C VAL D 302 42.51 7.62 -17.38
N GLU D 303 43.66 7.13 -17.86
CA GLU D 303 44.90 7.29 -17.10
C GLU D 303 45.32 8.75 -17.00
N LEU D 304 45.23 9.48 -18.10
CA LEU D 304 45.69 10.87 -18.17
C LEU D 304 45.10 11.70 -17.02
N PRO D 305 43.77 11.78 -16.92
CA PRO D 305 43.19 12.67 -15.91
C PRO D 305 43.62 12.33 -14.49
N LEU D 306 43.62 11.05 -14.13
CA LEU D 306 43.97 10.67 -12.76
C LEU D 306 45.48 10.73 -12.53
N LEU D 307 46.27 10.17 -13.46
CA LEU D 307 47.70 10.07 -13.26
C LEU D 307 48.40 11.40 -13.54
N LYS D 308 47.96 12.14 -14.55
CA LYS D 308 48.61 13.38 -14.96
C LYS D 308 47.60 14.51 -15.01
N PRO D 309 46.98 14.85 -13.88
CA PRO D 309 46.03 15.97 -13.89
C PRO D 309 46.67 17.29 -14.26
N ASP D 310 47.86 17.57 -13.73
CA ASP D 310 48.50 18.85 -13.97
C ASP D 310 48.69 19.12 -15.46
N VAL D 311 49.35 18.19 -16.17
CA VAL D 311 49.60 18.38 -17.59
C VAL D 311 48.28 18.50 -18.36
N PHE D 312 47.19 18.00 -17.79
CA PHE D 312 45.89 18.15 -18.43
C PHE D 312 45.32 19.55 -18.24
N LYS D 313 45.73 20.24 -17.17
CA LYS D 313 45.22 21.58 -16.91
C LYS D 313 45.87 22.63 -17.79
N ARG D 314 47.11 22.40 -18.23
CA ARG D 314 47.79 23.39 -19.04
C ARG D 314 47.02 23.70 -20.32
N LEU D 315 46.27 22.74 -20.84
CA LEU D 315 45.42 23.01 -21.99
C LEU D 315 44.24 23.90 -21.60
N GLY D 316 43.48 23.50 -20.58
CA GLY D 316 42.36 24.28 -20.10
C GLY D 316 41.00 23.71 -20.42
N ILE D 317 40.90 22.75 -21.33
CA ILE D 317 39.61 22.15 -21.63
C ILE D 317 39.08 21.42 -20.39
N ARG D 318 37.77 21.31 -20.30
CA ARG D 318 37.15 20.66 -19.16
C ARG D 318 37.62 19.22 -19.06
N PRO D 319 37.86 18.70 -17.86
CA PRO D 319 38.15 17.27 -17.71
C PRO D 319 36.90 16.43 -17.96
N SER D 320 37.14 15.14 -18.17
CA SER D 320 36.07 14.21 -18.54
C SER D 320 35.43 13.60 -17.30
N LYS D 321 34.11 13.59 -17.26
CA LYS D 321 33.40 12.91 -16.18
C LYS D 321 33.36 11.41 -16.41
N GLY D 322 33.60 10.97 -17.64
CA GLY D 322 33.58 9.56 -17.95
C GLY D 322 33.17 9.32 -19.39
N PHE D 323 32.93 8.05 -19.70
CA PHE D 323 32.54 7.67 -21.04
C PHE D 323 31.79 6.34 -20.97
N LEU D 324 31.08 6.03 -22.04
CA LEU D 324 30.24 4.85 -22.13
C LEU D 324 30.76 3.91 -23.21
N LEU D 325 30.55 2.61 -23.02
CA LEU D 325 30.96 1.60 -23.96
C LEU D 325 29.73 0.88 -24.52
N TYR D 326 29.71 0.69 -25.84
CA TYR D 326 28.60 0.04 -26.50
C TYR D 326 29.13 -0.78 -27.67
N GLY D 327 28.53 -1.95 -27.88
CA GLY D 327 28.95 -2.85 -28.92
C GLY D 327 28.24 -4.20 -28.83
N PRO D 328 28.53 -5.08 -29.78
CA PRO D 328 27.89 -6.39 -29.78
C PRO D 328 28.19 -7.14 -28.50
N PRO D 329 27.21 -7.89 -27.97
CA PRO D 329 27.46 -8.67 -26.76
C PRO D 329 28.63 -9.61 -26.95
N GLY D 330 29.55 -9.59 -25.99
CA GLY D 330 30.72 -10.44 -26.04
C GLY D 330 31.97 -9.80 -26.60
N VAL D 331 31.96 -8.50 -26.89
CA VAL D 331 33.16 -7.82 -27.36
C VAL D 331 34.18 -7.63 -26.26
N GLY D 332 33.84 -7.96 -25.02
CA GLY D 332 34.75 -7.83 -23.91
C GLY D 332 34.63 -6.59 -23.06
N LYS D 333 33.49 -5.88 -23.14
CA LYS D 333 33.33 -4.70 -22.31
C LYS D 333 33.66 -4.99 -20.86
N THR D 334 33.01 -6.00 -20.29
CA THR D 334 33.32 -6.39 -18.92
C THR D 334 34.80 -6.69 -18.73
N LEU D 335 35.46 -7.19 -19.78
CA LEU D 335 36.88 -7.49 -19.68
C LEU D 335 37.73 -6.24 -19.83
N LEU D 336 37.37 -5.35 -20.76
CA LEU D 336 38.16 -4.14 -20.99
C LEU D 336 38.21 -3.27 -19.73
N ALA D 337 37.04 -2.89 -19.22
CA ALA D 337 36.99 -2.01 -18.07
C ALA D 337 37.88 -2.51 -16.95
N LYS D 338 37.74 -3.77 -16.57
CA LYS D 338 38.60 -4.33 -15.54
C LYS D 338 40.07 -4.15 -15.88
N ALA D 339 40.42 -4.24 -17.16
CA ALA D 339 41.82 -4.08 -17.56
C ALA D 339 42.33 -2.69 -17.21
N VAL D 340 41.66 -1.66 -17.71
CA VAL D 340 42.10 -0.30 -17.43
C VAL D 340 42.05 -0.03 -15.94
N ALA D 341 40.96 -0.45 -15.30
CA ALA D 341 40.83 -0.25 -13.87
C ALA D 341 41.91 -1.05 -13.13
N THR D 342 42.13 -2.27 -13.58
CA THR D 342 43.13 -3.14 -12.98
C THR D 342 44.55 -2.60 -13.16
N GLU D 343 44.83 -2.10 -14.35
CA GLU D 343 46.16 -1.55 -14.65
C GLU D 343 46.44 -0.35 -13.75
N SER D 344 45.44 0.50 -13.60
CA SER D 344 45.58 1.68 -12.77
C SER D 344 45.59 1.30 -11.29
N ASN D 345 46.47 1.94 -10.52
CA ASN D 345 46.56 1.66 -9.10
C ASN D 345 45.27 2.05 -8.40
N ALA D 346 44.69 3.17 -8.83
CA ALA D 346 43.45 3.70 -8.27
C ALA D 346 42.49 2.56 -7.96
N ASN D 347 41.76 2.70 -6.87
CA ASN D 347 40.82 1.66 -6.46
C ASN D 347 39.73 1.50 -7.51
N PHE D 348 39.17 0.29 -7.57
CA PHE D 348 38.14 -0.05 -8.54
C PHE D 348 36.83 -0.35 -7.82
N ILE D 349 35.73 -0.09 -8.52
CA ILE D 349 34.39 -0.39 -8.03
C ILE D 349 33.62 -1.10 -9.13
N SER D 350 32.86 -2.12 -8.76
CA SER D 350 32.11 -2.87 -9.75
C SER D 350 30.59 -2.75 -9.55
N ILE D 351 29.89 -2.40 -10.62
CA ILE D 351 28.45 -2.25 -10.58
C ILE D 351 27.79 -3.14 -11.63
N LYS D 352 26.77 -3.88 -11.21
CA LYS D 352 26.06 -4.77 -12.12
C LYS D 352 24.59 -4.35 -12.21
N GLY D 353 24.07 -4.28 -13.42
CA GLY D 353 22.69 -3.88 -13.60
C GLY D 353 21.74 -4.85 -12.92
N PRO D 354 22.04 -6.20 -13.05
CA PRO D 354 21.10 -7.10 -12.35
C PRO D 354 21.16 -6.86 -10.85
N GLU D 355 22.39 -6.76 -10.36
CA GLU D 355 22.68 -6.60 -8.93
C GLU D 355 22.17 -5.30 -8.31
N VAL D 356 22.19 -4.21 -9.06
CA VAL D 356 21.69 -2.96 -8.53
C VAL D 356 20.20 -3.02 -8.18
N LEU D 357 19.39 -3.64 -9.03
CA LEU D 357 18.00 -3.82 -8.66
C LEU D 357 18.05 -4.84 -7.51
N SER D 358 18.85 -5.86 -7.79
CA SER D 358 19.13 -7.05 -6.98
C SER D 358 19.86 -6.99 -5.65
N LYS D 359 20.86 -6.14 -5.55
CA LYS D 359 21.71 -6.09 -4.37
C LYS D 359 21.00 -5.81 -3.05
N TRP D 360 20.06 -4.88 -3.02
CA TRP D 360 19.33 -4.60 -1.79
C TRP D 360 17.84 -4.81 -2.00
N VAL D 361 17.03 -4.30 -1.07
CA VAL D 361 15.58 -4.44 -1.15
C VAL D 361 15.22 -3.80 -2.46
N GLY D 362 15.91 -2.72 -2.76
CA GLY D 362 15.69 -2.04 -4.02
C GLY D 362 14.50 -1.11 -3.89
N GLU D 363 13.88 -1.10 -2.71
CA GLU D 363 12.77 -0.20 -2.47
C GLU D 363 13.38 1.19 -2.64
N SER D 364 14.59 1.32 -2.15
CA SER D 364 15.36 2.53 -2.26
C SER D 364 16.50 2.16 -3.21
N GLU D 365 16.67 2.96 -4.26
CA GLU D 365 17.73 2.74 -5.22
C GLU D 365 18.95 3.55 -4.76
N LYS D 366 18.89 4.05 -3.54
CA LYS D 366 19.92 4.89 -3.01
C LYS D 366 21.21 4.12 -3.06
N ALA D 367 21.23 2.84 -2.74
CA ALA D 367 22.56 2.24 -2.84
C ALA D 367 23.43 2.99 -3.85
N ILE D 368 22.87 3.32 -5.01
CA ILE D 368 23.67 3.98 -6.05
C ILE D 368 24.21 5.31 -5.52
N ARG D 369 23.35 6.12 -4.91
CA ARG D 369 23.81 7.35 -4.29
C ARG D 369 24.89 7.07 -3.26
N GLU D 370 24.82 5.91 -2.60
CA GLU D 370 25.88 5.54 -1.67
C GLU D 370 27.14 5.13 -2.41
N ILE D 371 27.01 4.64 -3.64
CA ILE D 371 28.18 4.17 -4.40
C ILE D 371 29.22 5.27 -4.50
N PHE D 372 28.82 6.42 -5.06
CA PHE D 372 29.77 7.51 -5.23
C PHE D 372 30.35 7.95 -3.89
N LYS D 373 29.50 8.06 -2.87
CA LYS D 373 30.00 8.40 -1.54
C LYS D 373 31.13 7.45 -1.13
N LYS D 374 30.89 6.15 -1.23
CA LYS D 374 31.98 5.20 -1.01
C LYS D 374 33.06 5.37 -2.07
N ALA D 375 32.69 5.76 -3.29
CA ALA D 375 33.68 5.95 -4.33
C ALA D 375 34.46 7.24 -4.12
N LYS D 376 33.75 8.35 -3.87
CA LYS D 376 34.42 9.63 -3.66
C LYS D 376 35.46 9.53 -2.54
N GLN D 377 35.05 8.96 -1.40
CA GLN D 377 35.98 8.82 -0.28
C GLN D 377 37.18 7.98 -0.66
N VAL D 378 36.97 6.94 -1.47
CA VAL D 378 38.05 6.02 -1.83
C VAL D 378 38.85 6.51 -3.03
N ALA D 379 38.50 7.67 -3.59
CA ALA D 379 39.21 8.20 -4.75
C ALA D 379 40.69 8.38 -4.45
N PRO D 380 41.52 8.42 -5.51
CA PRO D 380 41.09 8.29 -6.90
C PRO D 380 40.63 6.88 -7.24
N ALA D 381 39.50 6.77 -7.93
CA ALA D 381 38.98 5.47 -8.34
C ALA D 381 38.04 5.68 -9.52
N ILE D 382 37.80 4.59 -10.26
CA ILE D 382 36.93 4.61 -11.42
C ILE D 382 35.74 3.70 -11.14
N VAL D 383 34.55 4.28 -11.12
CA VAL D 383 33.33 3.50 -10.92
C VAL D 383 32.91 2.90 -12.25
N PHE D 384 32.39 1.67 -12.19
CA PHE D 384 31.98 0.94 -13.38
C PHE D 384 30.53 0.51 -13.24
N LEU D 385 29.75 0.73 -14.28
CA LEU D 385 28.35 0.31 -14.33
C LEU D 385 28.14 -0.55 -15.57
N ASP D 386 27.71 -1.79 -15.36
CA ASP D 386 27.48 -2.73 -16.45
C ASP D 386 25.98 -2.93 -16.64
N GLU D 387 25.58 -3.11 -17.89
CA GLU D 387 24.16 -3.14 -18.26
C GLU D 387 23.44 -1.91 -17.72
N ILE D 388 24.00 -0.74 -18.01
CA ILE D 388 23.40 0.50 -17.54
C ILE D 388 21.97 0.62 -18.03
N ASP D 389 21.62 -0.04 -19.14
CA ASP D 389 20.25 0.01 -19.64
C ASP D 389 19.26 -0.50 -18.60
N SER D 390 19.50 -1.71 -18.09
CA SER D 390 18.61 -2.28 -17.09
C SER D 390 18.41 -1.33 -15.92
N ILE D 391 19.53 -0.74 -15.52
CA ILE D 391 19.64 0.23 -14.45
C ILE D 391 18.94 1.50 -14.82
N ALA D 392 19.15 1.91 -16.07
CA ALA D 392 18.57 3.13 -16.56
C ALA D 392 17.87 2.90 -17.87
N PRO D 393 16.72 2.13 -17.79
CA PRO D 393 16.05 1.92 -19.07
C PRO D 393 15.43 3.24 -19.45
N ARG D 394 14.96 3.37 -20.68
CA ARG D 394 14.30 4.61 -21.07
C ARG D 394 13.10 4.72 -20.12
N ARG D 395 12.74 5.94 -19.74
CA ARG D 395 11.66 6.17 -18.78
C ARG D 395 10.28 5.68 -19.19
N GLY D 396 9.91 5.87 -20.44
CA GLY D 396 8.59 5.45 -20.90
C GLY D 396 8.32 3.96 -20.87
N THR D 397 9.30 3.16 -21.23
CA THR D 397 9.14 1.70 -21.30
C THR D 397 8.78 0.95 -20.02
N THR D 398 9.39 1.31 -18.90
CA THR D 398 9.08 0.59 -17.67
C THR D 398 8.22 1.36 -16.68
N SER D 399 7.08 0.77 -16.35
CA SER D 399 6.15 1.37 -15.40
C SER D 399 6.51 0.97 -13.98
N ASP D 400 7.66 1.44 -13.50
CA ASP D 400 8.08 1.10 -12.13
C ASP D 400 8.79 2.24 -11.42
N SER D 401 8.63 2.28 -10.10
CA SER D 401 9.24 3.29 -9.28
C SER D 401 10.74 3.06 -9.18
N GLY D 402 11.11 1.78 -9.08
CA GLY D 402 12.49 1.40 -8.95
C GLY D 402 13.36 1.80 -10.13
N VAL D 403 12.82 1.67 -11.33
CA VAL D 403 13.58 2.01 -12.52
C VAL D 403 13.86 3.50 -12.74
N THR D 404 12.85 4.34 -12.53
CA THR D 404 13.00 5.78 -12.78
C THR D 404 13.30 6.63 -11.56
N GLU D 405 12.58 6.33 -10.49
CA GLU D 405 12.61 7.06 -9.24
C GLU D 405 13.86 6.74 -8.44
N ARG D 406 14.16 5.46 -8.28
CA ARG D 406 15.35 5.07 -7.55
C ARG D 406 16.66 5.34 -8.25
N ILE D 407 16.68 5.13 -9.57
CA ILE D 407 17.94 5.29 -10.28
C ILE D 407 18.18 6.27 -11.44
N VAL D 408 17.36 6.24 -12.48
CA VAL D 408 17.64 7.13 -13.62
C VAL D 408 17.64 8.57 -13.19
N ASN D 409 16.65 8.95 -12.41
CA ASN D 409 16.62 10.31 -11.93
C ASN D 409 17.78 10.49 -10.99
N GLN D 410 18.02 9.48 -10.17
CA GLN D 410 19.11 9.53 -9.23
C GLN D 410 20.43 9.64 -9.95
N LEU D 411 20.56 8.95 -11.07
CA LEU D 411 21.81 8.94 -11.82
C LEU D 411 22.29 10.28 -12.33
N LEU D 412 21.40 11.09 -12.88
CA LEU D 412 21.85 12.36 -13.40
C LEU D 412 22.43 13.21 -12.29
N THR D 413 21.81 13.19 -11.13
CA THR D 413 22.31 13.97 -10.03
C THR D 413 23.69 13.51 -9.58
N SER D 414 23.90 12.21 -9.54
CA SER D 414 25.20 11.70 -9.11
C SER D 414 26.34 12.12 -10.00
N LEU D 415 26.12 12.13 -11.32
CA LEU D 415 27.19 12.48 -12.23
C LEU D 415 27.73 13.88 -12.02
N ASP D 416 26.83 14.82 -11.79
CA ASP D 416 27.24 16.19 -11.58
C ASP D 416 28.10 16.29 -10.35
N GLY D 417 27.76 15.51 -9.33
CA GLY D 417 28.51 15.55 -8.10
C GLY D 417 29.96 15.18 -8.31
N ILE D 418 30.22 14.19 -9.15
CA ILE D 418 31.59 13.79 -9.37
C ILE D 418 32.34 14.95 -9.99
N GLU D 419 33.61 15.11 -9.61
CA GLU D 419 34.43 16.21 -10.11
C GLU D 419 35.75 15.75 -10.72
N VAL D 420 36.27 16.56 -11.63
CA VAL D 420 37.52 16.23 -12.30
C VAL D 420 38.64 16.10 -11.30
N MET D 421 38.71 17.00 -10.34
CA MET D 421 39.76 16.91 -9.34
C MET D 421 39.51 15.61 -8.62
N ASN D 422 38.24 15.34 -8.36
CA ASN D 422 37.85 14.12 -7.70
C ASN D 422 38.42 13.03 -8.59
N GLY D 423 38.94 11.95 -8.00
CA GLY D 423 39.52 10.93 -8.83
C GLY D 423 38.52 9.93 -9.37
N VAL D 424 37.24 10.23 -9.21
CA VAL D 424 36.19 9.32 -9.65
C VAL D 424 36.01 9.43 -11.15
N VAL D 425 35.71 8.30 -11.79
CA VAL D 425 35.45 8.25 -13.23
C VAL D 425 34.40 7.19 -13.47
N VAL D 426 33.50 7.46 -14.43
CA VAL D 426 32.38 6.58 -14.73
C VAL D 426 32.62 5.96 -16.10
N ILE D 427 32.73 4.63 -16.14
CA ILE D 427 32.87 3.88 -17.39
C ILE D 427 31.68 2.95 -17.51
N GLY D 428 30.78 3.26 -18.45
CA GLY D 428 29.61 2.44 -18.69
C GLY D 428 29.81 1.47 -19.85
N ALA D 429 29.03 0.38 -19.80
CA ALA D 429 28.95 -0.54 -20.91
C ALA D 429 27.55 -1.15 -20.93
N THR D 430 26.99 -1.29 -22.13
CA THR D 430 25.67 -1.89 -22.27
C THR D 430 25.50 -2.38 -23.70
N ASN D 431 24.56 -3.31 -23.87
CA ASN D 431 24.32 -3.89 -25.20
C ASN D 431 23.76 -2.85 -26.15
N ARG D 432 22.65 -2.21 -25.79
CA ARG D 432 21.98 -1.25 -26.66
C ARG D 432 22.03 0.15 -26.05
N PRO D 433 22.80 1.07 -26.62
CA PRO D 433 22.79 2.45 -26.10
C PRO D 433 21.41 3.07 -26.11
N ASP D 434 20.64 2.86 -27.17
CA ASP D 434 19.33 3.50 -27.29
C ASP D 434 18.40 3.10 -26.14
N ILE D 435 18.52 1.87 -25.65
CA ILE D 435 17.61 1.40 -24.61
C ILE D 435 17.69 2.30 -23.39
N MET D 436 18.89 2.74 -23.03
CA MET D 436 19.03 3.62 -21.88
C MET D 436 18.44 5.00 -22.19
N ASP D 437 18.07 5.71 -21.13
CA ASP D 437 17.50 7.04 -21.28
C ASP D 437 18.44 7.93 -22.08
N PRO D 438 17.99 8.53 -23.17
CA PRO D 438 18.86 9.44 -23.92
C PRO D 438 19.39 10.57 -23.06
N ALA D 439 18.72 10.82 -21.93
CA ALA D 439 19.16 11.87 -21.01
C ALA D 439 20.61 11.69 -20.58
N LEU D 440 21.13 10.45 -20.61
CA LEU D 440 22.50 10.23 -20.19
C LEU D 440 23.52 10.68 -21.24
N LEU D 441 23.10 10.82 -22.49
CA LEU D 441 24.02 11.28 -23.53
C LEU D 441 24.11 12.79 -23.62
N ARG D 442 23.41 13.52 -22.76
CA ARG D 442 23.52 14.98 -22.74
C ARG D 442 24.97 15.38 -22.48
N ALA D 443 25.35 16.51 -23.08
CA ALA D 443 26.72 16.97 -22.96
C ALA D 443 27.13 17.13 -21.50
N GLY D 444 28.35 16.69 -21.19
CA GLY D 444 28.90 16.79 -19.86
C GLY D 444 28.62 15.60 -18.97
N ARG D 445 27.56 14.85 -19.24
CA ARG D 445 27.28 13.64 -18.47
C ARG D 445 28.19 12.49 -18.90
N PHE D 446 28.24 12.22 -20.20
CA PHE D 446 29.20 11.29 -20.79
C PHE D 446 29.80 11.97 -22.01
N ASP D 447 31.11 12.25 -21.96
CA ASP D 447 31.74 13.03 -23.01
C ASP D 447 31.63 12.34 -24.36
N LYS D 448 32.15 11.11 -24.43
CA LYS D 448 32.21 10.37 -25.68
C LYS D 448 31.60 8.99 -25.50
N LEU D 449 31.25 8.36 -26.61
CA LEU D 449 30.77 6.99 -26.64
C LEU D 449 31.73 6.19 -27.51
N ILE D 450 32.47 5.29 -26.88
CA ILE D 450 33.49 4.50 -27.56
C ILE D 450 32.87 3.18 -27.98
N TYR D 451 32.72 2.97 -29.28
CA TYR D 451 32.20 1.72 -29.80
C TYR D 451 33.32 0.69 -29.89
N ILE D 452 32.99 -0.55 -29.54
CA ILE D 452 33.93 -1.66 -29.60
C ILE D 452 33.56 -2.52 -30.80
N PRO D 453 34.35 -2.52 -31.88
CA PRO D 453 34.00 -3.35 -33.03
C PRO D 453 34.23 -4.81 -32.72
N PRO D 454 33.47 -5.71 -33.35
CA PRO D 454 33.68 -7.14 -33.13
C PRO D 454 35.10 -7.53 -33.47
N PRO D 455 35.59 -8.63 -32.92
CA PRO D 455 36.98 -9.02 -33.17
C PRO D 455 37.21 -9.30 -34.66
N ASP D 456 38.26 -8.71 -35.19
CA ASP D 456 38.58 -8.87 -36.60
C ASP D 456 39.33 -10.19 -36.82
N LYS D 457 39.10 -10.78 -38.00
CA LYS D 457 39.81 -11.99 -38.37
C LYS D 457 41.32 -11.82 -38.17
N GLU D 458 41.86 -10.71 -38.66
CA GLU D 458 43.27 -10.41 -38.40
C GLU D 458 43.53 -10.30 -36.91
N ALA D 459 42.60 -9.68 -36.17
CA ALA D 459 42.73 -9.64 -34.72
C ALA D 459 42.44 -10.99 -34.11
N ARG D 460 41.60 -11.82 -34.76
CA ARG D 460 41.34 -13.15 -34.26
C ARG D 460 42.64 -13.90 -34.00
N LEU D 461 43.63 -13.74 -34.88
CA LEU D 461 44.92 -14.40 -34.69
C LEU D 461 45.49 -14.14 -33.31
N SER D 462 45.34 -12.90 -32.81
CA SER D 462 45.79 -12.58 -31.47
C SER D 462 44.79 -13.04 -30.41
N ILE D 463 43.49 -12.83 -30.67
CA ILE D 463 42.48 -13.16 -29.67
C ILE D 463 42.57 -14.62 -29.26
N LEU D 464 42.95 -15.50 -30.18
CA LEU D 464 42.91 -16.93 -29.92
C LEU D 464 44.07 -17.37 -29.03
N LYS D 465 45.28 -16.93 -29.35
CA LYS D 465 46.45 -17.36 -28.59
C LYS D 465 46.35 -16.94 -27.13
N VAL D 466 45.99 -15.68 -26.89
CA VAL D 466 45.93 -15.18 -25.52
C VAL D 466 45.01 -16.05 -24.66
N HIS D 467 43.91 -16.52 -25.22
CA HIS D 467 42.97 -17.30 -24.42
C HIS D 467 43.45 -18.74 -24.23
N THR D 468 44.04 -19.34 -25.26
CA THR D 468 44.48 -20.72 -25.18
C THR D 468 45.87 -20.89 -24.59
N LYS D 469 46.53 -19.79 -24.20
CA LYS D 469 47.88 -19.89 -23.64
C LYS D 469 47.93 -20.93 -22.53
N ASN D 470 46.92 -20.96 -21.66
CA ASN D 470 46.86 -21.98 -20.63
C ASN D 470 46.53 -23.35 -21.22
N MET D 471 45.89 -23.39 -22.38
CA MET D 471 45.49 -24.65 -22.98
C MET D 471 46.67 -25.33 -23.66
N PRO D 472 46.91 -26.61 -23.40
CA PRO D 472 47.93 -27.33 -24.17
C PRO D 472 47.47 -27.52 -25.61
N LEU D 473 48.38 -27.29 -26.54
CA LEU D 473 48.06 -27.28 -27.95
C LEU D 473 48.91 -28.31 -28.69
N ALA D 474 48.47 -28.69 -29.88
CA ALA D 474 49.17 -29.68 -30.68
C ALA D 474 50.20 -29.01 -31.58
N PRO D 475 51.25 -29.74 -31.96
CA PRO D 475 52.26 -29.14 -32.85
C PRO D 475 51.72 -28.86 -34.24
N ASP D 476 50.85 -29.72 -34.77
CA ASP D 476 50.32 -29.51 -36.11
C ASP D 476 49.23 -28.45 -36.13
N VAL D 477 48.38 -28.42 -35.10
CA VAL D 477 47.26 -27.49 -35.09
C VAL D 477 47.76 -26.06 -35.20
N ASP D 478 47.12 -25.29 -36.06
CA ASP D 478 47.44 -23.88 -36.26
C ASP D 478 46.23 -23.02 -35.89
N LEU D 479 46.49 -21.90 -35.25
CA LEU D 479 45.39 -21.03 -34.81
C LEU D 479 44.86 -20.17 -35.94
N ASN D 480 45.74 -19.61 -36.77
CA ASN D 480 45.32 -18.68 -37.81
C ASN D 480 44.33 -19.31 -38.78
N ASP D 481 44.29 -20.64 -38.87
CA ASP D 481 43.38 -21.29 -39.81
C ASP D 481 41.93 -20.88 -39.55
N ILE D 482 41.47 -21.04 -38.31
CA ILE D 482 40.09 -20.70 -37.98
C ILE D 482 39.84 -19.22 -38.21
N ALA D 483 40.85 -18.39 -37.99
CA ALA D 483 40.69 -16.95 -38.20
C ALA D 483 40.32 -16.64 -39.65
N GLN D 484 41.13 -17.13 -40.60
CA GLN D 484 40.87 -16.90 -42.01
C GLN D 484 39.56 -17.52 -42.48
N ARG D 485 38.95 -18.40 -41.68
CA ARG D 485 37.75 -19.10 -42.11
C ARG D 485 36.50 -18.22 -41.99
N THR D 486 36.36 -17.50 -40.87
CA THR D 486 35.10 -16.85 -40.54
C THR D 486 35.34 -15.47 -39.97
N GLU D 487 34.61 -14.47 -40.49
CA GLU D 487 34.71 -13.09 -40.04
C GLU D 487 33.62 -12.71 -39.05
N GLY D 488 32.74 -13.63 -38.67
CA GLY D 488 31.55 -13.25 -37.93
C GLY D 488 31.54 -13.54 -36.45
N TYR D 489 32.54 -14.25 -35.93
CA TYR D 489 32.55 -14.64 -34.54
C TYR D 489 33.10 -13.54 -33.64
N VAL D 490 32.48 -13.38 -32.47
CA VAL D 490 32.89 -12.38 -31.49
C VAL D 490 34.00 -12.99 -30.64
N GLY D 491 34.37 -12.34 -29.56
CA GLY D 491 35.26 -12.92 -28.59
C GLY D 491 34.53 -13.86 -27.65
N ALA D 492 33.29 -13.50 -27.29
CA ALA D 492 32.54 -14.30 -26.33
C ALA D 492 32.19 -15.67 -26.90
N ASP D 493 31.77 -15.71 -28.16
CA ASP D 493 31.46 -17.00 -28.78
C ASP D 493 32.71 -17.85 -28.94
N LEU D 494 33.78 -17.26 -29.50
CA LEU D 494 35.03 -17.99 -29.60
C LEU D 494 35.51 -18.44 -28.22
N GLU D 495 35.16 -17.69 -27.18
CA GLU D 495 35.38 -18.15 -25.82
C GLU D 495 34.89 -19.59 -25.66
N ASN D 496 33.58 -19.78 -25.81
CA ASN D 496 33.03 -21.12 -25.77
C ASN D 496 33.59 -22.00 -26.89
N LEU D 497 33.95 -21.40 -28.03
CA LEU D 497 34.49 -22.18 -29.14
C LEU D 497 35.71 -22.96 -28.69
N CYS D 498 36.74 -22.27 -28.20
CA CYS D 498 37.87 -22.97 -27.60
C CYS D 498 37.40 -23.89 -26.50
N ARG D 499 36.35 -23.47 -25.77
CA ARG D 499 35.78 -24.32 -24.74
C ARG D 499 35.30 -25.64 -25.32
N GLU D 500 34.38 -25.59 -26.29
CA GLU D 500 33.83 -26.81 -26.86
C GLU D 500 34.92 -27.68 -27.46
N ALA D 501 35.99 -27.07 -27.98
CA ALA D 501 37.09 -27.85 -28.53
C ALA D 501 37.60 -28.87 -27.52
N GLY D 502 37.78 -28.45 -26.26
CA GLY D 502 38.19 -29.38 -25.24
C GLY D 502 37.25 -30.57 -25.14
N MET D 503 35.94 -30.31 -25.15
CA MET D 503 34.98 -31.41 -25.13
C MET D 503 35.19 -32.35 -26.32
N ASN D 504 35.33 -31.77 -27.52
CA ASN D 504 35.60 -32.58 -28.70
C ASN D 504 36.84 -33.43 -28.51
N ALA D 505 37.97 -32.79 -28.18
CA ALA D 505 39.20 -33.54 -27.91
C ALA D 505 38.98 -34.55 -26.79
N TYR D 506 38.23 -34.17 -25.76
CA TYR D 506 37.95 -35.10 -24.67
C TYR D 506 37.03 -36.22 -25.12
N ARG D 507 36.08 -35.91 -26.01
CA ARG D 507 35.10 -36.92 -26.41
C ARG D 507 35.79 -38.11 -27.07
N GLU D 508 36.74 -37.85 -27.98
CA GLU D 508 37.47 -38.94 -28.63
C GLU D 508 38.28 -39.73 -27.62
N ASN D 509 39.15 -39.06 -26.87
CA ASN D 509 40.07 -39.70 -25.96
C ASN D 509 39.62 -39.49 -24.53
N PRO D 510 39.46 -40.55 -23.73
CA PRO D 510 39.04 -40.34 -22.33
C PRO D 510 39.98 -39.47 -21.54
N ASP D 511 41.29 -39.68 -21.65
CA ASP D 511 42.26 -38.84 -20.98
C ASP D 511 42.65 -37.66 -21.86
N ALA D 512 42.86 -36.51 -21.24
CA ALA D 512 43.07 -35.28 -22.00
C ALA D 512 44.37 -35.34 -22.78
N THR D 513 44.31 -34.85 -24.02
CA THR D 513 45.48 -34.77 -24.89
C THR D 513 45.42 -33.47 -25.67
N SER D 514 46.54 -33.15 -26.33
CA SER D 514 46.61 -31.92 -27.12
C SER D 514 45.45 -31.86 -28.11
N VAL D 515 44.86 -30.68 -28.24
CA VAL D 515 43.72 -30.50 -29.14
C VAL D 515 44.17 -30.65 -30.59
N SER D 516 43.21 -30.94 -31.46
CA SER D 516 43.47 -31.13 -32.88
C SER D 516 42.65 -30.13 -33.68
N GLN D 517 43.15 -29.80 -34.88
CA GLN D 517 42.43 -28.89 -35.76
C GLN D 517 41.01 -29.38 -36.01
N LYS D 518 40.83 -30.68 -36.24
CA LYS D 518 39.49 -31.22 -36.42
C LYS D 518 38.61 -30.92 -35.22
N ASN D 519 39.18 -30.96 -34.01
CA ASN D 519 38.41 -30.64 -32.81
C ASN D 519 37.80 -29.26 -32.88
N PHE D 520 38.41 -28.34 -33.62
CA PHE D 520 37.81 -27.02 -33.80
C PHE D 520 36.74 -27.02 -34.88
N LEU D 521 36.99 -27.72 -36.00
CA LEU D 521 36.04 -27.69 -37.11
C LEU D 521 34.67 -28.19 -36.67
N ASP D 522 34.61 -29.42 -36.13
CA ASP D 522 33.34 -29.94 -35.65
C ASP D 522 32.68 -28.97 -34.68
N ALA D 523 33.46 -28.37 -33.78
CA ALA D 523 32.93 -27.34 -32.91
C ALA D 523 32.74 -26.03 -33.66
N LEU D 524 33.59 -25.74 -34.65
CA LEU D 524 33.44 -24.53 -35.44
C LEU D 524 32.01 -24.39 -35.96
N LYS D 525 31.47 -25.48 -36.51
CA LYS D 525 30.07 -25.50 -36.92
C LYS D 525 29.12 -25.77 -35.77
N THR D 526 29.65 -26.09 -34.58
CA THR D 526 28.79 -26.33 -33.42
C THR D 526 28.16 -25.04 -32.90
N ILE D 527 28.84 -23.92 -33.03
CA ILE D 527 28.32 -22.62 -32.59
C ILE D 527 28.59 -21.62 -33.70
N ARG D 528 27.53 -21.03 -34.26
CA ARG D 528 27.71 -20.06 -35.32
C ARG D 528 27.94 -18.67 -34.74
N PRO D 529 28.44 -17.75 -35.55
CA PRO D 529 28.76 -16.41 -35.03
C PRO D 529 27.54 -15.75 -34.42
N SER D 530 27.72 -15.17 -33.23
CA SER D 530 26.66 -14.39 -32.61
C SER D 530 26.48 -13.02 -33.24
N VAL D 531 27.36 -12.65 -34.18
CA VAL D 531 27.30 -11.34 -34.83
C VAL D 531 27.41 -11.57 -36.33
N ASP D 532 26.37 -11.20 -37.06
CA ASP D 532 26.37 -11.26 -38.52
C ASP D 532 26.52 -9.85 -39.09
N GLU D 533 26.54 -9.77 -40.41
CA GLU D 533 26.57 -8.47 -41.08
C GLU D 533 25.29 -7.69 -40.87
N GLU D 534 24.24 -8.32 -40.34
CA GLU D 534 22.99 -7.61 -40.08
C GLU D 534 23.09 -6.75 -38.83
N VAL D 535 23.71 -7.28 -37.77
CA VAL D 535 23.80 -6.52 -36.52
C VAL D 535 24.84 -5.42 -36.64
N ILE D 536 25.94 -5.69 -37.35
CA ILE D 536 26.98 -4.67 -37.50
C ILE D 536 26.38 -3.37 -38.02
N LYS D 537 25.46 -3.47 -38.99
CA LYS D 537 24.77 -2.28 -39.45
C LYS D 537 23.94 -1.65 -38.34
N PHE D 538 23.34 -2.49 -37.49
CA PHE D 538 22.55 -1.98 -36.37
C PHE D 538 23.37 -1.00 -35.55
N TYR D 539 24.55 -1.42 -35.10
CA TYR D 539 25.41 -0.51 -34.34
C TYR D 539 25.96 0.60 -35.23
N ARG D 540 26.33 0.27 -36.46
CA ARG D 540 26.82 1.29 -37.38
C ARG D 540 25.83 2.45 -37.47
N THR D 541 24.54 2.14 -37.55
CA THR D 541 23.52 3.18 -37.52
C THR D 541 23.27 3.67 -36.09
N LEU D 542 23.21 2.73 -35.14
CA LEU D 542 23.03 3.12 -33.74
C LEU D 542 24.18 3.94 -33.21
N SER D 543 25.29 4.01 -33.93
CA SER D 543 26.42 4.85 -33.51
C SER D 543 26.08 6.33 -33.52
N GLU D 544 24.91 6.71 -34.04
CA GLU D 544 24.49 8.10 -34.11
C GLU D 544 23.16 8.26 -33.37
N THR D 545 23.11 9.24 -32.49
CA THR D 545 21.90 9.50 -31.72
C THR D 545 22.11 10.69 -30.79
N GLU E 2 35.97 32.55 31.51
CA GLU E 2 36.28 32.91 30.13
C GLU E 2 35.80 34.33 29.82
N VAL E 3 36.76 35.26 29.68
CA VAL E 3 36.41 36.65 29.40
C VAL E 3 35.66 36.75 28.08
N SER E 4 35.98 35.89 27.11
CA SER E 4 35.32 35.90 25.81
C SER E 4 34.05 35.07 25.89
N ARG E 5 32.91 35.72 25.64
CA ARG E 5 31.61 35.08 25.71
C ARG E 5 30.82 35.41 24.46
N ILE E 6 29.72 34.68 24.26
CA ILE E 6 28.94 34.82 23.04
C ILE E 6 28.51 36.26 22.84
N SER E 7 28.83 36.82 21.68
CA SER E 7 28.49 38.19 21.33
C SER E 7 28.09 38.25 19.87
N TYR E 8 27.52 39.40 19.46
CA TYR E 8 27.06 39.55 18.09
C TYR E 8 28.13 39.13 17.09
N GLU E 9 29.35 39.65 17.26
CA GLU E 9 30.40 39.42 16.28
C GLU E 9 30.59 37.95 15.96
N ASP E 10 30.23 37.08 16.91
CA ASP E 10 30.23 35.65 16.63
C ASP E 10 29.35 35.34 15.42
N ILE E 11 28.09 35.73 15.48
CA ILE E 11 27.17 35.52 14.37
C ILE E 11 27.64 36.32 13.16
N GLY E 12 27.34 35.81 11.97
CA GLY E 12 27.65 36.52 10.74
C GLY E 12 26.70 36.10 9.65
N GLY E 13 26.51 36.99 8.68
CA GLY E 13 25.60 36.76 7.58
C GLY E 13 24.14 36.78 7.95
N LEU E 14 23.81 36.86 9.25
CA LEU E 14 22.44 36.94 9.72
C LEU E 14 21.97 38.37 9.93
N SER E 15 22.72 39.32 9.41
CA SER E 15 22.46 40.72 9.69
C SER E 15 21.03 41.18 9.53
N GLU E 16 20.32 40.80 8.47
CA GLU E 16 18.93 41.25 8.37
C GLU E 16 18.08 40.55 9.44
N GLN E 17 18.19 39.22 9.49
CA GLN E 17 17.42 38.43 10.43
C GLN E 17 17.83 38.69 11.86
N LEU E 18 19.14 38.73 12.06
CA LEU E 18 19.65 38.95 13.39
C LEU E 18 19.20 40.31 13.81
N GLY E 19 19.28 41.26 12.89
CA GLY E 19 18.91 42.61 13.24
C GLY E 19 17.48 42.65 13.67
N LYS E 20 16.60 42.02 12.91
CA LYS E 20 15.20 42.07 13.27
C LYS E 20 14.94 41.43 14.62
N ILE E 21 15.55 40.28 14.88
CA ILE E 21 15.30 39.63 16.17
C ILE E 21 15.79 40.48 17.31
N ARG E 22 16.98 41.05 17.12
CA ARG E 22 17.57 41.85 18.16
C ARG E 22 16.69 43.02 18.43
N GLU E 23 16.21 43.62 17.35
CA GLU E 23 15.39 44.79 17.50
C GLU E 23 14.14 44.43 18.27
N MET E 24 13.50 43.31 17.93
CA MET E 24 12.29 42.98 18.66
C MET E 24 12.57 42.84 20.13
N ILE E 25 13.61 42.08 20.47
CA ILE E 25 13.87 41.89 21.90
C ILE E 25 14.26 43.17 22.64
N GLU E 26 15.26 43.85 22.07
CA GLU E 26 15.80 45.04 22.67
C GLU E 26 14.84 46.20 22.75
N LEU E 27 14.11 46.46 21.66
CA LEU E 27 13.18 47.57 21.68
C LEU E 27 12.19 47.25 22.77
N PRO E 28 11.71 45.95 22.73
CA PRO E 28 10.77 45.65 23.82
C PRO E 28 11.49 45.62 25.15
N LEU E 29 12.66 44.99 25.15
CA LEU E 29 13.47 44.83 26.35
C LEU E 29 14.08 46.05 27.06
N LYS E 30 14.67 46.97 26.32
CA LYS E 30 15.28 48.13 26.97
C LYS E 30 14.19 48.91 27.67
N HIS E 31 13.06 48.99 26.98
CA HIS E 31 11.89 49.70 27.43
C HIS E 31 10.67 49.27 26.62
N PRO E 32 9.52 49.09 27.26
CA PRO E 32 8.28 48.82 26.51
C PRO E 32 7.73 50.02 25.77
N GLU E 33 8.17 51.23 26.13
CA GLU E 33 7.50 52.44 25.66
C GLU E 33 7.32 52.46 24.15
N LEU E 34 8.26 51.91 23.40
CA LEU E 34 8.14 51.91 21.94
C LEU E 34 6.92 51.12 21.49
N PHE E 35 6.85 49.85 21.86
CA PHE E 35 5.67 49.05 21.49
C PHE E 35 4.49 49.38 22.38
N GLU E 36 4.72 49.69 23.66
CA GLU E 36 3.64 50.04 24.55
C GLU E 36 2.76 51.14 23.96
N ARG E 37 3.35 52.08 23.23
CA ARG E 37 2.59 53.21 22.70
C ARG E 37 1.87 52.84 21.41
N LEU E 38 2.51 52.09 20.52
CA LEU E 38 1.93 51.73 19.24
C LEU E 38 2.04 50.22 19.03
N GLY E 39 0.96 49.62 18.54
CA GLY E 39 0.94 48.19 18.33
C GLY E 39 0.87 47.40 19.62
N ILE E 40 0.67 46.09 19.53
CA ILE E 40 0.57 45.26 20.72
C ILE E 40 1.96 45.06 21.32
N THR E 41 1.98 44.65 22.59
CA THR E 41 3.26 44.28 23.20
C THR E 41 3.92 43.19 22.36
N PRO E 42 5.23 43.07 22.45
CA PRO E 42 5.93 42.08 21.63
C PRO E 42 5.41 40.69 21.91
N PRO E 43 5.24 39.86 20.89
CA PRO E 43 4.77 38.49 21.12
C PRO E 43 5.75 37.73 22.00
N LYS E 44 5.22 37.10 23.04
CA LYS E 44 6.07 36.38 23.99
C LYS E 44 6.79 35.23 23.31
N GLY E 45 6.05 34.35 22.65
CA GLY E 45 6.66 33.22 21.98
C GLY E 45 7.18 33.59 20.59
N VAL E 46 8.31 33.00 20.23
CA VAL E 46 8.88 33.13 18.89
C VAL E 46 9.61 31.84 18.57
N ILE E 47 9.48 31.40 17.31
CA ILE E 47 10.14 30.18 16.84
C ILE E 47 11.15 30.56 15.79
N LEU E 48 12.36 30.05 15.92
CA LEU E 48 13.43 30.28 14.97
C LEU E 48 13.64 29.00 14.16
N TYR E 49 13.12 29.04 12.94
CA TYR E 49 13.09 27.93 12.02
C TYR E 49 14.24 28.11 11.08
N GLY E 50 15.11 27.11 11.05
CA GLY E 50 16.27 27.13 10.20
C GLY E 50 16.74 25.73 9.94
N PRO E 51 17.62 25.58 8.88
CA PRO E 51 18.07 24.20 8.67
C PRO E 51 18.97 23.85 9.85
N PRO E 52 19.14 22.50 10.12
CA PRO E 52 19.98 22.23 11.30
C PRO E 52 21.40 22.71 11.15
N GLY E 53 22.06 23.00 12.26
CA GLY E 53 23.42 23.47 12.23
C GLY E 53 23.62 24.79 11.50
N THR E 54 22.67 25.68 11.68
CA THR E 54 22.70 27.00 11.08
C THR E 54 23.05 28.09 12.08
N GLY E 55 23.21 27.76 13.35
CA GLY E 55 23.55 28.74 14.37
C GLY E 55 22.40 29.20 15.24
N LYS E 56 21.22 28.62 15.09
CA LYS E 56 20.07 29.11 15.85
C LYS E 56 20.37 29.04 17.32
N THR E 57 21.02 27.96 17.73
CA THR E 57 21.32 27.80 19.13
C THR E 57 22.16 28.99 19.56
N LEU E 58 23.14 29.33 18.73
CA LEU E 58 24.00 30.44 19.07
C LEU E 58 23.25 31.75 19.17
N ILE E 59 22.25 31.97 18.34
CA ILE E 59 21.58 33.26 18.35
C ILE E 59 21.04 33.74 19.71
N ALA E 60 20.45 32.83 20.48
CA ALA E 60 19.88 33.21 21.75
C ALA E 60 20.85 33.81 22.75
N ARG E 61 22.05 33.27 22.85
CA ARG E 61 23.01 33.78 23.81
C ARG E 61 23.38 35.24 23.52
N ALA E 62 23.58 35.51 22.23
CA ALA E 62 23.92 36.85 21.82
C ALA E 62 22.75 37.77 22.14
N VAL E 63 21.55 37.29 21.87
CA VAL E 63 20.39 38.12 22.14
C VAL E 63 20.37 38.46 23.61
N ALA E 64 20.67 37.47 24.45
CA ALA E 64 20.67 37.66 25.89
C ALA E 64 21.68 38.70 26.38
N ASN E 65 22.87 38.69 25.80
CA ASN E 65 23.91 39.66 26.10
C ASN E 65 23.57 41.06 25.55
N GLU E 66 22.71 41.13 24.55
CA GLU E 66 22.35 42.40 23.89
C GLU E 66 21.72 43.47 24.80
N SER E 67 20.74 43.10 25.62
CA SER E 67 20.17 44.07 26.54
C SER E 67 20.60 43.84 27.99
N GLY E 68 21.39 42.81 28.26
CA GLY E 68 21.77 42.48 29.60
C GLY E 68 20.73 41.75 30.41
N ALA E 69 19.59 41.42 29.81
CA ALA E 69 18.55 40.69 30.52
C ALA E 69 19.10 39.36 31.02
N ASN E 70 18.58 38.91 32.16
CA ASN E 70 19.07 37.68 32.78
C ASN E 70 18.93 36.52 31.80
N PHE E 71 20.03 35.82 31.57
CA PHE E 71 20.05 34.70 30.64
C PHE E 71 19.54 33.44 31.32
N LEU E 72 18.77 32.65 30.56
CA LEU E 72 18.22 31.36 30.95
C LEU E 72 18.21 30.61 29.61
N SER E 73 18.49 29.31 29.58
CA SER E 73 18.45 28.55 28.31
C SER E 73 17.77 27.22 28.68
N ILE E 74 16.67 26.82 28.06
CA ILE E 74 16.05 25.52 28.41
C ILE E 74 16.02 24.66 27.12
N ASN E 75 16.53 23.42 27.21
CA ASN E 75 16.61 22.54 26.04
C ASN E 75 15.68 21.32 26.03
N GLY E 76 15.10 21.03 24.88
CA GLY E 76 14.16 19.94 24.72
C GLY E 76 14.77 18.61 25.09
N PRO E 77 16.11 18.47 24.81
CA PRO E 77 16.66 17.16 25.17
C PRO E 77 16.56 16.92 26.67
N GLU E 78 16.86 17.93 27.47
CA GLU E 78 16.80 17.77 28.92
C GLU E 78 15.52 18.31 29.55
N ILE E 79 14.61 18.83 28.74
CA ILE E 79 13.39 19.38 29.30
C ILE E 79 12.67 18.28 30.03
N MET E 80 12.59 17.13 29.39
CA MET E 80 11.94 15.99 29.99
C MET E 80 13.00 15.03 30.53
N SER E 81 14.25 15.43 30.42
CA SER E 81 15.31 14.55 30.90
C SER E 81 14.93 13.86 32.20
N LYS E 82 14.71 14.64 33.26
CA LYS E 82 14.50 14.05 34.58
C LYS E 82 13.27 13.14 34.59
N TYR E 83 13.26 12.23 35.54
CA TYR E 83 12.26 11.16 35.57
C TYR E 83 10.85 11.74 35.55
N TYR E 84 9.95 10.99 34.91
CA TYR E 84 8.59 11.47 34.71
C TYR E 84 7.89 11.74 36.03
N GLY E 85 6.99 12.72 36.01
CA GLY E 85 6.28 13.20 37.17
C GLY E 85 6.98 14.35 37.88
N GLN E 86 8.30 14.43 37.76
CA GLN E 86 9.04 15.63 38.12
C GLN E 86 9.39 16.47 36.88
N SER E 87 9.07 16.02 35.68
CA SER E 87 9.36 16.84 34.51
C SER E 87 8.53 18.15 34.43
N GLU E 88 7.24 18.02 34.69
CA GLU E 88 6.30 19.12 34.61
C GLU E 88 6.62 20.21 35.62
N GLN E 89 7.00 19.78 36.81
CA GLN E 89 7.34 20.71 37.86
C GLN E 89 8.51 21.54 37.38
N LYS E 90 9.47 20.88 36.75
CA LYS E 90 10.65 21.59 36.26
C LYS E 90 10.25 22.61 35.20
N LEU E 91 9.36 22.22 34.29
CA LEU E 91 8.97 23.17 33.26
C LEU E 91 8.37 24.39 33.92
N ARG E 92 7.48 24.21 34.89
CA ARG E 92 6.83 25.38 35.52
C ARG E 92 7.78 26.35 36.23
N GLU E 93 8.78 25.74 36.82
CA GLU E 93 9.77 26.41 37.64
C GLU E 93 10.49 27.53 36.89
N ILE E 94 10.80 27.31 35.64
CA ILE E 94 11.50 28.32 34.84
C ILE E 94 10.66 29.59 34.66
N PHE E 95 9.37 29.37 34.42
CA PHE E 95 8.45 30.47 34.23
C PHE E 95 8.41 31.24 35.54
N SER E 96 8.38 30.49 36.63
CA SER E 96 8.33 31.13 37.94
C SER E 96 9.59 31.98 38.15
N LYS E 97 10.71 31.43 37.72
CA LYS E 97 12.03 32.03 37.80
C LYS E 97 12.19 33.34 37.04
N ALA E 98 11.48 33.48 35.92
CA ALA E 98 11.64 34.71 35.13
C ALA E 98 11.34 36.08 35.76
N GLU E 99 10.30 36.17 36.57
CA GLU E 99 9.83 37.40 37.21
C GLU E 99 10.85 37.95 38.18
N GLU E 100 11.49 37.08 38.96
CA GLU E 100 12.46 37.53 39.96
C GLU E 100 13.50 38.44 39.34
N THR E 101 14.12 38.00 38.25
CA THR E 101 15.14 38.77 37.56
C THR E 101 14.59 39.62 36.42
N ALA E 102 13.26 39.64 36.24
CA ALA E 102 12.65 40.42 35.18
C ALA E 102 13.11 41.88 35.23
N PRO E 103 13.37 42.46 34.05
CA PRO E 103 13.23 41.79 32.75
C PRO E 103 14.23 40.66 32.56
N SER E 104 13.74 39.50 32.12
CA SER E 104 14.57 38.33 31.89
C SER E 104 14.21 37.71 30.54
N ILE E 105 15.04 36.78 30.09
CA ILE E 105 14.85 36.12 28.81
C ILE E 105 14.60 34.64 29.07
N ILE E 106 13.40 34.18 28.73
CA ILE E 106 13.11 32.75 28.75
C ILE E 106 13.69 32.13 27.49
N PHE E 107 14.61 31.18 27.66
CA PHE E 107 15.46 30.72 26.57
C PHE E 107 15.49 29.20 26.55
N ILE E 108 15.01 28.62 25.45
CA ILE E 108 15.09 27.19 25.21
C ILE E 108 15.27 26.98 23.72
N ASP E 109 16.03 25.95 23.36
CA ASP E 109 16.37 25.73 21.97
C ASP E 109 16.24 24.25 21.61
N GLU E 110 16.23 23.99 20.30
CA GLU E 110 16.16 22.64 19.77
C GLU E 110 15.01 21.86 20.41
N ILE E 111 13.82 22.44 20.33
CA ILE E 111 12.66 21.88 21.02
C ILE E 111 11.84 21.11 20.00
N ASP E 112 11.99 19.78 19.99
CA ASP E 112 10.97 18.88 19.52
C ASP E 112 10.25 18.18 20.65
N SER E 113 10.70 18.36 21.90
CA SER E 113 10.23 17.51 23.00
C SER E 113 8.86 17.94 23.50
N ILE E 114 8.68 19.23 23.76
CA ILE E 114 7.39 19.70 24.29
C ILE E 114 6.29 19.40 23.28
N ALA E 115 6.60 19.50 21.99
CA ALA E 115 5.68 19.16 20.92
C ALA E 115 6.35 18.14 20.01
N PRO E 116 6.50 16.91 20.48
CA PRO E 116 7.16 15.89 19.64
C PRO E 116 6.46 15.71 18.31
N LYS E 117 5.14 15.67 18.29
CA LYS E 117 4.39 15.58 17.06
C LYS E 117 3.02 16.19 17.29
N ARG E 118 2.44 16.80 16.26
CA ARG E 118 1.16 17.45 16.49
C ARG E 118 0.01 16.53 16.88
N GLU E 119 -0.21 15.48 16.08
CA GLU E 119 -1.28 14.52 16.32
C GLU E 119 -0.84 13.05 16.38
N GLU E 120 0.42 12.81 16.02
CA GLU E 120 1.00 11.47 16.00
C GLU E 120 1.34 10.84 17.35
N VAL E 121 1.85 11.63 18.29
CA VAL E 121 2.24 11.10 19.59
C VAL E 121 1.22 11.29 20.70
N GLN E 122 0.82 10.17 21.31
CA GLN E 122 -0.15 10.17 22.39
C GLN E 122 0.47 9.98 23.78
N GLY E 123 1.79 10.00 23.88
CA GLY E 123 2.42 9.79 25.17
C GLY E 123 2.03 10.86 26.16
N GLU E 124 1.67 10.43 27.37
CA GLU E 124 1.28 11.35 28.43
C GLU E 124 2.42 12.25 28.83
N VAL E 125 3.62 11.71 29.00
CA VAL E 125 4.67 12.62 29.42
C VAL E 125 4.76 13.66 28.34
N GLU E 126 4.67 13.21 27.09
CA GLU E 126 4.71 14.13 25.97
C GLU E 126 3.49 15.06 26.08
N ARG E 127 2.32 14.50 26.32
CA ARG E 127 1.12 15.32 26.42
C ARG E 127 1.09 16.32 27.58
N ARG E 128 1.53 15.89 28.76
CA ARG E 128 1.47 16.78 29.92
C ARG E 128 2.29 18.03 29.71
N VAL E 129 3.48 17.86 29.18
CA VAL E 129 4.33 19.00 28.94
C VAL E 129 3.68 19.88 27.91
N VAL E 130 3.05 19.27 26.92
CA VAL E 130 2.44 20.05 25.88
C VAL E 130 1.40 20.96 26.51
N ALA E 131 0.59 20.39 27.36
CA ALA E 131 -0.45 21.16 28.00
C ALA E 131 0.11 22.27 28.87
N GLN E 132 1.13 21.97 29.64
CA GLN E 132 1.68 22.99 30.52
C GLN E 132 2.23 24.12 29.70
N LEU E 133 2.86 23.77 28.59
CA LEU E 133 3.45 24.77 27.73
C LEU E 133 2.39 25.67 27.16
N LEU E 134 1.28 25.09 26.72
CA LEU E 134 0.25 25.93 26.16
C LEU E 134 -0.21 26.85 27.24
N THR E 135 -0.43 26.31 28.43
CA THR E 135 -0.87 27.17 29.52
C THR E 135 0.17 28.18 29.99
N LEU E 136 1.43 27.75 30.18
CA LEU E 136 2.41 28.73 30.62
C LEU E 136 2.31 29.86 29.63
N MET E 137 2.22 29.50 28.37
CA MET E 137 2.04 30.54 27.36
C MET E 137 0.85 31.32 27.88
N ASP E 138 -0.12 30.56 28.41
CA ASP E 138 -1.30 31.14 28.99
C ASP E 138 -0.91 31.83 30.28
N GLY E 139 -0.05 31.20 31.08
CA GLY E 139 0.31 31.86 32.32
C GLY E 139 1.12 33.12 32.13
N MET E 140 1.72 33.28 30.95
CA MET E 140 2.49 34.49 30.66
C MET E 140 1.56 35.71 30.66
N LYS E 141 2.04 36.84 31.16
CA LYS E 141 1.19 38.02 31.20
C LYS E 141 1.84 39.22 30.53
N GLU E 142 1.03 40.16 30.07
CA GLU E 142 1.52 41.30 29.30
C GLU E 142 2.58 42.17 29.97
N ARG E 143 2.45 42.38 31.26
CA ARG E 143 3.43 43.21 31.96
C ARG E 143 4.83 42.61 31.89
N GLY E 144 4.92 41.29 31.97
CA GLY E 144 6.20 40.63 31.99
C GLY E 144 7.18 40.84 30.86
N HIS E 145 8.41 41.13 31.24
CA HIS E 145 9.49 41.30 30.29
C HIS E 145 10.04 39.87 30.23
N VAL E 146 9.34 38.96 29.56
CA VAL E 146 9.77 37.56 29.42
C VAL E 146 9.71 37.28 27.92
N ILE E 147 10.75 36.74 27.29
CA ILE E 147 10.67 36.43 25.84
C ILE E 147 10.94 34.93 25.71
N VAL E 148 10.09 34.21 24.98
CA VAL E 148 10.23 32.76 24.79
C VAL E 148 10.74 32.48 23.38
N ILE E 149 11.72 31.59 23.21
CA ILE E 149 12.30 31.30 21.90
C ILE E 149 12.48 29.80 21.58
N GLY E 150 12.82 29.46 20.34
CA GLY E 150 12.97 28.04 20.07
C GLY E 150 13.41 27.81 18.64
N ALA E 151 14.00 26.65 18.42
CA ALA E 151 14.43 26.22 17.09
C ALA E 151 14.08 24.76 16.89
N THR E 152 13.91 24.40 15.62
CA THR E 152 13.56 23.06 15.26
C THR E 152 13.97 22.77 13.84
N ASN E 153 14.25 21.52 13.57
CA ASN E 153 14.62 21.10 12.24
C ASN E 153 13.47 21.23 11.25
N ARG E 154 12.29 20.81 11.69
CA ARG E 154 11.10 20.82 10.83
C ARG E 154 10.21 21.98 11.15
N ILE E 155 9.77 22.69 10.12
CA ILE E 155 8.95 23.85 10.44
C ILE E 155 7.60 23.40 11.01
N ASP E 156 6.89 22.56 10.27
CA ASP E 156 5.58 22.09 10.71
C ASP E 156 5.67 20.98 11.76
N ALA E 157 6.88 20.48 12.05
CA ALA E 157 7.01 19.43 13.05
C ALA E 157 6.43 19.87 14.40
N ILE E 158 6.44 21.17 14.69
CA ILE E 158 5.88 21.65 15.94
C ILE E 158 4.36 21.55 15.89
N ASP E 159 3.71 21.54 17.04
CA ASP E 159 2.25 21.47 17.04
C ASP E 159 1.59 22.59 16.25
N PRO E 160 0.51 22.18 15.47
CA PRO E 160 -0.15 23.26 14.72
C PRO E 160 -0.81 24.29 15.62
N ALA E 161 -1.37 23.83 16.73
CA ALA E 161 -2.08 24.71 17.63
C ALA E 161 -1.24 25.86 18.16
N LEU E 162 0.02 25.60 18.44
CA LEU E 162 0.88 26.65 18.96
C LEU E 162 0.94 27.76 17.93
N ARG E 163 0.68 27.42 16.69
CA ARG E 163 0.71 28.37 15.60
C ARG E 163 -0.30 29.54 15.68
N ARG E 164 -1.51 29.33 16.20
CA ARG E 164 -2.47 30.43 16.24
C ARG E 164 -1.84 31.56 17.04
N PRO E 165 -2.24 32.83 16.67
CA PRO E 165 -1.57 33.93 17.38
C PRO E 165 -1.88 33.99 18.85
N GLY E 166 -1.07 34.78 19.56
CA GLY E 166 -1.17 34.93 21.00
C GLY E 166 -0.21 33.96 21.66
N ARG E 167 0.40 33.13 20.82
CA ARG E 167 1.40 32.15 21.17
C ARG E 167 2.24 31.92 19.92
N PHE E 168 3.55 32.13 19.97
CA PHE E 168 4.36 31.91 18.78
C PHE E 168 3.84 32.75 17.60
N ASP E 169 3.36 33.95 17.86
CA ASP E 169 2.80 34.75 16.76
C ASP E 169 3.83 35.08 15.70
N ARG E 170 5.01 35.51 16.11
CA ARG E 170 6.02 35.87 15.11
C ARG E 170 7.16 34.86 15.01
N GLU E 171 7.42 34.39 13.79
CA GLU E 171 8.49 33.43 13.57
C GLU E 171 9.43 33.91 12.48
N ILE E 172 10.72 33.81 12.72
CA ILE E 172 11.71 34.20 11.74
C ILE E 172 12.61 33.00 11.54
N GLU E 173 12.82 32.56 10.31
CA GLU E 173 13.68 31.40 10.09
C GLU E 173 14.95 31.81 9.37
N ILE E 174 16.09 31.40 9.91
CA ILE E 174 17.38 31.75 9.31
C ILE E 174 17.85 30.56 8.50
N GLY E 175 18.15 30.80 7.22
CA GLY E 175 18.60 29.76 6.33
C GLY E 175 20.12 29.73 6.19
N VAL E 176 20.57 29.02 5.15
CA VAL E 176 22.00 28.90 4.87
C VAL E 176 22.59 30.29 4.73
N PRO E 177 23.84 30.50 5.12
CA PRO E 177 24.45 31.83 4.96
C PRO E 177 24.77 32.12 3.51
N ASP E 178 24.82 33.42 3.20
CA ASP E 178 25.14 33.85 1.85
C ASP E 178 26.63 33.65 1.56
N ARG E 179 26.96 33.62 0.27
CA ARG E 179 28.36 33.46 -0.14
C ARG E 179 29.24 34.46 0.60
N ASN E 180 28.87 35.74 0.59
CA ASN E 180 29.59 36.71 1.39
C ASN E 180 29.40 36.44 2.88
N GLY E 181 28.23 35.95 3.27
CA GLY E 181 28.00 35.60 4.66
C GLY E 181 28.90 34.47 5.12
N ARG E 182 29.11 33.47 4.25
CA ARG E 182 30.01 32.38 4.60
C ARG E 182 31.35 32.90 5.10
N LYS E 183 31.83 33.99 4.51
CA LYS E 183 33.11 34.56 4.93
C LYS E 183 33.09 34.92 6.40
N GLU E 184 32.06 35.63 6.85
CA GLU E 184 31.96 36.02 8.25
C GLU E 184 32.18 34.82 9.17
N ILE E 185 31.46 33.73 8.90
CA ILE E 185 31.61 32.53 9.72
C ILE E 185 33.05 32.05 9.69
N LEU E 186 33.55 31.77 8.48
CA LEU E 186 34.93 31.28 8.35
C LEU E 186 35.93 32.34 8.78
N MET E 187 35.57 33.61 8.69
CA MET E 187 36.51 34.67 9.06
C MET E 187 36.70 34.75 10.57
N ILE E 188 35.61 34.73 11.33
CA ILE E 188 35.70 34.90 12.78
C ILE E 188 36.55 33.80 13.39
N HIS E 189 36.25 32.55 13.05
CA HIS E 189 37.02 31.44 13.60
C HIS E 189 38.49 31.55 13.28
N THR E 190 38.86 32.31 12.25
CA THR E 190 40.27 32.51 11.95
C THR E 190 41.02 33.21 13.06
N ARG E 191 40.30 33.88 13.97
CA ARG E 191 40.99 34.61 15.02
C ARG E 191 41.83 33.67 15.86
N ASN E 192 41.24 32.58 16.31
CA ASN E 192 42.02 31.61 17.06
C ASN E 192 42.96 30.97 16.06
N MET E 193 42.42 30.76 14.87
CA MET E 193 43.15 30.16 13.80
C MET E 193 44.35 31.05 13.58
N PRO E 194 45.58 30.42 13.42
CA PRO E 194 46.71 31.32 13.24
C PRO E 194 47.34 31.18 11.85
N LEU E 195 47.56 32.32 11.19
CA LEU E 195 48.18 32.30 9.86
C LEU E 195 49.57 32.93 9.76
N GLY E 196 50.05 33.57 10.83
CA GLY E 196 51.38 34.13 10.82
C GLY E 196 51.43 35.60 10.46
N MET E 197 50.40 36.13 9.81
CA MET E 197 50.38 37.54 9.41
C MET E 197 48.94 37.96 9.22
N SER E 198 48.73 39.28 9.22
CA SER E 198 47.40 39.82 8.94
C SER E 198 46.82 39.18 7.68
N GLU E 199 47.63 39.07 6.64
CA GLU E 199 47.30 38.27 5.46
C GLU E 199 45.94 38.63 4.89
N GLU E 200 45.78 39.92 4.59
CA GLU E 200 44.57 40.36 3.89
C GLU E 200 44.33 39.53 2.64
N GLU E 201 45.41 39.06 2.00
CA GLU E 201 45.26 38.13 0.89
C GLU E 201 44.56 36.85 1.36
N LYS E 202 45.06 36.24 2.44
CA LYS E 202 44.38 35.10 3.02
C LYS E 202 42.92 35.43 3.30
N ASN E 203 42.67 36.59 3.93
CA ASN E 203 41.31 37.08 4.06
C ASN E 203 40.61 37.07 2.71
N LYS E 204 41.26 37.64 1.70
CA LYS E 204 40.77 37.47 0.33
C LYS E 204 40.77 36.00 -0.07
N PHE E 205 41.77 35.25 0.38
CA PHE E 205 41.76 33.80 0.20
C PHE E 205 40.54 33.19 0.87
N LEU E 206 40.32 33.51 2.15
CA LEU E 206 39.10 33.08 2.82
C LEU E 206 37.87 33.52 2.04
N GLU E 207 37.92 34.70 1.44
CA GLU E 207 36.83 35.15 0.59
C GLU E 207 36.47 34.09 -0.45
N GLU E 208 37.46 33.63 -1.21
CA GLU E 208 37.22 32.61 -2.22
C GLU E 208 37.01 31.24 -1.59
N MET E 209 37.53 31.00 -0.38
CA MET E 209 37.40 29.70 0.25
C MET E 209 35.95 29.23 0.23
N ALA E 210 35.01 30.12 0.58
CA ALA E 210 33.61 29.77 0.49
C ALA E 210 33.14 29.70 -0.95
N ASP E 211 33.67 30.57 -1.82
CA ASP E 211 33.21 30.62 -3.21
C ASP E 211 33.47 29.31 -3.95
N TYR E 212 34.34 28.44 -3.43
CA TYR E 212 34.54 27.15 -4.07
C TYR E 212 33.25 26.36 -4.16
N THR E 213 32.26 26.66 -3.33
CA THR E 213 30.95 26.04 -3.39
C THR E 213 29.90 27.08 -3.10
N TYR E 214 28.68 26.83 -3.60
CA TYR E 214 27.57 27.75 -3.38
C TYR E 214 27.43 28.10 -1.89
N GLY E 215 27.65 27.12 -1.03
CA GLY E 215 27.57 27.34 0.40
C GLY E 215 27.30 26.04 1.13
N PHE E 216 27.33 26.13 2.45
CA PHE E 216 27.04 25.00 3.32
C PHE E 216 26.41 25.52 4.60
N VAL E 217 26.24 24.63 5.56
CA VAL E 217 25.70 25.01 6.87
C VAL E 217 26.80 25.64 7.69
N GLY E 218 26.40 26.58 8.56
CA GLY E 218 27.38 27.24 9.41
C GLY E 218 28.14 26.28 10.30
N ALA E 219 27.41 25.39 10.99
CA ALA E 219 28.05 24.45 11.90
C ALA E 219 29.16 23.67 11.20
N ASP E 220 28.83 23.01 10.09
CA ASP E 220 29.84 22.27 9.35
C ASP E 220 31.01 23.17 8.96
N LEU E 221 30.70 24.39 8.50
CA LEU E 221 31.76 25.33 8.16
C LEU E 221 32.69 25.54 9.35
N ALA E 222 32.13 25.88 10.51
CA ALA E 222 32.94 25.97 11.72
C ALA E 222 33.69 24.67 11.97
N ALA E 223 33.14 23.55 11.50
CA ALA E 223 33.87 22.29 11.59
C ALA E 223 34.95 22.19 10.52
N LEU E 224 34.72 22.78 9.35
CA LEU E 224 35.72 22.74 8.28
C LEU E 224 37.07 23.24 8.79
N VAL E 225 37.07 24.39 9.44
CA VAL E 225 38.32 24.92 10.00
C VAL E 225 38.99 23.88 10.89
N ARG E 226 38.19 23.08 11.60
CA ARG E 226 38.75 22.04 12.43
C ARG E 226 39.51 21.02 11.59
N GLU E 227 38.99 20.70 10.40
CA GLU E 227 39.66 19.74 9.52
C GLU E 227 41.09 20.19 9.25
N SER E 228 41.27 21.46 8.88
CA SER E 228 42.61 21.97 8.60
C SER E 228 43.53 21.74 9.79
N ALA E 229 43.13 22.19 10.97
CA ALA E 229 43.93 21.97 12.17
C ALA E 229 44.36 20.52 12.28
N MET E 230 43.38 19.62 12.43
CA MET E 230 43.67 18.20 12.51
C MET E 230 44.53 17.74 11.34
N ASN E 231 44.07 18.00 10.12
CA ASN E 231 44.80 17.56 8.93
C ASN E 231 46.19 18.19 8.87
N ALA E 232 46.24 19.53 8.93
CA ALA E 232 47.53 20.21 8.85
C ALA E 232 48.45 19.81 10.00
N LEU E 233 47.88 19.48 11.16
CA LEU E 233 48.70 19.08 12.30
C LEU E 233 49.46 17.79 12.03
N ARG E 234 49.02 16.99 11.05
CA ARG E 234 49.66 15.71 10.80
C ARG E 234 51.08 15.88 10.27
N ARG E 235 51.29 16.85 9.38
CA ARG E 235 52.62 17.05 8.83
C ARG E 235 53.65 17.39 9.91
N TYR E 236 53.28 18.26 10.85
CA TYR E 236 54.21 18.64 11.92
C TYR E 236 54.09 17.76 13.17
N LEU E 237 53.12 16.86 13.18
CA LEU E 237 52.88 15.97 14.32
C LEU E 237 53.98 14.97 14.68
N PRO E 238 54.61 14.34 13.62
CA PRO E 238 55.64 13.36 14.04
C PRO E 238 56.85 13.91 14.80
N GLU E 239 57.35 15.07 14.38
CA GLU E 239 58.52 15.68 15.02
C GLU E 239 58.36 15.83 16.52
N ILE E 240 57.13 15.82 17.03
CA ILE E 240 56.90 15.97 18.47
C ILE E 240 56.78 14.64 19.19
N ASP E 241 56.84 13.52 18.46
CA ASP E 241 56.67 12.21 19.07
C ASP E 241 57.74 11.90 20.11
N LEU E 242 58.81 12.68 20.17
CA LEU E 242 59.93 12.36 21.06
C LEU E 242 59.45 12.18 22.50
N ASP E 243 58.75 13.17 23.04
CA ASP E 243 58.27 13.12 24.42
C ASP E 243 56.88 13.72 24.49
N LYS E 244 56.21 13.48 25.62
CA LYS E 244 54.88 14.05 25.82
C LYS E 244 54.91 15.56 25.90
N PRO E 245 55.75 16.19 26.72
CA PRO E 245 55.75 17.65 26.80
C PRO E 245 56.12 18.28 25.47
N ILE E 246 55.41 19.35 25.14
CA ILE E 246 55.63 20.03 23.86
C ILE E 246 56.89 20.88 23.97
N PRO E 247 57.85 20.73 23.05
CA PRO E 247 59.09 21.52 23.16
C PRO E 247 58.81 23.01 22.94
N THR E 248 59.35 23.83 23.84
CA THR E 248 59.27 25.28 23.67
C THR E 248 60.23 25.81 22.62
N GLU E 249 61.21 25.00 22.21
CA GLU E 249 62.13 25.41 21.15
C GLU E 249 61.34 25.81 19.90
N ILE E 250 60.47 24.92 19.43
CA ILE E 250 59.54 25.21 18.35
C ILE E 250 58.15 25.28 18.96
N LEU E 251 57.61 26.49 19.05
CA LEU E 251 56.31 26.72 19.65
C LEU E 251 55.48 27.62 18.74
N GLU E 252 54.39 27.07 18.22
CA GLU E 252 53.47 27.79 17.35
C GLU E 252 54.18 28.42 16.16
N LYS E 253 55.32 27.86 15.77
CA LYS E 253 55.92 28.21 14.49
C LYS E 253 55.40 27.35 13.37
N MET E 254 54.57 26.37 13.68
CA MET E 254 53.83 25.61 12.68
C MET E 254 52.46 26.23 12.52
N VAL E 255 52.20 26.82 11.36
CA VAL E 255 50.97 27.55 11.10
C VAL E 255 50.22 26.86 9.98
N VAL E 256 48.89 26.74 10.14
CA VAL E 256 48.08 26.16 9.10
C VAL E 256 48.19 26.99 7.84
N THR E 257 48.56 26.35 6.74
CA THR E 257 48.72 27.04 5.46
C THR E 257 47.39 27.06 4.73
N GLU E 258 47.13 28.16 4.01
CA GLU E 258 45.90 28.28 3.25
C GLU E 258 45.68 27.06 2.37
N ASP E 259 46.77 26.47 1.86
CA ASP E 259 46.64 25.23 1.10
C ASP E 259 46.08 24.10 1.95
N ASP E 260 46.33 24.14 3.27
CA ASP E 260 45.80 23.11 4.14
C ASP E 260 44.29 23.03 4.02
N PHE E 261 43.60 24.17 4.13
CA PHE E 261 42.17 24.19 3.90
C PHE E 261 41.83 23.58 2.56
N LYS E 262 42.50 24.05 1.49
CA LYS E 262 42.28 23.48 0.17
C LYS E 262 42.40 21.95 0.21
N ASN E 263 43.32 21.44 1.01
CA ASN E 263 43.38 20.02 1.28
C ASN E 263 42.35 19.60 2.33
N ALA E 264 41.87 20.55 3.14
CA ALA E 264 40.88 20.23 4.17
C ALA E 264 39.47 20.13 3.60
N LEU E 265 39.15 20.88 2.55
CA LEU E 265 37.81 20.86 1.99
C LEU E 265 37.35 19.44 1.67
N LYS E 266 38.28 18.57 1.31
CA LYS E 266 37.93 17.19 1.02
C LYS E 266 37.73 16.40 2.32
N SER E 267 36.93 15.34 2.22
CA SER E 267 36.76 14.41 3.33
C SER E 267 35.87 14.97 4.43
N ILE E 268 35.51 16.26 4.34
CA ILE E 268 34.67 16.88 5.36
C ILE E 268 33.19 16.65 5.11
N GLU E 269 32.83 15.97 4.01
CA GLU E 269 31.46 15.62 3.66
C GLU E 269 30.49 16.77 3.92
N PRO E 270 30.68 17.92 3.28
CA PRO E 270 29.71 19.01 3.42
C PRO E 270 28.39 18.70 2.73
N SER E 271 27.53 19.71 2.60
CA SER E 271 26.24 19.55 1.93
C SER E 271 25.29 18.67 2.73
N SER E 272 25.33 18.80 4.06
CA SER E 272 24.38 18.09 4.91
C SER E 272 22.96 18.66 4.81
N LEU E 273 22.77 19.76 4.10
CA LEU E 273 21.45 20.36 3.98
C LEU E 273 20.72 20.01 2.68
N ARG E 274 19.50 19.48 2.83
CA ARG E 274 18.65 19.09 1.70
C ARG E 274 17.59 20.13 1.35
N GLU E 275 17.62 21.26 2.05
CA GLU E 275 16.65 22.34 1.84
C GLU E 275 16.89 23.07 0.52
N VAL E 276 15.88 23.81 0.06
CA VAL E 276 16.00 24.55 -1.19
C VAL E 276 17.17 25.49 -1.01
N MET E 277 17.98 25.64 -2.05
CA MET E 277 19.17 26.47 -1.96
C MET E 277 19.08 27.58 -2.99
N VAL E 278 19.91 28.61 -2.80
CA VAL E 278 19.99 29.75 -3.69
C VAL E 278 21.43 29.89 -4.18
N GLU E 279 21.60 30.04 -5.49
CA GLU E 279 22.93 30.12 -6.10
C GLU E 279 22.93 31.18 -7.18
N VAL E 280 24.02 31.94 -7.25
CA VAL E 280 24.17 32.97 -8.27
C VAL E 280 25.35 32.62 -9.16
N PRO E 281 25.12 32.26 -10.42
CA PRO E 281 26.24 31.95 -11.32
C PRO E 281 26.95 33.21 -11.81
N ASN E 282 28.22 33.03 -12.17
CA ASN E 282 29.07 34.13 -12.59
C ASN E 282 29.14 34.30 -14.11
N VAL E 283 28.39 33.50 -14.86
CA VAL E 283 28.50 33.54 -16.32
C VAL E 283 28.18 34.94 -16.83
N HIS E 284 28.84 35.32 -17.93
CA HIS E 284 28.64 36.61 -18.57
C HIS E 284 28.37 36.41 -20.06
N TRP E 285 27.65 37.38 -20.65
CA TRP E 285 27.31 37.28 -22.06
C TRP E 285 28.55 37.08 -22.92
N ASP E 286 29.68 37.66 -22.51
CA ASP E 286 30.92 37.42 -23.25
C ASP E 286 31.16 35.94 -23.47
N ASP E 287 30.74 35.11 -22.50
CA ASP E 287 30.78 33.66 -22.66
C ASP E 287 29.71 33.14 -23.61
N ILE E 288 28.83 34.00 -24.12
CA ILE E 288 27.74 33.59 -25.00
C ILE E 288 28.08 34.05 -26.41
N GLY E 289 28.39 33.11 -27.29
CA GLY E 289 28.67 33.44 -28.67
C GLY E 289 27.39 33.57 -29.49
N GLY E 290 27.40 34.53 -30.43
CA GLY E 290 26.26 34.69 -31.29
C GLY E 290 24.99 35.00 -30.50
N LEU E 291 23.87 34.87 -31.20
CA LEU E 291 22.54 35.04 -30.61
C LEU E 291 22.32 36.47 -30.13
N GLU E 292 22.87 37.45 -30.86
CA GLU E 292 22.73 38.84 -30.44
C GLU E 292 21.28 39.23 -30.28
N ASP E 293 20.40 38.68 -31.12
CA ASP E 293 18.98 39.05 -31.06
C ASP E 293 18.34 38.56 -29.76
N VAL E 294 18.50 37.26 -29.47
CA VAL E 294 17.81 36.68 -28.32
C VAL E 294 18.27 37.34 -27.03
N LYS E 295 19.58 37.40 -26.81
CA LYS E 295 20.10 38.02 -25.60
C LYS E 295 19.56 39.44 -25.44
N ARG E 296 19.68 40.24 -26.49
CA ARG E 296 19.19 41.62 -26.42
C ARG E 296 17.70 41.64 -26.09
N GLU E 297 16.92 40.74 -26.69
CA GLU E 297 15.49 40.70 -26.40
C GLU E 297 15.21 40.00 -25.09
N ILE E 298 15.87 38.87 -24.82
CA ILE E 298 15.62 38.15 -23.58
C ILE E 298 15.95 39.04 -22.39
N LYS E 299 17.05 39.80 -22.49
CA LYS E 299 17.43 40.70 -21.40
C LYS E 299 16.34 41.73 -21.14
N GLU E 300 15.93 42.45 -22.19
CA GLU E 300 14.88 43.44 -22.02
C GLU E 300 13.58 42.81 -21.54
N THR E 301 13.39 41.52 -21.79
CA THR E 301 12.18 40.85 -21.32
C THR E 301 12.26 40.57 -19.82
N VAL E 302 13.37 40.02 -19.35
CA VAL E 302 13.52 39.73 -17.93
C VAL E 302 13.89 40.99 -17.16
N GLU E 303 14.86 41.75 -17.67
CA GLU E 303 15.39 42.89 -16.91
C GLU E 303 14.33 43.98 -16.74
N LEU E 304 13.61 44.29 -17.80
CA LEU E 304 12.64 45.39 -17.79
C LEU E 304 11.68 45.26 -16.60
N PRO E 305 10.95 44.15 -16.49
CA PRO E 305 9.93 44.07 -15.43
C PRO E 305 10.50 44.24 -14.03
N LEU E 306 11.63 43.60 -13.74
CA LEU E 306 12.20 43.68 -12.39
C LEU E 306 12.92 45.02 -12.17
N LEU E 307 13.74 45.43 -13.13
CA LEU E 307 14.56 46.62 -12.94
C LEU E 307 13.76 47.90 -13.16
N LYS E 308 12.84 47.90 -14.12
CA LYS E 308 12.08 49.10 -14.47
C LYS E 308 10.59 48.79 -14.46
N PRO E 309 10.04 48.39 -13.31
CA PRO E 309 8.59 48.13 -13.25
C PRO E 309 7.75 49.35 -13.55
N ASP E 310 8.14 50.52 -13.03
CA ASP E 310 7.33 51.73 -13.20
C ASP E 310 7.13 52.05 -14.67
N VAL E 311 8.23 52.18 -15.43
CA VAL E 311 8.12 52.50 -16.84
C VAL E 311 7.33 51.46 -17.60
N PHE E 312 7.24 50.24 -17.05
CA PHE E 312 6.42 49.21 -17.68
C PHE E 312 4.94 49.41 -17.41
N LYS E 313 4.60 50.09 -16.31
CA LYS E 313 3.20 50.30 -15.97
C LYS E 313 2.57 51.42 -16.80
N ARG E 314 3.37 52.38 -17.26
CA ARG E 314 2.82 53.49 -18.02
C ARG E 314 2.11 53.01 -19.28
N LEU E 315 2.54 51.88 -19.85
CA LEU E 315 1.82 51.30 -20.97
C LEU E 315 0.48 50.73 -20.53
N GLY E 316 0.49 49.85 -19.54
CA GLY E 316 -0.71 49.26 -19.00
C GLY E 316 -0.93 47.80 -19.35
N ILE E 317 -0.18 47.25 -20.31
CA ILE E 317 -0.33 45.84 -20.63
C ILE E 317 0.10 44.99 -19.43
N ARG E 318 -0.47 43.80 -19.34
CA ARG E 318 -0.15 42.91 -18.23
C ARG E 318 1.34 42.60 -18.21
N PRO E 319 1.95 42.51 -17.04
CA PRO E 319 3.35 42.04 -16.97
C PRO E 319 3.44 40.56 -17.25
N SER E 320 4.66 40.11 -17.53
CA SER E 320 4.91 38.73 -17.94
C SER E 320 5.18 37.86 -16.73
N LYS E 321 4.52 36.69 -16.69
CA LYS E 321 4.81 35.73 -15.64
C LYS E 321 6.07 34.93 -15.95
N GLY E 322 6.52 34.96 -17.20
CA GLY E 322 7.71 34.25 -17.57
C GLY E 322 7.64 33.81 -19.03
N PHE E 323 8.60 32.97 -19.41
CA PHE E 323 8.67 32.46 -20.77
C PHE E 323 9.46 31.15 -20.76
N LEU E 324 9.31 30.40 -21.84
CA LEU E 324 9.91 29.09 -21.99
C LEU E 324 10.92 29.09 -23.12
N LEU E 325 11.95 28.26 -22.99
CA LEU E 325 12.99 28.12 -23.99
C LEU E 325 12.97 26.72 -24.58
N TYR E 326 13.06 26.64 -25.90
CA TYR E 326 13.03 25.35 -26.60
C TYR E 326 13.94 25.43 -27.81
N GLY E 327 14.65 24.33 -28.08
CA GLY E 327 15.59 24.26 -29.17
C GLY E 327 16.41 22.98 -29.14
N PRO E 328 17.27 22.81 -30.14
CA PRO E 328 18.09 21.60 -30.20
C PRO E 328 18.94 21.45 -28.96
N PRO E 329 19.13 20.22 -28.47
CA PRO E 329 19.97 20.02 -27.30
C PRO E 329 21.37 20.57 -27.55
N GLY E 330 21.85 21.35 -26.59
CA GLY E 330 23.17 21.94 -26.70
C GLY E 330 23.22 23.35 -27.22
N VAL E 331 22.07 24.00 -27.44
CA VAL E 331 22.07 25.38 -27.89
C VAL E 331 22.48 26.34 -26.78
N GLY E 332 22.64 25.85 -25.55
CA GLY E 332 23.05 26.69 -24.45
C GLY E 332 21.94 27.18 -23.54
N LYS E 333 20.77 26.56 -23.57
CA LYS E 333 19.69 26.99 -22.68
C LYS E 333 20.18 27.10 -21.25
N THR E 334 20.76 26.02 -20.72
CA THR E 334 21.32 26.05 -19.38
C THR E 334 22.32 27.18 -19.22
N LEU E 335 23.03 27.52 -20.29
CA LEU E 335 24.01 28.60 -20.21
C LEU E 335 23.35 29.97 -20.31
N LEU E 336 22.36 30.12 -21.19
CA LEU E 336 21.70 31.41 -21.35
C LEU E 336 21.04 31.87 -20.06
N ALA E 337 20.15 31.03 -19.52
CA ALA E 337 19.40 31.41 -18.32
C ALA E 337 20.34 31.91 -17.23
N LYS E 338 21.38 31.14 -16.92
CA LYS E 338 22.34 31.58 -15.93
C LYS E 338 22.91 32.96 -16.26
N ALA E 339 23.09 33.24 -17.55
CA ALA E 339 23.64 34.53 -17.94
C ALA E 339 22.72 35.67 -17.53
N VAL E 340 21.47 35.62 -17.96
CA VAL E 340 20.52 36.67 -17.62
C VAL E 340 20.33 36.73 -16.12
N ALA E 341 20.18 35.57 -15.49
CA ALA E 341 20.01 35.52 -14.05
C ALA E 341 21.27 36.05 -13.36
N THR E 342 22.43 35.63 -13.87
CA THR E 342 23.71 36.05 -13.33
C THR E 342 23.94 37.54 -13.49
N GLU E 343 23.59 38.08 -14.65
CA GLU E 343 23.77 39.49 -14.93
C GLU E 343 22.92 40.32 -13.97
N SER E 344 21.68 39.88 -13.77
CA SER E 344 20.77 40.57 -12.88
C SER E 344 21.17 40.36 -11.43
N ASN E 345 21.10 41.42 -10.62
CA ASN E 345 21.45 41.34 -9.21
C ASN E 345 20.51 40.39 -8.49
N ALA E 346 19.23 40.47 -8.86
CA ALA E 346 18.18 39.64 -8.27
C ALA E 346 18.70 38.23 -8.02
N ASN E 347 18.26 37.65 -6.91
CA ASN E 347 18.70 36.31 -6.56
C ASN E 347 18.26 35.30 -7.61
N PHE E 348 19.01 34.22 -7.73
CA PHE E 348 18.74 33.17 -8.71
C PHE E 348 18.37 31.88 -8.01
N ILE E 349 17.57 31.07 -8.68
CA ILE E 349 17.18 29.75 -8.19
C ILE E 349 17.36 28.75 -9.33
N SER E 350 17.88 27.57 -9.02
CA SER E 350 18.10 26.56 -10.04
C SER E 350 17.25 25.31 -9.82
N ILE E 351 16.54 24.91 -10.87
CA ILE E 351 15.69 23.73 -10.82
C ILE E 351 16.07 22.74 -11.91
N LYS E 352 16.24 21.48 -11.53
CA LYS E 352 16.60 20.43 -12.47
C LYS E 352 15.51 19.38 -12.53
N GLY E 353 15.12 18.99 -13.74
CA GLY E 353 14.07 17.99 -13.89
C GLY E 353 14.47 16.68 -13.26
N PRO E 354 15.78 16.26 -13.46
CA PRO E 354 16.12 14.99 -12.81
C PRO E 354 16.02 15.12 -11.29
N GLU E 355 16.57 16.22 -10.80
CA GLU E 355 16.64 16.53 -9.37
C GLU E 355 15.29 16.72 -8.68
N VAL E 356 14.33 17.29 -9.37
CA VAL E 356 13.01 17.48 -8.77
C VAL E 356 12.34 16.15 -8.42
N LEU E 357 12.43 15.16 -9.30
CA LEU E 357 11.91 13.86 -8.93
C LEU E 357 12.87 13.36 -7.83
N SER E 358 14.14 13.56 -8.17
CA SER E 358 15.34 13.18 -7.43
C SER E 358 15.72 13.82 -6.10
N LYS E 359 15.49 15.11 -5.96
CA LYS E 359 15.93 15.84 -4.78
C LYS E 359 15.40 15.33 -3.44
N TRP E 360 14.12 14.99 -3.37
CA TRP E 360 13.57 14.47 -2.12
C TRP E 360 13.00 13.08 -2.33
N VAL E 361 12.20 12.62 -1.37
CA VAL E 361 11.58 11.30 -1.46
C VAL E 361 10.79 11.32 -2.72
N GLY E 362 10.18 12.47 -2.97
CA GLY E 362 9.44 12.64 -4.20
C GLY E 362 8.04 12.08 -4.01
N GLU E 363 7.77 11.52 -2.83
CA GLU E 363 6.45 11.01 -2.54
C GLU E 363 5.55 12.23 -2.64
N SER E 364 6.07 13.34 -2.14
CA SER E 364 5.41 14.61 -2.20
C SER E 364 6.24 15.43 -3.17
N GLU E 365 5.58 16.00 -4.17
CA GLU E 365 6.27 16.84 -5.15
C GLU E 365 6.20 18.29 -4.66
N LYS E 366 5.79 18.45 -3.42
CA LYS E 366 5.61 19.75 -2.85
C LYS E 366 6.92 20.49 -2.94
N ALA E 367 8.05 19.86 -2.68
CA ALA E 367 9.23 20.70 -2.83
C ALA E 367 8.96 21.86 -3.79
N ILE E 368 8.35 21.57 -4.94
CA ILE E 368 8.13 22.60 -5.94
C ILE E 368 7.28 23.73 -5.35
N ARG E 369 6.18 23.37 -4.69
CA ARG E 369 5.37 24.38 -4.02
C ARG E 369 6.20 25.16 -3.01
N GLU E 370 7.19 24.51 -2.41
CA GLU E 370 8.10 25.21 -1.51
C GLU E 370 9.05 26.11 -2.27
N ILE E 371 9.34 25.78 -3.52
CA ILE E 371 10.30 26.57 -4.30
C ILE E 371 9.86 28.02 -4.36
N PHE E 372 8.65 28.27 -4.86
CA PHE E 372 8.17 29.64 -4.97
C PHE E 372 8.15 30.33 -3.62
N LYS E 373 7.68 29.63 -2.58
CA LYS E 373 7.69 30.20 -1.24
C LYS E 373 9.09 30.70 -0.88
N LYS E 374 10.10 29.84 -1.05
CA LYS E 374 11.48 30.29 -0.89
C LYS E 374 11.83 31.35 -1.94
N ALA E 375 11.24 31.25 -3.13
CA ALA E 375 11.52 32.22 -4.18
C ALA E 375 10.80 33.54 -3.90
N LYS E 376 9.51 33.48 -3.59
CA LYS E 376 8.75 34.70 -3.31
C LYS E 376 9.41 35.51 -2.20
N GLN E 377 9.75 34.85 -1.10
CA GLN E 377 10.38 35.55 0.02
C GLN E 377 11.70 36.19 -0.42
N VAL E 378 12.46 35.50 -1.28
CA VAL E 378 13.76 35.99 -1.69
C VAL E 378 13.69 36.95 -2.87
N ALA E 379 12.49 37.24 -3.37
CA ALA E 379 12.33 38.14 -4.50
C ALA E 379 12.92 39.51 -4.20
N PRO E 380 13.26 40.27 -5.26
CA PRO E 380 13.09 39.87 -6.65
C PRO E 380 14.07 38.77 -7.07
N ALA E 381 13.56 37.75 -7.76
CA ALA E 381 14.39 36.66 -8.23
C ALA E 381 13.70 35.97 -9.39
N ILE E 382 14.48 35.24 -10.18
CA ILE E 382 13.97 34.51 -11.34
C ILE E 382 14.18 33.03 -11.10
N VAL E 383 13.09 32.29 -11.05
CA VAL E 383 13.15 30.84 -10.88
C VAL E 383 13.40 30.20 -12.24
N PHE E 384 14.21 29.15 -12.24
CA PHE E 384 14.57 28.44 -13.47
C PHE E 384 14.23 26.97 -13.34
N LEU E 385 13.59 26.42 -14.37
CA LEU E 385 13.26 25.01 -14.43
C LEU E 385 13.83 24.42 -15.71
N ASP E 386 14.70 23.42 -15.56
CA ASP E 386 15.35 22.78 -16.70
C ASP E 386 14.76 21.39 -16.90
N GLU E 387 14.65 20.97 -18.15
CA GLU E 387 13.96 19.74 -18.52
C GLU E 387 12.55 19.73 -17.90
N ILE E 388 11.81 20.80 -18.13
CA ILE E 388 10.45 20.89 -17.60
C ILE E 388 9.61 19.72 -18.08
N ASP E 389 9.96 19.11 -19.22
CA ASP E 389 9.21 17.97 -19.71
C ASP E 389 9.21 16.83 -18.69
N SER E 390 10.39 16.43 -18.24
CA SER E 390 10.48 15.33 -17.27
C SER E 390 9.61 15.61 -16.05
N ILE E 391 9.68 16.88 -15.63
CA ILE E 391 8.95 17.43 -14.51
C ILE E 391 7.49 17.49 -14.82
N ALA E 392 7.18 17.88 -16.04
CA ALA E 392 5.81 18.00 -16.46
C ALA E 392 5.61 17.31 -17.78
N PRO E 393 5.68 15.93 -17.74
CA PRO E 393 5.47 15.27 -19.02
C PRO E 393 4.00 15.40 -19.33
N ARG E 394 3.60 15.08 -20.54
CA ARG E 394 2.17 15.14 -20.87
C ARG E 394 1.54 14.15 -19.91
N ARG E 395 0.32 14.44 -19.46
CA ARG E 395 -0.38 13.60 -18.49
C ARG E 395 -0.66 12.16 -18.91
N GLY E 396 -1.08 11.96 -20.15
CA GLY E 396 -1.39 10.63 -20.63
C GLY E 396 -0.25 9.64 -20.68
N THR E 397 0.92 10.10 -21.08
CA THR E 397 2.09 9.23 -21.22
C THR E 397 2.62 8.52 -19.98
N THR E 398 2.67 9.20 -18.85
CA THR E 398 3.20 8.55 -17.66
C THR E 398 2.16 8.16 -16.63
N SER E 399 2.12 6.87 -16.32
CA SER E 399 1.17 6.35 -15.34
C SER E 399 1.77 6.44 -13.94
N ASP E 400 1.96 7.64 -13.44
CA ASP E 400 2.52 7.81 -12.10
C ASP E 400 1.92 8.97 -11.33
N SER E 401 1.88 8.82 -10.01
CA SER E 401 1.34 9.86 -9.13
C SER E 401 2.30 11.02 -9.06
N GLY E 402 3.59 10.70 -9.03
CA GLY E 402 4.62 11.71 -8.92
C GLY E 402 4.66 12.68 -10.08
N VAL E 403 4.43 12.18 -11.29
CA VAL E 403 4.47 13.04 -12.46
C VAL E 403 3.31 14.03 -12.61
N THR E 404 2.09 13.57 -12.34
CA THR E 404 0.92 14.42 -12.52
C THR E 404 0.38 15.08 -11.25
N GLU E 405 0.33 14.28 -10.21
CA GLU E 405 -0.22 14.66 -8.92
C GLU E 405 0.72 15.56 -8.14
N ARG E 406 1.98 15.17 -8.05
CA ARG E 406 2.95 15.99 -7.35
C ARG E 406 3.33 17.28 -8.04
N ILE E 407 3.46 17.23 -9.37
CA ILE E 407 3.94 18.41 -10.06
C ILE E 407 3.15 19.13 -11.18
N VAL E 408 2.71 18.42 -12.22
CA VAL E 408 2.03 19.13 -13.31
C VAL E 408 0.81 19.84 -12.81
N ASN E 409 0.02 19.17 -12.00
CA ASN E 409 -1.15 19.81 -11.45
C ASN E 409 -0.67 20.89 -10.51
N GLN E 410 0.36 20.57 -9.75
CA GLN E 410 0.90 21.51 -8.81
C GLN E 410 1.43 22.72 -9.53
N LEU E 411 2.04 22.51 -10.69
CA LEU E 411 2.64 23.60 -11.44
C LEU E 411 1.70 24.70 -11.88
N LEU E 412 0.52 24.35 -12.38
CA LEU E 412 -0.38 25.39 -12.84
C LEU E 412 -0.76 26.30 -11.69
N THR E 413 -1.00 25.71 -10.53
CA THR E 413 -1.39 26.52 -9.39
C THR E 413 -0.27 27.48 -8.98
N SER E 414 0.97 27.01 -9.01
CA SER E 414 2.08 27.86 -8.61
C SER E 414 2.25 29.09 -9.48
N LEU E 415 2.06 28.93 -10.79
CA LEU E 415 2.26 30.05 -11.70
C LEU E 415 1.32 31.21 -11.41
N ASP E 416 0.07 30.90 -11.13
CA ASP E 416 -0.90 31.93 -10.85
C ASP E 416 -0.49 32.70 -9.62
N GLY E 417 0.06 32.00 -8.64
CA GLY E 417 0.46 32.64 -7.41
C GLY E 417 1.50 33.70 -7.65
N ILE E 418 2.44 33.45 -8.54
CA ILE E 418 3.47 34.45 -8.79
C ILE E 418 2.80 35.69 -9.35
N GLU E 419 3.32 36.85 -8.97
CA GLU E 419 2.76 38.13 -9.42
C GLU E 419 3.78 39.06 -10.05
N VAL E 420 3.31 39.93 -10.92
CA VAL E 420 4.19 40.86 -11.61
C VAL E 420 4.92 41.75 -10.63
N MET E 421 4.20 42.25 -9.62
CA MET E 421 4.85 43.09 -8.64
C MET E 421 5.89 42.20 -7.98
N ASN E 422 5.50 40.96 -7.73
CA ASN E 422 6.39 40.00 -7.14
C ASN E 422 7.58 39.95 -8.08
N GLY E 423 8.79 39.86 -7.54
CA GLY E 423 9.94 39.88 -8.43
C GLY E 423 10.27 38.52 -9.01
N VAL E 424 9.37 37.55 -8.84
CA VAL E 424 9.62 36.19 -9.32
C VAL E 424 9.36 36.13 -10.81
N VAL E 425 10.16 35.32 -11.51
CA VAL E 425 10.00 35.10 -12.94
C VAL E 425 10.38 33.67 -13.24
N VAL E 426 9.65 33.04 -14.18
CA VAL E 426 9.84 31.64 -14.52
C VAL E 426 10.43 31.57 -15.92
N ILE E 427 11.63 30.99 -16.03
CA ILE E 427 12.29 30.78 -17.31
C ILE E 427 12.48 29.28 -17.48
N GLY E 428 11.73 28.67 -18.40
CA GLY E 428 11.84 27.26 -18.68
C GLY E 428 12.72 26.97 -19.88
N ALA E 429 13.27 25.76 -19.89
CA ALA E 429 13.98 25.24 -21.05
C ALA E 429 13.81 23.73 -21.09
N THR E 430 13.58 23.20 -22.30
CA THR E 430 13.44 21.77 -22.46
C THR E 430 13.70 21.40 -23.91
N ASN E 431 14.03 20.13 -24.13
CA ASN E 431 14.35 19.65 -25.48
C ASN E 431 13.12 19.72 -26.38
N ARG E 432 12.04 19.07 -25.97
CA ARG E 432 10.82 18.99 -26.79
C ARG E 432 9.68 19.72 -26.11
N PRO E 433 9.23 20.85 -26.64
CA PRO E 433 8.06 21.52 -26.05
C PRO E 433 6.83 20.64 -26.01
N ASP E 434 6.57 19.89 -27.09
CA ASP E 434 5.37 19.08 -27.16
C ASP E 434 5.30 18.05 -26.03
N ILE E 435 6.44 17.53 -25.61
CA ILE E 435 6.44 16.49 -24.58
C ILE E 435 5.76 16.98 -23.32
N MET E 436 6.00 18.23 -22.95
CA MET E 436 5.37 18.77 -21.75
C MET E 436 3.86 18.95 -21.98
N ASP E 437 3.12 18.96 -20.89
CA ASP E 437 1.68 19.13 -20.96
C ASP E 437 1.34 20.42 -21.72
N PRO E 438 0.54 20.35 -22.78
CA PRO E 438 0.15 21.57 -23.49
C PRO E 438 -0.52 22.58 -22.57
N ALA E 439 -1.01 22.10 -21.42
CA ALA E 439 -1.65 22.98 -20.46
C ALA E 439 -0.75 24.13 -20.04
N LEU E 440 0.57 23.97 -20.13
CA LEU E 440 1.48 25.04 -19.73
C LEU E 440 1.54 26.16 -20.76
N LEU E 441 1.15 25.91 -22.01
CA LEU E 441 1.17 26.94 -23.02
C LEU E 441 -0.10 27.79 -23.03
N ARG E 442 -1.04 27.53 -22.13
CA ARG E 442 -2.23 28.35 -22.04
C ARG E 442 -1.86 29.80 -21.77
N ALA E 443 -2.66 30.71 -22.31
CA ALA E 443 -2.37 32.14 -22.17
C ALA E 443 -2.23 32.52 -20.71
N GLY E 444 -1.24 33.36 -20.43
CA GLY E 444 -0.97 33.86 -19.09
C GLY E 444 -0.04 32.99 -18.27
N ARG E 445 0.06 31.70 -18.57
CA ARG E 445 1.00 30.84 -17.86
C ARG E 445 2.43 31.06 -18.35
N PHE E 446 2.63 31.01 -19.67
CA PHE E 446 3.88 31.38 -20.31
C PHE E 446 3.54 32.27 -21.50
N ASP E 447 3.95 33.53 -21.44
CA ASP E 447 3.54 34.50 -22.45
C ASP E 447 4.03 34.09 -23.83
N LYS E 448 5.34 33.92 -23.97
CA LYS E 448 5.95 33.63 -25.26
C LYS E 448 6.85 32.41 -25.14
N LEU E 449 7.16 31.82 -26.29
CA LEU E 449 8.10 30.72 -26.39
C LEU E 449 9.24 31.17 -27.30
N ILE E 450 10.42 31.35 -26.72
CA ILE E 450 11.57 31.85 -27.45
C ILE E 450 12.39 30.65 -27.93
N TYR E 451 12.43 30.46 -29.24
CA TYR E 451 13.24 29.39 -29.82
C TYR E 451 14.67 29.84 -29.96
N ILE E 452 15.60 28.93 -29.69
CA ILE E 452 17.03 29.19 -29.81
C ILE E 452 17.53 28.46 -31.05
N PRO E 453 17.87 29.17 -32.13
CA PRO E 453 18.35 28.48 -33.32
C PRO E 453 19.75 27.93 -33.09
N PRO E 454 20.12 26.84 -33.76
CA PRO E 454 21.46 26.30 -33.61
C PRO E 454 22.50 27.35 -33.98
N PRO E 455 23.73 27.21 -33.49
CA PRO E 455 24.75 28.23 -33.77
C PRO E 455 25.03 28.31 -35.27
N ASP E 456 25.02 29.53 -35.78
CA ASP E 456 25.26 29.76 -37.20
C ASP E 456 26.76 29.76 -37.49
N LYS E 457 27.10 29.28 -38.69
CA LYS E 457 28.49 29.31 -39.13
C LYS E 457 29.10 30.69 -38.93
N GLU E 458 28.39 31.73 -39.36
CA GLU E 458 28.86 33.09 -39.09
C GLU E 458 28.96 33.33 -37.59
N ALA E 459 27.99 32.83 -36.83
CA ALA E 459 28.08 32.92 -35.38
C ALA E 459 29.14 31.98 -34.84
N ARG E 460 29.40 30.87 -35.52
CA ARG E 460 30.46 29.95 -35.09
C ARG E 460 31.77 30.70 -34.87
N LEU E 461 32.07 31.65 -35.75
CA LEU E 461 33.30 32.43 -35.61
C LEU E 461 33.42 33.02 -34.21
N SER E 462 32.30 33.51 -33.66
CA SER E 462 32.32 34.03 -32.30
C SER E 462 32.26 32.92 -31.26
N ILE E 463 31.43 31.90 -31.50
CA ILE E 463 31.25 30.83 -30.52
C ILE E 463 32.57 30.17 -30.17
N LEU E 464 33.48 30.08 -31.15
CA LEU E 464 34.71 29.32 -30.96
C LEU E 464 35.71 30.09 -30.10
N LYS E 465 35.92 31.37 -30.40
CA LYS E 465 36.92 32.14 -29.68
C LYS E 465 36.57 32.23 -28.19
N VAL E 466 35.31 32.55 -27.89
CA VAL E 466 34.91 32.71 -26.49
C VAL E 466 35.25 31.47 -25.67
N HIS E 467 35.08 30.29 -26.26
CA HIS E 467 35.32 29.07 -25.49
C HIS E 467 36.80 28.75 -25.37
N THR E 468 37.57 29.00 -26.44
CA THR E 468 38.99 28.67 -26.44
C THR E 468 39.86 29.79 -25.86
N LYS E 469 39.26 30.89 -25.41
CA LYS E 469 40.05 32.00 -24.87
C LYS E 469 41.03 31.51 -23.82
N ASN E 470 40.59 30.60 -22.95
CA ASN E 470 41.49 30.01 -21.97
C ASN E 470 42.48 29.05 -22.62
N MET E 471 42.14 28.50 -23.78
CA MET E 471 43.00 27.54 -24.45
C MET E 471 44.15 28.24 -25.16
N PRO E 472 45.39 27.80 -24.97
CA PRO E 472 46.48 28.33 -25.79
C PRO E 472 46.35 27.88 -27.23
N LEU E 473 46.56 28.81 -28.16
CA LEU E 473 46.33 28.56 -29.56
C LEU E 473 47.60 28.81 -30.34
N ALA E 474 47.66 28.24 -31.56
CA ALA E 474 48.82 28.37 -32.42
C ALA E 474 48.72 29.63 -33.28
N PRO E 475 49.86 30.17 -33.71
CA PRO E 475 49.80 31.37 -34.57
C PRO E 475 49.22 31.08 -35.94
N ASP E 476 49.50 29.91 -36.51
CA ASP E 476 49.00 29.57 -37.84
C ASP E 476 47.54 29.16 -37.79
N VAL E 477 47.13 28.42 -36.76
CA VAL E 477 45.77 27.92 -36.70
C VAL E 477 44.78 29.07 -36.73
N ASP E 478 43.74 28.93 -37.55
CA ASP E 478 42.67 29.91 -37.68
C ASP E 478 41.36 29.28 -37.26
N LEU E 479 40.53 30.05 -36.56
CA LEU E 479 39.26 29.52 -36.07
C LEU E 479 38.20 29.52 -37.15
N ASN E 480 38.11 30.59 -37.95
CA ASN E 480 37.04 30.70 -38.94
C ASN E 480 37.05 29.55 -39.94
N ASP E 481 38.18 28.86 -40.10
CA ASP E 481 38.24 27.77 -41.07
C ASP E 481 37.18 26.71 -40.78
N ILE E 482 37.15 26.21 -39.55
CA ILE E 482 36.17 25.18 -39.20
C ILE E 482 34.76 25.70 -39.34
N ALA E 483 34.55 26.99 -39.09
CA ALA E 483 33.22 27.57 -39.22
C ALA E 483 32.70 27.44 -40.65
N GLN E 484 33.48 27.92 -41.63
CA GLN E 484 33.08 27.84 -43.02
C GLN E 484 32.95 26.40 -43.52
N ARG E 485 33.44 25.42 -42.76
CA ARG E 485 33.42 24.04 -43.22
C ARG E 485 32.04 23.40 -43.04
N THR E 486 31.40 23.61 -41.90
CA THR E 486 30.22 22.84 -41.53
C THR E 486 29.17 23.73 -40.89
N GLU E 487 27.93 23.60 -41.35
CA GLU E 487 26.81 24.36 -40.84
C GLU E 487 25.97 23.61 -39.81
N GLY E 488 26.34 22.37 -39.48
CA GLY E 488 25.46 21.51 -38.72
C GLY E 488 25.77 21.32 -37.25
N TYR E 489 26.91 21.83 -36.78
CA TYR E 489 27.32 21.61 -35.41
C TYR E 489 26.68 22.62 -34.46
N VAL E 490 26.29 22.13 -33.28
CA VAL E 490 25.69 22.96 -32.24
C VAL E 490 26.81 23.60 -31.44
N GLY E 491 26.47 24.22 -30.32
CA GLY E 491 27.48 24.68 -29.39
C GLY E 491 27.97 23.55 -28.49
N ALA E 492 27.05 22.65 -28.12
CA ALA E 492 27.41 21.58 -27.19
C ALA E 492 28.39 20.60 -27.83
N ASP E 493 28.16 20.26 -29.09
CA ASP E 493 29.08 19.35 -29.78
C ASP E 493 30.44 20.02 -29.98
N LEU E 494 30.43 21.24 -30.52
CA LEU E 494 31.69 21.98 -30.66
C LEU E 494 32.38 22.12 -29.31
N GLU E 495 31.60 22.17 -28.23
CA GLU E 495 32.18 22.11 -26.90
C GLU E 495 33.18 20.96 -26.81
N ASN E 496 32.69 19.73 -26.97
CA ASN E 496 33.58 18.58 -26.99
C ASN E 496 34.57 18.66 -28.16
N LEU E 497 34.16 19.29 -29.26
CA LEU E 497 35.06 19.39 -30.41
C LEU E 497 36.38 20.05 -30.02
N CYS E 498 36.31 21.28 -29.49
CA CYS E 498 37.50 21.89 -28.93
C CYS E 498 38.12 20.99 -27.88
N ARG E 499 37.27 20.29 -27.13
CA ARG E 499 37.76 19.33 -26.14
C ARG E 499 38.64 18.27 -26.79
N GLU E 500 38.08 17.54 -27.74
CA GLU E 500 38.84 16.46 -28.37
C GLU E 500 40.12 16.98 -29.03
N ALA E 501 40.10 18.21 -29.51
CA ALA E 501 41.29 18.80 -30.11
C ALA E 501 42.47 18.69 -29.16
N GLY E 502 42.26 19.04 -27.89
CA GLY E 502 43.32 18.90 -26.91
C GLY E 502 43.89 17.50 -26.87
N MET E 503 43.02 16.49 -26.86
CA MET E 503 43.48 15.11 -26.90
C MET E 503 44.33 14.85 -28.13
N ASN E 504 43.85 15.29 -29.30
CA ASN E 504 44.63 15.14 -30.53
C ASN E 504 45.99 15.79 -30.38
N ALA E 505 46.02 17.08 -30.03
CA ALA E 505 47.29 17.75 -29.81
C ALA E 505 48.11 17.03 -28.74
N TYR E 506 47.45 16.56 -27.69
CA TYR E 506 48.17 15.83 -26.64
C TYR E 506 48.66 14.47 -27.14
N ARG E 507 47.88 13.82 -28.01
CA ARG E 507 48.24 12.49 -28.47
C ARG E 507 49.58 12.50 -29.19
N GLU E 508 49.79 13.47 -30.08
CA GLU E 508 51.05 13.57 -30.79
C GLU E 508 52.20 13.85 -29.82
N ASN E 509 52.08 14.93 -29.06
CA ASN E 509 53.16 15.37 -28.18
C ASN E 509 52.81 15.08 -26.74
N PRO E 510 53.67 14.38 -25.99
CA PRO E 510 53.36 14.09 -24.59
C PRO E 510 53.11 15.33 -23.76
N ASP E 511 53.95 16.35 -23.88
CA ASP E 511 53.73 17.61 -23.17
C ASP E 511 52.88 18.54 -23.99
N ALA E 512 52.01 19.30 -23.32
CA ALA E 512 51.02 20.10 -24.01
C ALA E 512 51.68 21.23 -24.80
N THR E 513 51.18 21.44 -26.01
CA THR E 513 51.66 22.50 -26.88
C THR E 513 50.46 23.13 -27.59
N SER E 514 50.71 24.27 -28.24
CA SER E 514 49.65 24.96 -28.96
C SER E 514 48.97 24.01 -29.95
N VAL E 515 47.64 24.09 -30.00
CA VAL E 515 46.88 23.22 -30.90
C VAL E 515 47.15 23.57 -32.35
N SER E 516 46.90 22.61 -33.23
CA SER E 516 47.11 22.77 -34.66
C SER E 516 45.80 22.57 -35.41
N GLN E 517 45.71 23.20 -36.59
CA GLN E 517 44.52 23.05 -37.42
C GLN E 517 44.21 21.59 -37.68
N LYS E 518 45.24 20.79 -37.98
CA LYS E 518 45.03 19.36 -38.18
C LYS E 518 44.39 18.72 -36.96
N ASN E 519 44.78 19.16 -35.76
CA ASN E 519 44.17 18.64 -34.55
C ASN E 519 42.66 18.80 -34.54
N PHE E 520 42.13 19.80 -35.24
CA PHE E 520 40.68 19.95 -35.34
C PHE E 520 40.10 19.04 -36.42
N LEU E 521 40.78 18.93 -37.56
CA LEU E 521 40.23 18.15 -38.67
C LEU E 521 40.00 16.70 -38.26
N ASP E 522 41.04 16.03 -37.78
CA ASP E 522 40.89 14.65 -37.32
C ASP E 522 39.76 14.55 -36.30
N ALA E 523 39.68 15.51 -35.37
CA ALA E 523 38.57 15.55 -34.44
C ALA E 523 37.29 16.05 -35.13
N LEU E 524 37.43 16.95 -36.09
CA LEU E 524 36.26 17.45 -36.82
C LEU E 524 35.41 16.29 -37.33
N LYS E 525 36.06 15.29 -37.92
CA LYS E 525 35.35 14.08 -38.34
C LYS E 525 35.16 13.10 -37.20
N THR E 526 35.76 13.37 -36.03
CA THR E 526 35.59 12.48 -34.88
C THR E 526 34.18 12.56 -34.30
N ILE E 527 33.55 13.72 -34.36
CA ILE E 527 32.19 13.91 -33.86
C ILE E 527 31.41 14.67 -34.91
N ARG E 528 30.35 14.06 -35.44
CA ARG E 528 29.54 14.72 -36.45
C ARG E 528 28.48 15.60 -35.80
N PRO E 529 27.90 16.52 -36.56
CA PRO E 529 26.92 17.45 -35.97
C PRO E 529 25.77 16.70 -35.32
N SER E 530 25.42 17.13 -34.11
CA SER E 530 24.25 16.59 -33.44
C SER E 530 22.94 17.14 -34.00
N VAL E 531 23.01 18.10 -34.92
CA VAL E 531 21.83 18.72 -35.50
C VAL E 531 22.00 18.74 -37.01
N ASP E 532 21.12 18.04 -37.72
CA ASP E 532 21.11 18.03 -39.18
C ASP E 532 19.94 18.88 -39.67
N GLU E 533 19.82 18.98 -40.99
CA GLU E 533 18.68 19.67 -41.59
C GLU E 533 17.37 18.94 -41.34
N GLU E 534 17.42 17.71 -40.83
CA GLU E 534 16.20 16.98 -40.53
C GLU E 534 15.56 17.46 -39.23
N VAL E 535 16.37 17.71 -38.20
CA VAL E 535 15.82 18.14 -36.92
C VAL E 535 15.39 19.59 -36.99
N ILE E 536 16.13 20.42 -37.72
CA ILE E 536 15.77 21.83 -37.82
C ILE E 536 14.33 21.98 -38.27
N LYS E 537 13.90 21.16 -39.23
CA LYS E 537 12.50 21.16 -39.63
C LYS E 537 11.61 20.74 -38.48
N PHE E 538 12.06 19.78 -37.68
CA PHE E 538 11.29 19.33 -36.53
C PHE E 538 10.88 20.51 -35.66
N TYR E 539 11.86 21.31 -35.25
CA TYR E 539 11.54 22.49 -34.44
C TYR E 539 10.81 23.54 -35.27
N ARG E 540 11.23 23.72 -36.52
CA ARG E 540 10.54 24.68 -37.38
C ARG E 540 9.04 24.40 -37.41
N THR E 541 8.66 23.13 -37.51
CA THR E 541 7.25 22.77 -37.42
C THR E 541 6.78 22.77 -35.96
N LEU E 542 7.60 22.23 -35.06
CA LEU E 542 7.24 22.23 -33.64
C LEU E 542 7.13 23.64 -33.07
N SER E 543 7.60 24.65 -33.79
CA SER E 543 7.46 26.02 -33.34
C SER E 543 6.00 26.47 -33.26
N GLU E 544 5.07 25.66 -33.76
CA GLU E 544 3.66 26.00 -33.75
C GLU E 544 2.89 24.92 -33.01
N THR E 545 2.04 25.33 -32.07
CA THR E 545 1.25 24.40 -31.28
C THR E 545 0.37 25.16 -30.29
N GLU F 2 -8.62 46.72 32.99
CA GLU F 2 -8.84 47.20 31.63
C GLU F 2 -10.32 47.51 31.40
N VAL F 3 -10.65 48.80 31.30
CA VAL F 3 -12.03 49.20 31.10
C VAL F 3 -12.56 48.64 29.79
N SER F 4 -11.71 48.51 28.77
CA SER F 4 -12.11 47.97 27.48
C SER F 4 -12.02 46.45 27.53
N ARG F 5 -13.16 45.79 27.31
CA ARG F 5 -13.26 44.35 27.35
C ARG F 5 -14.00 43.86 26.13
N ILE F 6 -13.94 42.55 25.89
CA ILE F 6 -14.50 41.97 24.68
C ILE F 6 -15.97 42.32 24.56
N SER F 7 -16.35 42.89 23.43
CA SER F 7 -17.72 43.30 23.16
C SER F 7 -18.04 43.02 21.70
N TYR F 8 -19.34 43.10 21.36
CA TYR F 8 -19.77 42.81 20.00
C TYR F 8 -18.91 43.56 18.98
N GLU F 9 -18.75 44.87 19.16
CA GLU F 9 -18.07 45.69 18.16
C GLU F 9 -16.72 45.10 17.77
N ASP F 10 -16.09 44.35 18.68
CA ASP F 10 -14.88 43.64 18.32
C ASP F 10 -15.11 42.75 17.10
N ILE F 11 -16.08 41.85 17.19
CA ILE F 11 -16.41 40.98 16.07
C ILE F 11 -16.92 41.82 14.91
N GLY F 12 -16.68 41.32 13.69
CA GLY F 12 -17.20 41.97 12.50
C GLY F 12 -17.37 40.96 11.39
N GLY F 13 -18.28 41.27 10.47
CA GLY F 13 -18.58 40.39 9.36
C GLY F 13 -19.32 39.12 9.74
N LEU F 14 -19.49 38.85 11.04
CA LEU F 14 -20.22 37.69 11.53
C LEU F 14 -21.68 38.00 11.81
N SER F 15 -22.16 39.14 11.34
CA SER F 15 -23.48 39.60 11.69
C SER F 15 -24.60 38.59 11.56
N GLU F 16 -24.68 37.82 10.48
CA GLU F 16 -25.77 36.84 10.42
C GLU F 16 -25.54 35.74 11.45
N GLN F 17 -24.34 35.16 11.43
CA GLN F 17 -23.99 34.08 12.34
C GLN F 17 -23.94 34.53 13.78
N LEU F 18 -23.31 35.68 13.97
CA LEU F 18 -23.17 36.21 15.30
C LEU F 18 -24.56 36.48 15.80
N GLY F 19 -25.39 37.05 14.93
CA GLY F 19 -26.72 37.39 15.35
C GLY F 19 -27.46 36.17 15.79
N LYS F 20 -27.39 35.11 15.01
CA LYS F 20 -28.11 33.91 15.37
C LYS F 20 -27.63 33.34 16.69
N ILE F 21 -26.32 33.29 16.89
CA ILE F 21 -25.82 32.72 18.14
C ILE F 21 -26.26 33.55 19.32
N ARG F 22 -26.17 34.86 19.16
CA ARG F 22 -26.50 35.75 20.24
C ARG F 22 -27.95 35.58 20.56
N GLU F 23 -28.76 35.48 19.52
CA GLU F 23 -30.17 35.35 19.74
C GLU F 23 -30.44 34.08 20.50
N MET F 24 -29.82 32.97 20.10
CA MET F 24 -30.10 31.73 20.81
C MET F 24 -29.77 31.88 22.28
N ILE F 25 -28.58 32.38 22.57
CA ILE F 25 -28.21 32.49 23.98
C ILE F 25 -29.09 33.44 24.79
N GLU F 26 -29.20 34.66 24.25
CA GLU F 26 -29.93 35.72 24.91
C GLU F 26 -31.41 35.47 25.05
N LEU F 27 -32.05 34.99 23.98
CA LEU F 27 -33.48 34.74 24.07
C LEU F 27 -33.65 33.70 25.14
N PRO F 28 -32.76 32.63 25.04
CA PRO F 28 -32.93 31.64 26.11
C PRO F 28 -32.47 32.22 27.44
N LEU F 29 -31.35 32.92 27.40
CA LEU F 29 -30.75 33.51 28.59
C LEU F 29 -31.45 34.64 29.35
N LYS F 30 -32.01 35.63 28.66
CA LYS F 30 -32.67 36.72 29.36
C LYS F 30 -33.84 36.15 30.11
N HIS F 31 -34.51 35.23 29.44
CA HIS F 31 -35.70 34.56 29.93
C HIS F 31 -35.97 33.30 29.10
N PRO F 32 -36.37 32.21 29.74
CA PRO F 32 -36.77 31.02 28.98
C PRO F 32 -38.13 31.16 28.30
N GLU F 33 -38.94 32.13 28.72
CA GLU F 33 -40.34 32.17 28.32
C GLU F 33 -40.53 32.05 26.82
N LEU F 34 -39.61 32.62 26.03
CA LEU F 34 -39.74 32.54 24.58
C LEU F 34 -39.70 31.10 24.09
N PHE F 35 -38.62 30.39 24.39
CA PHE F 35 -38.52 28.99 23.99
C PHE F 35 -39.37 28.10 24.90
N GLU F 36 -39.45 28.43 26.19
CA GLU F 36 -40.27 27.66 27.11
C GLU F 36 -41.67 27.45 26.57
N ARG F 37 -42.22 28.46 25.90
CA ARG F 37 -43.60 28.38 25.43
C ARG F 37 -43.72 27.59 24.12
N LEU F 38 -42.79 27.79 23.20
CA LEU F 38 -42.83 27.13 21.90
C LEU F 38 -41.48 26.48 21.61
N GLY F 39 -41.52 25.26 21.10
CA GLY F 39 -40.30 24.52 20.81
C GLY F 39 -39.60 24.05 22.06
N ILE F 40 -38.57 23.21 21.90
CA ILE F 40 -37.85 22.69 23.05
C ILE F 40 -36.94 23.77 23.63
N THR F 41 -36.52 23.57 24.88
CA THR F 41 -35.54 24.46 25.46
C THR F 41 -34.30 24.51 24.57
N PRO F 42 -33.53 25.59 24.64
CA PRO F 42 -32.37 25.71 23.77
C PRO F 42 -31.41 24.57 23.98
N PRO F 43 -30.83 24.03 22.91
CA PRO F 43 -29.87 22.93 23.07
C PRO F 43 -28.68 23.38 23.91
N LYS F 44 -28.36 22.58 24.92
CA LYS F 44 -27.27 22.92 25.82
C LYS F 44 -25.94 22.99 25.08
N GLY F 45 -25.58 21.93 24.38
CA GLY F 45 -24.33 21.91 23.65
C GLY F 45 -24.45 22.57 22.28
N VAL F 46 -23.40 23.27 21.88
CA VAL F 46 -23.29 23.84 20.55
C VAL F 46 -21.82 23.84 20.16
N ILE F 47 -21.56 23.54 18.88
CA ILE F 47 -20.21 23.50 18.34
C ILE F 47 -20.07 24.59 17.30
N LEU F 48 -19.01 25.39 17.40
CA LEU F 48 -18.72 26.45 16.46
C LEU F 48 -17.55 26.01 15.59
N TYR F 49 -17.91 25.61 14.38
CA TYR F 49 -17.02 25.04 13.40
C TYR F 49 -16.63 26.15 12.46
N GLY F 50 -15.34 26.40 12.38
CA GLY F 50 -14.82 27.44 11.53
C GLY F 50 -13.38 27.14 11.19
N PRO F 51 -12.86 27.86 10.12
CA PRO F 51 -11.45 27.56 9.84
C PRO F 51 -10.64 28.14 10.98
N PRO F 52 -9.38 27.61 11.19
CA PRO F 52 -8.67 28.17 12.35
C PRO F 52 -8.38 29.64 12.21
N GLY F 53 -8.25 30.32 13.34
CA GLY F 53 -7.97 31.75 13.33
C GLY F 53 -9.04 32.58 12.66
N THR F 54 -10.28 32.20 12.90
CA THR F 54 -11.43 32.92 12.37
C THR F 54 -12.16 33.74 13.41
N GLY F 55 -11.74 33.68 14.67
CA GLY F 55 -12.37 34.45 15.74
C GLY F 55 -13.29 33.66 16.64
N LYS F 56 -13.38 32.35 16.46
CA LYS F 56 -14.34 31.59 17.25
C LYS F 56 -14.06 31.77 18.71
N THR F 57 -12.80 31.79 19.07
CA THR F 57 -12.44 31.94 20.45
C THR F 57 -13.02 33.25 20.94
N LEU F 58 -12.87 34.29 20.13
CA LEU F 58 -13.38 35.59 20.52
C LEU F 58 -14.89 35.59 20.69
N ILE F 59 -15.61 34.85 19.88
CA ILE F 59 -17.07 34.92 19.96
C ILE F 59 -17.68 34.66 21.34
N ALA F 60 -17.15 33.69 22.06
CA ALA F 60 -17.71 33.35 23.36
C ALA F 60 -17.69 34.46 24.38
N ARG F 61 -16.61 35.23 24.45
CA ARG F 61 -16.55 36.30 25.43
C ARG F 61 -17.63 37.35 25.22
N ALA F 62 -17.83 37.69 23.95
CA ALA F 62 -18.83 38.66 23.60
C ALA F 62 -20.19 38.10 23.97
N VAL F 63 -20.39 36.82 23.68
CA VAL F 63 -21.67 36.24 24.00
C VAL F 63 -21.91 36.35 25.49
N ALA F 64 -20.87 36.10 26.27
CA ALA F 64 -20.97 36.17 27.72
C ALA F 64 -21.33 37.55 28.26
N ASN F 65 -20.75 38.59 27.68
CA ASN F 65 -21.06 39.96 28.02
C ASN F 65 -22.47 40.39 27.54
N GLU F 66 -23.01 39.69 26.55
CA GLU F 66 -24.31 40.04 25.96
C GLU F 66 -25.51 40.00 26.93
N SER F 67 -25.64 38.96 27.73
CA SER F 67 -26.73 38.93 28.70
C SER F 67 -26.25 39.16 30.14
N GLY F 68 -24.94 39.32 30.35
CA GLY F 68 -24.40 39.45 31.67
C GLY F 68 -24.25 38.16 32.44
N ALA F 69 -24.57 37.02 31.83
CA ALA F 69 -24.42 35.75 32.51
C ALA F 69 -22.97 35.55 32.94
N ASN F 70 -22.80 34.85 34.06
CA ASN F 70 -21.45 34.64 34.60
C ASN F 70 -20.56 33.97 33.56
N PHE F 71 -19.41 34.57 33.30
CA PHE F 71 -18.49 34.04 32.31
C PHE F 71 -17.63 32.95 32.93
N LEU F 72 -17.37 31.91 32.14
CA LEU F 72 -16.51 30.78 32.46
C LEU F 72 -15.93 30.43 31.08
N SER F 73 -14.67 30.03 30.98
CA SER F 73 -14.09 29.63 29.67
C SER F 73 -13.27 28.37 29.98
N ILE F 74 -13.50 27.23 29.34
CA ILE F 74 -12.67 26.04 29.62
C ILE F 74 -12.00 25.61 28.29
N ASN F 75 -10.67 25.43 28.31
CA ASN F 75 -9.92 25.08 27.10
C ASN F 75 -9.34 23.67 27.04
N GLY F 76 -9.43 23.05 25.87
CA GLY F 76 -8.97 21.69 25.66
C GLY F 76 -7.50 21.54 25.96
N PRO F 77 -6.71 22.64 25.66
CA PRO F 77 -5.29 22.45 25.96
C PRO F 77 -5.07 22.20 27.44
N GLU F 78 -5.75 22.96 28.28
CA GLU F 78 -5.57 22.80 29.72
C GLU F 78 -6.65 21.94 30.39
N ILE F 79 -7.59 21.43 29.61
CA ILE F 79 -8.66 20.64 30.20
C ILE F 79 -8.04 19.45 30.88
N MET F 80 -7.10 18.83 30.18
CA MET F 80 -6.41 17.68 30.73
C MET F 80 -5.03 18.09 31.22
N SER F 81 -4.75 19.39 31.11
CA SER F 81 -3.44 19.87 31.54
C SER F 81 -2.97 19.15 32.81
N LYS F 82 -3.70 19.32 33.90
CA LYS F 82 -3.23 18.82 35.19
C LYS F 82 -3.07 17.30 35.16
N TYR F 83 -2.24 16.81 36.07
CA TYR F 83 -1.82 15.41 36.04
C TYR F 83 -3.02 14.48 36.06
N TYR F 84 -2.86 13.34 35.39
CA TYR F 84 -3.96 12.41 35.22
C TYR F 84 -4.48 11.92 36.55
N GLY F 85 -5.78 11.63 36.59
CA GLY F 85 -6.50 11.23 37.77
C GLY F 85 -7.10 12.38 38.55
N GLN F 86 -6.52 13.57 38.42
CA GLN F 86 -7.17 14.81 38.84
C GLN F 86 -7.78 15.55 37.65
N SER F 87 -7.61 15.08 36.42
CA SER F 87 -8.23 15.78 35.30
C SER F 87 -9.77 15.72 35.29
N GLU F 88 -10.30 14.52 35.54
CA GLU F 88 -11.73 14.25 35.53
C GLU F 88 -12.46 15.05 36.59
N GLN F 89 -11.83 15.15 37.75
CA GLN F 89 -12.43 15.88 38.85
C GLN F 89 -12.57 17.32 38.41
N LYS F 90 -11.56 17.84 37.74
CA LYS F 90 -11.60 19.21 37.28
C LYS F 90 -12.73 19.41 36.28
N LEU F 91 -12.89 18.47 35.36
CA LEU F 91 -13.95 18.64 34.37
C LEU F 91 -15.28 18.69 35.10
N ARG F 92 -15.52 17.83 36.07
CA ARG F 92 -16.83 17.83 36.77
C ARG F 92 -17.16 19.12 37.52
N GLU F 93 -16.10 19.68 38.07
CA GLU F 93 -16.15 20.85 38.92
C GLU F 93 -16.79 22.04 38.23
N ILE F 94 -16.50 22.23 36.96
CA ILE F 94 -17.06 23.35 36.22
C ILE F 94 -18.58 23.26 36.11
N PHE F 95 -19.06 22.05 35.86
CA PHE F 95 -20.48 21.81 35.73
C PHE F 95 -21.10 22.13 37.08
N SER F 96 -20.42 21.70 38.12
CA SER F 96 -20.92 21.96 39.47
C SER F 96 -21.03 23.46 39.72
N LYS F 97 -20.01 24.17 39.25
CA LYS F 97 -19.87 25.62 39.36
C LYS F 97 -20.96 26.41 38.67
N ALA F 98 -21.48 25.90 37.56
CA ALA F 98 -22.49 26.67 36.83
C ALA F 98 -23.81 27.08 37.54
N GLU F 99 -24.37 26.20 38.36
CA GLU F 99 -25.63 26.40 39.06
C GLU F 99 -25.54 27.54 40.05
N GLU F 100 -24.44 27.65 40.78
CA GLU F 100 -24.29 28.68 41.80
C GLU F 100 -24.59 30.06 41.23
N THR F 101 -23.95 30.39 40.11
CA THR F 101 -24.14 31.68 39.45
C THR F 101 -25.20 31.65 38.37
N ALA F 102 -25.90 30.52 38.19
CA ALA F 102 -26.93 30.40 37.18
C ALA F 102 -27.95 31.54 37.30
N PRO F 103 -28.39 32.08 36.15
CA PRO F 103 -27.94 31.64 34.82
C PRO F 103 -26.46 31.95 34.57
N SER F 104 -25.73 30.95 34.07
CA SER F 104 -24.31 31.09 33.77
C SER F 104 -24.03 30.49 32.40
N ILE F 105 -22.82 30.76 31.90
CA ILE F 105 -22.40 30.30 30.58
C ILE F 105 -21.25 29.33 30.77
N ILE F 106 -21.46 28.07 30.41
CA ILE F 106 -20.36 27.10 30.36
C ILE F 106 -19.60 27.32 29.06
N PHE F 107 -18.32 27.65 29.17
CA PHE F 107 -17.54 28.17 28.06
C PHE F 107 -16.22 27.43 27.96
N ILE F 108 -16.01 26.76 26.84
CA ILE F 108 -14.74 26.11 26.52
C ILE F 108 -14.54 26.19 25.02
N ASP F 109 -13.29 26.35 24.60
CA ASP F 109 -12.99 26.56 23.20
C ASP F 109 -11.80 25.71 22.76
N GLU F 110 -11.63 25.60 21.45
CA GLU F 110 -10.53 24.88 20.84
C GLU F 110 -10.40 23.49 21.45
N ILE F 111 -11.50 22.73 21.41
CA ILE F 111 -11.57 21.44 22.07
C ILE F 111 -11.36 20.37 21.01
N ASP F 112 -10.14 19.84 20.94
CA ASP F 112 -9.89 18.51 20.43
C ASP F 112 -9.60 17.51 21.52
N SER F 113 -9.47 17.96 22.78
CA SER F 113 -8.92 17.12 23.83
C SER F 113 -9.95 16.13 24.37
N ILE F 114 -11.15 16.62 24.69
CA ILE F 114 -12.17 15.73 25.24
C ILE F 114 -12.52 14.64 24.23
N ALA F 115 -12.50 14.98 22.95
CA ALA F 115 -12.73 14.03 21.86
C ALA F 115 -11.55 14.14 20.90
N PRO F 116 -10.38 13.64 21.30
CA PRO F 116 -9.22 13.71 20.41
C PRO F 116 -9.47 13.06 19.07
N LYS F 117 -10.10 11.89 19.06
CA LYS F 117 -10.45 11.22 17.83
C LYS F 117 -11.66 10.33 18.09
N ARG F 118 -12.52 10.16 17.10
CA ARG F 118 -13.72 9.38 17.37
C ARG F 118 -13.48 7.91 17.71
N GLU F 119 -12.72 7.21 16.86
CA GLU F 119 -12.42 5.79 17.06
C GLU F 119 -10.93 5.44 17.04
N GLU F 120 -10.10 6.41 16.66
CA GLU F 120 -8.65 6.25 16.57
C GLU F 120 -7.87 6.20 17.89
N VAL F 121 -8.26 7.02 18.86
CA VAL F 121 -7.53 7.07 20.13
C VAL F 121 -8.17 6.25 21.25
N GLN F 122 -7.37 5.33 21.81
CA GLN F 122 -7.81 4.47 22.89
C GLN F 122 -7.27 4.88 24.27
N GLY F 123 -6.61 6.02 24.36
CA GLY F 123 -6.06 6.44 25.63
C GLY F 123 -7.13 6.61 26.68
N GLU F 124 -6.87 6.06 27.87
CA GLU F 124 -7.82 6.16 28.98
C GLU F 124 -8.00 7.59 29.42
N VAL F 125 -6.93 8.36 29.56
CA VAL F 125 -7.17 9.71 30.02
C VAL F 125 -8.07 10.34 28.99
N GLU F 126 -7.79 10.06 27.72
CA GLU F 126 -8.62 10.57 26.65
C GLU F 126 -10.02 9.99 26.82
N ARG F 127 -10.12 8.69 27.03
CA ARG F 127 -11.42 8.06 27.18
C ARG F 127 -12.25 8.50 28.39
N ARG F 128 -11.60 8.65 29.54
CA ARG F 128 -12.34 9.01 30.75
C ARG F 128 -13.04 10.35 30.60
N VAL F 129 -12.30 11.31 30.06
CA VAL F 129 -12.87 12.62 29.87
C VAL F 129 -14.01 12.52 28.89
N VAL F 130 -13.85 11.69 27.87
CA VAL F 130 -14.89 11.57 26.88
C VAL F 130 -16.16 11.13 27.56
N ALA F 131 -16.02 10.11 28.38
CA ALA F 131 -17.19 9.59 29.07
C ALA F 131 -17.83 10.61 29.99
N GLN F 132 -17.02 11.32 30.74
CA GLN F 132 -17.58 12.28 31.67
C GLN F 132 -18.32 13.35 30.91
N LEU F 133 -17.75 13.74 29.78
CA LEU F 133 -18.36 14.77 28.96
C LEU F 133 -19.70 14.31 28.45
N LEU F 134 -19.77 13.08 27.98
CA LEU F 134 -21.04 12.61 27.47
C LEU F 134 -22.03 12.65 28.60
N THR F 135 -21.61 12.16 29.76
CA THR F 135 -22.51 12.19 30.90
C THR F 135 -22.84 13.59 31.41
N LEU F 136 -21.84 14.46 31.57
CA LEU F 136 -22.18 15.79 32.06
C LEU F 136 -23.25 16.29 31.14
N MET F 137 -23.03 16.07 29.85
CA MET F 137 -24.07 16.45 28.91
C MET F 137 -25.31 15.79 29.47
N ASP F 138 -25.12 14.58 29.96
CA ASP F 138 -26.19 13.81 30.58
C ASP F 138 -26.52 14.47 31.90
N GLY F 139 -25.51 14.88 32.66
CA GLY F 139 -25.84 15.50 33.94
C GLY F 139 -26.53 16.84 33.81
N MET F 140 -26.44 17.47 32.63
CA MET F 140 -27.10 18.74 32.40
C MET F 140 -28.62 18.55 32.47
N LYS F 141 -29.34 19.51 33.03
CA LYS F 141 -30.78 19.37 33.13
C LYS F 141 -31.53 20.55 32.53
N GLU F 142 -32.76 20.32 32.12
CA GLU F 142 -33.54 21.34 31.41
C GLU F 142 -33.72 22.67 32.12
N ARG F 143 -33.92 22.64 33.42
CA ARG F 143 -34.11 23.88 34.15
C ARG F 143 -32.89 24.80 34.04
N GLY F 144 -31.70 24.21 34.06
CA GLY F 144 -30.48 25.00 34.03
C GLY F 144 -30.23 25.98 32.91
N HIS F 145 -29.85 27.18 33.30
CA HIS F 145 -29.50 28.22 32.36
C HIS F 145 -27.99 27.98 32.22
N VAL F 146 -27.59 26.94 31.50
CA VAL F 146 -26.17 26.61 31.29
C VAL F 146 -26.03 26.44 29.78
N ILE F 147 -25.07 27.08 29.12
CA ILE F 147 -24.92 26.89 27.66
C ILE F 147 -23.49 26.39 27.44
N VAL F 148 -23.33 25.30 26.68
CA VAL F 148 -22.01 24.69 26.42
C VAL F 148 -21.58 25.04 24.99
N ILE F 149 -20.33 25.44 24.77
CA ILE F 149 -19.85 25.83 23.45
C ILE F 149 -18.48 25.25 23.04
N GLY F 150 -18.06 25.39 21.79
CA GLY F 150 -16.78 24.82 21.44
C GLY F 150 -16.44 25.10 20.00
N ALA F 151 -15.14 25.05 19.71
CA ALA F 151 -14.62 25.24 18.36
C ALA F 151 -13.54 24.20 18.09
N THR F 152 -13.38 23.91 16.81
CA THR F 152 -12.42 22.94 16.37
C THR F 152 -12.04 23.18 14.94
N ASN F 153 -10.81 22.80 14.61
CA ASN F 153 -10.32 22.94 13.25
C ASN F 153 -11.06 22.04 12.28
N ARG F 154 -11.28 20.79 12.70
CA ARG F 154 -11.92 19.79 11.85
C ARG F 154 -13.36 19.59 12.23
N ILE F 155 -14.24 19.60 11.25
CA ILE F 155 -15.63 19.45 11.63
C ILE F 155 -15.89 18.04 12.18
N ASP F 156 -15.55 17.02 11.40
CA ASP F 156 -15.78 15.65 11.82
C ASP F 156 -14.73 15.15 12.81
N ALA F 157 -13.69 15.94 13.07
CA ALA F 157 -12.66 15.51 14.02
C ALA F 157 -13.27 15.19 15.38
N ILE F 158 -14.37 15.85 15.74
CA ILE F 158 -15.01 15.57 17.02
C ILE F 158 -15.68 14.21 16.97
N ASP F 159 -15.95 13.62 18.12
CA ASP F 159 -16.62 12.32 18.13
C ASP F 159 -17.95 12.33 17.39
N PRO F 160 -18.18 11.20 16.61
CA PRO F 160 -19.47 11.18 15.91
C PRO F 160 -20.65 11.11 16.86
N ALA F 161 -20.48 10.38 17.95
CA ALA F 161 -21.57 10.17 18.90
C ALA F 161 -22.11 11.47 19.49
N LEU F 162 -21.24 12.42 19.74
CA LEU F 162 -21.69 13.68 20.32
C LEU F 162 -22.67 14.32 19.35
N ARG F 163 -22.56 13.94 18.09
CA ARG F 163 -23.43 14.46 17.05
C ARG F 163 -24.93 14.18 17.19
N ARG F 164 -25.32 13.02 17.71
CA ARG F 164 -26.76 12.74 17.82
C ARG F 164 -27.38 13.83 18.67
N PRO F 165 -28.70 14.12 18.37
CA PRO F 165 -29.28 15.23 19.13
C PRO F 165 -29.43 14.97 20.61
N GLY F 166 -29.67 16.04 21.35
CA GLY F 166 -29.77 16.01 22.79
C GLY F 166 -28.43 16.34 23.40
N ARG F 167 -27.45 16.47 22.51
CA ARG F 167 -26.07 16.83 22.81
C ARG F 167 -25.51 17.48 21.55
N PHE F 168 -25.04 18.71 21.60
CA PHE F 168 -24.51 19.33 20.40
C PHE F 168 -25.54 19.32 19.26
N ASP F 169 -26.82 19.50 19.59
CA ASP F 169 -27.83 19.44 18.53
C ASP F 169 -27.65 20.53 17.49
N ARG F 170 -27.42 21.76 17.91
CA ARG F 170 -27.26 22.83 16.93
C ARG F 170 -25.83 23.31 16.77
N GLU F 171 -25.35 23.32 15.53
CA GLU F 171 -24.00 23.77 15.25
C GLU F 171 -23.99 24.85 14.19
N ILE F 172 -23.24 25.92 14.42
CA ILE F 172 -23.13 26.98 13.45
C ILE F 172 -21.65 27.18 13.19
N GLU F 173 -21.23 27.17 11.93
CA GLU F 173 -19.80 27.33 11.65
C GLU F 173 -19.55 28.65 10.94
N ILE F 174 -18.60 29.43 11.46
CA ILE F 174 -18.29 30.73 10.87
C ILE F 174 -17.06 30.56 10.00
N GLY F 175 -17.18 30.96 8.73
CA GLY F 175 -16.10 30.86 7.78
C GLY F 175 -15.31 32.14 7.64
N VAL F 176 -14.54 32.22 6.56
CA VAL F 176 -13.72 33.39 6.26
C VAL F 176 -14.64 34.60 6.19
N PRO F 177 -14.17 35.79 6.59
CA PRO F 177 -15.02 36.97 6.50
C PRO F 177 -15.18 37.44 5.07
N ASP F 178 -16.29 38.13 4.82
CA ASP F 178 -16.57 38.65 3.49
C ASP F 178 -15.67 39.86 3.19
N ARG F 179 -15.53 40.15 1.89
CA ARG F 179 -14.72 41.29 1.47
C ARG F 179 -15.10 42.54 2.26
N ASN F 180 -16.39 42.86 2.32
CA ASN F 180 -16.83 43.96 3.16
C ASN F 180 -16.63 43.62 4.64
N GLY F 181 -16.77 42.34 5.00
CA GLY F 181 -16.52 41.95 6.38
C GLY F 181 -15.07 42.14 6.78
N ARG F 182 -14.14 41.86 5.85
CA ARG F 182 -12.73 42.07 6.14
C ARG F 182 -12.49 43.48 6.66
N LYS F 183 -13.22 44.46 6.13
CA LYS F 183 -13.05 45.85 6.57
C LYS F 183 -13.30 45.97 8.06
N GLU F 184 -14.41 45.43 8.54
CA GLU F 184 -14.74 45.50 9.97
C GLU F 184 -13.55 45.07 10.82
N ILE F 185 -12.97 43.92 10.50
CA ILE F 185 -11.82 43.42 11.26
C ILE F 185 -10.69 44.43 11.19
N LEU F 186 -10.25 44.76 9.97
CA LEU F 186 -9.14 45.70 9.80
C LEU F 186 -9.52 47.09 10.29
N MET F 187 -10.81 47.42 10.27
CA MET F 187 -11.25 48.75 10.68
C MET F 187 -11.15 48.92 12.19
N ILE F 188 -11.64 47.94 12.95
CA ILE F 188 -11.68 48.09 14.41
C ILE F 188 -10.27 48.25 14.96
N HIS F 189 -9.35 47.37 14.56
CA HIS F 189 -7.98 47.47 15.05
C HIS F 189 -7.35 48.81 14.73
N THR F 190 -7.88 49.53 13.74
CA THR F 190 -7.36 50.86 13.43
C THR F 190 -7.53 51.83 14.59
N ARG F 191 -8.44 51.53 15.52
CA ARG F 191 -8.66 52.47 16.61
C ARG F 191 -7.39 52.70 17.39
N ASN F 192 -6.72 51.64 17.79
CA ASN F 192 -5.46 51.80 18.48
C ASN F 192 -4.49 52.32 17.45
N MET F 193 -4.63 51.78 16.25
CA MET F 193 -3.78 52.14 15.14
C MET F 193 -3.97 53.63 14.97
N PRO F 194 -2.82 54.37 14.78
CA PRO F 194 -3.03 55.81 14.63
C PRO F 194 -2.67 56.32 13.24
N LEU F 195 -3.57 57.09 12.63
CA LEU F 195 -3.31 57.65 11.30
C LEU F 195 -3.17 59.17 11.23
N GLY F 196 -3.42 59.87 12.33
CA GLY F 196 -3.25 61.31 12.34
C GLY F 196 -4.51 62.10 12.06
N MET F 197 -5.51 61.49 11.44
CA MET F 197 -6.76 62.18 11.11
C MET F 197 -7.86 61.15 10.95
N SER F 198 -9.11 61.63 11.02
CA SER F 198 -10.24 60.75 10.78
C SER F 198 -10.04 59.95 9.49
N GLU F 199 -9.59 60.63 8.44
CA GLU F 199 -9.11 59.97 7.23
C GLU F 199 -10.14 58.98 6.68
N GLU F 200 -11.36 59.50 6.44
CA GLU F 200 -12.37 58.68 5.78
C GLU F 200 -11.83 58.09 4.48
N GLU F 201 -10.92 58.80 3.81
CA GLU F 201 -10.24 58.23 2.66
C GLU F 201 -9.45 56.99 3.06
N LYS F 202 -8.64 57.08 4.12
CA LYS F 202 -7.96 55.91 4.64
C LYS F 202 -8.96 54.81 4.94
N ASN F 203 -10.06 55.16 5.63
CA ASN F 203 -11.16 54.22 5.79
C ASN F 203 -11.57 53.63 4.45
N LYS F 204 -11.78 54.50 3.46
CA LYS F 204 -11.94 54.03 2.09
C LYS F 204 -10.70 53.30 1.62
N PHE F 205 -9.52 53.79 2.02
CA PHE F 205 -8.29 53.05 1.76
C PHE F 205 -8.33 51.68 2.41
N LEU F 206 -8.67 51.63 3.70
CA LEU F 206 -8.87 50.34 4.35
C LEU F 206 -9.89 49.51 3.61
N GLU F 207 -10.92 50.16 3.06
CA GLU F 207 -11.90 49.45 2.25
C GLU F 207 -11.21 48.63 1.16
N GLU F 208 -10.36 49.28 0.37
CA GLU F 208 -9.64 48.58 -0.69
C GLU F 208 -8.53 47.70 -0.14
N MET F 209 -8.01 48.01 1.06
CA MET F 209 -6.92 47.22 1.62
C MET F 209 -7.24 45.73 1.59
N ALA F 210 -8.46 45.37 1.98
CA ALA F 210 -8.87 43.97 1.88
C ALA F 210 -9.11 43.57 0.44
N ASP F 211 -9.64 44.48 -0.39
CA ASP F 211 -9.98 44.14 -1.76
C ASP F 211 -8.76 43.73 -2.57
N TYR F 212 -7.55 44.03 -2.10
CA TYR F 212 -6.36 43.58 -2.81
C TYR F 212 -6.32 42.07 -2.94
N THR F 213 -7.04 41.34 -2.09
CA THR F 213 -7.16 39.90 -2.18
C THR F 213 -8.57 39.50 -1.82
N TYR F 214 -8.99 38.33 -2.33
CA TYR F 214 -10.33 37.83 -2.06
C TYR F 214 -10.63 37.84 -0.55
N GLY F 215 -9.63 37.53 0.25
CA GLY F 215 -9.80 37.52 1.69
C GLY F 215 -8.78 36.63 2.36
N PHE F 216 -8.78 36.68 3.68
CA PHE F 216 -7.90 35.83 4.49
C PHE F 216 -8.61 35.53 5.80
N VAL F 217 -7.87 34.91 6.72
CA VAL F 217 -8.42 34.61 8.04
C VAL F 217 -8.37 35.86 8.89
N GLY F 218 -9.33 35.96 9.81
CA GLY F 218 -9.38 37.13 10.69
C GLY F 218 -8.13 37.28 11.52
N ALA F 219 -7.69 36.19 12.17
CA ALA F 219 -6.52 36.25 13.03
C ALA F 219 -5.33 36.84 12.29
N ASP F 220 -4.98 36.25 11.14
CA ASP F 220 -3.85 36.77 10.35
C ASP F 220 -4.07 38.24 10.01
N LEU F 221 -5.29 38.59 9.61
CA LEU F 221 -5.59 39.99 9.32
C LEU F 221 -5.26 40.87 10.51
N ALA F 222 -5.78 40.53 11.69
CA ALA F 222 -5.39 41.25 12.90
C ALA F 222 -3.88 41.24 13.08
N ALA F 223 -3.20 40.22 12.55
CA ALA F 223 -1.75 40.21 12.57
C ALA F 223 -1.17 41.12 11.50
N LEU F 224 -1.85 41.23 10.36
CA LEU F 224 -1.37 42.11 9.29
C LEU F 224 -1.10 43.52 9.81
N VAL F 225 -2.06 44.09 10.53
CA VAL F 225 -1.87 45.42 11.10
C VAL F 225 -0.59 45.46 11.93
N ARG F 226 -0.28 44.35 12.61
CA ARG F 226 0.96 44.30 13.38
C ARG F 226 2.18 44.46 12.49
N GLU F 227 2.14 43.86 11.28
CA GLU F 227 3.25 44.00 10.35
C GLU F 227 3.58 45.46 10.09
N SER F 228 2.55 46.26 9.79
CA SER F 228 2.77 47.68 9.53
C SER F 228 3.49 48.35 10.70
N ALA F 229 2.95 48.20 11.91
CA ALA F 229 3.60 48.75 13.09
C ALA F 229 5.08 48.38 13.13
N MET F 230 5.37 47.09 13.23
CA MET F 230 6.75 46.63 13.24
C MET F 230 7.52 47.17 12.04
N ASN F 231 7.00 46.93 10.83
CA ASN F 231 7.69 47.36 9.62
C ASN F 231 7.83 48.88 9.59
N ALA F 232 6.71 49.59 9.71
CA ALA F 232 6.77 51.06 9.67
C ALA F 232 7.62 51.63 10.80
N LEU F 233 7.68 50.94 11.94
CA LEU F 233 8.49 51.43 13.05
C LEU F 233 9.98 51.44 12.70
N ARG F 234 10.40 50.69 11.69
CA ARG F 234 11.81 50.60 11.37
C ARG F 234 12.35 51.94 10.84
N ARG F 235 11.57 52.61 10.01
CA ARG F 235 12.04 53.89 9.46
C ARG F 235 12.32 54.93 10.55
N TYR F 236 11.43 55.02 11.53
CA TYR F 236 11.61 55.97 12.62
C TYR F 236 12.37 55.41 13.82
N LEU F 237 12.66 54.12 13.79
CA LEU F 237 13.36 53.44 14.88
C LEU F 237 14.79 53.88 15.19
N PRO F 238 15.61 54.15 14.09
CA PRO F 238 16.99 54.54 14.45
C PRO F 238 17.16 55.83 15.24
N GLU F 239 16.40 56.86 14.88
CA GLU F 239 16.48 58.16 15.54
C GLU F 239 16.34 58.07 17.05
N ILE F 240 15.75 56.98 17.57
CA ILE F 240 15.58 56.83 19.01
C ILE F 240 16.71 56.04 19.66
N ASP F 241 17.67 55.56 18.87
CA ASP F 241 18.74 54.74 19.42
C ASP F 241 19.59 55.48 20.43
N LEU F 242 19.46 56.80 20.53
CA LEU F 242 20.33 57.59 21.40
C LEU F 242 20.32 57.05 22.83
N ASP F 243 19.13 56.93 23.42
CA ASP F 243 19.01 56.46 24.79
C ASP F 243 17.79 55.55 24.90
N LYS F 244 17.72 54.82 26.02
CA LYS F 244 16.57 53.95 26.25
C LYS F 244 15.29 54.74 26.42
N PRO F 245 15.21 55.77 27.27
CA PRO F 245 13.95 56.49 27.42
C PRO F 245 13.52 57.16 26.13
N ILE F 246 12.23 57.09 25.85
CA ILE F 246 11.70 57.65 24.61
C ILE F 246 11.59 59.16 24.76
N PRO F 247 12.15 59.94 23.83
CA PRO F 247 12.09 61.40 23.97
C PRO F 247 10.67 61.90 23.83
N THR F 248 10.26 62.77 24.77
CA THR F 248 8.97 63.42 24.68
C THR F 248 8.94 64.54 23.65
N GLU F 249 10.11 65.01 23.19
CA GLU F 249 10.16 66.02 22.15
C GLU F 249 9.36 65.56 20.93
N ILE F 250 9.68 64.39 20.42
CA ILE F 250 8.91 63.75 19.36
C ILE F 250 8.18 62.57 19.98
N LEU F 251 6.87 62.70 20.13
CA LEU F 251 6.05 61.67 20.75
C LEU F 251 4.81 61.43 19.90
N GLU F 252 4.72 60.22 19.35
CA GLU F 252 3.59 59.81 18.52
C GLU F 252 3.35 60.76 17.36
N LYS F 253 4.38 61.48 16.94
CA LYS F 253 4.32 62.21 15.68
C LYS F 253 4.75 61.34 14.51
N MET F 254 5.20 60.12 14.78
CA MET F 254 5.43 59.13 13.75
C MET F 254 4.19 58.25 13.63
N VAL F 255 3.51 58.35 12.49
CA VAL F 255 2.24 57.65 12.28
C VAL F 255 2.42 56.69 11.13
N VAL F 256 1.87 55.48 11.29
CA VAL F 256 1.92 54.50 10.22
C VAL F 256 1.18 55.04 9.01
N THR F 257 1.88 55.07 7.87
CA THR F 257 1.30 55.57 6.63
C THR F 257 0.57 54.45 5.91
N GLU F 258 -0.54 54.79 5.26
CA GLU F 258 -1.30 53.80 4.50
C GLU F 258 -0.38 53.03 3.56
N ASP F 259 0.64 53.68 3.01
CA ASP F 259 1.61 52.98 2.19
C ASP F 259 2.35 51.91 2.99
N ASP F 260 2.50 52.11 4.30
CA ASP F 260 3.16 51.11 5.12
C ASP F 260 2.48 49.76 5.00
N PHE F 261 1.16 49.74 5.18
CA PHE F 261 0.39 48.52 4.96
C PHE F 261 0.69 47.95 3.58
N LYS F 262 0.57 48.78 2.54
CA LYS F 262 0.89 48.34 1.19
C LYS F 262 2.27 47.68 1.15
N ASN F 263 3.22 48.21 1.92
CA ASN F 263 4.49 47.53 2.12
C ASN F 263 4.38 46.41 3.15
N ALA F 264 3.36 46.45 4.00
CA ALA F 264 3.19 45.41 5.02
C ALA F 264 2.55 44.16 4.46
N LEU F 265 1.68 44.29 3.45
CA LEU F 265 1.00 43.12 2.89
C LEU F 265 1.98 42.02 2.50
N LYS F 266 3.19 42.39 2.09
CA LYS F 266 4.20 41.40 1.74
C LYS F 266 4.83 40.82 2.99
N SER F 267 5.35 39.59 2.84
CA SER F 267 6.12 38.96 3.90
C SER F 267 5.24 38.44 5.04
N ILE F 268 3.95 38.79 5.01
CA ILE F 268 3.03 38.33 6.07
C ILE F 268 2.48 36.94 5.81
N GLU F 269 2.83 36.32 4.68
CA GLU F 269 2.44 34.96 4.32
C GLU F 269 0.96 34.69 4.64
N PRO F 270 0.04 35.45 4.07
CA PRO F 270 -1.38 35.15 4.27
C PRO F 270 -1.81 33.87 3.56
N SER F 271 -3.12 33.63 3.50
CA SER F 271 -3.66 32.45 2.83
C SER F 271 -3.33 31.16 3.58
N SER F 272 -3.38 31.24 4.91
CA SER F 272 -3.20 30.05 5.73
C SER F 272 -4.40 29.11 5.67
N LEU F 273 -5.48 29.51 5.01
CA LEU F 273 -6.66 28.67 4.93
C LEU F 273 -6.78 27.88 3.62
N ARG F 274 -6.93 26.56 3.75
CA ARG F 274 -7.07 25.66 2.61
C ARG F 274 -8.52 25.26 2.32
N GLU F 275 -9.45 25.85 3.07
CA GLU F 275 -10.87 25.55 2.92
C GLU F 275 -11.46 26.16 1.65
N VAL F 276 -12.62 25.66 1.22
CA VAL F 276 -13.25 26.16 0.01
C VAL F 276 -13.48 27.64 0.24
N MET F 277 -13.26 28.43 -0.80
CA MET F 277 -13.37 29.88 -0.67
C MET F 277 -14.42 30.39 -1.64
N VAL F 278 -14.88 31.62 -1.40
CA VAL F 278 -15.87 32.28 -2.23
C VAL F 278 -15.28 33.60 -2.72
N GLU F 279 -15.41 33.85 -4.02
CA GLU F 279 -14.83 35.04 -4.64
C GLU F 279 -15.79 35.61 -5.65
N VAL F 280 -15.92 36.94 -5.69
CA VAL F 280 -16.78 37.60 -6.65
C VAL F 280 -15.92 38.47 -7.57
N PRO F 281 -15.79 38.12 -8.84
CA PRO F 281 -15.00 38.95 -9.76
C PRO F 281 -15.76 40.20 -10.18
N ASN F 282 -14.99 41.22 -10.55
CA ASN F 282 -15.53 42.53 -10.93
C ASN F 282 -15.71 42.69 -12.44
N VAL F 283 -15.43 41.67 -13.23
CA VAL F 283 -15.48 41.81 -14.67
C VAL F 283 -16.88 42.25 -15.12
N HIS F 284 -16.93 43.03 -16.20
CA HIS F 284 -18.17 43.52 -16.77
C HIS F 284 -18.21 43.22 -18.26
N TRP F 285 -19.43 43.09 -18.80
CA TRP F 285 -19.57 42.78 -20.22
C TRP F 285 -18.83 43.77 -21.09
N ASP F 286 -18.75 45.03 -20.66
CA ASP F 286 -17.95 46.00 -21.41
C ASP F 286 -16.56 45.47 -21.71
N ASP F 287 -16.01 44.67 -20.79
CA ASP F 287 -14.75 43.98 -21.02
C ASP F 287 -14.88 42.82 -21.99
N ILE F 288 -16.08 42.50 -22.45
CA ILE F 288 -16.32 41.38 -23.35
C ILE F 288 -16.62 41.93 -24.72
N GLY F 289 -15.69 41.74 -25.66
CA GLY F 289 -15.91 42.18 -27.02
C GLY F 289 -16.69 41.16 -27.83
N GLY F 290 -17.55 41.66 -28.72
CA GLY F 290 -18.31 40.77 -29.56
C GLY F 290 -19.18 39.82 -28.76
N LEU F 291 -19.66 38.79 -29.46
CA LEU F 291 -20.45 37.72 -28.85
C LEU F 291 -21.77 38.23 -28.30
N GLU F 292 -22.37 39.21 -28.97
CA GLU F 292 -23.62 39.79 -28.48
C GLU F 292 -24.69 38.71 -28.30
N ASP F 293 -24.69 37.69 -29.16
CA ASP F 293 -25.71 36.66 -29.07
C ASP F 293 -25.55 35.82 -27.80
N VAL F 294 -24.33 35.31 -27.58
CA VAL F 294 -24.13 34.38 -26.46
C VAL F 294 -24.40 35.09 -25.14
N LYS F 295 -23.79 36.26 -24.92
CA LYS F 295 -24.00 36.98 -23.68
C LYS F 295 -25.49 37.22 -23.44
N ARG F 296 -26.18 37.76 -24.45
CA ARG F 296 -27.61 38.02 -24.30
C ARG F 296 -28.36 36.73 -23.96
N GLU F 297 -28.00 35.62 -24.61
CA GLU F 297 -28.67 34.37 -24.32
C GLU F 297 -28.15 33.73 -23.04
N ILE F 298 -26.83 33.73 -22.84
CA ILE F 298 -26.27 33.13 -21.63
C ILE F 298 -26.81 33.84 -20.40
N LYS F 299 -26.92 35.17 -20.46
CA LYS F 299 -27.45 35.92 -19.33
C LYS F 299 -28.88 35.48 -19.02
N GLU F 300 -29.76 35.52 -20.02
CA GLU F 300 -31.14 35.10 -19.80
C GLU F 300 -31.21 33.65 -19.34
N THR F 301 -30.20 32.84 -19.66
CA THR F 301 -30.21 31.45 -19.22
C THR F 301 -29.87 31.35 -17.74
N VAL F 302 -28.80 32.03 -17.30
CA VAL F 302 -28.41 31.98 -15.90
C VAL F 302 -29.28 32.91 -15.07
N GLU F 303 -29.47 34.14 -15.54
CA GLU F 303 -30.15 35.15 -14.73
C GLU F 303 -31.61 34.78 -14.49
N LEU F 304 -32.30 34.33 -15.53
CA LEU F 304 -33.74 34.05 -15.46
C LEU F 304 -34.05 33.13 -14.28
N PRO F 305 -33.46 31.93 -14.22
CA PRO F 305 -33.84 30.99 -13.16
C PRO F 305 -33.63 31.53 -11.75
N LEU F 306 -32.50 32.19 -11.50
CA LEU F 306 -32.23 32.69 -10.16
C LEU F 306 -33.01 33.97 -9.87
N LEU F 307 -33.00 34.92 -10.81
CA LEU F 307 -33.61 36.22 -10.57
C LEU F 307 -35.12 36.16 -10.71
N LYS F 308 -35.64 35.40 -11.67
CA LYS F 308 -37.06 35.34 -11.95
C LYS F 308 -37.55 33.90 -11.95
N PRO F 309 -37.43 33.20 -10.82
CA PRO F 309 -37.92 31.82 -10.77
C PRO F 309 -39.41 31.71 -11.00
N ASP F 310 -40.20 32.62 -10.41
CA ASP F 310 -41.65 32.52 -10.52
C ASP F 310 -42.11 32.55 -11.97
N VAL F 311 -41.70 33.58 -12.73
CA VAL F 311 -42.11 33.68 -14.12
C VAL F 311 -41.63 32.48 -14.93
N PHE F 312 -40.60 31.78 -14.45
CA PHE F 312 -40.15 30.58 -15.12
C PHE F 312 -41.05 29.39 -14.84
N LYS F 313 -41.75 29.40 -13.70
CA LYS F 313 -42.62 28.30 -13.34
C LYS F 313 -43.94 28.33 -14.11
N ARG F 314 -44.39 29.51 -14.53
CA ARG F 314 -45.67 29.61 -15.23
C ARG F 314 -45.66 28.77 -16.50
N LEU F 315 -44.50 28.60 -17.13
CA LEU F 315 -44.43 27.71 -18.28
C LEU F 315 -44.58 26.25 -17.87
N GLY F 316 -43.76 25.80 -16.92
CA GLY F 316 -43.82 24.45 -16.40
C GLY F 316 -42.69 23.54 -16.83
N ILE F 317 -41.89 23.94 -17.82
CA ILE F 317 -40.76 23.11 -18.21
C ILE F 317 -39.75 23.03 -17.06
N ARG F 318 -39.00 21.95 -17.03
CA ARG F 318 -38.02 21.74 -15.97
C ARG F 318 -37.01 22.88 -15.98
N PRO F 319 -36.57 23.34 -14.81
CA PRO F 319 -35.47 24.31 -14.77
C PRO F 319 -34.14 23.65 -15.13
N SER F 320 -33.16 24.49 -15.44
CA SER F 320 -31.86 24.03 -15.92
C SER F 320 -30.91 23.79 -14.76
N LYS F 321 -30.23 22.65 -14.78
CA LYS F 321 -29.21 22.39 -13.78
C LYS F 321 -27.91 23.09 -14.14
N GLY F 322 -27.77 23.51 -15.39
CA GLY F 322 -26.56 24.20 -15.80
C GLY F 322 -26.29 23.95 -17.28
N PHE F 323 -25.11 24.37 -17.70
CA PHE F 323 -24.69 24.21 -19.09
C PHE F 323 -23.17 24.23 -19.15
N LEU F 324 -22.65 23.76 -20.27
CA LEU F 324 -21.21 23.62 -20.49
C LEU F 324 -20.77 24.52 -21.63
N LEU F 325 -19.52 24.99 -21.54
CA LEU F 325 -18.93 25.84 -22.56
C LEU F 325 -17.76 25.14 -23.22
N TYR F 326 -17.71 25.21 -24.54
CA TYR F 326 -16.65 24.55 -25.30
C TYR F 326 -16.31 25.40 -26.51
N GLY F 327 -15.02 25.48 -26.84
CA GLY F 327 -14.54 26.28 -27.94
C GLY F 327 -13.03 26.34 -27.98
N PRO F 328 -12.49 27.02 -28.99
CA PRO F 328 -11.04 27.13 -29.12
C PRO F 328 -10.42 27.77 -27.90
N PRO F 329 -9.25 27.30 -27.47
CA PRO F 329 -8.59 27.91 -26.32
C PRO F 329 -8.38 29.40 -26.54
N GLY F 330 -8.76 30.19 -25.55
CA GLY F 330 -8.62 31.62 -25.63
C GLY F 330 -9.84 32.38 -26.08
N VAL F 331 -10.98 31.72 -26.26
CA VAL F 331 -12.21 32.42 -26.63
C VAL F 331 -12.78 33.22 -25.48
N GLY F 332 -12.22 33.09 -24.28
CA GLY F 332 -12.68 33.84 -23.13
C GLY F 332 -13.61 33.12 -22.19
N LYS F 333 -13.67 31.78 -22.25
CA LYS F 333 -14.54 31.05 -21.34
C LYS F 333 -14.31 31.50 -19.90
N THR F 334 -13.07 31.44 -19.43
CA THR F 334 -12.75 31.91 -18.10
C THR F 334 -13.22 33.34 -17.88
N LEU F 335 -13.21 34.15 -18.94
CA LEU F 335 -13.65 35.53 -18.81
C LEU F 335 -15.17 35.66 -18.83
N LEU F 336 -15.83 34.90 -19.70
CA LEU F 336 -17.29 34.98 -19.79
C LEU F 336 -17.95 34.59 -18.47
N ALA F 337 -17.65 33.40 -17.97
CA ALA F 337 -18.29 32.91 -16.75
C ALA F 337 -18.20 33.95 -15.64
N LYS F 338 -17.00 34.47 -15.38
CA LYS F 338 -16.85 35.50 -14.37
C LYS F 338 -17.78 36.68 -14.63
N ALA F 339 -17.99 37.01 -15.90
CA ALA F 339 -18.85 38.13 -16.23
C ALA F 339 -20.28 37.90 -15.75
N VAL F 340 -20.88 36.80 -16.19
CA VAL F 340 -22.24 36.50 -15.79
C VAL F 340 -22.32 36.32 -14.28
N ALA F 341 -21.36 35.61 -13.72
CA ALA F 341 -21.34 35.40 -12.27
C ALA F 341 -21.13 36.74 -11.57
N THR F 342 -20.21 37.54 -12.10
CA THR F 342 -19.90 38.86 -11.54
C THR F 342 -21.09 39.80 -11.63
N GLU F 343 -21.78 39.79 -12.76
CA GLU F 343 -22.93 40.67 -12.96
C GLU F 343 -24.03 40.32 -11.96
N SER F 344 -24.25 39.02 -11.77
CA SER F 344 -25.27 38.56 -10.84
C SER F 344 -24.82 38.78 -9.41
N ASN F 345 -25.73 39.23 -8.55
CA ASN F 345 -25.42 39.45 -7.15
C ASN F 345 -25.04 38.14 -6.47
N ALA F 346 -25.76 37.09 -6.83
CA ALA F 346 -25.54 35.75 -6.28
C ALA F 346 -24.06 35.49 -6.11
N ASN F 347 -23.71 34.79 -5.03
CA ASN F 347 -22.32 34.50 -4.75
C ASN F 347 -21.72 33.63 -5.85
N PHE F 348 -20.41 33.75 -6.03
CA PHE F 348 -19.69 33.01 -7.06
C PHE F 348 -18.73 32.04 -6.42
N ILE F 349 -18.45 30.94 -7.13
CA ILE F 349 -17.49 29.94 -6.71
C ILE F 349 -16.59 29.62 -7.90
N SER F 350 -15.30 29.48 -7.65
CA SER F 350 -14.36 29.18 -8.72
C SER F 350 -13.70 27.81 -8.57
N ILE F 351 -13.76 27.02 -9.64
CA ILE F 351 -13.16 25.69 -9.64
C ILE F 351 -12.17 25.55 -10.78
N LYS F 352 -10.98 25.05 -10.47
CA LYS F 352 -9.93 24.87 -11.47
C LYS F 352 -9.57 23.39 -11.58
N GLY F 353 -9.48 22.89 -12.80
CA GLY F 353 -9.16 21.50 -13.00
C GLY F 353 -7.80 21.16 -12.44
N PRO F 354 -6.79 22.09 -12.67
CA PRO F 354 -5.48 21.72 -12.08
C PRO F 354 -5.58 21.67 -10.57
N GLU F 355 -6.23 22.70 -10.02
CA GLU F 355 -6.39 22.87 -8.58
C GLU F 355 -7.20 21.79 -7.87
N VAL F 356 -8.22 21.26 -8.53
CA VAL F 356 -9.00 20.20 -7.91
C VAL F 356 -8.17 18.95 -7.63
N LEU F 357 -7.31 18.55 -8.56
CA LEU F 357 -6.44 17.44 -8.25
C LEU F 357 -5.47 18.00 -7.19
N SER F 358 -5.02 19.20 -7.52
CA SER F 358 -4.06 20.04 -6.81
C SER F 358 -4.35 20.65 -5.44
N LYS F 359 -5.58 21.10 -5.24
CA LYS F 359 -5.94 21.82 -4.03
C LYS F 359 -5.71 21.08 -2.71
N TRP F 360 -6.04 19.79 -2.65
CA TRP F 360 -5.80 19.03 -1.43
C TRP F 360 -4.91 17.85 -1.71
N VAL F 361 -4.86 16.90 -0.77
CA VAL F 361 -4.03 15.72 -0.92
C VAL F 361 -4.51 15.06 -2.18
N GLY F 362 -5.81 15.12 -2.37
CA GLY F 362 -6.40 14.58 -3.58
C GLY F 362 -6.60 13.09 -3.41
N GLU F 363 -6.20 12.56 -2.26
CA GLU F 363 -6.40 11.15 -1.99
C GLU F 363 -7.91 10.98 -2.02
N SER F 364 -8.59 11.98 -1.47
CA SER F 364 -10.02 12.04 -1.46
C SER F 364 -10.36 13.19 -2.40
N GLU F 365 -11.23 12.94 -3.36
CA GLU F 365 -11.66 13.96 -4.30
C GLU F 365 -12.92 14.62 -3.73
N LYS F 366 -13.21 14.32 -2.48
CA LYS F 366 -14.39 14.81 -1.84
C LYS F 366 -14.39 16.31 -1.90
N ALA F 367 -13.25 16.97 -1.68
CA ALA F 367 -13.40 18.41 -1.79
C ALA F 367 -14.58 18.78 -2.68
N ILE F 368 -14.69 18.13 -3.85
CA ILE F 368 -15.74 18.48 -4.80
C ILE F 368 -17.11 18.29 -4.14
N ARG F 369 -17.33 17.14 -3.50
CA ARG F 369 -18.56 16.94 -2.77
C ARG F 369 -18.77 18.02 -1.72
N GLU F 370 -17.69 18.55 -1.16
CA GLU F 370 -17.80 19.66 -0.23
C GLU F 370 -18.14 20.95 -0.94
N ILE F 371 -17.77 21.07 -2.22
CA ILE F 371 -18.00 22.31 -2.96
C ILE F 371 -19.48 22.65 -2.94
N PHE F 372 -20.33 21.74 -3.42
CA PHE F 372 -21.75 22.02 -3.46
C PHE F 372 -22.30 22.32 -2.07
N LYS F 373 -21.88 21.53 -1.07
CA LYS F 373 -22.30 21.81 0.30
C LYS F 373 -22.02 23.26 0.67
N LYS F 374 -20.78 23.70 0.46
CA LYS F 374 -20.48 25.12 0.63
C LYS F 374 -21.25 25.97 -0.36
N ALA F 375 -21.52 25.44 -1.56
CA ALA F 375 -22.28 26.19 -2.55
C ALA F 375 -23.77 26.22 -2.19
N LYS F 376 -24.34 25.06 -1.88
CA LYS F 376 -25.75 25.01 -1.54
C LYS F 376 -26.08 25.96 -0.39
N GLN F 377 -25.29 25.91 0.67
CA GLN F 377 -25.53 26.77 1.82
C GLN F 377 -25.43 28.24 1.41
N VAL F 378 -24.50 28.57 0.51
CA VAL F 378 -24.28 29.97 0.12
C VAL F 378 -25.21 30.40 -1.01
N ALA F 379 -26.09 29.52 -1.48
CA ALA F 379 -27.00 29.86 -2.57
C ALA F 379 -27.88 31.05 -2.19
N PRO F 380 -28.42 31.74 -3.21
CA PRO F 380 -28.21 31.43 -4.62
C PRO F 380 -26.80 31.73 -5.10
N ALA F 381 -26.20 30.80 -5.84
CA ALA F 381 -24.86 30.98 -6.38
C ALA F 381 -24.67 30.07 -7.57
N ILE F 382 -23.69 30.39 -8.40
CA ILE F 382 -23.37 29.62 -9.59
C ILE F 382 -21.97 29.05 -9.44
N VAL F 383 -21.88 27.72 -9.41
CA VAL F 383 -20.59 27.05 -9.32
C VAL F 383 -19.97 26.98 -10.71
N PHE F 384 -18.65 27.15 -10.77
CA PHE F 384 -17.92 27.14 -12.04
C PHE F 384 -16.82 26.10 -11.98
N LEU F 385 -16.70 25.31 -13.03
CA LEU F 385 -15.66 24.31 -13.17
C LEU F 385 -14.93 24.54 -14.48
N ASP F 386 -13.62 24.79 -14.39
CA ASP F 386 -12.79 25.05 -15.57
C ASP F 386 -11.89 23.85 -15.83
N GLU F 387 -11.65 23.58 -17.10
CA GLU F 387 -10.95 22.36 -17.53
C GLU F 387 -11.60 21.13 -16.91
N ILE F 388 -12.92 21.03 -17.08
CA ILE F 388 -13.65 19.89 -16.54
C ILE F 388 -13.09 18.58 -17.07
N ASP F 389 -12.44 18.61 -18.24
CA ASP F 389 -11.85 17.39 -18.79
C ASP F 389 -10.82 16.80 -17.84
N SER F 390 -9.85 17.61 -17.41
CA SER F 390 -8.83 17.12 -16.50
C SER F 390 -9.44 16.49 -15.26
N ILE F 391 -10.48 17.17 -14.78
CA ILE F 391 -11.27 16.80 -13.62
C ILE F 391 -12.06 15.55 -13.92
N ALA F 392 -12.61 15.52 -15.12
CA ALA F 392 -13.43 14.40 -15.53
C ALA F 392 -12.99 13.91 -16.88
N PRO F 393 -11.76 13.29 -16.91
CA PRO F 393 -11.36 12.80 -18.22
C PRO F 393 -12.22 11.61 -18.52
N ARG F 394 -12.21 11.11 -19.75
CA ARG F 394 -12.98 9.92 -20.06
C ARG F 394 -12.40 8.84 -19.15
N ARG F 395 -13.24 7.93 -18.69
CA ARG F 395 -12.82 6.88 -17.75
C ARG F 395 -11.74 5.92 -18.25
N GLY F 396 -11.84 5.50 -19.49
CA GLY F 396 -10.86 4.57 -20.04
C GLY F 396 -9.44 5.06 -20.14
N THR F 397 -9.27 6.32 -20.53
CA THR F 397 -7.94 6.90 -20.72
C THR F 397 -7.00 6.97 -19.53
N THR F 398 -7.50 7.32 -18.35
CA THR F 398 -6.63 7.44 -17.20
C THR F 398 -6.76 6.32 -16.19
N SER F 399 -5.65 5.63 -15.95
CA SER F 399 -5.62 4.53 -14.99
C SER F 399 -5.33 5.06 -13.59
N ASP F 400 -6.26 5.82 -13.03
CA ASP F 400 -6.06 6.36 -11.69
C ASP F 400 -7.33 6.41 -10.85
N SER F 401 -7.17 6.26 -9.54
CA SER F 401 -8.28 6.29 -8.61
C SER F 401 -8.80 7.71 -8.49
N GLY F 402 -7.88 8.66 -8.47
CA GLY F 402 -8.23 10.06 -8.32
C GLY F 402 -9.11 10.60 -9.43
N VAL F 403 -8.84 10.18 -10.66
CA VAL F 403 -9.62 10.67 -11.78
C VAL F 403 -11.05 10.16 -11.88
N THR F 404 -11.27 8.88 -11.63
CA THR F 404 -12.60 8.29 -11.75
C THR F 404 -13.38 8.12 -10.45
N GLU F 405 -12.66 7.66 -9.45
CA GLU F 405 -13.20 7.34 -8.15
C GLU F 405 -13.47 8.58 -7.32
N ARG F 406 -12.50 9.48 -7.26
CA ARG F 406 -12.69 10.72 -6.52
C ARG F 406 -13.64 11.70 -7.15
N ILE F 407 -13.60 11.83 -8.47
CA ILE F 407 -14.42 12.84 -9.11
C ILE F 407 -15.49 12.54 -10.19
N VAL F 408 -15.14 11.83 -11.25
CA VAL F 408 -16.15 11.62 -12.30
C VAL F 408 -17.35 10.91 -11.76
N ASN F 409 -17.13 9.87 -10.99
CA ASN F 409 -18.24 9.17 -10.40
C ASN F 409 -18.88 10.10 -9.41
N GLN F 410 -18.05 10.82 -8.66
CA GLN F 410 -18.56 11.74 -7.68
C GLN F 410 -19.38 12.82 -8.34
N LEU F 411 -18.94 13.26 -9.51
CA LEU F 411 -19.63 14.35 -10.20
C LEU F 411 -21.06 14.09 -10.59
N LEU F 412 -21.37 12.91 -11.10
CA LEU F 412 -22.75 12.66 -11.50
C LEU F 412 -23.66 12.76 -10.30
N THR F 413 -23.23 12.23 -9.17
CA THR F 413 -24.06 12.28 -7.99
C THR F 413 -24.31 13.71 -7.53
N SER F 414 -23.28 14.55 -7.59
CA SER F 414 -23.44 15.92 -7.15
C SER F 414 -24.45 16.71 -7.97
N LEU F 415 -24.47 16.51 -9.28
CA LEU F 415 -25.39 17.25 -10.12
C LEU F 415 -26.85 17.01 -9.77
N ASP F 416 -27.19 15.77 -9.50
CA ASP F 416 -28.56 15.44 -9.16
C ASP F 416 -28.96 16.15 -7.90
N GLY F 417 -28.04 16.25 -6.96
CA GLY F 417 -28.33 16.90 -5.70
C GLY F 417 -28.74 18.33 -5.89
N ILE F 418 -28.08 19.04 -6.80
CA ILE F 418 -28.45 20.43 -7.00
C ILE F 418 -29.89 20.49 -7.49
N GLU F 419 -30.61 21.51 -7.06
CA GLU F 419 -32.01 21.67 -7.43
C GLU F 419 -32.33 23.04 -8.02
N VAL F 420 -33.38 23.09 -8.84
CA VAL F 420 -33.77 24.33 -9.49
C VAL F 420 -34.12 25.38 -8.46
N MET F 421 -34.86 24.99 -7.43
CA MET F 421 -35.21 25.96 -6.40
C MET F 421 -33.89 26.40 -5.80
N ASN F 422 -33.02 25.43 -5.61
CA ASN F 422 -31.69 25.70 -5.07
C ASN F 422 -31.12 26.74 -6.02
N GLY F 423 -30.40 27.72 -5.50
CA GLY F 423 -29.89 28.74 -6.38
C GLY F 423 -28.57 28.37 -7.04
N VAL F 424 -28.17 27.10 -6.92
CA VAL F 424 -26.91 26.65 -7.47
C VAL F 424 -27.05 26.42 -8.96
N VAL F 425 -25.99 26.72 -9.70
CA VAL F 425 -25.94 26.51 -11.14
C VAL F 425 -24.53 26.12 -11.52
N VAL F 426 -24.39 25.21 -12.48
CA VAL F 426 -23.10 24.67 -12.90
C VAL F 426 -22.82 25.18 -14.30
N ILE F 427 -21.72 25.92 -14.45
CA ILE F 427 -21.26 26.41 -15.75
C ILE F 427 -19.88 25.84 -15.99
N GLY F 428 -19.78 24.91 -16.93
CA GLY F 428 -18.52 24.30 -17.29
C GLY F 428 -17.87 24.94 -18.51
N ALA F 429 -16.55 24.82 -18.58
CA ALA F 429 -15.80 25.20 -19.77
C ALA F 429 -14.59 24.29 -19.89
N THR F 430 -14.30 23.86 -21.12
CA THR F 430 -13.14 23.02 -21.36
C THR F 430 -12.76 23.09 -22.83
N ASN F 431 -11.51 22.75 -23.11
CA ASN F 431 -11.01 22.82 -24.49
C ASN F 431 -11.71 21.81 -25.38
N ARG F 432 -11.69 20.54 -25.00
CA ARG F 432 -12.26 19.46 -25.82
C ARG F 432 -13.43 18.82 -25.09
N PRO F 433 -14.66 19.01 -25.56
CA PRO F 433 -15.80 18.32 -24.93
C PRO F 433 -15.65 16.81 -24.93
N ASP F 434 -15.17 16.24 -26.04
CA ASP F 434 -15.09 14.79 -26.15
C ASP F 434 -14.18 14.20 -25.08
N ILE F 435 -13.14 14.91 -24.69
CA ILE F 435 -12.19 14.37 -23.72
C ILE F 435 -12.89 14.00 -22.43
N MET F 436 -13.84 14.82 -21.99
CA MET F 436 -14.56 14.51 -20.77
C MET F 436 -15.48 13.31 -20.99
N ASP F 437 -15.82 12.64 -19.89
CA ASP F 437 -16.69 11.49 -19.95
C ASP F 437 -18.01 11.86 -20.63
N PRO F 438 -18.40 11.15 -21.69
CA PRO F 438 -19.69 11.45 -22.33
C PRO F 438 -20.84 11.35 -21.36
N ALA F 439 -20.63 10.66 -20.23
CA ALA F 439 -21.67 10.52 -19.22
C ALA F 439 -22.19 11.87 -18.75
N LEU F 440 -21.38 12.93 -18.86
CA LEU F 440 -21.83 14.24 -18.41
C LEU F 440 -22.82 14.88 -19.38
N LEU F 441 -22.85 14.45 -20.63
CA LEU F 441 -23.79 15.01 -21.59
C LEU F 441 -25.16 14.33 -21.55
N ARG F 442 -25.36 13.36 -20.66
CA ARG F 442 -26.66 12.74 -20.52
C ARG F 442 -27.72 13.79 -20.18
N ALA F 443 -28.94 13.56 -20.67
CA ALA F 443 -30.01 14.51 -20.46
C ALA F 443 -30.21 14.80 -18.98
N GLY F 444 -30.41 16.08 -18.66
CA GLY F 444 -30.65 16.52 -17.30
C GLY F 444 -29.40 16.88 -16.52
N ARG F 445 -28.24 16.33 -16.89
CA ARG F 445 -27.00 16.70 -16.24
C ARG F 445 -26.49 18.05 -16.72
N PHE F 446 -26.41 18.23 -18.04
CA PHE F 446 -26.13 19.52 -18.66
C PHE F 446 -27.13 19.68 -19.81
N ASP F 447 -28.02 20.67 -19.68
CA ASP F 447 -29.11 20.82 -20.64
C ASP F 447 -28.57 21.08 -22.04
N LYS F 448 -27.78 22.13 -22.20
CA LYS F 448 -27.28 22.54 -23.50
C LYS F 448 -25.77 22.70 -23.45
N LEU F 449 -25.16 22.70 -24.63
CA LEU F 449 -23.74 22.97 -24.79
C LEU F 449 -23.60 24.19 -25.68
N ILE F 450 -23.14 25.30 -25.10
CA ILE F 450 -23.03 26.56 -25.81
C ILE F 450 -21.62 26.68 -26.35
N TYR F 451 -21.48 26.64 -27.67
CA TYR F 451 -20.19 26.82 -28.31
C TYR F 451 -19.85 28.30 -28.43
N ILE F 452 -18.59 28.63 -28.21
CA ILE F 452 -18.11 30.00 -28.33
C ILE F 452 -17.28 30.10 -29.61
N PRO F 453 -17.77 30.77 -30.65
CA PRO F 453 -17.00 30.87 -31.87
C PRO F 453 -15.82 31.80 -31.68
N PRO F 454 -14.72 31.59 -32.41
CA PRO F 454 -13.58 32.48 -32.30
C PRO F 454 -13.98 33.91 -32.62
N PRO F 455 -13.22 34.89 -32.14
CA PRO F 455 -13.59 36.29 -32.37
C PRO F 455 -13.61 36.61 -33.86
N ASP F 456 -14.69 37.22 -34.31
CA ASP F 456 -14.83 37.58 -35.71
C ASP F 456 -14.09 38.88 -36.02
N LYS F 457 -13.56 38.96 -37.24
CA LYS F 457 -12.92 40.19 -37.69
C LYS F 457 -13.79 41.40 -37.42
N GLU F 458 -15.07 41.32 -37.79
CA GLU F 458 -16.00 42.39 -37.45
C GLU F 458 -16.08 42.57 -35.94
N ALA F 459 -16.10 41.46 -35.20
CA ALA F 459 -16.06 41.55 -33.75
C ALA F 459 -14.69 42.00 -33.25
N ARG F 460 -13.63 41.67 -34.01
CA ARG F 460 -12.30 42.12 -33.63
C ARG F 460 -12.27 43.62 -33.37
N LEU F 461 -12.99 44.38 -34.20
CA LEU F 461 -13.03 45.83 -34.03
C LEU F 461 -13.42 46.20 -32.60
N SER F 462 -14.37 45.46 -32.02
CA SER F 462 -14.75 45.71 -30.64
C SER F 462 -13.76 45.08 -29.66
N ILE F 463 -13.32 43.85 -29.94
CA ILE F 463 -12.45 43.15 -29.01
C ILE F 463 -11.20 43.96 -28.71
N LEU F 464 -10.71 44.71 -29.70
CA LEU F 464 -9.42 45.39 -29.55
C LEU F 464 -9.54 46.63 -28.66
N LYS F 465 -10.56 47.46 -28.90
CA LYS F 465 -10.70 48.69 -28.14
C LYS F 465 -10.87 48.40 -26.65
N VAL F 466 -11.77 47.47 -26.32
CA VAL F 466 -12.04 47.16 -24.92
C VAL F 466 -10.77 46.82 -24.16
N HIS F 467 -9.85 46.10 -24.80
CA HIS F 467 -8.64 45.68 -24.11
C HIS F 467 -7.62 46.81 -24.01
N THR F 468 -7.49 47.62 -25.07
CA THR F 468 -6.51 48.68 -25.09
C THR F 468 -7.01 49.97 -24.46
N LYS F 469 -8.24 50.00 -23.95
CA LYS F 469 -8.77 51.22 -23.36
C LYS F 469 -7.81 51.80 -22.33
N ASN F 470 -7.20 50.94 -21.51
CA ASN F 470 -6.19 51.41 -20.57
C ASN F 470 -4.90 51.81 -21.28
N MET F 471 -4.65 51.26 -22.46
CA MET F 471 -3.42 51.54 -23.19
C MET F 471 -3.49 52.90 -23.86
N PRO F 472 -2.47 53.75 -23.70
CA PRO F 472 -2.42 54.98 -24.49
C PRO F 472 -2.16 54.66 -25.96
N LEU F 473 -2.91 55.33 -26.84
CA LEU F 473 -2.88 55.04 -28.25
C LEU F 473 -2.49 56.28 -29.03
N ALA F 474 -2.04 56.07 -30.27
CA ALA F 474 -1.61 57.17 -31.12
C ALA F 474 -2.78 57.73 -31.92
N PRO F 475 -2.71 59.00 -32.32
CA PRO F 475 -3.80 59.56 -33.12
C PRO F 475 -3.91 58.93 -34.50
N ASP F 476 -2.77 58.61 -35.13
CA ASP F 476 -2.80 58.05 -36.48
C ASP F 476 -3.18 56.57 -36.45
N VAL F 477 -2.70 55.83 -35.45
CA VAL F 477 -2.94 54.39 -35.41
C VAL F 477 -4.43 54.11 -35.38
N ASP F 478 -4.87 53.16 -36.20
CA ASP F 478 -6.26 52.73 -36.27
C ASP F 478 -6.35 51.26 -35.88
N LEU F 479 -7.41 50.92 -35.13
CA LEU F 479 -7.56 49.56 -34.66
C LEU F 479 -8.14 48.65 -35.74
N ASN F 480 -9.15 49.13 -36.49
CA ASN F 480 -9.82 48.29 -37.46
C ASN F 480 -8.88 47.74 -38.52
N ASP F 481 -7.72 48.37 -38.72
CA ASP F 481 -6.79 47.90 -39.74
C ASP F 481 -6.40 46.44 -39.51
N ILE F 482 -5.91 46.14 -38.31
CA ILE F 482 -5.50 44.77 -38.00
C ILE F 482 -6.67 43.81 -38.11
N ALA F 483 -7.88 44.28 -37.80
CA ALA F 483 -9.05 43.41 -37.89
C ALA F 483 -9.27 42.94 -39.32
N GLN F 484 -9.33 43.86 -40.28
CA GLN F 484 -9.53 43.52 -41.67
C GLN F 484 -8.38 42.69 -42.24
N ARG F 485 -7.25 42.61 -41.54
CA ARG F 485 -6.09 41.90 -42.07
C ARG F 485 -6.21 40.39 -41.92
N THR F 486 -6.66 39.91 -40.76
CA THR F 486 -6.57 38.50 -40.42
C THR F 486 -7.83 38.02 -39.73
N GLU F 487 -8.37 36.90 -40.20
CA GLU F 487 -9.57 36.30 -39.64
C GLU F 487 -9.27 35.17 -38.65
N GLY F 488 -8.01 34.86 -38.39
CA GLY F 488 -7.67 33.65 -37.66
C GLY F 488 -7.29 33.79 -36.21
N TYR F 489 -7.13 35.02 -35.72
CA TYR F 489 -6.66 35.24 -34.35
C TYR F 489 -7.81 35.16 -33.36
N VAL F 490 -7.53 34.56 -32.20
CA VAL F 490 -8.51 34.43 -31.12
C VAL F 490 -8.45 35.70 -30.29
N GLY F 491 -9.12 35.70 -29.14
CA GLY F 491 -8.95 36.78 -28.19
C GLY F 491 -7.70 36.62 -27.36
N ALA F 492 -7.36 35.38 -27.02
CA ALA F 492 -6.22 35.13 -26.16
C ALA F 492 -4.91 35.49 -26.85
N ASP F 493 -4.77 35.15 -28.13
CA ASP F 493 -3.56 35.52 -28.86
C ASP F 493 -3.48 37.03 -29.04
N LEU F 494 -4.56 37.65 -29.52
CA LEU F 494 -4.57 39.10 -29.62
C LEU F 494 -4.29 39.74 -28.27
N GLU F 495 -4.67 39.08 -27.18
CA GLU F 495 -4.25 39.51 -25.85
C GLU F 495 -2.76 39.80 -25.83
N ASN F 496 -1.96 38.76 -26.06
CA ASN F 496 -0.51 38.96 -26.15
C ASN F 496 -0.14 39.88 -27.31
N LEU F 497 -0.94 39.87 -28.38
CA LEU F 497 -0.64 40.72 -29.53
C LEU F 497 -0.53 42.17 -29.10
N CYS F 498 -1.59 42.72 -28.52
CA CYS F 498 -1.50 44.06 -27.93
C CYS F 498 -0.37 44.11 -26.93
N ARG F 499 -0.15 43.00 -26.21
CA ARG F 499 0.97 42.94 -25.28
C ARG F 499 2.29 43.18 -25.98
N GLU F 500 2.61 42.34 -26.97
CA GLU F 500 3.89 42.47 -27.66
C GLU F 500 4.05 43.85 -28.29
N ALA F 501 2.94 44.47 -28.71
CA ALA F 501 3.01 45.81 -29.29
C ALA F 501 3.74 46.76 -28.35
N GLY F 502 3.39 46.72 -27.06
CA GLY F 502 4.09 47.55 -26.09
C GLY F 502 5.59 47.33 -26.13
N MET F 503 6.02 46.07 -26.17
CA MET F 503 7.44 45.79 -26.28
C MET F 503 8.03 46.42 -27.53
N ASN F 504 7.37 46.25 -28.67
CA ASN F 504 7.83 46.87 -29.91
C ASN F 504 7.96 48.38 -29.73
N ALA F 505 6.88 49.03 -29.32
CA ALA F 505 6.94 50.47 -29.06
C ALA F 505 8.01 50.80 -28.04
N TYR F 506 8.14 49.97 -27.01
CA TYR F 506 9.18 50.20 -26.01
C TYR F 506 10.57 49.95 -26.58
N ARG F 507 10.70 48.98 -27.48
CA ARG F 507 12.02 48.62 -28.01
C ARG F 507 12.65 49.81 -28.73
N GLU F 508 11.87 50.49 -29.57
CA GLU F 508 12.39 51.66 -30.28
C GLU F 508 12.76 52.77 -29.30
N ASN F 509 11.80 53.19 -28.48
CA ASN F 509 12.00 54.32 -27.60
C ASN F 509 12.15 53.84 -26.16
N PRO F 510 13.23 54.23 -25.46
CA PRO F 510 13.38 53.78 -24.07
C PRO F 510 12.23 54.17 -23.17
N ASP F 511 11.76 55.41 -23.25
CA ASP F 511 10.61 55.83 -22.47
C ASP F 511 9.32 55.57 -23.24
N ALA F 512 8.28 55.18 -22.53
CA ALA F 512 7.05 54.74 -23.17
C ALA F 512 6.37 55.89 -23.91
N THR F 513 5.87 55.60 -25.10
CA THR F 513 5.15 56.56 -25.92
C THR F 513 3.97 55.85 -26.59
N SER F 514 3.08 56.65 -27.17
CA SER F 514 1.93 56.09 -27.86
C SER F 514 2.36 55.05 -28.89
N VAL F 515 1.62 53.94 -28.93
CA VAL F 515 1.96 52.87 -29.86
C VAL F 515 1.72 53.33 -31.30
N SER F 516 2.38 52.63 -32.23
CA SER F 516 2.28 52.94 -33.65
C SER F 516 1.76 51.72 -34.40
N GLN F 517 1.12 51.98 -35.54
CA GLN F 517 0.61 50.89 -36.38
C GLN F 517 1.71 49.90 -36.71
N LYS F 518 2.89 50.40 -37.06
CA LYS F 518 4.02 49.50 -37.33
C LYS F 518 4.31 48.60 -36.15
N ASN F 519 4.17 49.13 -34.92
CA ASN F 519 4.38 48.31 -33.74
C ASN F 519 3.49 47.09 -33.71
N PHE F 520 2.32 47.16 -34.35
CA PHE F 520 1.46 45.98 -34.44
C PHE F 520 1.91 45.04 -35.56
N LEU F 521 2.28 45.59 -36.72
CA LEU F 521 2.63 44.76 -37.86
C LEU F 521 3.78 43.82 -37.52
N ASP F 522 4.91 44.37 -37.09
CA ASP F 522 6.04 43.54 -36.70
C ASP F 522 5.62 42.49 -35.68
N ALA F 523 4.80 42.89 -34.70
CA ALA F 523 4.25 41.92 -33.77
C ALA F 523 3.15 41.08 -34.42
N LEU F 524 2.39 41.67 -35.33
CA LEU F 524 1.34 40.92 -36.03
C LEU F 524 1.89 39.62 -36.60
N LYS F 525 3.05 39.69 -37.24
CA LYS F 525 3.72 38.48 -37.72
C LYS F 525 4.53 37.80 -36.63
N THR F 526 4.65 38.43 -35.45
CA THR F 526 5.39 37.82 -34.35
C THR F 526 4.65 36.63 -33.76
N ILE F 527 3.31 36.66 -33.76
CA ILE F 527 2.51 35.57 -33.24
C ILE F 527 1.39 35.29 -34.25
N ARG F 528 1.37 34.09 -34.80
CA ARG F 528 0.35 33.74 -35.77
C ARG F 528 -0.92 33.25 -35.07
N PRO F 529 -2.04 33.22 -35.78
CA PRO F 529 -3.30 32.83 -35.14
C PRO F 529 -3.21 31.44 -34.53
N SER F 530 -3.69 31.32 -33.29
CA SER F 530 -3.78 30.02 -32.65
C SER F 530 -4.93 29.18 -33.17
N VAL F 531 -5.77 29.74 -34.03
CA VAL F 531 -6.93 29.05 -34.58
C VAL F 531 -6.93 29.24 -36.09
N ASP F 532 -6.79 28.15 -36.83
CA ASP F 532 -6.87 28.16 -38.28
C ASP F 532 -8.21 27.58 -38.73
N GLU F 533 -8.41 27.56 -40.04
CA GLU F 533 -9.61 26.93 -40.59
C GLU F 533 -9.63 25.43 -40.38
N GLU F 534 -8.51 24.84 -39.94
CA GLU F 534 -8.47 23.40 -39.66
C GLU F 534 -9.16 23.07 -38.34
N VAL F 535 -8.91 23.87 -37.31
CA VAL F 535 -9.49 23.58 -36.00
C VAL F 535 -10.98 23.93 -35.99
N ILE F 536 -11.36 25.02 -36.68
CA ILE F 536 -12.77 25.42 -36.71
C ILE F 536 -13.63 24.24 -37.14
N LYS F 537 -13.19 23.49 -38.14
CA LYS F 537 -13.90 22.28 -38.54
C LYS F 537 -13.93 21.27 -37.40
N PHE F 538 -12.83 21.17 -36.66
CA PHE F 538 -12.79 20.24 -35.53
C PHE F 538 -13.97 20.47 -34.59
N TYR F 539 -14.16 21.70 -34.14
CA TYR F 539 -15.29 22.00 -33.27
C TYR F 539 -16.61 21.92 -34.04
N ARG F 540 -16.61 22.40 -35.29
CA ARG F 540 -17.82 22.29 -36.10
C ARG F 540 -18.33 20.86 -36.13
N THR F 541 -17.44 19.90 -36.29
CA THR F 541 -17.83 18.50 -36.21
C THR F 541 -17.99 18.06 -34.76
N LEU F 542 -17.07 18.47 -33.89
CA LEU F 542 -17.18 18.13 -32.47
C LEU F 542 -18.42 18.72 -31.83
N SER F 543 -19.10 19.65 -32.50
CA SER F 543 -20.34 20.22 -31.97
C SER F 543 -21.45 19.17 -31.86
N GLU F 544 -21.24 17.98 -32.41
CA GLU F 544 -22.24 16.92 -32.37
C GLU F 544 -21.65 15.69 -31.68
N THR F 545 -22.39 15.16 -30.72
CA THR F 545 -21.95 13.99 -29.97
C THR F 545 -23.00 13.58 -28.94
#